data_9E2J
#
_entry.id   9E2J
#
_cell.length_a   1.00
_cell.length_b   1.00
_cell.length_c   1.00
_cell.angle_alpha   90.00
_cell.angle_beta   90.00
_cell.angle_gamma   90.00
#
_symmetry.space_group_name_H-M   'P 1'
#
_entity_poly.entity_id   1
_entity_poly.type   'polypeptide(L)'
_entity_poly.pdbx_seq_one_letter_code
;MGSSHHHHHHSSGLVPRGSHMSQSSDFILNSTLSSVVERSTPDIAGFCSGYELRRHHHEHLANEGSLRCRTDWEQFIGPI
ERWGSCNPWEGHFGAVVLPFCKPERLAVICYIFEYAFLYDNVVESAAKSTLNLNTDNIALDETEYRTVRSILGTKQIQSK
MLLELLSIDAPRAEVVINSWKEMISTTAKKDKTRAFNNLEEYVDYRIIDTGAPFVDMLMRFGMGIMLTQEEQKRIEPIVK
PCYAALGLANDYFSFDIEWEEFQAESDKTTMTNAVWLFMQWENLNAEQAKRRVQEVTKQYEQQYLRNIADFAAGEGKENI
KLQTYLKAQGYQVPGNVAWSLRCPRYHPWLCKEAASLLHQDTIQELEAGRKPQALEEYRSRSHSESDLSDASPTFWSGSC
RSSARSSVSSAFGPPDKDISITPAILGDEHLLGPAEYISSLPSKGVREAFIDGLNVWLVLPDHRVNQLKSIAQTLHNASL
MLDDIEDHSPLRRGRPSTHMIFGTEQTINSANFLLIDVMEKVRQLDDPRCMDIYLEEMRNLFIGQSFDLYWTRNGECPSE
EQYLDMIRQKTGGLFRLLTRMMVQIAPVQQKGLETQLASLSDVLGEFFQVRDDYKNLTEEYTGQKGFCEDLDECKFSYPL
IHALTSQPKNVQLRGILQQSRSAGGLDVPLKETVLSHLRQAGSIEYTEAKMGELMEKITDSVVSLEGETGSPNWVVRLLI
HRLKV
;
_entity_poly.pdbx_strand_id   A,B,C,D,E,F
#
# COMPACT_ATOMS: atom_id res chain seq x y z
N PHE A 27 -49.69 20.08 -31.41
CA PHE A 27 -51.04 19.65 -31.09
C PHE A 27 -52.08 20.17 -32.08
N ILE A 28 -51.63 20.99 -33.02
CA ILE A 28 -52.54 21.49 -34.04
C ILE A 28 -52.93 20.33 -34.95
N LEU A 29 -54.23 20.12 -35.11
CA LEU A 29 -54.76 19.08 -35.98
C LEU A 29 -55.06 19.62 -37.37
N ASN A 30 -54.22 20.55 -37.85
CA ASN A 30 -54.43 21.38 -39.01
C ASN A 30 -55.12 20.63 -40.14
N SER A 31 -56.18 21.24 -40.67
CA SER A 31 -56.91 20.65 -41.79
C SER A 31 -56.01 20.49 -43.01
N THR A 32 -55.35 21.57 -43.44
CA THR A 32 -54.67 21.65 -44.73
C THR A 32 -53.91 20.38 -45.10
N LEU A 33 -53.25 19.75 -44.12
CA LEU A 33 -52.58 18.48 -44.39
C LEU A 33 -53.57 17.32 -44.40
N SER A 34 -54.39 17.23 -43.36
CA SER A 34 -55.36 16.16 -43.17
C SER A 34 -56.70 16.56 -43.76
N SER A 35 -57.77 15.86 -43.37
CA SER A 35 -59.12 16.39 -43.44
C SER A 35 -60.06 15.50 -42.63
N VAL A 36 -60.81 16.08 -41.70
CA VAL A 36 -61.78 15.30 -40.94
C VAL A 36 -62.76 14.68 -41.91
N VAL A 37 -62.73 13.35 -42.01
CA VAL A 37 -63.66 12.67 -42.91
C VAL A 37 -64.92 12.29 -42.15
N GLU A 38 -66.05 12.39 -42.83
CA GLU A 38 -67.34 12.14 -42.19
C GLU A 38 -67.80 10.71 -42.45
N ARG A 39 -68.16 10.02 -41.37
CA ARG A 39 -68.70 8.67 -41.41
C ARG A 39 -70.03 8.73 -40.65
N SER A 40 -71.12 8.88 -41.42
CA SER A 40 -72.45 9.09 -40.88
C SER A 40 -72.83 8.00 -39.88
N THR A 41 -72.37 6.77 -40.12
CA THR A 41 -72.57 5.69 -39.17
C THR A 41 -71.21 5.35 -38.55
N PRO A 42 -70.80 6.03 -37.48
CA PRO A 42 -69.54 5.66 -36.82
C PRO A 42 -69.61 4.23 -36.30
N ASP A 43 -70.78 3.84 -35.81
CA ASP A 43 -71.05 2.44 -35.53
C ASP A 43 -71.02 1.66 -36.83
N ILE A 44 -70.01 0.79 -36.98
CA ILE A 44 -69.71 0.16 -38.25
C ILE A 44 -70.25 -1.26 -38.23
N ALA A 45 -71.18 -1.55 -39.15
CA ALA A 45 -71.73 -2.88 -39.37
C ALA A 45 -72.05 -3.61 -38.08
N GLY A 46 -72.49 -2.89 -37.07
CA GLY A 46 -72.82 -3.46 -35.78
C GLY A 46 -71.74 -3.33 -34.72
N PHE A 47 -70.60 -2.71 -35.04
CA PHE A 47 -69.53 -2.58 -34.07
C PHE A 47 -68.90 -1.20 -34.18
N CYS A 48 -68.05 -0.87 -33.20
CA CYS A 48 -67.33 0.40 -33.12
C CYS A 48 -68.31 1.57 -33.06
N SER A 49 -69.09 1.59 -31.98
CA SER A 49 -70.18 2.55 -31.82
C SER A 49 -69.69 3.96 -31.46
N GLY A 50 -69.35 4.76 -32.47
CA GLY A 50 -69.05 6.16 -32.25
C GLY A 50 -67.56 6.48 -32.23
N TYR A 51 -67.09 7.20 -33.25
CA TYR A 51 -65.67 7.46 -33.38
C TYR A 51 -65.47 8.74 -34.20
N GLU A 52 -64.21 9.04 -34.51
CA GLU A 52 -63.82 10.19 -35.30
C GLU A 52 -62.63 9.81 -36.18
N LEU A 53 -62.59 10.36 -37.39
CA LEU A 53 -61.61 9.96 -38.39
C LEU A 53 -61.14 11.15 -39.21
N ARG A 54 -60.00 10.98 -39.87
CA ARG A 54 -59.35 12.01 -40.67
C ARG A 54 -59.20 11.53 -42.11
N ARG A 55 -58.71 12.41 -42.98
CA ARG A 55 -58.49 12.08 -44.39
C ARG A 55 -57.41 13.01 -44.93
N HIS A 56 -56.18 12.49 -45.05
CA HIS A 56 -55.02 13.28 -45.43
C HIS A 56 -55.11 13.88 -46.83
N HIS A 57 -54.41 15.00 -47.05
CA HIS A 57 -54.31 15.62 -48.36
C HIS A 57 -52.98 15.33 -49.05
N HIS A 58 -52.04 14.68 -48.39
CA HIS A 58 -50.73 14.41 -48.97
C HIS A 58 -50.39 12.93 -48.94
N GLU A 59 -51.35 12.10 -49.35
CA GLU A 59 -51.18 10.65 -49.36
C GLU A 59 -50.49 10.13 -50.60
N HIS A 60 -50.12 11.01 -51.53
CA HIS A 60 -49.52 10.60 -52.79
C HIS A 60 -48.25 9.81 -52.56
N LEU A 61 -47.32 10.37 -51.79
CA LEU A 61 -46.04 9.72 -51.55
C LEU A 61 -46.20 8.50 -50.66
N ALA A 62 -47.26 8.44 -49.87
CA ALA A 62 -47.49 7.29 -49.01
C ALA A 62 -47.68 6.04 -49.83
N ASN A 63 -48.44 6.15 -50.93
CA ASN A 63 -48.64 5.01 -51.81
C ASN A 63 -47.33 4.53 -52.41
N GLU A 64 -46.49 5.47 -52.87
CA GLU A 64 -45.24 5.10 -53.53
C GLU A 64 -44.29 4.41 -52.56
N GLY A 65 -44.35 4.78 -51.29
CA GLY A 65 -43.54 4.13 -50.28
C GLY A 65 -43.88 2.67 -50.13
N SER A 66 -45.18 2.37 -50.07
CA SER A 66 -45.62 0.98 -49.96
C SER A 66 -45.20 0.17 -51.17
N LEU A 67 -45.30 0.76 -52.36
CA LEU A 67 -44.80 0.10 -53.56
C LEU A 67 -43.29 -0.10 -53.46
N ARG A 68 -42.57 0.89 -52.91
CA ARG A 68 -41.15 0.75 -52.73
C ARG A 68 -40.80 -0.40 -51.80
N CYS A 69 -41.70 -0.71 -50.86
CA CYS A 69 -41.45 -1.82 -49.94
C CYS A 69 -41.43 -3.16 -50.67
N ARG A 70 -42.47 -3.44 -51.43
CA ARG A 70 -42.52 -4.71 -52.16
C ARG A 70 -41.45 -4.73 -53.25
N THR A 71 -41.00 -3.55 -53.68
CA THR A 71 -39.91 -3.46 -54.63
C THR A 71 -38.63 -4.04 -54.03
N ASP A 72 -38.39 -3.75 -52.75
CA ASP A 72 -37.21 -4.25 -52.06
C ASP A 72 -37.24 -5.77 -51.98
N TRP A 73 -38.34 -6.33 -51.48
CA TRP A 73 -38.51 -7.76 -51.22
C TRP A 73 -38.02 -8.64 -52.36
N GLU A 74 -38.20 -8.17 -53.60
CA GLU A 74 -37.92 -8.99 -54.78
C GLU A 74 -36.46 -9.39 -54.86
N GLN A 75 -35.54 -8.44 -54.67
CA GLN A 75 -34.13 -8.74 -54.79
C GLN A 75 -33.52 -9.23 -53.49
N PHE A 76 -34.37 -9.53 -52.50
CA PHE A 76 -33.83 -10.08 -51.26
C PHE A 76 -34.57 -11.30 -50.73
N ILE A 77 -35.87 -11.47 -50.99
CA ILE A 77 -36.61 -12.64 -50.54
C ILE A 77 -37.31 -13.38 -51.66
N GLY A 78 -37.69 -12.70 -52.75
CA GLY A 78 -38.24 -13.36 -53.90
C GLY A 78 -39.73 -13.08 -54.14
N PRO A 79 -40.55 -14.12 -54.02
CA PRO A 79 -41.94 -14.02 -54.49
C PRO A 79 -42.78 -13.08 -53.63
N ILE A 80 -43.85 -12.58 -54.25
CA ILE A 80 -44.84 -11.73 -53.59
C ILE A 80 -46.20 -12.37 -53.77
N GLU A 81 -46.89 -12.63 -52.66
CA GLU A 81 -48.24 -13.18 -52.72
C GLU A 81 -49.17 -12.47 -51.76
N ARG A 82 -50.48 -12.64 -51.96
CA ARG A 82 -51.52 -12.22 -51.03
C ARG A 82 -51.34 -10.76 -50.57
N TRP A 83 -51.50 -9.84 -51.53
CA TRP A 83 -51.47 -8.41 -51.28
C TRP A 83 -52.18 -8.05 -49.98
N GLY A 84 -51.55 -7.17 -49.19
CA GLY A 84 -52.03 -6.94 -47.85
C GLY A 84 -52.27 -5.50 -47.41
N SER A 85 -51.86 -4.53 -48.21
CA SER A 85 -51.97 -3.13 -47.81
C SER A 85 -52.16 -2.27 -49.04
N CYS A 86 -51.92 -0.97 -48.87
CA CYS A 86 -52.08 0.01 -49.93
C CYS A 86 -53.50 0.01 -50.47
N ASN A 87 -54.47 0.41 -49.62
CA ASN A 87 -55.87 0.38 -49.97
C ASN A 87 -56.24 1.64 -50.74
N PRO A 88 -56.58 1.55 -52.02
CA PRO A 88 -56.90 2.78 -52.78
C PRO A 88 -58.34 3.22 -52.64
N TRP A 89 -59.25 2.27 -52.42
CA TRP A 89 -60.68 2.56 -52.37
C TRP A 89 -61.02 3.58 -51.30
N GLU A 90 -60.42 3.45 -50.11
CA GLU A 90 -60.76 4.31 -48.99
C GLU A 90 -59.55 5.16 -48.65
N GLY A 91 -58.39 4.58 -48.38
CA GLY A 91 -57.22 5.35 -48.02
C GLY A 91 -56.05 4.43 -47.79
N HIS A 92 -54.84 4.96 -47.98
CA HIS A 92 -53.63 4.14 -47.94
C HIS A 92 -53.49 3.40 -46.62
N PHE A 93 -53.71 2.08 -46.67
CA PHE A 93 -53.84 1.20 -45.52
C PHE A 93 -54.29 1.97 -44.28
N GLY A 94 -53.34 2.66 -43.63
CA GLY A 94 -53.61 3.32 -42.39
C GLY A 94 -53.81 4.81 -42.55
N ALA A 95 -54.10 5.25 -43.78
CA ALA A 95 -54.43 6.66 -43.99
C ALA A 95 -55.63 7.05 -43.14
N VAL A 96 -56.55 6.11 -42.94
CA VAL A 96 -57.60 6.31 -41.95
C VAL A 96 -57.01 6.29 -40.55
N VAL A 97 -56.11 5.34 -40.29
CA VAL A 97 -55.43 5.24 -39.00
C VAL A 97 -54.59 6.48 -38.76
N LEU A 98 -53.74 6.83 -39.73
CA LEU A 98 -52.83 7.95 -39.52
C LEU A 98 -53.54 9.25 -39.85
N PRO A 99 -53.75 10.13 -38.87
CA PRO A 99 -54.40 11.41 -39.20
C PRO A 99 -53.56 12.25 -40.15
N PHE A 100 -52.31 12.47 -39.79
CA PHE A 100 -51.29 13.04 -40.67
C PHE A 100 -49.95 12.80 -39.98
N CYS A 101 -48.89 12.60 -40.75
CA CYS A 101 -47.56 12.34 -40.15
C CYS A 101 -46.50 13.19 -40.86
N LYS A 102 -46.49 14.51 -40.60
CA LYS A 102 -45.48 15.42 -41.20
C LYS A 102 -45.07 14.87 -42.57
N PRO A 103 -45.92 15.01 -43.62
CA PRO A 103 -45.67 14.42 -44.94
C PRO A 103 -44.33 13.71 -45.17
N GLU A 104 -43.20 14.42 -45.07
CA GLU A 104 -41.94 13.74 -45.40
C GLU A 104 -41.73 12.52 -44.52
N ARG A 105 -42.02 12.65 -43.23
CA ARG A 105 -41.87 11.56 -42.28
C ARG A 105 -42.75 10.36 -42.61
N LEU A 106 -43.95 10.63 -43.11
CA LEU A 106 -44.96 9.59 -43.29
C LEU A 106 -44.45 8.40 -44.10
N ALA A 107 -43.67 8.67 -45.14
CA ALA A 107 -43.23 7.65 -46.09
C ALA A 107 -42.73 6.38 -45.42
N VAL A 108 -41.71 6.50 -44.57
CA VAL A 108 -41.11 5.33 -43.92
C VAL A 108 -42.11 4.69 -42.97
N ILE A 109 -42.94 5.51 -42.33
CA ILE A 109 -43.91 4.99 -41.37
C ILE A 109 -44.83 4.01 -42.08
N CYS A 110 -45.31 4.38 -43.28
CA CYS A 110 -46.04 3.42 -44.10
C CYS A 110 -45.16 2.22 -44.42
N TYR A 111 -43.91 2.49 -44.81
CA TYR A 111 -42.94 1.44 -45.04
C TYR A 111 -42.77 0.56 -43.80
N ILE A 112 -42.90 1.16 -42.61
CA ILE A 112 -42.79 0.38 -41.39
C ILE A 112 -43.90 -0.66 -41.35
N PHE A 113 -45.15 -0.24 -41.53
CA PHE A 113 -46.22 -1.23 -41.61
C PHE A 113 -46.05 -2.12 -42.82
N GLU A 114 -45.70 -1.52 -43.97
CA GLU A 114 -45.64 -2.28 -45.21
C GLU A 114 -44.64 -3.41 -45.12
N TYR A 115 -43.50 -3.17 -44.48
CA TYR A 115 -42.59 -4.25 -44.14
C TYR A 115 -43.32 -5.28 -43.31
N ALA A 116 -43.84 -4.87 -42.16
CA ALA A 116 -44.52 -5.79 -41.26
C ALA A 116 -45.64 -6.52 -41.97
N PHE A 117 -46.29 -5.86 -42.95
CA PHE A 117 -47.33 -6.52 -43.73
C PHE A 117 -46.77 -7.73 -44.48
N LEU A 118 -45.62 -7.56 -45.11
CA LEU A 118 -44.92 -8.68 -45.71
C LEU A 118 -44.07 -9.43 -44.70
N TYR A 119 -43.81 -8.85 -43.53
CA TYR A 119 -42.98 -9.50 -42.53
C TYR A 119 -43.80 -10.35 -41.58
N ASP A 120 -44.99 -9.89 -41.17
CA ASP A 120 -45.88 -10.83 -40.49
C ASP A 120 -46.36 -11.89 -41.45
N ASN A 121 -46.37 -11.58 -42.76
CA ASN A 121 -46.57 -12.59 -43.77
C ASN A 121 -45.47 -13.64 -43.74
N VAL A 122 -44.20 -13.19 -43.66
CA VAL A 122 -43.10 -14.15 -43.62
C VAL A 122 -42.96 -14.76 -42.24
N VAL A 123 -43.55 -14.14 -41.22
CA VAL A 123 -43.56 -14.71 -39.88
C VAL A 123 -44.80 -15.58 -39.69
N THR A 143 -26.94 -25.04 -52.89
CA THR A 143 -28.20 -24.93 -52.16
C THR A 143 -28.00 -24.17 -50.85
N GLU A 144 -26.82 -24.31 -50.26
CA GLU A 144 -26.51 -23.59 -49.03
C GLU A 144 -26.54 -22.08 -49.26
N TYR A 145 -26.01 -21.64 -50.39
CA TYR A 145 -26.01 -20.22 -50.74
C TYR A 145 -27.43 -19.68 -50.78
N ARG A 146 -28.35 -20.45 -51.37
CA ARG A 146 -29.74 -20.02 -51.49
C ARG A 146 -30.36 -19.73 -50.12
N THR A 147 -30.22 -20.66 -49.18
CA THR A 147 -30.76 -20.43 -47.85
C THR A 147 -30.07 -19.26 -47.16
N VAL A 148 -28.75 -19.18 -47.28
CA VAL A 148 -28.03 -18.03 -46.73
C VAL A 148 -28.40 -16.77 -47.48
N ARG A 149 -28.63 -16.87 -48.79
CA ARG A 149 -29.12 -15.72 -49.53
C ARG A 149 -30.47 -15.25 -49.00
N SER A 150 -31.32 -16.20 -48.62
CA SER A 150 -32.59 -15.85 -47.97
C SER A 150 -32.33 -15.10 -46.67
N ILE A 151 -31.37 -15.58 -45.88
CA ILE A 151 -31.02 -14.89 -44.65
C ILE A 151 -30.34 -13.56 -44.96
N LEU A 152 -29.45 -13.57 -45.95
CA LEU A 152 -28.68 -12.37 -46.28
C LEU A 152 -29.61 -11.21 -46.62
N GLY A 153 -30.64 -11.48 -47.41
CA GLY A 153 -31.64 -10.46 -47.68
C GLY A 153 -32.41 -10.08 -46.44
N THR A 154 -32.66 -11.05 -45.56
CA THR A 154 -33.47 -10.78 -44.38
C THR A 154 -32.81 -9.75 -43.48
N LYS A 155 -31.50 -9.83 -43.31
CA LYS A 155 -30.80 -8.87 -42.49
C LYS A 155 -30.67 -7.52 -43.19
N GLN A 156 -30.65 -7.51 -44.52
CA GLN A 156 -30.49 -6.24 -45.24
C GLN A 156 -31.74 -5.37 -45.10
N ILE A 157 -32.92 -5.95 -45.32
CA ILE A 157 -34.14 -5.15 -45.25
C ILE A 157 -34.38 -4.69 -43.82
N GLN A 158 -34.14 -5.58 -42.85
CA GLN A 158 -34.22 -5.23 -41.44
C GLN A 158 -33.27 -4.08 -41.13
N SER A 159 -32.18 -4.00 -41.89
CA SER A 159 -31.20 -2.93 -41.72
C SER A 159 -31.60 -1.66 -42.46
N LYS A 160 -32.15 -1.80 -43.67
CA LYS A 160 -32.62 -0.62 -44.39
C LYS A 160 -33.69 0.12 -43.60
N MET A 161 -34.60 -0.62 -42.97
CA MET A 161 -35.72 -0.01 -42.27
C MET A 161 -35.20 0.88 -41.15
N LEU A 162 -34.28 0.37 -40.35
CA LEU A 162 -33.73 1.15 -39.24
C LEU A 162 -33.02 2.40 -39.75
N LEU A 163 -32.24 2.26 -40.82
CA LEU A 163 -31.51 3.41 -41.35
C LEU A 163 -32.47 4.49 -41.81
N GLU A 164 -33.54 4.11 -42.49
CA GLU A 164 -34.56 5.08 -42.87
C GLU A 164 -35.23 5.67 -41.64
N LEU A 165 -35.51 4.83 -40.64
CA LEU A 165 -36.14 5.27 -39.41
C LEU A 165 -35.18 6.14 -38.60
N LEU A 166 -33.92 5.72 -38.50
CA LEU A 166 -32.92 6.53 -37.82
C LEU A 166 -32.63 7.82 -38.57
N SER A 167 -32.88 7.83 -39.88
CA SER A 167 -32.49 8.98 -40.69
C SER A 167 -33.22 10.24 -40.26
N ILE A 168 -34.51 10.13 -39.96
CA ILE A 168 -35.31 11.31 -39.67
C ILE A 168 -35.16 11.72 -38.21
N ASP A 169 -35.57 10.84 -37.30
CA ASP A 169 -35.68 11.19 -35.89
C ASP A 169 -34.76 10.35 -35.03
N ALA A 170 -33.96 11.02 -34.22
CA ALA A 170 -33.16 10.35 -33.21
C ALA A 170 -33.98 10.01 -31.97
N PRO A 171 -34.63 10.99 -31.29
CA PRO A 171 -35.17 10.70 -29.96
C PRO A 171 -36.25 9.63 -29.93
N ARG A 172 -37.31 9.81 -30.73
CA ARG A 172 -38.41 8.84 -30.68
C ARG A 172 -37.92 7.47 -31.11
N ALA A 173 -36.95 7.43 -32.03
CA ALA A 173 -36.46 6.17 -32.59
C ALA A 173 -36.09 5.18 -31.50
N GLU A 174 -35.41 5.66 -30.46
CA GLU A 174 -35.08 4.84 -29.31
C GLU A 174 -36.34 4.18 -28.77
N VAL A 175 -37.38 4.98 -28.54
CA VAL A 175 -38.66 4.42 -28.13
C VAL A 175 -39.23 3.55 -29.23
N VAL A 176 -39.16 4.02 -30.47
CA VAL A 176 -39.68 3.25 -31.60
C VAL A 176 -38.92 1.93 -31.72
N ILE A 177 -37.59 1.99 -31.68
CA ILE A 177 -36.80 0.76 -31.69
C ILE A 177 -37.20 -0.11 -30.52
N ASN A 178 -37.32 0.48 -29.34
CA ASN A 178 -37.78 -0.23 -28.17
C ASN A 178 -39.22 -0.70 -28.29
N SER A 179 -40.07 0.01 -29.03
CA SER A 179 -41.43 -0.43 -29.23
C SER A 179 -41.50 -1.40 -30.40
N TRP A 180 -40.75 -1.12 -31.46
CA TRP A 180 -40.50 -2.19 -32.43
C TRP A 180 -39.89 -3.39 -31.74
N LYS A 181 -38.98 -3.16 -30.79
CA LYS A 181 -38.58 -4.22 -29.89
C LYS A 181 -39.78 -4.73 -29.11
N GLU A 182 -40.55 -3.82 -28.52
CA GLU A 182 -41.70 -4.22 -27.71
C GLU A 182 -42.64 -5.10 -28.51
N MET A 183 -42.74 -4.86 -29.81
CA MET A 183 -43.52 -5.79 -30.63
C MET A 183 -42.61 -6.99 -30.89
N ILE A 184 -41.37 -6.75 -31.34
CA ILE A 184 -40.51 -7.85 -31.75
C ILE A 184 -40.06 -8.68 -30.55
N SER A 185 -39.82 -8.07 -29.40
CA SER A 185 -39.53 -8.85 -28.20
C SER A 185 -40.69 -9.75 -27.86
N THR A 186 -41.92 -9.21 -27.97
CA THR A 186 -43.09 -10.06 -27.92
C THR A 186 -43.19 -10.93 -29.17
N THR A 187 -42.79 -10.39 -30.34
CA THR A 187 -42.83 -11.20 -31.55
C THR A 187 -41.74 -12.27 -31.54
N ALA A 188 -40.68 -12.07 -30.75
CA ALA A 188 -39.72 -13.15 -30.55
C ALA A 188 -40.40 -14.36 -29.94
N LYS A 189 -41.41 -14.14 -29.10
CA LYS A 189 -42.26 -15.20 -28.59
C LYS A 189 -43.73 -14.95 -28.93
N LYS A 190 -43.98 -14.46 -30.15
CA LYS A 190 -45.34 -14.19 -30.61
C LYS A 190 -46.14 -15.48 -30.59
N ASP A 191 -47.14 -15.55 -29.72
CA ASP A 191 -47.87 -16.79 -29.51
C ASP A 191 -49.06 -16.88 -30.46
N LYS A 192 -48.85 -17.54 -31.60
CA LYS A 192 -49.94 -17.82 -32.52
C LYS A 192 -50.78 -19.01 -32.09
N THR A 193 -50.37 -19.72 -31.04
CA THR A 193 -51.12 -20.82 -30.48
C THR A 193 -51.68 -20.51 -29.09
N ARG A 194 -51.83 -19.23 -28.76
CA ARG A 194 -52.32 -18.81 -27.45
C ARG A 194 -53.70 -19.38 -27.19
N ALA A 195 -53.90 -19.97 -26.01
CA ALA A 195 -55.16 -20.63 -25.67
C ALA A 195 -56.11 -19.58 -25.10
N PHE A 196 -57.05 -19.13 -25.93
CA PHE A 196 -58.02 -18.16 -25.48
C PHE A 196 -59.26 -18.85 -24.90
N ASN A 197 -59.68 -18.37 -23.72
CA ASN A 197 -60.82 -18.96 -23.02
C ASN A 197 -61.97 -17.98 -22.85
N ASN A 198 -61.71 -16.82 -22.25
CA ASN A 198 -62.78 -15.86 -22.02
C ASN A 198 -62.38 -14.46 -22.50
N LEU A 199 -63.27 -13.50 -22.24
CA LEU A 199 -63.10 -12.15 -22.78
C LEU A 199 -61.85 -11.49 -22.22
N GLU A 200 -61.65 -11.56 -20.91
CA GLU A 200 -60.56 -10.82 -20.28
C GLU A 200 -59.19 -11.32 -20.73
N GLU A 201 -59.01 -12.64 -20.76
CA GLU A 201 -57.71 -13.20 -21.12
C GLU A 201 -57.33 -12.85 -22.56
N TYR A 202 -58.33 -12.69 -23.43
CA TYR A 202 -58.05 -12.34 -24.81
C TYR A 202 -57.28 -11.03 -24.91
N VAL A 203 -57.61 -10.09 -24.02
CA VAL A 203 -57.00 -8.77 -24.05
C VAL A 203 -55.52 -8.84 -23.68
N ASP A 204 -55.16 -9.83 -22.85
CA ASP A 204 -53.79 -9.92 -22.33
C ASP A 204 -52.74 -9.94 -23.44
N TYR A 205 -53.00 -10.70 -24.50
CA TYR A 205 -52.09 -10.80 -25.63
C TYR A 205 -52.61 -10.04 -26.85
N ARG A 206 -53.86 -9.56 -26.79
CA ARG A 206 -54.47 -8.89 -27.93
C ARG A 206 -53.69 -7.64 -28.34
N ILE A 207 -53.17 -6.89 -27.37
CA ILE A 207 -52.45 -5.65 -27.68
C ILE A 207 -51.33 -5.92 -28.66
N ILE A 208 -50.39 -6.79 -28.29
CA ILE A 208 -49.30 -7.15 -29.17
C ILE A 208 -49.76 -8.04 -30.32
N ASP A 209 -50.90 -8.72 -30.16
CA ASP A 209 -51.43 -9.54 -31.25
C ASP A 209 -51.72 -8.69 -32.48
N THR A 210 -52.35 -7.53 -32.29
CA THR A 210 -52.49 -6.54 -33.34
C THR A 210 -51.36 -5.52 -33.29
N GLY A 211 -50.38 -5.70 -32.41
CA GLY A 211 -49.33 -4.71 -32.26
C GLY A 211 -49.83 -3.38 -31.76
N ALA A 212 -50.90 -3.41 -30.96
CA ALA A 212 -51.51 -2.17 -30.49
C ALA A 212 -50.52 -1.24 -29.80
N PRO A 213 -49.63 -1.72 -28.91
CA PRO A 213 -48.62 -0.81 -28.37
C PRO A 213 -47.77 -0.21 -29.46
N PHE A 214 -47.41 -1.04 -30.44
CA PHE A 214 -46.43 -0.62 -31.45
C PHE A 214 -46.96 0.54 -32.28
N VAL A 215 -48.17 0.39 -32.82
CA VAL A 215 -48.79 1.49 -33.55
C VAL A 215 -49.00 2.68 -32.64
N ASP A 216 -49.34 2.41 -31.37
CA ASP A 216 -49.51 3.49 -30.41
C ASP A 216 -48.21 4.26 -30.21
N MET A 217 -47.09 3.56 -30.09
CA MET A 217 -45.81 4.26 -30.12
C MET A 217 -45.40 4.68 -31.52
N LEU A 218 -45.88 3.97 -32.55
CA LEU A 218 -45.69 4.48 -33.89
C LEU A 218 -46.46 5.77 -34.12
N MET A 219 -47.64 5.90 -33.53
CA MET A 219 -48.32 7.18 -33.56
C MET A 219 -47.48 8.26 -32.90
N ARG A 220 -46.79 7.90 -31.82
CA ARG A 220 -45.81 8.80 -31.24
C ARG A 220 -44.72 9.13 -32.25
N PHE A 221 -44.23 8.11 -32.94
CA PHE A 221 -43.40 8.36 -34.11
C PHE A 221 -44.16 9.11 -35.18
N GLY A 222 -45.47 8.89 -35.28
CA GLY A 222 -46.25 9.62 -36.26
C GLY A 222 -46.58 11.04 -35.90
N MET A 223 -46.55 11.39 -34.61
CA MET A 223 -46.87 12.75 -34.18
C MET A 223 -45.71 13.43 -33.47
N GLY A 224 -45.07 12.75 -32.51
CA GLY A 224 -43.79 13.21 -31.99
C GLY A 224 -43.76 13.82 -30.60
N ILE A 225 -44.52 13.31 -29.65
CA ILE A 225 -44.33 13.67 -28.25
C ILE A 225 -43.87 12.44 -27.47
N MET A 226 -42.92 12.65 -26.58
CA MET A 226 -42.44 11.64 -25.66
C MET A 226 -43.45 11.43 -24.54
N LEU A 227 -43.38 10.26 -23.91
CA LEU A 227 -44.26 9.91 -22.82
C LEU A 227 -43.43 9.29 -21.70
N THR A 228 -43.45 9.92 -20.53
CA THR A 228 -42.80 9.36 -19.36
C THR A 228 -43.60 8.17 -18.86
N GLN A 229 -42.91 7.07 -18.55
CA GLN A 229 -43.61 5.83 -18.27
C GLN A 229 -44.45 5.90 -16.99
N GLU A 230 -44.02 6.67 -15.99
CA GLU A 230 -44.78 6.71 -14.75
C GLU A 230 -46.20 7.21 -15.01
N GLU A 231 -46.32 8.24 -15.84
CA GLU A 231 -47.66 8.67 -16.24
C GLU A 231 -48.21 7.78 -17.34
N GLN A 232 -47.36 7.04 -18.06
CA GLN A 232 -47.88 6.03 -18.96
C GLN A 232 -48.51 4.91 -18.15
N LYS A 233 -47.90 4.58 -17.01
CA LYS A 233 -48.56 3.74 -16.03
C LYS A 233 -49.80 4.42 -15.48
N ARG A 234 -49.77 5.74 -15.33
CA ARG A 234 -50.97 6.46 -14.91
C ARG A 234 -52.06 6.36 -15.97
N ILE A 235 -51.68 6.35 -17.25
CA ILE A 235 -52.65 6.39 -18.33
C ILE A 235 -53.03 4.99 -18.80
N GLU A 236 -52.20 3.99 -18.47
CA GLU A 236 -52.47 2.65 -18.98
C GLU A 236 -53.85 2.12 -18.58
N PRO A 237 -54.38 2.37 -17.37
CA PRO A 237 -55.76 1.93 -17.12
C PRO A 237 -56.77 2.57 -18.06
N ILE A 238 -56.44 3.75 -18.58
CA ILE A 238 -57.30 4.40 -19.56
C ILE A 238 -56.89 4.06 -20.98
N VAL A 239 -55.65 3.59 -21.18
CA VAL A 239 -55.25 3.12 -22.50
C VAL A 239 -55.75 1.71 -22.79
N LYS A 240 -55.88 0.86 -21.76
CA LYS A 240 -56.37 -0.50 -21.95
C LYS A 240 -57.70 -0.52 -22.72
N PRO A 241 -58.69 0.29 -22.37
CA PRO A 241 -59.90 0.32 -23.21
C PRO A 241 -59.62 0.75 -24.64
N CYS A 242 -58.69 1.68 -24.86
CA CYS A 242 -58.21 1.95 -26.21
C CYS A 242 -57.37 0.78 -26.72
N TYR A 243 -56.55 0.19 -25.85
CA TYR A 243 -55.82 -1.01 -26.22
C TYR A 243 -56.77 -2.12 -26.62
N ALA A 244 -57.89 -2.25 -25.89
CA ALA A 244 -58.88 -3.25 -26.25
C ALA A 244 -59.74 -2.79 -27.41
N ALA A 245 -59.75 -1.50 -27.73
CA ALA A 245 -60.59 -0.96 -28.78
C ALA A 245 -60.17 -1.47 -30.15
N LEU A 246 -58.92 -1.22 -30.52
CA LEU A 246 -58.42 -1.65 -31.82
C LEU A 246 -58.38 -3.17 -31.93
N GLY A 247 -58.00 -3.84 -30.85
CA GLY A 247 -57.72 -5.26 -30.88
C GLY A 247 -58.87 -6.16 -31.28
N LEU A 248 -60.05 -5.97 -30.69
CA LEU A 248 -61.15 -6.89 -30.95
C LEU A 248 -61.66 -6.72 -32.38
N ALA A 249 -61.50 -5.53 -32.95
CA ALA A 249 -62.06 -5.27 -34.28
C ALA A 249 -61.48 -6.22 -35.32
N ASN A 250 -60.17 -6.43 -35.28
CA ASN A 250 -59.45 -7.20 -36.29
C ASN A 250 -60.09 -8.54 -36.57
N ASP A 251 -60.30 -9.34 -35.52
CA ASP A 251 -60.65 -10.75 -35.65
C ASP A 251 -61.91 -10.94 -36.49
N TYR A 252 -62.91 -10.09 -36.30
CA TYR A 252 -64.20 -10.23 -36.97
C TYR A 252 -64.08 -10.36 -38.49
N PHE A 253 -63.59 -9.32 -39.15
CA PHE A 253 -63.44 -9.41 -40.61
C PHE A 253 -62.30 -10.36 -40.96
N SER A 254 -61.27 -10.41 -40.11
CA SER A 254 -60.20 -11.39 -40.30
C SER A 254 -60.76 -12.80 -40.40
N PHE A 255 -61.81 -13.07 -39.62
CA PHE A 255 -62.51 -14.35 -39.72
C PHE A 255 -62.97 -14.64 -41.15
N ASP A 256 -63.28 -13.60 -41.92
CA ASP A 256 -63.76 -13.82 -43.27
C ASP A 256 -62.75 -14.58 -44.14
N ILE A 257 -61.45 -14.44 -43.84
CA ILE A 257 -60.46 -15.27 -44.54
C ILE A 257 -59.79 -16.23 -43.58
N GLU A 258 -59.68 -15.86 -42.30
CA GLU A 258 -58.94 -16.70 -41.36
C GLU A 258 -59.75 -17.94 -40.98
N TRP A 259 -61.07 -17.87 -41.11
CA TRP A 259 -61.86 -19.08 -41.22
C TRP A 259 -61.42 -19.87 -42.45
N GLU A 260 -61.18 -19.17 -43.55
CA GLU A 260 -60.82 -19.83 -44.80
C GLU A 260 -59.41 -20.44 -44.71
N GLU A 261 -58.48 -19.76 -44.02
CA GLU A 261 -57.28 -20.50 -43.63
C GLU A 261 -57.64 -21.74 -42.82
N PHE A 262 -58.22 -21.58 -41.62
CA PHE A 262 -58.38 -22.73 -40.73
C PHE A 262 -59.25 -23.82 -41.35
N GLN A 263 -60.12 -23.46 -42.29
CA GLN A 263 -60.80 -24.49 -43.07
C GLN A 263 -59.81 -25.28 -43.91
N ALA A 264 -58.81 -24.58 -44.47
CA ALA A 264 -57.71 -25.27 -45.15
C ALA A 264 -56.57 -25.60 -44.18
N GLU A 265 -56.40 -24.77 -43.16
CA GLU A 265 -55.42 -25.01 -42.10
C GLU A 265 -56.03 -25.66 -40.86
N SER A 266 -57.03 -26.54 -41.03
CA SER A 266 -57.50 -27.34 -39.93
C SER A 266 -56.41 -28.26 -39.41
N ASP A 267 -55.38 -28.49 -40.23
CA ASP A 267 -54.19 -29.21 -39.82
C ASP A 267 -53.62 -28.56 -38.56
N LYS A 268 -53.54 -27.23 -38.56
CA LYS A 268 -53.33 -26.49 -37.33
C LYS A 268 -54.62 -26.58 -36.53
N THR A 269 -54.63 -27.42 -35.49
CA THR A 269 -55.88 -27.75 -34.80
C THR A 269 -56.49 -26.53 -34.12
N THR A 270 -55.68 -25.69 -33.50
CA THR A 270 -56.17 -24.52 -32.80
C THR A 270 -56.39 -23.37 -33.77
N MET A 271 -57.52 -22.68 -33.62
CA MET A 271 -57.85 -21.53 -34.44
C MET A 271 -57.93 -20.29 -33.55
N THR A 272 -57.26 -19.22 -33.97
CA THR A 272 -57.14 -18.00 -33.19
C THR A 272 -58.01 -16.92 -33.83
N ASN A 273 -59.28 -16.90 -33.44
CA ASN A 273 -60.22 -15.88 -33.87
C ASN A 273 -61.46 -15.99 -33.00
N ALA A 274 -61.96 -14.85 -32.53
CA ALA A 274 -63.06 -14.81 -31.57
C ALA A 274 -64.22 -15.67 -32.01
N VAL A 275 -64.53 -15.64 -33.31
CA VAL A 275 -65.68 -16.37 -33.84
C VAL A 275 -65.58 -17.85 -33.51
N TRP A 276 -64.51 -18.50 -33.99
CA TRP A 276 -64.30 -19.91 -33.68
C TRP A 276 -63.99 -20.11 -32.21
N LEU A 277 -63.43 -19.09 -31.57
CA LEU A 277 -63.30 -19.14 -30.12
C LEU A 277 -64.68 -19.25 -29.48
N PHE A 278 -65.64 -18.43 -29.94
CA PHE A 278 -67.00 -18.52 -29.42
C PHE A 278 -67.61 -19.88 -29.72
N MET A 279 -67.23 -20.51 -30.84
CA MET A 279 -67.59 -21.89 -31.10
C MET A 279 -67.14 -22.82 -29.98
N GLN A 280 -66.05 -22.50 -29.29
CA GLN A 280 -65.59 -23.28 -28.15
C GLN A 280 -65.76 -22.52 -26.83
N TRP A 281 -65.71 -21.19 -26.86
CA TRP A 281 -65.99 -20.39 -25.67
C TRP A 281 -67.42 -20.61 -25.21
N GLU A 282 -68.39 -20.26 -26.06
CA GLU A 282 -69.80 -20.33 -25.72
C GLU A 282 -70.60 -21.16 -26.72
N ASN A 283 -69.93 -21.78 -27.70
CA ASN A 283 -70.57 -22.57 -28.74
C ASN A 283 -71.62 -21.75 -29.48
N LEU A 284 -71.14 -20.70 -30.13
CA LEU A 284 -72.01 -19.74 -30.80
C LEU A 284 -71.90 -19.88 -32.31
N ASN A 285 -73.06 -19.96 -32.96
CA ASN A 285 -73.13 -20.08 -34.41
C ASN A 285 -72.61 -18.79 -35.06
N ALA A 286 -72.54 -18.81 -36.39
CA ALA A 286 -71.98 -17.69 -37.15
C ALA A 286 -72.57 -16.36 -36.70
N GLU A 287 -73.89 -16.19 -36.91
CA GLU A 287 -74.52 -14.94 -36.51
C GLU A 287 -74.43 -14.72 -35.01
N GLN A 288 -74.53 -15.80 -34.23
CA GLN A 288 -74.27 -15.71 -32.80
C GLN A 288 -72.85 -15.20 -32.56
N ALA A 289 -71.90 -15.68 -33.36
CA ALA A 289 -70.52 -15.27 -33.18
C ALA A 289 -70.20 -13.96 -33.90
N LYS A 290 -70.93 -13.65 -34.98
CA LYS A 290 -70.85 -12.30 -35.51
C LYS A 290 -71.27 -11.29 -34.45
N ARG A 291 -72.53 -11.36 -34.04
CA ARG A 291 -73.06 -10.34 -33.14
C ARG A 291 -72.43 -10.41 -31.76
N ARG A 292 -71.81 -11.54 -31.40
CA ARG A 292 -71.09 -11.58 -30.14
C ARG A 292 -69.94 -10.58 -30.18
N VAL A 293 -69.20 -10.56 -31.28
CA VAL A 293 -68.14 -9.57 -31.47
C VAL A 293 -68.79 -8.19 -31.53
N GLN A 294 -69.92 -8.09 -32.22
CA GLN A 294 -70.60 -6.81 -32.37
C GLN A 294 -70.80 -6.13 -31.02
N GLU A 295 -71.51 -6.79 -30.11
CA GLU A 295 -71.85 -6.20 -28.83
C GLU A 295 -70.62 -5.79 -28.03
N VAL A 296 -69.67 -6.70 -27.85
CA VAL A 296 -68.50 -6.42 -27.02
C VAL A 296 -67.74 -5.24 -27.64
N THR A 297 -67.67 -5.23 -28.98
CA THR A 297 -67.03 -4.14 -29.68
C THR A 297 -67.80 -2.84 -29.46
N LYS A 298 -69.13 -2.87 -29.49
CA LYS A 298 -69.85 -1.71 -28.99
C LYS A 298 -69.54 -1.47 -27.52
N GLN A 299 -69.72 -2.50 -26.68
CA GLN A 299 -69.80 -2.27 -25.25
C GLN A 299 -68.45 -1.89 -24.67
N TYR A 300 -67.36 -2.41 -25.23
CA TYR A 300 -66.07 -1.79 -24.94
C TYR A 300 -65.89 -0.45 -25.63
N GLU A 301 -66.66 -0.13 -26.67
CA GLU A 301 -66.50 1.17 -27.31
C GLU A 301 -67.24 2.27 -26.57
N GLN A 302 -68.52 2.05 -26.24
CA GLN A 302 -69.22 3.04 -25.43
C GLN A 302 -68.55 3.18 -24.07
N GLN A 303 -67.93 2.10 -23.58
CA GLN A 303 -67.02 2.23 -22.45
C GLN A 303 -65.77 3.00 -22.84
N TYR A 304 -65.21 2.71 -24.02
CA TYR A 304 -64.07 3.47 -24.50
C TYR A 304 -64.47 4.94 -24.65
N LEU A 305 -65.64 5.18 -25.23
CA LEU A 305 -66.16 6.53 -25.31
C LEU A 305 -66.37 7.06 -23.90
N ARG A 306 -66.86 6.20 -23.01
CA ARG A 306 -66.95 6.55 -21.59
C ARG A 306 -65.55 6.75 -21.02
N ASN A 307 -64.61 5.89 -21.42
CA ASN A 307 -63.22 6.08 -21.02
C ASN A 307 -62.60 7.28 -21.73
N ILE A 308 -62.99 7.53 -22.98
CA ILE A 308 -62.67 8.82 -23.59
C ILE A 308 -63.30 9.94 -22.78
N ALA A 309 -64.51 9.70 -22.27
CA ALA A 309 -65.15 10.64 -21.37
C ALA A 309 -64.52 10.67 -19.98
N ASP A 310 -64.01 9.54 -19.48
CA ASP A 310 -63.27 9.60 -18.22
C ASP A 310 -62.07 10.52 -18.30
N PHE A 311 -61.31 10.45 -19.38
CA PHE A 311 -60.19 11.37 -19.48
C PHE A 311 -60.68 12.80 -19.69
N ALA A 312 -61.89 12.95 -20.24
CA ALA A 312 -62.58 14.23 -20.20
C ALA A 312 -63.27 14.50 -18.88
N ALA A 313 -63.39 13.49 -18.01
CA ALA A 313 -64.07 13.66 -16.72
C ALA A 313 -63.14 13.64 -15.53
N GLY A 314 -62.10 12.79 -15.55
CA GLY A 314 -61.15 12.72 -14.45
C GLY A 314 -60.46 14.05 -14.24
N GLU A 315 -59.86 14.58 -15.31
CA GLU A 315 -59.28 15.91 -15.30
C GLU A 315 -59.43 16.57 -16.68
N GLY A 316 -60.62 16.45 -17.26
CA GLY A 316 -60.90 16.87 -18.64
C GLY A 316 -60.18 18.08 -19.19
N LYS A 317 -60.21 19.20 -18.47
CA LYS A 317 -59.51 20.39 -18.88
C LYS A 317 -58.13 20.51 -18.24
N GLU A 318 -57.94 19.89 -17.08
CA GLU A 318 -56.68 19.98 -16.34
C GLU A 318 -55.50 19.46 -17.15
N ASN A 319 -55.50 18.18 -17.50
CA ASN A 319 -54.47 17.69 -18.42
C ASN A 319 -54.76 18.18 -19.83
N ILE A 320 -53.70 18.29 -20.62
CA ILE A 320 -53.81 18.76 -21.99
C ILE A 320 -53.20 17.74 -22.96
N LYS A 321 -52.00 17.25 -22.65
CA LYS A 321 -51.29 16.39 -23.60
C LYS A 321 -51.99 15.07 -23.88
N LEU A 322 -52.30 14.30 -22.83
CA LEU A 322 -52.73 12.92 -23.07
C LEU A 322 -54.12 12.85 -23.66
N GLN A 323 -54.92 13.90 -23.52
CA GLN A 323 -56.23 13.94 -24.16
C GLN A 323 -56.07 13.73 -25.66
N THR A 324 -55.32 14.63 -26.30
CA THR A 324 -55.05 14.50 -27.73
C THR A 324 -54.44 13.15 -28.03
N TYR A 325 -53.56 12.68 -27.13
CA TYR A 325 -52.93 11.37 -27.29
C TYR A 325 -54.00 10.28 -27.35
N LEU A 326 -54.91 10.27 -26.37
CA LEU A 326 -56.04 9.35 -26.45
C LEU A 326 -56.98 9.70 -27.59
N LYS A 327 -57.17 10.99 -27.87
CA LYS A 327 -57.95 11.37 -29.04
C LYS A 327 -57.30 10.88 -30.33
N ALA A 328 -56.00 11.14 -30.47
CA ALA A 328 -55.28 10.59 -31.62
C ALA A 328 -55.27 9.07 -31.58
N GLN A 329 -55.24 8.49 -30.38
CA GLN A 329 -55.46 7.05 -30.26
C GLN A 329 -56.82 6.66 -30.80
N GLY A 330 -57.86 7.45 -30.48
CA GLY A 330 -59.17 7.19 -31.03
C GLY A 330 -59.31 7.66 -32.47
N TYR A 331 -58.31 8.37 -32.97
CA TYR A 331 -58.35 8.87 -34.33
C TYR A 331 -57.89 7.79 -35.30
N GLN A 332 -57.61 6.60 -34.78
CA GLN A 332 -57.12 5.50 -35.60
C GLN A 332 -58.13 4.36 -35.67
N VAL A 333 -58.76 4.05 -34.55
CA VAL A 333 -59.57 2.84 -34.38
C VAL A 333 -60.67 2.71 -35.44
N PRO A 334 -61.34 3.79 -35.88
CA PRO A 334 -62.31 3.65 -36.97
C PRO A 334 -61.73 2.90 -38.16
N GLY A 335 -60.47 3.18 -38.45
CA GLY A 335 -59.82 2.58 -39.59
C GLY A 335 -59.76 1.06 -39.52
N ASN A 336 -59.65 0.51 -38.32
CA ASN A 336 -59.59 -0.94 -38.13
C ASN A 336 -60.65 -1.65 -38.97
N VAL A 337 -61.86 -1.12 -39.01
CA VAL A 337 -62.86 -1.68 -39.91
C VAL A 337 -62.99 -0.83 -41.17
N ALA A 338 -62.73 0.48 -41.07
CA ALA A 338 -62.84 1.34 -42.24
C ALA A 338 -61.83 0.95 -43.31
N TRP A 339 -60.55 0.85 -42.94
CA TRP A 339 -59.55 0.34 -43.87
C TRP A 339 -59.85 -1.09 -44.27
N SER A 340 -60.57 -1.81 -43.41
CA SER A 340 -60.94 -3.19 -43.63
C SER A 340 -62.02 -3.35 -44.68
N LEU A 341 -62.60 -2.23 -45.16
CA LEU A 341 -63.83 -2.27 -45.96
C LEU A 341 -63.62 -3.01 -47.27
N ARG A 342 -62.48 -2.81 -47.94
CA ARG A 342 -62.12 -3.66 -49.07
C ARG A 342 -60.67 -4.14 -49.06
N CYS A 343 -60.08 -4.36 -47.88
CA CYS A 343 -58.72 -4.89 -47.85
C CYS A 343 -58.72 -6.28 -48.45
N PRO A 344 -57.78 -6.56 -49.36
CA PRO A 344 -57.86 -7.82 -50.13
C PRO A 344 -57.54 -9.08 -49.34
N ARG A 345 -57.23 -8.93 -48.05
CA ARG A 345 -56.89 -10.09 -47.22
C ARG A 345 -58.01 -11.13 -47.26
N TYR A 346 -59.24 -10.67 -47.06
CA TYR A 346 -60.42 -11.52 -47.05
C TYR A 346 -61.44 -11.13 -48.12
N HIS A 347 -61.01 -10.36 -49.12
CA HIS A 347 -61.74 -10.21 -50.37
C HIS A 347 -60.87 -10.69 -51.53
N PRO A 348 -60.77 -11.99 -51.71
CA PRO A 348 -60.04 -12.52 -52.87
C PRO A 348 -60.61 -12.07 -54.20
N TRP A 349 -61.94 -11.94 -54.28
CA TRP A 349 -62.61 -11.74 -55.57
C TRP A 349 -62.11 -10.51 -56.32
N LEU A 350 -61.89 -9.39 -55.64
CA LEU A 350 -61.54 -8.20 -56.40
C LEU A 350 -60.05 -8.17 -56.71
N CYS A 351 -59.35 -9.31 -56.60
CA CYS A 351 -57.91 -9.32 -56.86
C CYS A 351 -57.61 -8.89 -58.29
N LYS A 352 -58.28 -9.52 -59.26
CA LYS A 352 -58.16 -9.05 -60.65
C LYS A 352 -58.65 -7.61 -60.78
N GLU A 353 -59.71 -7.26 -60.04
CA GLU A 353 -60.11 -5.86 -59.93
C GLU A 353 -59.02 -5.03 -59.27
N ALA A 354 -58.47 -5.52 -58.16
CA ALA A 354 -57.41 -4.81 -57.47
C ALA A 354 -56.17 -4.70 -58.34
N ALA A 355 -55.85 -5.76 -59.09
CA ALA A 355 -54.75 -5.72 -60.05
C ALA A 355 -54.97 -4.58 -61.03
N SER A 356 -56.23 -4.39 -61.44
CA SER A 356 -56.53 -3.30 -62.36
C SER A 356 -56.48 -1.96 -61.66
N LEU A 357 -57.24 -1.80 -60.56
CA LEU A 357 -57.40 -0.46 -60.01
C LEU A 357 -56.12 0.04 -59.36
N LEU A 358 -55.34 -0.84 -58.74
CA LEU A 358 -53.99 -0.48 -58.31
C LEU A 358 -53.19 0.09 -59.47
N HIS A 359 -53.41 -0.44 -60.68
CA HIS A 359 -52.81 0.16 -61.87
C HIS A 359 -53.63 1.33 -62.38
N GLN A 360 -54.93 1.37 -62.08
CA GLN A 360 -55.73 2.55 -62.40
C GLN A 360 -55.24 3.78 -61.63
N ASP A 361 -54.92 3.60 -60.36
CA ASP A 361 -54.38 4.69 -59.57
C ASP A 361 -52.96 5.01 -60.02
N LEU A 426 9.76 1.00 -39.24
CA LEU A 426 8.87 -0.01 -38.70
C LEU A 426 9.40 -1.41 -38.97
N GLY A 427 10.44 -1.81 -38.24
CA GLY A 427 11.06 -3.10 -38.40
C GLY A 427 11.12 -3.86 -37.09
N ASP A 428 11.58 -5.10 -37.17
CA ASP A 428 11.66 -5.97 -36.02
C ASP A 428 12.95 -5.71 -35.23
N GLU A 429 12.98 -4.55 -34.57
CA GLU A 429 14.14 -4.20 -33.76
C GLU A 429 13.83 -4.12 -32.28
N HIS A 430 12.64 -3.62 -31.91
CA HIS A 430 12.22 -3.54 -30.52
C HIS A 430 11.41 -4.75 -30.08
N LEU A 431 11.20 -5.71 -30.98
CA LEU A 431 10.55 -6.97 -30.63
C LEU A 431 11.49 -8.16 -30.67
N LEU A 432 12.52 -8.13 -31.50
CA LEU A 432 13.54 -9.16 -31.54
C LEU A 432 14.67 -8.90 -30.56
N GLY A 433 14.61 -7.80 -29.82
CA GLY A 433 15.65 -7.43 -28.89
C GLY A 433 15.73 -8.35 -27.70
N PRO A 434 14.66 -8.41 -26.90
CA PRO A 434 14.68 -9.28 -25.73
C PRO A 434 14.88 -10.75 -26.05
N ALA A 435 14.48 -11.19 -27.24
CA ALA A 435 14.74 -12.56 -27.65
C ALA A 435 16.22 -12.79 -27.91
N GLU A 436 16.88 -11.83 -28.56
CA GLU A 436 18.28 -11.96 -28.90
C GLU A 436 19.22 -11.79 -27.70
N TYR A 437 18.83 -10.99 -26.72
CA TYR A 437 19.68 -10.79 -25.56
C TYR A 437 19.80 -12.05 -24.71
N ILE A 438 18.76 -12.86 -24.63
CA ILE A 438 18.78 -14.07 -23.82
C ILE A 438 19.37 -15.20 -24.65
N SER A 439 19.64 -14.93 -25.92
CA SER A 439 20.30 -15.90 -26.81
C SER A 439 21.81 -15.85 -26.71
N SER A 440 22.35 -14.87 -26.00
CA SER A 440 23.79 -14.70 -25.84
C SER A 440 24.28 -15.01 -24.43
N LEU A 441 23.38 -15.13 -23.47
CA LEU A 441 23.77 -15.49 -22.12
C LEU A 441 24.39 -16.88 -22.13
N PRO A 442 25.37 -17.16 -21.25
CA PRO A 442 26.05 -18.46 -21.32
C PRO A 442 25.10 -19.63 -21.11
N SER A 443 25.32 -20.70 -21.85
CA SER A 443 24.39 -21.82 -21.86
C SER A 443 25.12 -23.13 -21.63
N LYS A 444 24.54 -23.98 -20.81
CA LYS A 444 24.98 -25.36 -20.66
C LYS A 444 23.86 -26.26 -21.17
N GLY A 445 23.28 -25.87 -22.30
CA GLY A 445 22.09 -26.48 -22.82
C GLY A 445 22.13 -27.99 -22.95
N VAL A 446 21.31 -28.66 -22.14
CA VAL A 446 21.13 -30.10 -22.29
C VAL A 446 20.37 -30.40 -23.57
N ARG A 447 19.54 -29.46 -24.02
CA ARG A 447 18.63 -29.69 -25.14
C ARG A 447 19.41 -30.02 -26.40
N GLU A 448 20.51 -29.32 -26.63
CA GLU A 448 21.34 -29.59 -27.80
C GLU A 448 21.89 -31.01 -27.75
N ALA A 449 22.36 -31.43 -26.57
CA ALA A 449 22.96 -32.74 -26.43
C ALA A 449 21.91 -33.84 -26.43
N PHE A 450 20.78 -33.62 -25.75
CA PHE A 450 19.76 -34.65 -25.66
C PHE A 450 19.21 -35.00 -27.04
N ILE A 451 18.98 -33.99 -27.88
CA ILE A 451 18.58 -34.25 -29.25
C ILE A 451 19.63 -35.07 -29.96
N ASP A 452 20.91 -34.77 -29.72
CA ASP A 452 21.99 -35.54 -30.32
C ASP A 452 22.05 -36.96 -29.78
N GLY A 453 21.58 -37.17 -28.56
CA GLY A 453 21.64 -38.48 -27.95
C GLY A 453 20.56 -39.43 -28.43
N LEU A 454 19.63 -38.91 -29.23
CA LEU A 454 18.63 -39.74 -29.87
C LEU A 454 18.89 -39.93 -31.35
N ASN A 455 19.60 -39.00 -31.99
CA ASN A 455 19.89 -39.13 -33.42
C ASN A 455 20.81 -40.32 -33.68
N VAL A 456 21.47 -40.83 -32.66
CA VAL A 456 22.22 -42.08 -32.80
C VAL A 456 21.26 -43.25 -32.99
N TRP A 457 20.24 -43.33 -32.13
CA TRP A 457 19.28 -44.43 -32.20
C TRP A 457 18.35 -44.27 -33.39
N LEU A 458 17.72 -43.11 -33.49
CA LEU A 458 16.63 -42.93 -34.44
C LEU A 458 17.16 -42.61 -35.84
N VAL A 459 18.24 -41.85 -35.91
CA VAL A 459 18.92 -41.47 -37.16
C VAL A 459 18.06 -40.49 -37.95
N LEU A 460 18.59 -39.29 -38.16
CA LEU A 460 17.92 -38.25 -38.92
C LEU A 460 18.98 -37.53 -39.75
N PRO A 461 18.61 -36.96 -40.89
CA PRO A 461 19.60 -36.26 -41.71
C PRO A 461 20.18 -35.05 -40.98
N ASP A 462 21.41 -34.70 -41.35
CA ASP A 462 22.11 -33.60 -40.70
C ASP A 462 21.37 -32.27 -40.86
N HIS A 463 20.61 -32.14 -41.95
CA HIS A 463 19.87 -30.91 -42.20
C HIS A 463 18.77 -30.72 -41.16
N ARG A 464 17.94 -31.74 -40.95
CA ARG A 464 16.78 -31.58 -40.09
C ARG A 464 17.09 -31.89 -38.62
N VAL A 465 18.27 -32.41 -38.32
CA VAL A 465 18.65 -32.52 -36.91
C VAL A 465 19.10 -31.16 -36.40
N ASN A 466 19.33 -30.21 -37.30
CA ASN A 466 19.71 -28.86 -36.91
C ASN A 466 18.48 -27.97 -36.72
N GLN A 467 17.51 -28.11 -37.62
CA GLN A 467 16.26 -27.36 -37.50
C GLN A 467 15.55 -27.72 -36.20
N LEU A 468 15.53 -29.01 -35.87
CA LEU A 468 14.92 -29.45 -34.62
C LEU A 468 15.63 -28.84 -33.42
N LYS A 469 16.91 -28.56 -33.56
CA LYS A 469 17.68 -27.95 -32.49
C LYS A 469 17.37 -26.48 -32.31
N SER A 470 16.89 -25.81 -33.37
CA SER A 470 16.45 -24.43 -33.25
C SER A 470 15.09 -24.29 -32.58
N ILE A 471 14.18 -25.24 -32.81
CA ILE A 471 12.90 -25.21 -32.10
C ILE A 471 13.13 -25.36 -30.61
N ALA A 472 14.04 -26.26 -30.22
CA ALA A 472 14.35 -26.44 -28.82
C ALA A 472 14.96 -25.16 -28.23
N GLN A 473 15.85 -24.52 -28.96
CA GLN A 473 16.49 -23.30 -28.48
C GLN A 473 15.48 -22.18 -28.28
N THR A 474 14.61 -21.96 -29.26
CA THR A 474 13.70 -20.83 -29.20
C THR A 474 12.66 -21.01 -28.10
N LEU A 475 12.12 -22.21 -27.94
CA LEU A 475 11.10 -22.44 -26.94
C LEU A 475 11.64 -22.35 -25.52
N HIS A 476 12.84 -22.91 -25.28
CA HIS A 476 13.42 -22.82 -23.94
C HIS A 476 13.68 -21.38 -23.54
N ASN A 477 14.19 -20.57 -24.47
CA ASN A 477 14.40 -19.15 -24.19
C ASN A 477 13.09 -18.46 -23.86
N ALA A 478 12.01 -18.85 -24.53
CA ALA A 478 10.70 -18.30 -24.19
C ALA A 478 10.27 -18.70 -22.80
N SER A 479 10.75 -19.85 -22.32
CA SER A 479 10.39 -20.30 -20.98
C SER A 479 11.13 -19.51 -19.91
N LEU A 480 12.43 -19.27 -20.11
CA LEU A 480 13.22 -18.62 -19.09
C LEU A 480 12.86 -17.14 -18.97
N MET A 481 12.45 -16.52 -20.07
CA MET A 481 12.06 -15.12 -20.03
C MET A 481 10.87 -14.90 -19.10
N LEU A 482 9.88 -15.79 -19.17
CA LEU A 482 8.69 -15.65 -18.35
C LEU A 482 8.90 -16.14 -16.92
N ASP A 483 9.83 -17.09 -16.71
CA ASP A 483 10.11 -17.53 -15.35
C ASP A 483 10.71 -16.41 -14.51
N ASP A 484 11.60 -15.61 -15.11
CA ASP A 484 12.21 -14.50 -14.40
C ASP A 484 11.18 -13.44 -14.03
N ILE A 485 10.22 -13.19 -14.91
CA ILE A 485 9.15 -12.23 -14.67
C ILE A 485 8.29 -12.73 -13.51
N GLU A 486 8.07 -14.03 -13.47
CA GLU A 486 7.29 -14.74 -12.46
C GLU A 486 7.97 -14.73 -11.10
N ASP A 487 9.30 -14.74 -11.06
CA ASP A 487 10.01 -14.85 -9.80
C ASP A 487 10.77 -13.59 -9.46
N HIS A 488 10.76 -12.62 -10.38
CA HIS A 488 11.41 -11.32 -10.21
C HIS A 488 12.86 -11.45 -9.75
N SER A 489 13.54 -12.49 -10.19
CA SER A 489 14.94 -12.69 -9.85
C SER A 489 15.80 -11.79 -10.72
N PRO A 490 16.55 -10.86 -10.15
CA PRO A 490 17.34 -9.94 -10.98
C PRO A 490 18.41 -10.63 -11.82
N LEU A 491 19.00 -11.71 -11.32
CA LEU A 491 20.14 -12.35 -11.96
C LEU A 491 19.72 -13.65 -12.62
N ARG A 492 20.21 -13.86 -13.84
CA ARG A 492 19.93 -15.07 -14.61
C ARG A 492 21.20 -15.46 -15.35
N ARG A 493 21.70 -16.66 -15.08
CA ARG A 493 22.99 -17.11 -15.60
C ARG A 493 24.11 -16.16 -15.19
N GLY A 494 23.94 -15.51 -14.04
CA GLY A 494 24.92 -14.56 -13.55
C GLY A 494 24.69 -13.14 -14.06
N ARG A 495 24.56 -12.99 -15.37
CA ARG A 495 24.35 -11.70 -16.00
C ARG A 495 22.95 -11.21 -15.59
N PRO A 496 22.70 -9.91 -15.54
CA PRO A 496 21.35 -9.44 -15.16
C PRO A 496 20.29 -9.93 -16.14
N SER A 497 19.09 -10.12 -15.61
CA SER A 497 18.04 -10.83 -16.31
C SER A 497 17.51 -10.01 -17.47
N THR A 498 16.51 -10.54 -18.17
CA THR A 498 15.97 -9.87 -19.34
C THR A 498 14.86 -8.88 -19.00
N HIS A 499 14.12 -9.11 -17.93
CA HIS A 499 13.04 -8.22 -17.51
C HIS A 499 13.55 -6.97 -16.82
N MET A 500 14.85 -6.73 -16.85
CA MET A 500 15.44 -5.53 -16.28
C MET A 500 16.19 -4.68 -17.29
N ILE A 501 16.66 -5.23 -18.40
CA ILE A 501 17.26 -4.41 -19.45
C ILE A 501 16.19 -3.77 -20.33
N PHE A 502 15.15 -4.52 -20.70
CA PHE A 502 14.10 -4.01 -21.57
C PHE A 502 12.80 -3.72 -20.85
N GLY A 503 12.51 -4.41 -19.76
CA GLY A 503 11.31 -4.12 -19.00
C GLY A 503 10.33 -5.28 -19.05
N THR A 504 9.44 -5.33 -18.05
CA THR A 504 8.46 -6.40 -17.98
C THR A 504 7.49 -6.34 -19.16
N GLU A 505 7.12 -5.13 -19.58
CA GLU A 505 6.12 -4.98 -20.62
C GLU A 505 6.60 -5.55 -21.95
N GLN A 506 7.85 -5.27 -22.33
CA GLN A 506 8.37 -5.75 -23.61
C GLN A 506 8.80 -7.21 -23.57
N THR A 507 9.33 -7.69 -22.46
CA THR A 507 9.77 -9.08 -22.39
C THR A 507 8.60 -10.03 -22.54
N ILE A 508 7.45 -9.68 -21.97
CA ILE A 508 6.24 -10.47 -22.12
C ILE A 508 5.86 -10.52 -23.59
N ASN A 509 5.98 -9.39 -24.29
CA ASN A 509 5.60 -9.34 -25.69
C ASN A 509 6.50 -10.21 -26.56
N SER A 510 7.81 -10.09 -26.38
CA SER A 510 8.72 -10.93 -27.17
C SER A 510 8.61 -12.39 -26.79
N ALA A 511 8.03 -12.69 -25.63
CA ALA A 511 7.79 -14.08 -25.26
C ALA A 511 6.62 -14.66 -26.05
N ASN A 512 5.59 -13.84 -26.27
CA ASN A 512 4.45 -14.27 -27.07
C ASN A 512 4.83 -14.49 -28.53
N PHE A 513 5.66 -13.62 -29.09
CA PHE A 513 5.96 -13.70 -30.51
C PHE A 513 6.81 -14.91 -30.87
N LEU A 514 7.74 -15.31 -30.00
CA LEU A 514 8.54 -16.49 -30.29
C LEU A 514 7.70 -17.76 -30.29
N LEU A 515 6.56 -17.76 -29.60
CA LEU A 515 5.62 -18.86 -29.71
C LEU A 515 5.02 -18.92 -31.12
N ILE A 516 4.73 -17.77 -31.71
CA ILE A 516 4.35 -17.71 -33.12
C ILE A 516 5.53 -18.04 -34.03
N ASP A 517 6.73 -17.59 -33.70
CA ASP A 517 7.91 -17.83 -34.52
C ASP A 517 8.23 -19.31 -34.62
N VAL A 518 8.11 -20.06 -33.52
CA VAL A 518 8.32 -21.50 -33.57
C VAL A 518 7.34 -22.14 -34.54
N MET A 519 6.12 -21.63 -34.58
CA MET A 519 5.08 -22.23 -35.41
C MET A 519 5.45 -22.13 -36.88
N GLU A 520 6.17 -21.08 -37.26
CA GLU A 520 6.72 -20.99 -38.60
C GLU A 520 7.75 -22.07 -38.86
N LYS A 521 8.59 -22.36 -37.86
CA LYS A 521 9.64 -23.36 -38.04
C LYS A 521 9.05 -24.75 -38.17
N VAL A 522 8.00 -25.07 -37.40
CA VAL A 522 7.42 -26.40 -37.44
C VAL A 522 6.84 -26.69 -38.82
N ARG A 523 6.30 -25.66 -39.48
CA ARG A 523 5.80 -25.84 -40.84
C ARG A 523 6.93 -26.21 -41.79
N GLN A 524 8.08 -25.54 -41.67
CA GLN A 524 9.23 -25.87 -42.51
C GLN A 524 9.67 -27.31 -42.31
N LEU A 525 9.41 -27.87 -41.13
CA LEU A 525 9.56 -29.29 -40.88
C LEU A 525 8.37 -29.97 -41.57
N ASP A 526 8.53 -30.18 -42.88
CA ASP A 526 7.37 -30.49 -43.71
C ASP A 526 6.71 -31.81 -43.31
N ASP A 527 5.59 -31.72 -42.60
CA ASP A 527 4.81 -32.88 -42.17
C ASP A 527 3.48 -32.38 -41.63
N PRO A 528 2.35 -32.93 -42.08
CA PRO A 528 1.06 -32.56 -41.48
C PRO A 528 0.95 -32.92 -40.01
N ARG A 529 1.47 -34.09 -39.63
CA ARG A 529 1.35 -34.53 -38.24
C ARG A 529 2.31 -33.80 -37.32
N CYS A 530 3.38 -33.23 -37.87
CA CYS A 530 4.41 -32.60 -37.04
C CYS A 530 3.84 -31.44 -36.25
N MET A 531 2.98 -30.63 -36.88
CA MET A 531 2.43 -29.47 -36.21
C MET A 531 1.48 -29.88 -35.10
N ASP A 532 0.77 -30.99 -35.29
CA ASP A 532 -0.20 -31.44 -34.29
C ASP A 532 0.47 -31.73 -32.96
N ILE A 533 1.65 -32.35 -32.98
CA ILE A 533 2.38 -32.62 -31.75
C ILE A 533 2.70 -31.31 -31.03
N TYR A 534 3.03 -30.29 -31.80
CA TYR A 534 3.31 -28.98 -31.20
C TYR A 534 2.07 -28.40 -30.53
N LEU A 535 0.88 -28.72 -31.05
CA LEU A 535 -0.33 -28.13 -30.50
C LEU A 535 -0.84 -28.90 -29.30
N GLU A 536 -0.75 -30.22 -29.31
CA GLU A 536 -1.24 -31.01 -28.19
C GLU A 536 -0.32 -30.92 -26.98
N GLU A 537 0.99 -30.97 -27.19
CA GLU A 537 1.92 -30.97 -26.08
C GLU A 537 2.13 -29.58 -25.48
N MET A 538 2.10 -28.53 -26.30
CA MET A 538 2.21 -27.20 -25.74
C MET A 538 0.97 -26.80 -24.94
N ARG A 539 -0.13 -27.54 -25.08
CA ARG A 539 -1.21 -27.41 -24.12
C ARG A 539 -0.86 -28.11 -22.81
N ASN A 540 -0.24 -29.29 -22.90
CA ASN A 540 0.18 -30.01 -21.70
C ASN A 540 1.18 -29.21 -20.90
N LEU A 541 2.08 -28.50 -21.57
CA LEU A 541 3.05 -27.67 -20.88
C LEU A 541 2.36 -26.54 -20.13
N PHE A 542 1.35 -25.94 -20.74
CA PHE A 542 0.65 -24.84 -20.09
C PHE A 542 -0.29 -25.31 -18.99
N ILE A 543 -0.93 -26.46 -19.13
CA ILE A 543 -1.86 -26.90 -18.09
C ILE A 543 -1.12 -27.26 -16.82
N GLY A 544 0.07 -27.86 -16.94
CA GLY A 544 0.87 -28.12 -15.76
C GLY A 544 1.47 -26.86 -15.17
N GLN A 545 1.70 -25.84 -15.99
CA GLN A 545 2.26 -24.60 -15.51
C GLN A 545 1.23 -23.78 -14.74
N SER A 546 -0.05 -23.88 -15.08
CA SER A 546 -1.07 -23.14 -14.37
C SER A 546 -1.14 -23.57 -12.91
N PHE A 547 -1.00 -24.87 -12.66
CA PHE A 547 -1.03 -25.37 -11.29
C PHE A 547 0.16 -24.88 -10.48
N ASP A 548 1.31 -24.66 -11.11
CA ASP A 548 2.47 -24.18 -10.38
C ASP A 548 2.23 -22.78 -9.82
N LEU A 549 1.71 -21.88 -10.64
CA LEU A 549 1.48 -20.52 -10.20
C LEU A 549 0.30 -20.39 -9.25
N TYR A 550 -0.55 -21.41 -9.17
CA TYR A 550 -1.67 -21.39 -8.23
C TYR A 550 -1.22 -21.79 -6.83
N TRP A 551 -0.40 -22.83 -6.74
CA TRP A 551 0.16 -23.25 -5.46
C TRP A 551 1.05 -22.16 -4.89
N THR A 552 1.84 -21.51 -5.74
CA THR A 552 2.74 -20.46 -5.28
C THR A 552 1.96 -19.26 -4.76
N ARG A 553 0.95 -18.82 -5.51
CA ARG A 553 0.17 -17.65 -5.13
C ARG A 553 -0.67 -17.91 -3.88
N ASN A 554 -1.58 -18.87 -3.95
CA ASN A 554 -2.51 -19.10 -2.86
C ASN A 554 -1.92 -19.93 -1.73
N GLY A 555 -0.69 -20.43 -1.89
CA GLY A 555 -0.03 -21.17 -0.84
C GLY A 555 -0.74 -22.44 -0.43
N GLU A 556 -1.16 -23.24 -1.39
CA GLU A 556 -1.85 -24.50 -1.11
C GLU A 556 -0.84 -25.63 -1.28
N CYS A 557 -0.56 -26.34 -0.19
CA CYS A 557 0.44 -27.39 -0.22
C CYS A 557 -0.09 -28.58 -1.02
N PRO A 558 0.59 -28.99 -2.08
CA PRO A 558 0.14 -30.16 -2.82
C PRO A 558 0.65 -31.46 -2.22
N SER A 559 -0.05 -32.54 -2.55
CA SER A 559 0.39 -33.88 -2.19
C SER A 559 1.52 -34.29 -3.13
N GLU A 560 2.09 -35.47 -2.90
CA GLU A 560 3.14 -35.99 -3.76
C GLU A 560 2.62 -36.62 -5.04
N GLU A 561 1.34 -36.97 -5.11
CA GLU A 561 0.78 -37.47 -6.35
C GLU A 561 0.55 -36.34 -7.35
N GLN A 562 0.28 -35.14 -6.84
CA GLN A 562 0.04 -34.00 -7.73
C GLN A 562 1.33 -33.29 -8.08
N TYR A 563 2.29 -33.21 -7.15
CA TYR A 563 3.50 -32.46 -7.43
C TYR A 563 4.42 -33.21 -8.37
N LEU A 564 4.37 -34.54 -8.35
CA LEU A 564 5.15 -35.32 -9.31
C LEU A 564 4.50 -35.31 -10.68
N ASP A 565 3.17 -35.30 -10.73
CA ASP A 565 2.48 -35.24 -12.02
C ASP A 565 2.67 -33.89 -12.70
N MET A 566 2.69 -32.81 -11.91
CA MET A 566 2.87 -31.48 -12.49
C MET A 566 4.24 -31.35 -13.16
N ILE A 567 5.29 -31.90 -12.54
CA ILE A 567 6.62 -31.82 -13.12
C ILE A 567 6.71 -32.56 -14.44
N ARG A 568 6.05 -33.71 -14.57
CA ARG A 568 6.04 -34.42 -15.83
C ARG A 568 5.43 -33.59 -16.97
N GLN A 569 4.65 -32.57 -16.64
CA GLN A 569 4.03 -31.72 -17.64
C GLN A 569 4.64 -30.32 -17.68
N LYS A 570 5.68 -30.08 -16.90
CA LYS A 570 6.32 -28.76 -16.94
C LYS A 570 7.77 -28.83 -17.36
N THR A 571 8.52 -29.79 -16.84
CA THR A 571 9.91 -30.00 -17.25
C THR A 571 10.03 -31.09 -18.29
N GLY A 572 9.19 -32.12 -18.23
CA GLY A 572 9.21 -33.17 -19.22
C GLY A 572 8.42 -32.82 -20.45
N GLY A 573 7.74 -31.69 -20.41
CA GLY A 573 6.97 -31.23 -21.56
C GLY A 573 7.83 -30.87 -22.76
N LEU A 574 8.91 -30.14 -22.54
CA LEU A 574 9.79 -29.76 -23.63
C LEU A 574 10.56 -30.97 -24.17
N PHE A 575 10.84 -31.95 -23.32
CA PHE A 575 11.49 -33.17 -23.78
C PHE A 575 10.56 -34.02 -24.62
N ARG A 576 9.33 -34.18 -24.16
CA ARG A 576 8.35 -35.00 -24.87
C ARG A 576 8.01 -34.40 -26.22
N LEU A 577 7.96 -33.08 -26.31
CA LEU A 577 7.67 -32.42 -27.58
C LEU A 577 8.70 -32.78 -28.64
N LEU A 578 9.99 -32.77 -28.27
CA LEU A 578 11.03 -33.14 -29.21
C LEU A 578 11.06 -34.63 -29.48
N THR A 579 10.77 -35.45 -28.47
CA THR A 579 10.80 -36.91 -28.64
C THR A 579 9.71 -37.37 -29.61
N ARG A 580 8.48 -36.88 -29.42
CA ARG A 580 7.42 -37.26 -30.34
C ARG A 580 7.65 -36.69 -31.73
N MET A 581 8.23 -35.50 -31.81
CA MET A 581 8.49 -34.86 -33.09
C MET A 581 9.58 -35.60 -33.84
N MET A 582 10.60 -36.05 -33.11
CA MET A 582 11.70 -36.78 -33.71
C MET A 582 11.23 -38.09 -34.34
N VAL A 583 10.44 -38.85 -33.60
CA VAL A 583 10.06 -40.19 -34.03
C VAL A 583 9.24 -40.13 -35.31
N GLN A 584 8.31 -39.19 -35.39
CA GLN A 584 7.39 -39.15 -36.52
C GLN A 584 8.12 -38.77 -37.81
N ILE A 585 9.11 -37.89 -37.72
CA ILE A 585 9.80 -37.40 -38.91
C ILE A 585 10.94 -38.36 -39.27
N ALA A 586 11.06 -39.44 -38.52
CA ALA A 586 12.14 -40.39 -38.67
C ALA A 586 11.77 -41.51 -39.62
N PRO A 587 12.77 -42.18 -40.22
CA PRO A 587 12.50 -43.36 -41.05
C PRO A 587 11.60 -44.40 -40.40
N VAL A 588 11.04 -45.30 -41.23
CA VAL A 588 9.90 -46.14 -40.88
C VAL A 588 10.15 -47.00 -39.65
N GLN A 589 11.33 -47.61 -39.57
CA GLN A 589 11.65 -48.52 -38.48
C GLN A 589 11.48 -47.84 -37.12
N GLN A 590 11.78 -46.54 -37.05
CA GLN A 590 11.69 -45.78 -35.81
C GLN A 590 10.28 -45.21 -35.67
N LYS A 591 9.31 -46.10 -35.46
CA LYS A 591 7.95 -45.67 -35.14
C LYS A 591 7.43 -46.38 -33.90
N GLY A 592 7.80 -47.64 -33.71
CA GLY A 592 7.31 -48.41 -32.58
C GLY A 592 8.03 -48.08 -31.28
N LEU A 593 9.20 -47.44 -31.39
CA LEU A 593 9.97 -47.10 -30.21
C LEU A 593 9.40 -45.91 -29.45
N GLU A 594 8.31 -45.32 -29.93
CA GLU A 594 7.79 -44.10 -29.31
C GLU A 594 7.36 -44.36 -27.87
N THR A 595 6.73 -45.51 -27.62
CA THR A 595 6.25 -45.84 -26.28
C THR A 595 7.37 -45.85 -25.26
N GLN A 596 8.45 -46.58 -25.56
CA GLN A 596 9.59 -46.61 -24.65
C GLN A 596 10.29 -45.25 -24.62
N LEU A 597 10.37 -44.57 -25.75
CA LEU A 597 11.05 -43.29 -25.81
C LEU A 597 10.28 -42.22 -25.04
N ALA A 598 8.95 -42.31 -25.01
CA ALA A 598 8.16 -41.32 -24.29
C ALA A 598 8.37 -41.40 -22.79
N SER A 599 8.44 -42.62 -22.25
CA SER A 599 8.65 -42.78 -20.81
C SER A 599 10.02 -42.25 -20.39
N LEU A 600 11.04 -42.49 -21.22
CA LEU A 600 12.39 -42.06 -20.91
C LEU A 600 12.45 -40.54 -20.71
N SER A 601 11.75 -39.80 -21.57
CA SER A 601 11.75 -38.35 -21.44
C SER A 601 11.08 -37.90 -20.15
N ASP A 602 9.99 -38.54 -19.77
CA ASP A 602 9.29 -38.16 -18.55
C ASP A 602 10.12 -38.48 -17.31
N VAL A 603 10.79 -39.63 -17.29
CA VAL A 603 11.61 -39.97 -16.14
C VAL A 603 12.91 -39.19 -16.15
N LEU A 604 13.27 -38.61 -17.29
CA LEU A 604 14.37 -37.66 -17.34
C LEU A 604 13.93 -36.25 -17.01
N GLY A 605 12.62 -36.02 -16.85
CA GLY A 605 12.11 -34.73 -16.48
C GLY A 605 11.91 -34.60 -15.00
N GLU A 606 11.37 -35.64 -14.36
CA GLU A 606 11.29 -35.65 -12.92
C GLU A 606 12.69 -35.60 -12.30
N PHE A 607 13.67 -36.19 -12.98
CA PHE A 607 15.06 -36.13 -12.55
C PHE A 607 15.62 -34.71 -12.55
N PHE A 608 15.47 -34.00 -13.67
CA PHE A 608 16.07 -32.68 -13.79
C PHE A 608 15.42 -31.65 -12.89
N GLN A 609 14.33 -31.98 -12.20
CA GLN A 609 13.72 -31.05 -11.27
C GLN A 609 14.04 -31.37 -9.81
N VAL A 610 14.00 -32.66 -9.44
CA VAL A 610 14.34 -33.08 -8.10
C VAL A 610 15.82 -32.85 -7.86
N ARG A 611 16.61 -32.93 -8.93
CA ARG A 611 18.05 -32.65 -8.83
C ARG A 611 18.29 -31.19 -8.45
N ASP A 612 17.53 -30.29 -9.05
CA ASP A 612 17.66 -28.87 -8.75
C ASP A 612 17.26 -28.56 -7.31
N ASP A 613 16.18 -29.20 -6.84
CA ASP A 613 15.68 -28.92 -5.50
C ASP A 613 16.71 -29.26 -4.44
N TYR A 614 17.37 -30.41 -4.60
CA TYR A 614 18.48 -30.76 -3.72
C TYR A 614 19.62 -29.76 -3.88
N LYS A 615 19.94 -29.40 -5.12
CA LYS A 615 21.01 -28.46 -5.39
C LYS A 615 20.67 -27.08 -4.83
N ASN A 616 19.40 -26.69 -4.93
CA ASN A 616 19.00 -25.36 -4.45
C ASN A 616 19.17 -25.26 -2.94
N LEU A 617 18.97 -26.35 -2.22
CA LEU A 617 19.09 -26.35 -0.77
C LEU A 617 20.41 -26.93 -0.29
N THR A 618 21.35 -27.17 -1.19
CA THR A 618 22.71 -27.53 -0.76
C THR A 618 23.49 -26.28 -0.42
N GLU A 619 23.67 -25.39 -1.39
CA GLU A 619 24.20 -24.03 -1.21
C GLU A 619 24.26 -23.33 -2.55
N LEU A 631 13.22 -20.50 -2.61
CA LEU A 631 12.39 -20.38 -1.42
C LEU A 631 11.96 -18.95 -1.19
N ASP A 632 12.63 -18.02 -1.86
CA ASP A 632 12.36 -16.60 -1.70
C ASP A 632 11.03 -16.18 -2.31
N GLU A 633 10.41 -17.04 -3.12
CA GLU A 633 9.07 -16.80 -3.63
C GLU A 633 8.14 -17.96 -3.31
N CYS A 634 8.41 -18.69 -2.22
CA CYS A 634 7.60 -19.82 -1.77
C CYS A 634 7.54 -20.92 -2.83
N LYS A 635 8.68 -21.51 -3.13
CA LYS A 635 8.78 -22.60 -4.10
C LYS A 635 8.60 -23.92 -3.35
N PHE A 636 7.53 -24.64 -3.66
CA PHE A 636 7.30 -25.95 -3.05
C PHE A 636 8.21 -26.97 -3.70
N SER A 637 9.39 -27.17 -3.14
CA SER A 637 10.29 -28.21 -3.62
C SER A 637 9.84 -29.57 -3.11
N TYR A 638 10.57 -30.61 -3.50
CA TYR A 638 10.27 -31.95 -3.01
C TYR A 638 10.44 -32.08 -1.52
N PRO A 639 11.57 -31.68 -0.90
CA PRO A 639 11.70 -31.85 0.54
C PRO A 639 10.64 -31.10 1.33
N LEU A 640 10.25 -29.93 0.85
CA LEU A 640 9.29 -29.10 1.60
C LEU A 640 7.94 -29.79 1.72
N ILE A 641 7.54 -30.51 0.67
CA ILE A 641 6.27 -31.23 0.72
C ILE A 641 6.34 -32.35 1.74
N HIS A 642 7.45 -33.08 1.75
CA HIS A 642 7.61 -34.18 2.71
C HIS A 642 7.61 -33.66 4.14
N ALA A 643 8.29 -32.56 4.39
CA ALA A 643 8.37 -31.99 5.73
C ALA A 643 6.99 -31.60 6.23
N LEU A 644 6.24 -30.85 5.42
CA LEU A 644 4.94 -30.37 5.84
C LEU A 644 3.93 -31.50 5.98
N THR A 645 4.12 -32.62 5.28
CA THR A 645 3.19 -33.73 5.33
C THR A 645 3.52 -34.72 6.44
N SER A 646 4.80 -35.06 6.59
CA SER A 646 5.23 -35.98 7.63
C SER A 646 4.88 -35.44 9.02
N GLN A 647 5.15 -34.16 9.25
CA GLN A 647 4.83 -33.53 10.52
C GLN A 647 3.61 -32.63 10.34
N PRO A 648 2.45 -33.01 10.90
CA PRO A 648 1.24 -32.21 10.69
C PRO A 648 1.09 -31.03 11.63
N LYS A 649 1.83 -30.97 12.73
CA LYS A 649 1.77 -29.85 13.68
C LYS A 649 3.19 -29.36 13.90
N ASN A 650 3.64 -28.45 13.03
CA ASN A 650 5.01 -27.96 13.00
C ASN A 650 5.00 -26.45 12.87
N VAL A 651 4.30 -25.80 13.80
CA VAL A 651 3.92 -24.39 13.76
C VAL A 651 5.04 -23.50 13.25
N GLN A 652 6.29 -23.85 13.56
CA GLN A 652 7.42 -23.06 13.11
C GLN A 652 7.59 -23.13 11.61
N LEU A 653 7.59 -24.33 11.04
CA LEU A 653 7.80 -24.49 9.60
C LEU A 653 6.69 -23.86 8.78
N ARG A 654 5.44 -24.06 9.19
CA ARG A 654 4.34 -23.43 8.49
C ARG A 654 4.35 -21.92 8.65
N GLY A 655 4.75 -21.43 9.81
CA GLY A 655 4.83 -20.01 10.04
C GLY A 655 6.00 -19.36 9.35
N ILE A 656 7.10 -20.11 9.21
CA ILE A 656 8.29 -19.56 8.58
C ILE A 656 8.04 -19.37 7.08
N LEU A 657 7.27 -20.27 6.47
CA LEU A 657 6.97 -20.18 5.06
C LEU A 657 5.98 -19.05 4.78
N GLN A 658 5.17 -18.67 5.75
CA GLN A 658 4.26 -17.56 5.59
C GLN A 658 4.97 -16.22 5.56
N GLN A 659 6.13 -16.12 6.20
CA GLN A 659 6.89 -14.88 6.16
C GLN A 659 7.40 -14.61 4.76
N SER A 660 7.79 -15.65 4.03
CA SER A 660 8.25 -15.46 2.67
C SER A 660 7.15 -14.86 1.80
N ARG A 661 5.90 -15.27 2.05
CA ARG A 661 4.78 -14.74 1.29
C ARG A 661 4.48 -13.30 1.67
N SER A 662 4.47 -13.00 2.96
CA SER A 662 4.07 -11.68 3.42
C SER A 662 5.19 -10.67 3.24
N ALA A 663 6.34 -10.91 3.88
CA ALA A 663 7.46 -9.99 3.81
C ALA A 663 7.98 -9.89 2.38
N GLY A 664 7.99 -11.00 1.67
CA GLY A 664 8.44 -11.04 0.29
C GLY A 664 9.86 -11.54 0.11
N GLY A 665 10.68 -11.53 1.15
CA GLY A 665 12.02 -12.08 1.07
C GLY A 665 12.58 -12.44 2.42
N LEU A 666 13.09 -13.66 2.56
CA LEU A 666 13.71 -14.09 3.80
C LEU A 666 15.20 -13.77 3.77
N ASP A 667 15.76 -13.60 4.96
CA ASP A 667 17.16 -13.30 5.16
C ASP A 667 17.88 -14.46 5.85
N VAL A 668 19.20 -14.35 5.91
CA VAL A 668 20.08 -15.51 6.10
C VAL A 668 19.81 -16.27 7.40
N PRO A 669 19.74 -15.63 8.59
CA PRO A 669 19.42 -16.39 9.80
C PRO A 669 18.06 -17.07 9.69
N LEU A 670 17.12 -16.42 9.01
CA LEU A 670 15.83 -17.04 8.78
C LEU A 670 15.94 -18.25 7.86
N LYS A 671 16.83 -18.17 6.86
CA LYS A 671 16.98 -19.25 5.89
C LYS A 671 17.47 -20.53 6.54
N GLU A 672 18.43 -20.42 7.46
CA GLU A 672 19.03 -21.60 8.04
C GLU A 672 18.01 -22.42 8.82
N THR A 673 17.08 -21.74 9.50
CA THR A 673 16.09 -22.42 10.33
C THR A 673 15.22 -23.34 9.49
N VAL A 674 14.81 -22.89 8.30
CA VAL A 674 14.06 -23.75 7.40
C VAL A 674 14.91 -24.94 6.99
N LEU A 675 16.18 -24.69 6.68
CA LEU A 675 17.09 -25.78 6.36
C LEU A 675 17.30 -26.69 7.57
N SER A 676 17.40 -26.10 8.76
CA SER A 676 17.62 -26.90 9.96
C SER A 676 16.43 -27.80 10.25
N HIS A 677 15.22 -27.30 9.99
CA HIS A 677 14.00 -28.08 10.20
C HIS A 677 13.83 -29.12 9.11
N LEU A 678 14.69 -29.11 8.11
CA LEU A 678 14.58 -30.01 6.98
C LEU A 678 15.44 -31.24 7.11
N ARG A 679 16.70 -31.09 7.54
CA ARG A 679 17.55 -32.25 7.73
C ARG A 679 17.13 -33.06 8.96
N GLN A 680 16.54 -32.41 9.94
CA GLN A 680 16.14 -33.06 11.19
C GLN A 680 14.74 -33.66 11.06
N ALA A 681 14.12 -33.41 9.91
CA ALA A 681 12.81 -33.97 9.64
C ALA A 681 12.86 -34.84 8.39
N GLY A 682 13.85 -35.72 8.32
CA GLY A 682 14.04 -36.53 7.14
C GLY A 682 14.24 -35.69 5.90
N SER A 683 13.24 -35.68 5.02
CA SER A 683 13.21 -34.79 3.87
C SER A 683 14.44 -34.96 2.98
N ILE A 684 15.54 -34.33 3.36
CA ILE A 684 16.74 -34.40 2.53
C ILE A 684 17.25 -35.83 2.44
N GLU A 685 17.25 -36.55 3.56
CA GLU A 685 17.51 -37.99 3.52
C GLU A 685 16.48 -38.70 2.68
N TYR A 686 15.22 -38.27 2.78
CA TYR A 686 14.15 -38.88 2.00
C TYR A 686 14.24 -38.48 0.52
N THR A 687 14.84 -37.33 0.23
CA THR A 687 14.98 -36.90 -1.16
C THR A 687 16.07 -37.67 -1.90
N GLU A 688 17.19 -37.94 -1.23
CA GLU A 688 18.29 -38.66 -1.87
C GLU A 688 17.84 -40.04 -2.36
N ALA A 689 16.81 -40.61 -1.73
CA ALA A 689 16.23 -41.86 -2.21
C ALA A 689 15.58 -41.65 -3.57
N LYS A 690 14.74 -40.62 -3.67
CA LYS A 690 14.03 -40.34 -4.91
C LYS A 690 15.01 -40.01 -6.03
N MET A 691 16.12 -39.36 -5.68
CA MET A 691 17.19 -39.11 -6.64
C MET A 691 17.75 -40.42 -7.16
N GLY A 692 18.06 -41.36 -6.27
CA GLY A 692 18.59 -42.65 -6.65
C GLY A 692 17.61 -43.54 -7.38
N GLU A 693 16.35 -43.54 -6.95
CA GLU A 693 15.34 -44.41 -7.56
C GLU A 693 15.18 -44.13 -9.04
N LEU A 694 15.21 -42.86 -9.43
CA LEU A 694 15.04 -42.50 -10.84
C LEU A 694 16.21 -42.99 -11.68
N MET A 695 17.43 -42.92 -11.13
CA MET A 695 18.62 -43.36 -11.83
C MET A 695 18.50 -44.81 -12.28
N GLU A 696 17.93 -45.66 -11.43
CA GLU A 696 17.76 -47.06 -11.79
C GLU A 696 16.80 -47.19 -12.97
N LYS A 697 15.67 -46.50 -12.92
CA LYS A 697 14.71 -46.53 -14.02
C LYS A 697 15.32 -45.93 -15.29
N ILE A 698 16.06 -44.83 -15.13
CA ILE A 698 16.75 -44.24 -16.26
C ILE A 698 17.77 -45.22 -16.83
N THR A 699 18.55 -45.86 -15.95
CA THR A 699 19.53 -46.83 -16.40
C THR A 699 18.86 -48.05 -17.00
N ASP A 700 17.73 -48.48 -16.43
CA ASP A 700 17.01 -49.61 -16.99
C ASP A 700 16.54 -49.31 -18.40
N SER A 701 16.00 -48.12 -18.64
CA SER A 701 15.43 -47.81 -19.94
C SER A 701 16.50 -47.76 -21.01
N VAL A 702 17.63 -47.10 -20.71
CA VAL A 702 18.68 -46.97 -21.71
C VAL A 702 19.29 -48.33 -22.02
N VAL A 703 19.45 -49.18 -21.01
CA VAL A 703 19.89 -50.55 -21.24
C VAL A 703 18.86 -51.31 -22.06
N SER A 704 17.58 -51.16 -21.69
CA SER A 704 16.52 -51.87 -22.38
C SER A 704 16.43 -51.46 -23.85
N LEU A 705 16.52 -50.16 -24.12
CA LEU A 705 16.43 -49.68 -25.49
C LEU A 705 17.57 -50.16 -26.36
N GLU A 706 18.74 -50.42 -25.77
CA GLU A 706 19.85 -50.97 -26.52
C GLU A 706 19.75 -52.47 -26.71
N GLY A 707 18.84 -53.13 -25.99
CA GLY A 707 18.57 -54.53 -26.24
C GLY A 707 17.70 -54.78 -27.45
N GLU A 708 17.15 -53.71 -28.04
CA GLU A 708 16.33 -53.81 -29.23
C GLU A 708 17.09 -53.45 -30.50
N THR A 709 17.81 -52.32 -30.50
CA THR A 709 18.50 -51.85 -31.68
C THR A 709 19.88 -52.48 -31.85
N GLY A 710 20.38 -53.14 -30.81
CA GLY A 710 21.69 -53.78 -30.88
C GLY A 710 22.80 -52.81 -31.20
N SER A 711 22.71 -51.60 -30.67
CA SER A 711 23.72 -50.58 -30.93
C SER A 711 23.98 -49.78 -29.66
N PRO A 712 25.15 -49.95 -29.03
CA PRO A 712 25.44 -49.16 -27.82
C PRO A 712 25.56 -47.68 -28.15
N ASN A 713 24.85 -46.87 -27.39
CA ASN A 713 24.90 -45.42 -27.56
C ASN A 713 25.73 -44.86 -26.42
N TRP A 714 26.80 -44.16 -26.78
CA TRP A 714 27.69 -43.57 -25.80
C TRP A 714 27.44 -42.10 -25.54
N VAL A 715 26.72 -41.43 -26.44
CA VAL A 715 26.31 -40.04 -26.17
C VAL A 715 25.38 -40.01 -24.97
N VAL A 716 24.42 -40.93 -24.93
CA VAL A 716 23.48 -40.95 -23.81
C VAL A 716 24.15 -41.49 -22.56
N ARG A 717 25.13 -42.39 -22.72
CA ARG A 717 25.86 -42.88 -21.56
C ARG A 717 26.76 -41.80 -20.98
N LEU A 718 27.09 -40.78 -21.77
CA LEU A 718 27.92 -39.70 -21.29
C LEU A 718 27.11 -38.69 -20.49
N LEU A 719 25.97 -38.26 -21.03
CA LEU A 719 25.14 -37.27 -20.37
C LEU A 719 24.71 -37.74 -18.99
N ILE A 720 24.47 -39.04 -18.85
CA ILE A 720 24.05 -39.60 -17.57
C ILE A 720 25.15 -39.42 -16.53
N HIS A 721 26.40 -39.70 -16.93
CA HIS A 721 27.52 -39.57 -16.01
C HIS A 721 27.74 -38.12 -15.59
N ARG A 722 27.54 -37.19 -16.53
CA ARG A 722 27.74 -35.78 -16.24
C ARG A 722 26.85 -35.36 -15.08
N LEU A 723 25.69 -35.98 -14.96
CA LEU A 723 24.79 -35.77 -13.82
C LEU A 723 25.03 -36.91 -12.84
N LYS A 724 26.08 -36.80 -12.04
CA LYS A 724 26.53 -37.90 -11.19
C LYS A 724 26.22 -37.58 -9.73
N VAL A 725 25.12 -38.15 -9.23
CA VAL A 725 24.80 -38.09 -7.80
C VAL A 725 24.41 -39.49 -7.32
N PHE B 27 57.40 -34.64 -7.27
CA PHE B 27 58.40 -33.64 -7.60
C PHE B 27 59.72 -34.30 -7.99
N ILE B 28 59.72 -35.63 -8.04
CA ILE B 28 60.86 -36.42 -8.49
C ILE B 28 60.35 -37.65 -9.21
N LEU B 29 61.04 -38.04 -10.28
CA LEU B 29 60.64 -39.20 -11.07
C LEU B 29 60.97 -40.48 -10.30
N ASN B 30 60.57 -41.62 -10.87
CA ASN B 30 60.85 -42.93 -10.30
C ASN B 30 61.78 -43.67 -11.25
N SER B 31 62.48 -44.66 -10.72
CA SER B 31 63.41 -45.42 -11.54
C SER B 31 62.71 -46.62 -12.16
N THR B 32 62.26 -47.56 -11.32
CA THR B 32 61.37 -48.67 -11.65
C THR B 32 61.14 -48.86 -13.14
N LEU B 33 60.04 -48.29 -13.63
CA LEU B 33 59.68 -48.28 -15.03
C LEU B 33 60.78 -47.70 -15.92
N SER B 34 61.25 -46.51 -15.58
CA SER B 34 62.15 -45.75 -16.44
C SER B 34 63.55 -46.34 -16.43
N SER B 35 63.89 -47.11 -17.45
CA SER B 35 65.17 -47.80 -17.52
C SER B 35 66.07 -47.21 -18.61
N PRO B 42 75.79 -41.50 -27.14
CA PRO B 42 74.49 -41.17 -26.54
C PRO B 42 73.65 -40.26 -27.44
N ASP B 43 74.19 -39.92 -28.62
CA ASP B 43 73.45 -39.16 -29.61
C ASP B 43 72.68 -40.12 -30.51
N ILE B 44 71.87 -39.58 -31.42
CA ILE B 44 71.09 -40.38 -32.37
C ILE B 44 71.43 -39.86 -33.76
N ALA B 45 72.46 -40.44 -34.37
CA ALA B 45 72.89 -40.08 -35.73
C ALA B 45 73.05 -38.57 -35.89
N GLY B 46 73.59 -37.93 -34.85
CA GLY B 46 73.71 -36.49 -34.82
C GLY B 46 72.56 -35.77 -34.15
N PHE B 47 71.45 -36.44 -33.90
CA PHE B 47 70.32 -35.85 -33.20
C PHE B 47 70.43 -36.16 -31.71
N CYS B 48 70.10 -35.15 -30.89
CA CYS B 48 70.06 -35.28 -29.43
C CYS B 48 71.43 -35.68 -28.92
N SER B 49 72.42 -34.80 -29.09
CA SER B 49 73.79 -35.15 -28.75
C SER B 49 73.96 -35.35 -27.26
N GLY B 50 73.97 -36.61 -26.84
CA GLY B 50 74.20 -36.96 -25.44
C GLY B 50 72.89 -37.08 -24.67
N TYR B 51 72.48 -38.30 -24.36
CA TYR B 51 71.23 -38.52 -23.63
C TYR B 51 71.18 -39.94 -23.08
N ARG B 54 64.94 -44.30 -20.65
CA ARG B 54 64.08 -44.47 -19.49
C ARG B 54 62.64 -44.22 -19.89
N ARG B 55 61.86 -45.30 -19.89
CA ARG B 55 60.53 -45.28 -20.47
C ARG B 55 59.68 -46.21 -19.61
N HIS B 56 58.47 -45.77 -19.26
CA HIS B 56 57.55 -46.62 -18.52
C HIS B 56 57.28 -47.92 -19.24
N ALA B 62 48.96 -52.32 -24.10
CA ALA B 62 48.99 -51.43 -25.25
C ALA B 62 48.71 -52.19 -26.54
N ASN B 63 49.14 -53.45 -26.57
CA ASN B 63 48.96 -54.29 -27.75
C ASN B 63 47.50 -54.62 -27.98
N GLU B 64 46.84 -55.19 -26.96
CA GLU B 64 45.42 -55.50 -27.10
C GLU B 64 44.59 -54.22 -27.18
N GLY B 65 45.04 -53.16 -26.51
CA GLY B 65 44.42 -51.86 -26.65
C GLY B 65 44.55 -51.35 -28.07
N SER B 66 45.67 -51.69 -28.70
CA SER B 66 45.88 -51.29 -30.08
C SER B 66 44.87 -51.95 -31.01
N LEU B 67 44.67 -53.25 -30.85
CA LEU B 67 43.74 -53.97 -31.72
C LEU B 67 42.31 -53.49 -31.51
N ARG B 68 41.97 -53.14 -30.27
CA ARG B 68 40.60 -52.71 -29.97
C ARG B 68 40.25 -51.40 -30.67
N CYS B 69 41.09 -50.37 -30.47
CA CYS B 69 40.76 -49.04 -30.99
C CYS B 69 40.78 -49.02 -32.51
N ARG B 70 41.73 -49.74 -33.11
CA ARG B 70 41.71 -49.87 -34.57
C ARG B 70 40.44 -50.54 -35.04
N THR B 71 40.02 -51.60 -34.33
CA THR B 71 38.77 -52.26 -34.67
C THR B 71 37.59 -51.33 -34.49
N ASP B 72 37.65 -50.44 -33.49
CA ASP B 72 36.59 -49.46 -33.30
C ASP B 72 36.44 -48.57 -34.52
N TRP B 73 37.55 -48.18 -35.14
CA TRP B 73 37.46 -47.33 -36.32
C TRP B 73 36.85 -48.06 -37.50
N GLU B 74 36.69 -49.38 -37.41
CA GLU B 74 35.85 -50.12 -38.35
C GLU B 74 34.55 -50.60 -37.71
N GLN B 75 34.45 -50.59 -36.38
CA GLN B 75 33.21 -51.00 -35.73
C GLN B 75 32.11 -49.96 -35.92
N PHE B 76 32.48 -48.68 -36.02
CA PHE B 76 31.51 -47.60 -36.16
C PHE B 76 31.84 -46.66 -37.31
N ILE B 77 33.04 -46.75 -37.89
CA ILE B 77 33.54 -45.82 -38.89
C ILE B 77 34.07 -46.64 -40.06
N GLY B 78 34.25 -46.01 -41.22
CA GLY B 78 34.90 -46.66 -42.34
C GLY B 78 36.35 -46.97 -42.03
N PRO B 79 36.91 -47.96 -42.72
CA PRO B 79 38.27 -48.43 -42.37
C PRO B 79 39.35 -47.44 -42.76
N ILE B 80 40.53 -47.63 -42.17
CA ILE B 80 41.72 -46.87 -42.52
C ILE B 80 42.86 -47.83 -42.86
N GLU B 81 44.04 -47.30 -43.18
CA GLU B 81 45.16 -48.14 -43.59
C GLU B 81 46.45 -47.78 -42.87
N ARG B 82 46.55 -46.55 -42.37
CA ARG B 82 47.79 -46.09 -41.73
C ARG B 82 48.08 -46.85 -40.44
N TRP B 89 60.23 -52.90 -32.48
CA TRP B 89 61.53 -52.23 -32.58
C TRP B 89 61.63 -51.12 -31.56
N GLU B 90 61.02 -49.98 -31.89
CA GLU B 90 60.98 -48.88 -30.94
C GLU B 90 59.95 -49.12 -29.85
N GLY B 91 59.04 -50.05 -30.04
CA GLY B 91 57.97 -50.24 -29.09
C GLY B 91 56.70 -49.63 -29.63
N HIS B 92 55.57 -50.03 -29.04
CA HIS B 92 54.26 -49.66 -29.57
C HIS B 92 53.93 -48.19 -29.29
N PHE B 93 54.03 -47.34 -30.32
CA PHE B 93 53.76 -45.91 -30.26
C PHE B 93 54.19 -45.27 -28.94
N GLY B 94 53.32 -45.34 -27.94
CA GLY B 94 53.58 -44.73 -26.65
C GLY B 94 54.85 -45.27 -26.02
N ALA B 95 55.12 -46.55 -26.25
CA ALA B 95 56.30 -47.22 -25.75
C ALA B 95 57.58 -46.43 -26.07
N VAL B 96 57.50 -45.49 -27.01
CA VAL B 96 58.46 -44.41 -27.14
C VAL B 96 57.85 -43.00 -27.30
N VAL B 97 56.52 -42.86 -27.32
CA VAL B 97 55.94 -41.54 -27.51
C VAL B 97 55.84 -40.79 -26.18
N LEU B 98 55.29 -41.41 -25.14
CA LEU B 98 55.15 -40.79 -23.83
C LEU B 98 55.60 -41.79 -22.77
N PRO B 99 56.69 -41.49 -22.06
CA PRO B 99 57.33 -42.48 -21.17
C PRO B 99 56.84 -42.50 -19.73
N PHE B 100 55.70 -41.88 -19.39
CA PHE B 100 55.35 -41.69 -17.98
C PHE B 100 53.83 -41.73 -17.82
N CYS B 101 53.30 -42.89 -17.42
CA CYS B 101 51.89 -43.07 -17.15
C CYS B 101 51.74 -44.24 -16.18
N LYS B 102 50.84 -44.10 -15.21
CA LYS B 102 50.59 -45.23 -14.31
C LYS B 102 50.06 -46.40 -15.14
N PRO B 103 50.41 -47.64 -14.80
CA PRO B 103 50.07 -48.77 -15.66
C PRO B 103 48.58 -48.89 -15.97
N GLU B 104 47.73 -48.55 -15.01
CA GLU B 104 46.29 -48.68 -15.19
C GLU B 104 45.79 -47.82 -16.34
N ARG B 105 46.13 -46.53 -16.36
CA ARG B 105 45.63 -45.65 -17.40
C ARG B 105 46.50 -45.63 -18.64
N LEU B 106 47.70 -46.21 -18.59
CA LEU B 106 48.59 -46.17 -19.75
C LEU B 106 47.93 -46.80 -20.97
N ALA B 107 47.24 -47.93 -20.77
CA ALA B 107 46.48 -48.52 -21.85
C ALA B 107 45.43 -47.55 -22.37
N VAL B 108 44.70 -46.90 -21.46
CA VAL B 108 43.75 -45.88 -21.87
C VAL B 108 44.49 -44.67 -22.45
N ILE B 109 45.67 -44.35 -21.89
CA ILE B 109 46.51 -43.33 -22.51
C ILE B 109 46.94 -43.79 -23.90
N CYS B 110 47.41 -45.03 -24.01
CA CYS B 110 47.69 -45.60 -25.31
C CYS B 110 46.43 -45.69 -26.16
N TYR B 111 45.30 -45.98 -25.53
CA TYR B 111 44.03 -45.92 -26.25
C TYR B 111 43.76 -44.51 -26.74
N ILE B 112 43.82 -43.52 -25.84
CA ILE B 112 43.60 -42.14 -26.25
C ILE B 112 44.71 -41.64 -27.16
N PHE B 113 45.91 -42.20 -27.05
CA PHE B 113 46.93 -41.95 -28.07
C PHE B 113 46.66 -42.69 -29.36
N GLU B 114 46.09 -43.90 -29.29
CA GLU B 114 45.70 -44.52 -30.54
C GLU B 114 44.35 -44.00 -30.98
N TYR B 115 43.54 -43.51 -30.06
CA TYR B 115 42.45 -42.61 -30.45
C TYR B 115 43.02 -41.32 -31.00
N ALA B 116 44.15 -40.86 -30.46
CA ALA B 116 44.86 -39.76 -31.10
C ALA B 116 45.44 -40.24 -32.43
N PHE B 117 45.77 -41.53 -32.52
CA PHE B 117 46.09 -42.10 -33.82
C PHE B 117 44.84 -42.22 -34.67
N LEU B 118 43.70 -42.51 -34.03
CA LEU B 118 42.42 -42.33 -34.71
C LEU B 118 42.12 -40.86 -34.95
N TYR B 119 42.56 -39.98 -34.05
CA TYR B 119 42.51 -38.55 -34.33
C TYR B 119 43.60 -38.16 -35.32
N ASP B 120 44.72 -38.88 -35.33
CA ASP B 120 45.64 -38.79 -36.46
C ASP B 120 44.96 -39.30 -37.72
N ASN B 121 44.16 -40.36 -37.61
CA ASN B 121 43.33 -40.79 -38.72
C ASN B 121 42.31 -39.70 -39.06
N VAL B 122 41.81 -39.00 -38.05
CA VAL B 122 41.03 -37.79 -38.29
C VAL B 122 41.89 -36.74 -38.97
N VAL B 123 43.13 -36.57 -38.49
CA VAL B 123 44.07 -35.65 -39.12
C VAL B 123 44.36 -36.12 -40.54
N GLU B 124 44.57 -37.43 -40.71
CA GLU B 124 44.77 -38.01 -42.03
C GLU B 124 43.47 -37.99 -42.82
N THR B 147 27.83 -41.67 -45.68
CA THR B 147 28.56 -40.58 -45.03
C THR B 147 27.76 -40.02 -43.86
N VAL B 148 26.43 -40.07 -43.97
CA VAL B 148 25.54 -39.56 -42.94
C VAL B 148 25.74 -40.37 -41.68
N ARG B 149 25.73 -41.70 -41.80
CA ARG B 149 26.01 -42.55 -40.65
C ARG B 149 27.46 -42.37 -40.19
N SER B 150 28.39 -42.18 -41.13
CA SER B 150 29.79 -41.99 -40.77
C SER B 150 29.97 -40.70 -39.98
N ILE B 151 29.34 -39.61 -40.42
CA ILE B 151 29.41 -38.36 -39.67
C ILE B 151 28.78 -38.54 -38.30
N LEU B 152 27.63 -39.21 -38.25
CA LEU B 152 27.01 -39.55 -36.98
C LEU B 152 27.90 -40.51 -36.19
N GLY B 153 28.55 -41.44 -36.89
CA GLY B 153 29.42 -42.38 -36.21
C GLY B 153 30.63 -41.73 -35.58
N THR B 154 31.06 -40.58 -36.11
CA THR B 154 32.20 -39.88 -35.53
C THR B 154 31.90 -39.43 -34.11
N LYS B 155 30.70 -38.88 -33.89
CA LYS B 155 30.34 -38.43 -32.55
C LYS B 155 30.23 -39.60 -31.58
N GLN B 156 29.88 -40.78 -32.08
CA GLN B 156 29.74 -41.96 -31.25
C GLN B 156 31.06 -42.34 -30.61
N ILE B 157 32.08 -42.63 -31.43
CA ILE B 157 33.36 -43.07 -30.88
C ILE B 157 34.07 -41.92 -30.15
N GLN B 158 33.81 -40.68 -30.58
CA GLN B 158 34.45 -39.54 -29.95
C GLN B 158 33.99 -39.38 -28.51
N SER B 159 32.72 -39.66 -28.25
CA SER B 159 32.24 -39.62 -26.88
C SER B 159 32.64 -40.84 -26.07
N LYS B 160 33.20 -41.87 -26.70
CA LYS B 160 33.48 -43.12 -25.99
C LYS B 160 34.70 -42.97 -25.09
N MET B 161 35.83 -42.55 -25.66
CA MET B 161 37.04 -42.43 -24.85
C MET B 161 36.97 -41.22 -23.93
N LEU B 162 36.15 -40.23 -24.29
CA LEU B 162 35.90 -39.10 -23.41
C LEU B 162 35.31 -39.60 -22.10
N LEU B 163 34.46 -40.62 -22.18
CA LEU B 163 33.95 -41.26 -20.96
C LEU B 163 35.10 -41.86 -20.16
N GLU B 164 36.02 -42.55 -20.84
CA GLU B 164 37.19 -43.09 -20.15
C GLU B 164 38.03 -41.98 -19.56
N LEU B 165 38.10 -40.84 -20.24
CA LEU B 165 38.82 -39.68 -19.70
C LEU B 165 38.19 -39.22 -18.40
N LEU B 166 36.86 -39.13 -18.36
CA LEU B 166 36.17 -38.79 -17.13
C LEU B 166 36.11 -39.96 -16.16
N SER B 167 36.45 -41.16 -16.60
CA SER B 167 36.34 -42.34 -15.74
C SER B 167 37.56 -42.59 -14.88
N ILE B 168 38.64 -41.83 -15.06
CA ILE B 168 39.87 -42.13 -14.33
C ILE B 168 40.21 -41.00 -13.36
N ASP B 169 40.47 -39.80 -13.89
CA ASP B 169 40.99 -38.73 -13.06
C ASP B 169 40.31 -37.39 -13.37
N ALA B 170 38.97 -37.39 -13.37
CA ALA B 170 38.14 -36.25 -13.76
C ALA B 170 38.68 -34.91 -13.27
N PRO B 171 39.08 -34.75 -11.98
CA PRO B 171 39.69 -33.48 -11.55
C PRO B 171 40.90 -33.11 -12.39
N ARG B 172 41.85 -34.05 -12.51
CA ARG B 172 42.98 -33.87 -13.41
C ARG B 172 42.51 -33.87 -14.86
N ALA B 173 41.59 -34.77 -15.18
CA ALA B 173 41.07 -34.86 -16.54
C ALA B 173 40.36 -33.57 -16.94
N GLU B 174 39.84 -32.83 -15.96
CA GLU B 174 39.27 -31.52 -16.25
C GLU B 174 40.27 -30.66 -17.01
N VAL B 175 41.49 -30.57 -16.50
CA VAL B 175 42.55 -29.88 -17.23
C VAL B 175 42.87 -30.60 -18.52
N VAL B 176 42.77 -31.93 -18.51
CA VAL B 176 43.03 -32.72 -19.71
C VAL B 176 41.91 -32.54 -20.72
N ILE B 177 40.66 -32.54 -20.24
CA ILE B 177 39.55 -32.18 -21.13
C ILE B 177 39.68 -30.73 -21.55
N ASN B 178 40.17 -29.87 -20.65
CA ASN B 178 40.62 -28.56 -21.08
C ASN B 178 41.76 -28.69 -22.08
N SER B 179 42.73 -29.55 -21.79
CA SER B 179 43.82 -29.81 -22.72
C SER B 179 43.29 -30.40 -24.01
N TRP B 180 42.22 -31.18 -23.92
CA TRP B 180 41.50 -31.57 -25.12
C TRP B 180 41.02 -30.33 -25.86
N LYS B 181 40.31 -29.45 -25.15
CA LYS B 181 39.91 -28.18 -25.75
C LYS B 181 41.14 -27.34 -26.10
N GLU B 182 42.08 -27.23 -25.16
CA GLU B 182 43.26 -26.38 -25.32
C GLU B 182 43.99 -26.74 -26.61
N MET B 183 44.03 -28.01 -26.97
CA MET B 183 44.63 -28.39 -28.24
C MET B 183 43.63 -28.24 -29.37
N ILE B 184 42.37 -28.65 -29.15
CA ILE B 184 41.34 -28.49 -30.18
C ILE B 184 41.08 -27.02 -30.48
N SER B 185 40.86 -26.22 -29.44
CA SER B 185 40.51 -24.82 -29.64
C SER B 185 41.65 -24.05 -30.31
N THR B 186 42.89 -24.32 -29.89
CA THR B 186 44.03 -23.61 -30.45
C THR B 186 44.32 -24.06 -31.88
N THR B 187 44.30 -25.38 -32.11
CA THR B 187 44.59 -25.90 -33.44
C THR B 187 43.49 -25.54 -34.43
N ALA B 188 42.24 -25.74 -34.03
CA ALA B 188 41.10 -25.45 -34.90
C ALA B 188 40.61 -24.03 -34.68
N TYR B 202 57.19 -22.53 -39.36
CA TYR B 202 56.21 -23.56 -39.04
C TYR B 202 56.24 -23.89 -37.56
N VAL B 203 57.41 -23.67 -36.94
CA VAL B 203 57.69 -24.12 -35.57
C VAL B 203 56.64 -23.57 -34.61
N ASP B 204 56.24 -22.31 -34.81
CA ASP B 204 55.24 -21.70 -33.95
C ASP B 204 53.92 -22.46 -34.00
N TYR B 205 53.41 -22.71 -35.21
CA TYR B 205 52.17 -23.46 -35.34
C TYR B 205 52.44 -24.95 -35.14
N ARG B 206 53.70 -25.36 -35.29
CA ARG B 206 54.08 -26.74 -34.99
C ARG B 206 53.90 -27.05 -33.51
N ILE B 207 54.13 -26.07 -32.64
CA ILE B 207 53.94 -26.27 -31.21
C ILE B 207 52.51 -26.71 -30.91
N ILE B 208 51.55 -26.25 -31.69
CA ILE B 208 50.15 -26.65 -31.53
C ILE B 208 49.73 -27.73 -32.51
N ASP B 209 50.41 -27.86 -33.65
CA ASP B 209 50.01 -28.87 -34.65
C ASP B 209 50.09 -30.27 -34.07
N THR B 210 51.24 -30.65 -33.51
CA THR B 210 51.31 -31.90 -32.77
C THR B 210 50.54 -31.82 -31.46
N GLY B 211 50.36 -30.62 -30.93
CA GLY B 211 49.82 -30.49 -29.59
C GLY B 211 50.66 -31.16 -28.54
N ALA B 212 51.99 -30.97 -28.60
CA ALA B 212 52.88 -31.56 -27.61
C ALA B 212 52.51 -31.17 -26.19
N PRO B 213 52.13 -29.91 -25.88
CA PRO B 213 51.52 -29.65 -24.57
C PRO B 213 50.36 -30.59 -24.26
N PHE B 214 49.45 -30.79 -25.22
CA PHE B 214 48.37 -31.75 -25.04
C PHE B 214 48.94 -33.15 -24.82
N VAL B 215 49.95 -33.52 -25.60
CA VAL B 215 50.68 -34.76 -25.34
C VAL B 215 51.33 -34.69 -23.96
N ASP B 216 51.96 -33.56 -23.64
CA ASP B 216 52.51 -33.36 -22.30
C ASP B 216 51.41 -33.39 -21.25
N MET B 217 50.27 -32.76 -21.55
CA MET B 217 49.18 -32.72 -20.58
C MET B 217 48.65 -34.11 -20.29
N LEU B 218 48.74 -35.02 -21.26
CA LEU B 218 48.39 -36.40 -20.99
C LEU B 218 49.50 -37.12 -20.23
N MET B 219 50.73 -36.60 -20.31
CA MET B 219 51.83 -37.17 -19.55
C MET B 219 51.65 -36.91 -18.06
N ARG B 220 51.37 -35.66 -17.70
CA ARG B 220 51.02 -35.34 -16.32
C ARG B 220 49.71 -36.03 -15.95
N PHE B 221 48.79 -36.15 -16.91
CA PHE B 221 47.61 -36.98 -16.70
C PHE B 221 47.99 -38.42 -16.45
N GLY B 222 48.98 -38.93 -17.20
CA GLY B 222 49.42 -40.30 -17.00
C GLY B 222 50.04 -40.51 -15.63
N MET B 223 50.92 -39.59 -15.22
CA MET B 223 51.54 -39.67 -13.91
C MET B 223 50.69 -39.09 -12.81
N GLY B 224 49.53 -38.54 -13.15
CA GLY B 224 48.71 -37.90 -12.15
C GLY B 224 49.36 -36.66 -11.57
N ILE B 225 49.87 -35.80 -12.43
CA ILE B 225 50.58 -34.60 -12.02
C ILE B 225 49.73 -33.37 -12.37
N MET B 226 49.52 -32.49 -11.40
CA MET B 226 48.93 -31.17 -11.62
C MET B 226 50.03 -30.13 -11.80
N LEU B 227 49.61 -28.91 -12.11
CA LEU B 227 50.51 -27.76 -12.17
C LEU B 227 49.66 -26.50 -12.01
N THR B 228 50.32 -25.35 -11.88
CA THR B 228 49.61 -24.09 -11.67
C THR B 228 49.95 -23.13 -12.79
N GLN B 229 49.04 -22.21 -13.07
CA GLN B 229 49.23 -21.29 -14.19
C GLN B 229 50.35 -20.29 -13.91
N GLU B 230 50.62 -19.98 -12.64
CA GLU B 230 51.78 -19.15 -12.35
C GLU B 230 53.08 -19.93 -12.55
N GLU B 231 53.03 -21.25 -12.34
CA GLU B 231 54.17 -22.10 -12.69
C GLU B 231 54.32 -22.19 -14.20
N GLN B 232 53.21 -22.11 -14.93
CA GLN B 232 53.27 -22.11 -16.39
C GLN B 232 54.04 -20.91 -16.91
N LYS B 233 53.88 -19.75 -16.27
CA LYS B 233 54.63 -18.57 -16.67
C LYS B 233 56.12 -18.74 -16.42
N ARG B 234 56.49 -19.56 -15.44
CA ARG B 234 57.90 -19.77 -15.15
C ARG B 234 58.59 -20.57 -16.24
N ILE B 235 57.81 -21.26 -17.07
CA ILE B 235 58.35 -22.12 -18.11
C ILE B 235 57.87 -21.69 -19.50
N GLU B 236 57.37 -20.46 -19.63
CA GLU B 236 56.66 -20.04 -20.83
C GLU B 236 57.49 -20.27 -22.09
N PRO B 237 58.77 -19.84 -22.14
CA PRO B 237 59.62 -20.27 -23.26
C PRO B 237 60.53 -21.43 -22.91
N ILE B 238 60.42 -21.97 -21.71
CA ILE B 238 61.43 -22.86 -21.14
C ILE B 238 61.11 -24.33 -21.37
N VAL B 239 59.83 -24.72 -21.24
CA VAL B 239 59.49 -26.11 -21.51
C VAL B 239 59.31 -26.38 -23.00
N LYS B 240 58.98 -25.36 -23.79
CA LYS B 240 58.70 -25.59 -25.20
C LYS B 240 59.89 -26.06 -26.03
N PRO B 241 61.19 -25.78 -25.67
CA PRO B 241 62.28 -26.37 -26.44
C PRO B 241 62.14 -27.86 -26.72
N CYS B 242 61.89 -28.65 -25.68
CA CYS B 242 61.67 -30.08 -25.87
C CYS B 242 60.47 -30.32 -26.78
N TYR B 243 59.34 -29.67 -26.48
CA TYR B 243 58.16 -29.80 -27.32
C TYR B 243 58.41 -29.25 -28.71
N ALA B 244 59.25 -28.22 -28.81
CA ALA B 244 59.78 -27.85 -30.12
C ALA B 244 60.71 -28.93 -30.65
N ALA B 245 61.62 -29.43 -29.81
CA ALA B 245 62.52 -30.51 -30.25
C ALA B 245 61.75 -31.79 -30.56
N LEU B 246 60.75 -32.14 -29.74
CA LEU B 246 59.89 -33.26 -30.09
C LEU B 246 59.16 -32.98 -31.40
N GLY B 247 58.67 -31.75 -31.55
CA GLY B 247 58.18 -31.33 -32.85
C GLY B 247 59.27 -31.33 -33.90
N LEU B 248 60.44 -30.79 -33.57
CA LEU B 248 61.56 -30.79 -34.50
C LEU B 248 62.02 -32.21 -34.80
N ALA B 249 61.85 -33.13 -33.85
CA ALA B 249 62.05 -34.54 -34.15
C ALA B 249 61.04 -35.01 -35.19
N ASN B 250 59.76 -34.67 -34.98
CA ASN B 250 58.75 -34.91 -36.00
C ASN B 250 59.08 -34.10 -37.23
N ASP B 251 59.53 -32.86 -37.03
CA ASP B 251 59.95 -32.02 -38.15
C ASP B 251 61.22 -32.56 -38.80
N TYR B 252 61.86 -33.56 -38.19
CA TYR B 252 63.00 -34.19 -38.82
C TYR B 252 62.60 -35.44 -39.60
N PHE B 253 62.05 -36.44 -38.90
CA PHE B 253 61.90 -37.77 -39.49
C PHE B 253 60.52 -38.02 -40.09
N SER B 254 59.52 -37.20 -39.78
CA SER B 254 58.24 -37.34 -40.47
C SER B 254 58.41 -37.05 -41.96
N PHE B 255 59.52 -36.41 -42.31
CA PHE B 255 60.01 -36.26 -43.67
C PHE B 255 59.86 -37.54 -44.48
N ASP B 256 60.29 -38.67 -43.92
CA ASP B 256 60.55 -39.91 -44.65
C ASP B 256 59.47 -40.28 -45.67
N ILE B 257 58.26 -40.58 -45.21
CA ILE B 257 57.20 -40.98 -46.14
C ILE B 257 56.67 -39.77 -46.90
N GLU B 258 56.49 -38.65 -46.21
CA GLU B 258 55.85 -37.50 -46.82
C GLU B 258 56.79 -36.78 -47.78
N TRP B 259 58.09 -37.10 -47.74
CA TRP B 259 59.01 -36.62 -48.76
C TRP B 259 58.73 -37.34 -50.09
N GLU B 260 58.57 -38.67 -50.03
CA GLU B 260 58.14 -39.39 -51.23
C GLU B 260 56.71 -39.03 -51.58
N GLU B 261 55.95 -38.54 -50.60
CA GLU B 261 54.60 -38.07 -50.89
C GLU B 261 54.65 -36.71 -51.58
N PHE B 262 55.78 -36.02 -51.50
CA PHE B 262 55.92 -34.75 -52.21
C PHE B 262 55.81 -34.97 -53.71
N GLN B 263 56.48 -36.01 -54.21
CA GLN B 263 56.32 -36.40 -55.61
C GLN B 263 54.93 -37.01 -55.83
N ALA B 264 54.34 -37.56 -54.77
CA ALA B 264 52.99 -38.11 -54.89
C ALA B 264 51.93 -37.05 -54.72
N GLU B 265 51.90 -36.39 -53.56
CA GLU B 265 50.88 -35.39 -53.28
C GLU B 265 51.35 -34.00 -53.70
N SER B 266 51.84 -33.88 -54.94
CA SER B 266 52.13 -32.63 -55.62
C SER B 266 52.67 -31.51 -54.74
N ASP B 267 51.80 -30.54 -54.45
CA ASP B 267 52.25 -29.25 -53.90
C ASP B 267 52.68 -29.36 -52.44
N LYS B 268 51.76 -29.83 -51.58
CA LYS B 268 51.93 -29.81 -50.12
C LYS B 268 52.56 -28.51 -49.62
N THR B 269 52.10 -27.38 -50.20
CA THR B 269 52.57 -26.02 -49.96
C THR B 269 53.84 -25.93 -49.12
N THR B 270 53.69 -25.70 -47.82
CA THR B 270 54.77 -25.78 -46.86
C THR B 270 54.49 -27.01 -46.00
N MET B 271 55.30 -28.06 -46.19
CA MET B 271 55.02 -29.36 -45.61
C MET B 271 55.05 -29.30 -44.09
N THR B 272 54.34 -30.21 -43.42
CA THR B 272 54.42 -30.33 -41.97
C THR B 272 55.81 -30.87 -41.65
N ASN B 273 56.78 -29.95 -41.52
CA ASN B 273 58.19 -30.31 -41.37
C ASN B 273 59.04 -29.07 -41.13
N ALA B 274 60.25 -29.27 -40.60
CA ALA B 274 61.25 -28.21 -40.63
C ALA B 274 62.32 -28.51 -41.68
N VAL B 275 62.58 -29.80 -41.91
CA VAL B 275 63.53 -30.20 -42.95
C VAL B 275 63.00 -29.78 -44.32
N TRP B 276 61.71 -30.00 -44.55
CA TRP B 276 61.08 -29.57 -45.79
C TRP B 276 60.83 -28.07 -45.77
N LYS B 290 67.82 -30.31 -42.86
CA LYS B 290 67.95 -31.31 -41.82
C LYS B 290 69.12 -30.99 -40.88
N ARG B 291 70.30 -30.72 -41.46
CA ARG B 291 71.43 -30.29 -40.65
C ARG B 291 71.28 -28.86 -40.18
N ARG B 292 70.73 -27.99 -41.03
CA ARG B 292 70.38 -26.64 -40.57
C ARG B 292 69.34 -26.72 -39.47
N VAL B 293 68.35 -27.61 -39.62
CA VAL B 293 67.44 -27.91 -38.52
C VAL B 293 68.23 -28.35 -37.30
N GLN B 294 69.15 -29.31 -37.50
CA GLN B 294 70.04 -29.75 -36.43
C GLN B 294 71.00 -28.64 -36.02
N GLU B 295 71.25 -27.66 -36.89
CA GLU B 295 72.01 -26.51 -36.46
C GLU B 295 71.15 -25.61 -35.58
N VAL B 296 69.89 -25.38 -35.99
CA VAL B 296 68.93 -24.76 -35.10
C VAL B 296 68.63 -25.66 -33.92
N THR B 297 68.58 -26.98 -34.16
CA THR B 297 68.55 -27.95 -33.07
C THR B 297 69.95 -28.27 -32.56
N LYS B 298 70.95 -27.45 -32.92
CA LYS B 298 72.13 -27.30 -32.07
C LYS B 298 72.09 -25.96 -31.36
N GLN B 299 71.53 -24.95 -32.02
CA GLN B 299 71.05 -23.78 -31.30
C GLN B 299 70.02 -24.19 -30.26
N TYR B 300 69.29 -25.27 -30.53
CA TYR B 300 68.49 -25.88 -29.48
C TYR B 300 69.30 -26.86 -28.64
N GLU B 301 69.78 -27.97 -29.22
CA GLU B 301 70.34 -29.06 -28.43
C GLU B 301 71.37 -28.60 -27.41
N GLN B 302 72.46 -28.02 -27.89
CA GLN B 302 73.52 -27.54 -27.01
C GLN B 302 72.92 -26.58 -25.99
N GLN B 303 72.03 -25.70 -26.45
CA GLN B 303 71.29 -24.84 -25.54
C GLN B 303 70.26 -25.63 -24.74
N TYR B 304 69.56 -26.60 -25.34
CA TYR B 304 68.50 -27.33 -24.62
C TYR B 304 69.17 -28.26 -23.62
N LEU B 305 70.22 -28.96 -24.06
CA LEU B 305 70.97 -29.74 -23.08
C LEU B 305 71.43 -28.84 -21.94
N ARG B 306 71.75 -27.59 -22.26
CA ARG B 306 71.93 -26.59 -21.22
C ARG B 306 70.58 -26.17 -20.63
N ASN B 307 69.59 -25.93 -21.48
CA ASN B 307 68.28 -25.40 -21.05
C ASN B 307 67.67 -26.32 -20.00
N ILE B 308 67.92 -27.63 -20.12
CA ILE B 308 67.57 -28.56 -19.05
C ILE B 308 68.29 -28.08 -17.80
N ALA B 309 69.62 -28.07 -17.85
CA ALA B 309 70.42 -27.60 -16.71
C ALA B 309 70.19 -26.12 -16.43
N ASP B 310 70.08 -25.29 -17.47
CA ASP B 310 69.82 -23.87 -17.28
C ASP B 310 68.54 -23.67 -16.47
N PHE B 311 67.61 -24.61 -16.59
CA PHE B 311 66.51 -24.68 -15.65
C PHE B 311 66.90 -25.49 -14.42
N ALA B 312 67.40 -26.71 -14.62
CA ALA B 312 67.73 -27.62 -13.53
C ALA B 312 68.75 -27.04 -12.57
N ALA B 313 69.62 -26.15 -13.07
CA ALA B 313 70.54 -25.42 -12.21
C ALA B 313 70.15 -23.97 -12.05
N GLY B 314 69.10 -23.53 -12.74
CA GLY B 314 68.60 -22.17 -12.59
C GLY B 314 67.32 -22.13 -11.77
N GLU B 315 66.18 -21.96 -12.44
CA GLU B 315 64.91 -21.92 -11.74
C GLU B 315 64.45 -23.31 -11.30
N GLY B 316 64.72 -24.34 -12.10
CA GLY B 316 64.33 -25.68 -11.71
C GLY B 316 65.22 -26.26 -10.62
N LYS B 317 66.33 -25.57 -10.33
CA LYS B 317 67.15 -25.94 -9.19
C LYS B 317 66.33 -25.81 -7.91
N GLU B 318 65.54 -24.74 -7.82
CA GLU B 318 64.67 -24.51 -6.68
C GLU B 318 63.47 -25.43 -6.73
N ASN B 319 62.66 -25.33 -7.79
CA ASN B 319 61.48 -26.18 -7.92
C ASN B 319 61.84 -27.46 -8.67
N ILE B 320 61.76 -28.59 -7.98
CA ILE B 320 62.11 -29.88 -8.56
C ILE B 320 60.89 -30.48 -9.23
N LYS B 321 59.70 -30.03 -8.82
CA LYS B 321 58.46 -30.48 -9.45
C LYS B 321 58.50 -30.17 -10.94
N LEU B 322 58.86 -28.93 -11.29
CA LEU B 322 59.06 -28.60 -12.69
C LEU B 322 60.31 -29.25 -13.24
N GLN B 323 61.41 -29.24 -12.49
CA GLN B 323 62.66 -29.83 -12.96
C GLN B 323 62.48 -31.29 -13.31
N THR B 324 61.88 -32.07 -12.41
CA THR B 324 61.65 -33.49 -12.69
C THR B 324 60.65 -33.64 -13.83
N TYR B 325 59.80 -32.63 -14.05
CA TYR B 325 58.90 -32.63 -15.20
C TYR B 325 59.68 -32.39 -16.49
N LEU B 326 60.60 -31.42 -16.46
CA LEU B 326 61.54 -31.29 -17.58
C LEU B 326 62.55 -32.42 -17.59
N LYS B 327 62.81 -33.04 -16.44
CA LYS B 327 63.60 -34.26 -16.44
C LYS B 327 62.81 -35.42 -17.04
N ALA B 328 61.50 -35.45 -16.81
CA ALA B 328 60.64 -36.37 -17.56
C ALA B 328 60.61 -36.01 -19.03
N GLN B 329 60.49 -34.72 -19.35
CA GLN B 329 60.62 -34.30 -20.74
C GLN B 329 62.05 -34.51 -21.23
N GLY B 330 63.03 -34.34 -20.35
CA GLY B 330 64.39 -34.75 -20.66
C GLY B 330 64.55 -36.23 -20.82
N TYR B 331 63.77 -37.02 -20.06
CA TYR B 331 63.69 -38.45 -20.32
C TYR B 331 62.99 -38.74 -21.64
N GLN B 332 62.35 -37.74 -22.25
CA GLN B 332 61.44 -37.99 -23.36
C GLN B 332 62.10 -37.67 -24.69
N VAL B 333 63.02 -36.71 -24.72
CA VAL B 333 63.66 -36.27 -25.95
C VAL B 333 64.36 -37.44 -26.64
N PRO B 334 65.16 -38.27 -25.93
CA PRO B 334 65.66 -39.49 -26.60
C PRO B 334 64.56 -40.39 -27.10
N GLY B 335 63.46 -40.50 -26.34
CA GLY B 335 62.37 -41.37 -26.76
C GLY B 335 61.71 -40.92 -28.04
N ASN B 336 61.47 -39.61 -28.17
CA ASN B 336 60.84 -39.10 -29.39
C ASN B 336 61.73 -39.35 -30.60
N VAL B 337 63.03 -39.12 -30.47
CA VAL B 337 63.96 -39.50 -31.52
C VAL B 337 64.02 -41.01 -31.65
N ALA B 338 63.98 -41.72 -30.52
CA ALA B 338 63.88 -43.18 -30.57
C ALA B 338 62.60 -43.60 -31.28
N TRP B 339 61.48 -42.96 -30.95
CA TRP B 339 60.24 -43.21 -31.67
C TRP B 339 60.41 -42.94 -33.15
N SER B 340 60.94 -41.77 -33.48
CA SER B 340 61.09 -41.40 -34.88
C SER B 340 62.40 -41.90 -35.45
N LEU B 341 62.67 -43.19 -35.25
CA LEU B 341 63.80 -43.86 -35.89
C LEU B 341 63.30 -45.00 -36.78
N ARG B 342 62.47 -45.87 -36.22
CA ARG B 342 61.99 -47.04 -36.95
C ARG B 342 60.48 -47.02 -37.17
N CYS B 343 59.86 -45.85 -37.32
CA CYS B 343 58.43 -45.77 -37.50
C CYS B 343 57.98 -46.49 -38.77
N PRO B 344 56.87 -47.23 -38.72
CA PRO B 344 56.29 -47.74 -39.98
C PRO B 344 55.92 -46.63 -40.93
N ARG B 345 55.62 -45.44 -40.38
CA ARG B 345 55.47 -44.25 -41.22
C ARG B 345 56.70 -44.06 -42.10
N TYR B 346 57.89 -44.25 -41.52
CA TYR B 346 59.12 -43.98 -42.26
C TYR B 346 59.55 -45.17 -43.12
N HIS B 347 59.22 -46.40 -42.70
CA HIS B 347 59.53 -47.60 -43.45
C HIS B 347 58.24 -48.40 -43.64
N PRO B 348 57.40 -47.98 -44.59
CA PRO B 348 56.07 -48.61 -44.76
C PRO B 348 56.11 -50.10 -45.03
N TRP B 349 57.05 -50.54 -45.88
CA TRP B 349 57.06 -51.90 -46.43
C TRP B 349 56.90 -53.00 -45.38
N LEU B 350 57.29 -52.72 -44.14
CA LEU B 350 57.33 -53.72 -43.08
C LEU B 350 56.00 -54.45 -42.90
N CYS B 351 54.90 -53.69 -42.74
CA CYS B 351 53.53 -54.21 -42.63
C CYS B 351 53.44 -55.64 -42.11
N LYS B 352 53.53 -56.60 -43.03
CA LYS B 352 53.42 -58.02 -42.70
C LYS B 352 54.47 -58.43 -41.69
N GLU B 353 55.71 -57.99 -41.90
CA GLU B 353 56.76 -58.24 -40.92
C GLU B 353 56.43 -57.59 -39.58
N ALA B 354 55.97 -56.33 -39.62
CA ALA B 354 55.59 -55.64 -38.39
C ALA B 354 54.39 -56.32 -37.73
N ALA B 355 53.41 -56.75 -38.52
CA ALA B 355 52.24 -57.42 -37.97
C ALA B 355 52.63 -58.73 -37.31
N SER B 356 53.54 -59.49 -37.92
CA SER B 356 53.95 -60.77 -37.37
C SER B 356 54.64 -60.58 -36.01
N LEU B 357 55.53 -59.60 -35.91
CA LEU B 357 56.22 -59.33 -34.66
C LEU B 357 55.71 -58.05 -34.02
N LEU B 426 -3.00 -31.52 -13.01
CA LEU B 426 -3.78 -32.58 -13.65
C LEU B 426 -4.71 -32.03 -14.74
N GLY B 427 -5.76 -31.33 -14.32
CA GLY B 427 -6.76 -30.82 -15.24
C GLY B 427 -6.72 -29.32 -15.40
N ASP B 428 -7.80 -28.77 -15.96
CA ASP B 428 -7.95 -27.35 -16.24
C ASP B 428 -8.48 -26.62 -15.02
N GLU B 429 -9.05 -25.43 -15.26
CA GLU B 429 -9.70 -24.48 -14.35
C GLU B 429 -8.65 -23.64 -13.62
N HIS B 430 -7.39 -23.82 -14.00
CA HIS B 430 -6.36 -22.86 -13.70
C HIS B 430 -5.72 -22.28 -14.96
N LEU B 431 -5.95 -22.90 -16.12
CA LEU B 431 -5.53 -22.38 -17.41
C LEU B 431 -6.66 -21.62 -18.10
N LEU B 432 -7.82 -22.26 -18.23
CA LEU B 432 -8.97 -21.65 -18.87
C LEU B 432 -9.77 -20.77 -17.93
N GLY B 433 -9.37 -20.67 -16.67
CA GLY B 433 -10.06 -19.86 -15.71
C GLY B 433 -10.06 -18.38 -16.05
N PRO B 434 -8.87 -17.79 -16.11
CA PRO B 434 -8.80 -16.36 -16.46
C PRO B 434 -9.37 -16.03 -17.81
N ALA B 435 -9.29 -16.95 -18.78
CA ALA B 435 -9.84 -16.67 -20.10
C ALA B 435 -11.35 -16.54 -20.05
N GLU B 436 -12.01 -17.38 -19.26
CA GLU B 436 -13.47 -17.35 -19.18
C GLU B 436 -14.01 -16.18 -18.38
N TYR B 437 -13.16 -15.49 -17.62
CA TYR B 437 -13.62 -14.28 -16.94
C TYR B 437 -13.78 -13.13 -17.93
N ILE B 438 -12.82 -12.97 -18.84
CA ILE B 438 -12.85 -11.87 -19.80
C ILE B 438 -13.86 -12.10 -20.91
N SER B 439 -14.38 -13.31 -21.05
CA SER B 439 -15.40 -13.61 -22.05
C SER B 439 -16.80 -13.61 -21.44
N SER B 440 -16.92 -13.19 -20.18
CA SER B 440 -18.22 -13.05 -19.54
C SER B 440 -18.48 -11.58 -19.26
N LEU B 441 -17.43 -10.77 -19.31
CA LEU B 441 -17.60 -9.33 -19.19
C LEU B 441 -18.38 -8.81 -20.38
N PRO B 442 -19.15 -7.73 -20.20
CA PRO B 442 -19.99 -7.23 -21.30
C PRO B 442 -19.15 -6.57 -22.37
N SER B 443 -19.45 -6.91 -23.63
CA SER B 443 -18.74 -6.38 -24.77
C SER B 443 -19.71 -5.70 -25.71
N LYS B 444 -19.30 -4.53 -26.22
CA LYS B 444 -20.13 -3.79 -27.16
C LYS B 444 -20.37 -4.57 -28.43
N GLY B 445 -19.33 -5.17 -28.99
CA GLY B 445 -19.44 -5.92 -30.24
C GLY B 445 -19.00 -5.08 -31.41
N VAL B 446 -17.76 -5.26 -31.85
CA VAL B 446 -17.19 -4.48 -32.94
C VAL B 446 -16.63 -5.42 -33.99
N ARG B 447 -15.73 -6.30 -33.56
CA ARG B 447 -15.13 -7.28 -34.47
C ARG B 447 -16.16 -8.25 -35.01
N GLU B 448 -17.25 -8.47 -34.28
CA GLU B 448 -18.32 -9.33 -34.75
C GLU B 448 -19.15 -8.65 -35.83
N ALA B 449 -19.47 -7.37 -35.65
CA ALA B 449 -20.26 -6.63 -36.62
C ALA B 449 -19.55 -6.47 -37.96
N PHE B 450 -18.26 -6.16 -37.94
CA PHE B 450 -17.54 -6.03 -39.20
C PHE B 450 -17.37 -7.37 -39.89
N ILE B 451 -17.27 -8.44 -39.10
CA ILE B 451 -17.29 -9.79 -39.67
C ILE B 451 -18.61 -10.01 -40.39
N ASP B 452 -19.72 -9.58 -39.77
CA ASP B 452 -21.03 -9.76 -40.38
C ASP B 452 -21.15 -8.95 -41.66
N GLY B 453 -20.56 -7.75 -41.68
CA GLY B 453 -20.70 -6.89 -42.82
C GLY B 453 -20.17 -7.45 -44.12
N LEU B 454 -18.98 -8.02 -44.09
CA LEU B 454 -18.37 -8.57 -45.30
C LEU B 454 -19.08 -9.83 -45.76
N ASN B 455 -20.00 -10.35 -44.95
CA ASN B 455 -20.80 -11.47 -45.40
C ASN B 455 -21.77 -11.05 -46.50
N VAL B 456 -22.14 -9.76 -46.57
CA VAL B 456 -22.94 -9.26 -47.67
C VAL B 456 -22.22 -9.35 -48.99
N TRP B 457 -20.95 -8.95 -49.04
CA TRP B 457 -20.17 -8.87 -50.27
C TRP B 457 -19.52 -10.19 -50.65
N LEU B 458 -19.07 -10.97 -49.67
CA LEU B 458 -18.30 -12.17 -49.93
C LEU B 458 -19.12 -13.45 -49.82
N VAL B 459 -20.10 -13.49 -48.92
CA VAL B 459 -21.06 -14.58 -48.80
C VAL B 459 -20.36 -15.86 -48.35
N LEU B 460 -20.60 -16.26 -47.11
CA LEU B 460 -20.03 -17.46 -46.55
C LEU B 460 -21.13 -18.29 -45.91
N PRO B 461 -20.99 -19.61 -45.91
CA PRO B 461 -21.94 -20.45 -45.19
C PRO B 461 -22.06 -20.06 -43.73
N ASP B 462 -23.20 -20.40 -43.10
CA ASP B 462 -23.39 -20.05 -41.69
C ASP B 462 -22.37 -20.74 -40.81
N HIS B 463 -22.08 -22.02 -41.07
CA HIS B 463 -21.14 -22.77 -40.26
C HIS B 463 -19.77 -22.09 -40.18
N ARG B 464 -19.26 -21.67 -41.32
CA ARG B 464 -17.93 -21.09 -41.37
C ARG B 464 -17.91 -19.61 -41.05
N VAL B 465 -18.92 -19.06 -40.38
CA VAL B 465 -18.86 -17.68 -39.95
C VAL B 465 -18.67 -17.55 -38.45
N ASN B 466 -19.40 -18.33 -37.64
CA ASN B 466 -19.12 -18.35 -36.21
C ASN B 466 -17.72 -18.88 -35.93
N GLN B 467 -17.19 -19.74 -36.80
CA GLN B 467 -15.81 -20.18 -36.67
C GLN B 467 -14.86 -19.00 -36.79
N LEU B 468 -15.08 -18.14 -37.77
CA LEU B 468 -14.30 -16.90 -37.83
C LEU B 468 -14.72 -15.93 -36.74
N LYS B 469 -15.98 -15.99 -36.30
CA LYS B 469 -16.39 -15.18 -35.17
C LYS B 469 -15.69 -15.64 -33.90
N SER B 470 -15.57 -16.95 -33.70
CA SER B 470 -14.88 -17.48 -32.53
C SER B 470 -13.39 -17.15 -32.57
N ILE B 471 -12.79 -17.17 -33.76
CA ILE B 471 -11.39 -16.79 -33.90
C ILE B 471 -11.20 -15.34 -33.45
N ALA B 472 -12.09 -14.45 -33.89
CA ALA B 472 -11.93 -13.03 -33.61
C ALA B 472 -12.16 -12.74 -32.13
N GLN B 473 -13.20 -13.34 -31.54
CA GLN B 473 -13.51 -13.08 -30.14
C GLN B 473 -12.37 -13.52 -29.23
N THR B 474 -11.64 -14.57 -29.62
CA THR B 474 -10.55 -15.05 -28.80
C THR B 474 -9.33 -14.13 -28.86
N LEU B 475 -8.98 -13.64 -30.04
CA LEU B 475 -7.81 -12.76 -30.13
C LEU B 475 -8.04 -11.45 -29.39
N HIS B 476 -9.23 -10.87 -29.51
CA HIS B 476 -9.49 -9.61 -28.82
C HIS B 476 -9.45 -9.80 -27.31
N ASN B 477 -10.00 -10.91 -26.82
CA ASN B 477 -9.97 -11.19 -25.39
C ASN B 477 -8.55 -11.35 -24.88
N ALA B 478 -7.68 -12.00 -25.66
CA ALA B 478 -6.30 -12.22 -25.25
C ALA B 478 -5.54 -10.90 -25.15
N SER B 479 -5.65 -10.07 -26.18
CA SER B 479 -5.00 -8.77 -26.15
C SER B 479 -5.55 -7.91 -25.03
N LEU B 480 -6.84 -8.09 -24.72
CA LEU B 480 -7.45 -7.36 -23.61
C LEU B 480 -6.80 -7.73 -22.28
N MET B 481 -6.52 -9.01 -22.07
CA MET B 481 -5.98 -9.46 -20.79
C MET B 481 -4.59 -8.90 -20.56
N LEU B 482 -3.76 -8.85 -21.61
CA LEU B 482 -2.39 -8.38 -21.44
C LEU B 482 -2.36 -6.87 -21.22
N ASP B 483 -3.12 -6.12 -22.02
CA ASP B 483 -3.12 -4.67 -21.93
C ASP B 483 -3.40 -4.20 -20.52
N ASP B 484 -4.32 -4.88 -19.83
CA ASP B 484 -4.61 -4.53 -18.44
C ASP B 484 -3.36 -4.68 -17.58
N ILE B 485 -2.60 -5.75 -17.79
CA ILE B 485 -1.33 -5.92 -17.09
C ILE B 485 -0.36 -4.82 -17.48
N GLU B 486 -0.28 -4.51 -18.78
CA GLU B 486 0.67 -3.52 -19.25
C GLU B 486 0.27 -2.13 -18.76
N ASP B 487 -1.01 -1.78 -18.93
CA ASP B 487 -1.47 -0.44 -18.58
C ASP B 487 -1.73 -0.26 -17.09
N HIS B 488 -1.63 -1.33 -16.29
CA HIS B 488 -1.85 -1.26 -14.85
C HIS B 488 -3.25 -0.72 -14.53
N SER B 489 -4.25 -1.29 -15.17
CA SER B 489 -5.59 -0.84 -14.86
C SER B 489 -6.28 -1.78 -13.89
N PRO B 490 -7.01 -1.25 -12.91
CA PRO B 490 -7.69 -2.12 -11.95
C PRO B 490 -9.08 -2.54 -12.40
N LEU B 491 -9.68 -1.78 -13.31
CA LEU B 491 -11.06 -2.01 -13.73
C LEU B 491 -11.14 -2.10 -15.24
N ARG B 492 -12.27 -2.60 -15.73
CA ARG B 492 -12.54 -2.67 -17.15
C ARG B 492 -14.04 -2.60 -17.36
N ARG B 493 -14.50 -1.48 -17.89
CA ARG B 493 -15.93 -1.22 -18.09
C ARG B 493 -16.73 -1.45 -16.81
N GLY B 494 -16.18 -0.97 -15.70
CA GLY B 494 -16.85 -1.09 -14.42
C GLY B 494 -16.45 -2.29 -13.60
N ARG B 495 -16.57 -3.49 -14.16
CA ARG B 495 -16.22 -4.70 -13.45
C ARG B 495 -14.71 -4.80 -13.29
N PRO B 496 -14.22 -5.62 -12.35
CA PRO B 496 -12.78 -5.73 -12.11
C PRO B 496 -12.06 -6.35 -13.30
N SER B 497 -10.74 -6.22 -13.27
CA SER B 497 -9.87 -6.75 -14.30
C SER B 497 -9.34 -8.12 -13.89
N THR B 498 -8.94 -8.91 -14.88
CA THR B 498 -8.48 -10.26 -14.62
C THR B 498 -7.25 -10.26 -13.74
N HIS B 499 -6.32 -9.35 -14.00
CA HIS B 499 -5.06 -9.30 -13.28
C HIS B 499 -5.27 -8.91 -11.82
N MET B 500 -6.42 -8.31 -11.51
CA MET B 500 -6.75 -8.00 -10.12
C MET B 500 -7.62 -9.06 -9.49
N ILE B 501 -7.83 -10.18 -10.18
CA ILE B 501 -8.64 -11.25 -9.65
C ILE B 501 -7.81 -12.53 -9.58
N PHE B 502 -7.31 -12.99 -10.72
CA PHE B 502 -6.50 -14.20 -10.75
C PHE B 502 -5.03 -13.92 -10.53
N GLY B 503 -4.60 -12.68 -10.64
CA GLY B 503 -3.21 -12.31 -10.49
C GLY B 503 -2.51 -12.14 -11.81
N THR B 504 -1.41 -11.38 -11.76
CA THR B 504 -0.64 -11.10 -12.97
C THR B 504 -0.03 -12.37 -13.54
N GLU B 505 0.45 -13.24 -12.65
CA GLU B 505 1.17 -14.45 -13.01
C GLU B 505 0.32 -15.39 -13.87
N GLN B 506 -0.91 -15.66 -13.43
CA GLN B 506 -1.77 -16.59 -14.15
C GLN B 506 -2.34 -15.96 -15.41
N THR B 507 -2.58 -14.65 -15.41
CA THR B 507 -3.18 -14.00 -16.57
C THR B 507 -2.25 -14.08 -17.78
N ILE B 508 -0.94 -13.90 -17.58
CA ILE B 508 -0.01 -14.00 -18.68
C ILE B 508 0.04 -15.42 -19.21
N ASN B 509 -0.09 -16.41 -18.33
CA ASN B 509 -0.11 -17.81 -18.75
C ASN B 509 -1.29 -18.08 -19.68
N SER B 510 -2.49 -17.64 -19.29
CA SER B 510 -3.66 -17.87 -20.11
C SER B 510 -3.57 -17.09 -21.41
N ALA B 511 -2.95 -15.91 -21.37
CA ALA B 511 -2.82 -15.11 -22.59
C ALA B 511 -1.96 -15.83 -23.62
N ASN B 512 -0.84 -16.41 -23.18
CA ASN B 512 0.03 -17.12 -24.12
C ASN B 512 -0.67 -18.34 -24.70
N PHE B 513 -1.40 -19.08 -23.86
CA PHE B 513 -2.10 -20.27 -24.33
C PHE B 513 -3.19 -19.92 -25.32
N LEU B 514 -3.78 -18.74 -25.22
CA LEU B 514 -4.86 -18.39 -26.13
C LEU B 514 -4.39 -18.34 -27.57
N LEU B 515 -3.18 -17.80 -27.82
CA LEU B 515 -2.69 -17.75 -29.18
C LEU B 515 -2.57 -19.15 -29.80
N ILE B 516 -2.21 -20.14 -28.99
CA ILE B 516 -2.20 -21.52 -29.47
C ILE B 516 -3.61 -22.05 -29.69
N ASP B 517 -4.57 -21.67 -28.83
CA ASP B 517 -5.94 -22.12 -29.00
C ASP B 517 -6.53 -21.68 -30.33
N VAL B 518 -6.15 -20.50 -30.82
CA VAL B 518 -6.61 -20.05 -32.13
C VAL B 518 -6.03 -20.88 -33.26
N MET B 519 -4.81 -21.36 -33.13
CA MET B 519 -4.18 -22.13 -34.18
C MET B 519 -4.86 -23.47 -34.39
N GLU B 520 -5.48 -24.03 -33.35
CA GLU B 520 -6.39 -25.14 -33.54
C GLU B 520 -7.60 -24.71 -34.37
N LYS B 521 -8.10 -23.50 -34.10
CA LYS B 521 -9.31 -23.05 -34.77
C LYS B 521 -9.05 -22.65 -36.22
N VAL B 522 -7.82 -22.23 -36.54
CA VAL B 522 -7.50 -21.82 -37.90
C VAL B 522 -7.09 -23.03 -38.71
N ARG B 523 -7.16 -24.22 -38.12
CA ARG B 523 -6.96 -25.45 -38.84
C ARG B 523 -8.25 -26.16 -39.21
N GLN B 524 -9.32 -25.98 -38.44
CA GLN B 524 -10.63 -26.48 -38.79
C GLN B 524 -11.37 -25.55 -39.73
N LEU B 525 -10.76 -24.42 -40.09
CA LEU B 525 -11.23 -23.65 -41.23
C LEU B 525 -10.97 -24.38 -42.53
N ASP B 526 -10.10 -25.39 -42.50
CA ASP B 526 -9.91 -26.34 -43.59
C ASP B 526 -9.39 -25.69 -44.87
N ASP B 527 -8.46 -24.77 -44.74
CA ASP B 527 -7.70 -24.27 -45.88
C ASP B 527 -6.22 -24.38 -45.53
N PRO B 528 -5.35 -24.62 -46.51
CA PRO B 528 -3.93 -24.75 -46.20
C PRO B 528 -3.26 -23.40 -46.05
N ARG B 529 -3.71 -22.42 -46.84
CA ARG B 529 -3.07 -21.11 -46.83
C ARG B 529 -3.66 -20.16 -45.81
N CYS B 530 -4.75 -20.54 -45.14
CA CYS B 530 -5.28 -19.72 -44.05
C CYS B 530 -4.26 -19.59 -42.93
N MET B 531 -3.48 -20.65 -42.71
CA MET B 531 -2.49 -20.63 -41.64
C MET B 531 -1.34 -19.69 -41.95
N ASP B 532 -1.00 -19.53 -43.23
CA ASP B 532 0.04 -18.58 -43.59
C ASP B 532 -0.39 -17.15 -43.30
N ILE B 533 -1.68 -16.86 -43.49
CA ILE B 533 -2.19 -15.52 -43.23
C ILE B 533 -2.12 -15.19 -41.74
N TYR B 534 -2.37 -16.17 -40.89
CA TYR B 534 -2.31 -15.95 -39.45
C TYR B 534 -0.90 -15.61 -39.00
N LEU B 535 0.08 -16.41 -39.40
CA LEU B 535 1.44 -16.22 -38.91
C LEU B 535 2.07 -14.94 -39.42
N GLU B 536 1.80 -14.55 -40.67
CA GLU B 536 2.35 -13.33 -41.20
C GLU B 536 1.71 -12.09 -40.59
N GLU B 537 0.41 -12.14 -40.28
CA GLU B 537 -0.27 -10.99 -39.70
C GLU B 537 -0.10 -10.89 -38.20
N MET B 538 0.08 -12.01 -37.50
CA MET B 538 0.37 -11.93 -36.07
C MET B 538 1.77 -11.40 -35.82
N ARG B 539 2.70 -11.63 -36.74
CA ARG B 539 4.00 -10.99 -36.68
C ARG B 539 3.85 -9.48 -36.79
N ASN B 540 2.96 -9.02 -37.66
CA ASN B 540 2.72 -7.59 -37.80
C ASN B 540 2.11 -7.01 -36.54
N LEU B 541 1.17 -7.72 -35.92
CA LEU B 541 0.50 -7.19 -34.74
C LEU B 541 1.48 -7.00 -33.59
N PHE B 542 2.43 -7.91 -33.42
CA PHE B 542 3.39 -7.79 -32.34
C PHE B 542 4.47 -6.76 -32.64
N ILE B 543 4.67 -6.40 -33.91
CA ILE B 543 5.66 -5.38 -34.23
C ILE B 543 5.21 -4.01 -33.77
N GLY B 544 3.95 -3.66 -34.05
CA GLY B 544 3.42 -2.39 -33.65
C GLY B 544 3.34 -2.22 -32.15
N GLN B 545 2.96 -3.30 -31.47
CA GLN B 545 2.77 -3.27 -30.03
C GLN B 545 4.10 -3.16 -29.30
N SER B 546 5.19 -3.47 -30.00
CA SER B 546 6.52 -3.28 -29.41
C SER B 546 6.88 -1.80 -29.38
N PHE B 547 6.59 -1.08 -30.46
CA PHE B 547 6.85 0.36 -30.49
C PHE B 547 5.99 1.08 -29.48
N ASP B 548 4.74 0.63 -29.30
CA ASP B 548 3.86 1.27 -28.33
C ASP B 548 4.43 1.16 -26.92
N LEU B 549 4.95 -0.01 -26.57
CA LEU B 549 5.59 -0.17 -25.28
C LEU B 549 6.96 0.50 -25.25
N TYR B 550 7.60 0.63 -26.41
CA TYR B 550 8.88 1.32 -26.48
C TYR B 550 8.75 2.79 -26.12
N TRP B 551 7.72 3.46 -26.64
CA TRP B 551 7.56 4.88 -26.40
C TRP B 551 6.90 5.22 -25.08
N THR B 552 6.22 4.28 -24.44
CA THR B 552 5.60 4.56 -23.15
C THR B 552 6.53 4.26 -21.99
N ARG B 553 7.68 3.65 -22.25
CA ARG B 553 8.66 3.41 -21.20
C ARG B 553 9.77 4.45 -21.29
N ASN B 554 10.44 4.50 -22.43
CA ASN B 554 11.54 5.45 -22.61
C ASN B 554 11.03 6.87 -22.55
N GLY B 555 10.17 7.26 -23.48
CA GLY B 555 9.56 8.57 -23.43
C GLY B 555 9.74 9.40 -24.68
N GLU B 556 10.16 8.77 -25.77
CA GLU B 556 10.41 9.48 -27.02
C GLU B 556 9.08 9.78 -27.71
N CYS B 557 8.82 11.06 -27.93
CA CYS B 557 7.67 11.45 -28.72
C CYS B 557 7.93 11.11 -30.18
N PRO B 558 7.05 10.38 -30.84
CA PRO B 558 7.22 10.08 -32.25
C PRO B 558 6.55 11.13 -33.14
N SER B 559 7.04 11.21 -34.37
CA SER B 559 6.37 12.04 -35.35
C SER B 559 4.99 11.45 -35.65
N GLU B 560 4.05 12.33 -35.96
CA GLU B 560 2.69 11.88 -36.25
C GLU B 560 2.61 11.02 -37.50
N GLU B 561 3.62 11.03 -38.35
CA GLU B 561 3.67 10.08 -39.45
C GLU B 561 4.04 8.69 -38.94
N GLN B 562 4.93 8.61 -37.96
CA GLN B 562 5.33 7.32 -37.41
C GLN B 562 4.25 6.73 -36.51
N TYR B 563 3.57 7.56 -35.72
CA TYR B 563 2.49 7.04 -34.89
C TYR B 563 1.32 6.58 -35.74
N LEU B 564 1.09 7.24 -36.87
CA LEU B 564 -0.01 6.84 -37.74
C LEU B 564 0.19 5.45 -38.33
N ASP B 565 1.42 4.97 -38.35
CA ASP B 565 1.70 3.64 -38.88
C ASP B 565 1.68 2.57 -37.80
N MET B 566 2.11 2.90 -36.59
CA MET B 566 1.99 1.97 -35.48
C MET B 566 0.53 1.67 -35.18
N ILE B 567 -0.37 2.61 -35.41
CA ILE B 567 -1.79 2.37 -35.18
C ILE B 567 -2.38 1.49 -36.26
N ARG B 568 -1.93 1.63 -37.50
CA ARG B 568 -2.39 0.78 -38.60
C ARG B 568 -1.98 -0.67 -38.42
N GLN B 569 -1.07 -0.97 -37.51
CA GLN B 569 -0.53 -2.32 -37.34
C GLN B 569 -0.83 -2.87 -35.94
N LYS B 570 -1.60 -2.15 -35.15
CA LYS B 570 -1.90 -2.62 -33.81
C LYS B 570 -3.41 -2.66 -33.58
N THR B 571 -4.14 -1.76 -34.23
CA THR B 571 -5.59 -1.73 -34.14
C THR B 571 -6.26 -2.20 -35.42
N GLY B 572 -5.58 -2.15 -36.55
CA GLY B 572 -6.14 -2.65 -37.79
C GLY B 572 -5.65 -4.04 -38.12
N GLY B 573 -4.72 -4.55 -37.30
CA GLY B 573 -4.19 -5.87 -37.54
C GLY B 573 -5.25 -6.96 -37.39
N LEU B 574 -6.12 -6.81 -36.39
CA LEU B 574 -7.22 -7.74 -36.23
C LEU B 574 -8.22 -7.62 -37.36
N PHE B 575 -8.41 -6.40 -37.89
CA PHE B 575 -9.32 -6.21 -39.01
C PHE B 575 -8.72 -6.77 -40.29
N ARG B 576 -7.42 -6.52 -40.52
CA ARG B 576 -6.77 -7.04 -41.72
C ARG B 576 -6.60 -8.54 -41.68
N LEU B 577 -6.79 -9.16 -40.52
CA LEU B 577 -6.59 -10.61 -40.41
C LEU B 577 -7.89 -11.36 -40.72
N LEU B 578 -9.02 -10.85 -40.24
CA LEU B 578 -10.30 -11.45 -40.58
C LEU B 578 -10.71 -11.15 -42.01
N THR B 579 -10.23 -10.05 -42.59
CA THR B 579 -10.61 -9.71 -43.95
C THR B 579 -9.77 -10.48 -44.97
N ARG B 580 -8.54 -10.87 -44.60
CA ARG B 580 -7.73 -11.65 -45.52
C ARG B 580 -8.09 -13.12 -45.47
N MET B 581 -8.47 -13.65 -44.31
CA MET B 581 -8.92 -15.03 -44.30
C MET B 581 -10.25 -15.19 -45.01
N MET B 582 -11.21 -14.27 -44.78
CA MET B 582 -12.51 -14.40 -45.39
C MET B 582 -12.40 -14.43 -46.91
N VAL B 583 -11.59 -13.55 -47.47
CA VAL B 583 -11.43 -13.45 -48.91
C VAL B 583 -10.97 -14.79 -49.48
N GLN B 584 -10.04 -15.44 -48.77
CA GLN B 584 -9.59 -16.76 -49.20
C GLN B 584 -10.65 -17.83 -48.99
N ILE B 585 -11.14 -17.96 -47.76
CA ILE B 585 -12.02 -19.08 -47.43
C ILE B 585 -13.38 -18.93 -48.12
N ALA B 586 -13.81 -17.72 -48.40
CA ALA B 586 -15.11 -17.53 -49.04
C ALA B 586 -15.06 -18.05 -50.47
N PRO B 587 -16.21 -18.37 -51.07
CA PRO B 587 -16.21 -18.89 -52.44
C PRO B 587 -15.55 -17.96 -53.44
N VAL B 588 -14.93 -18.55 -54.47
CA VAL B 588 -14.26 -17.81 -55.52
C VAL B 588 -15.22 -16.91 -56.29
N GLN B 589 -16.51 -16.97 -55.98
CA GLN B 589 -17.55 -16.20 -56.65
C GLN B 589 -17.16 -14.72 -56.69
N GLN B 590 -16.56 -14.23 -55.61
CA GLN B 590 -15.95 -12.90 -55.58
C GLN B 590 -14.52 -13.05 -55.08
N LYS B 591 -13.61 -13.34 -56.01
CA LYS B 591 -12.24 -13.63 -55.62
C LYS B 591 -11.35 -12.39 -55.63
N GLY B 592 -11.19 -11.74 -56.78
CA GLY B 592 -10.29 -10.60 -56.79
C GLY B 592 -10.98 -9.30 -56.46
N LEU B 593 -10.97 -8.95 -55.18
CA LEU B 593 -11.34 -7.62 -54.70
C LEU B 593 -10.50 -7.29 -53.48
N GLU B 594 -9.46 -8.10 -53.23
CA GLU B 594 -8.74 -8.06 -51.97
C GLU B 594 -8.09 -6.69 -51.74
N THR B 595 -7.51 -6.12 -52.79
CA THR B 595 -6.81 -4.85 -52.65
C THR B 595 -7.74 -3.77 -52.11
N GLN B 596 -8.96 -3.72 -52.64
CA GLN B 596 -9.91 -2.72 -52.18
C GLN B 596 -10.42 -3.04 -50.78
N LEU B 597 -10.61 -4.32 -50.46
CA LEU B 597 -11.05 -4.72 -49.13
C LEU B 597 -9.95 -4.53 -48.09
N ALA B 598 -8.71 -4.90 -48.43
CA ALA B 598 -7.62 -4.78 -47.45
C ALA B 598 -7.30 -3.32 -47.15
N SER B 599 -7.50 -2.42 -48.12
CA SER B 599 -7.30 -1.00 -47.87
C SER B 599 -8.29 -0.48 -46.84
N LEU B 600 -9.55 -0.93 -46.92
CA LEU B 600 -10.57 -0.46 -46.00
C LEU B 600 -10.26 -0.89 -44.57
N SER B 601 -9.63 -2.05 -44.40
CA SER B 601 -9.31 -2.54 -43.07
C SER B 601 -8.35 -1.60 -42.35
N ASP B 602 -7.35 -1.09 -43.07
CA ASP B 602 -6.39 -0.17 -42.49
C ASP B 602 -7.08 1.10 -41.99
N VAL B 603 -7.93 1.69 -42.84
CA VAL B 603 -8.53 2.98 -42.51
C VAL B 603 -9.56 2.82 -41.39
N LEU B 604 -10.16 1.63 -41.28
CA LEU B 604 -11.06 1.38 -40.16
C LEU B 604 -10.31 1.35 -38.84
N GLY B 605 -9.12 0.76 -38.84
CA GLY B 605 -8.31 0.68 -37.63
C GLY B 605 -7.83 2.03 -37.15
N GLU B 606 -7.36 2.88 -38.07
CA GLU B 606 -6.89 4.20 -37.68
C GLU B 606 -8.01 5.04 -37.10
N PHE B 607 -9.18 5.03 -37.74
CA PHE B 607 -10.30 5.81 -37.24
C PHE B 607 -10.73 5.34 -35.86
N PHE B 608 -10.72 4.03 -35.64
CA PHE B 608 -11.17 3.51 -34.37
C PHE B 608 -10.25 3.89 -33.22
N GLN B 609 -9.03 4.31 -33.52
CA GLN B 609 -8.12 4.74 -32.46
C GLN B 609 -8.21 6.24 -32.22
N VAL B 610 -8.24 7.03 -33.30
CA VAL B 610 -8.32 8.47 -33.17
C VAL B 610 -9.66 8.85 -32.55
N ARG B 611 -10.63 7.94 -32.66
CA ARG B 611 -11.87 8.11 -31.92
C ARG B 611 -11.64 7.86 -30.43
N ASP B 612 -10.86 6.83 -30.10
CA ASP B 612 -10.63 6.45 -28.72
C ASP B 612 -9.93 7.57 -27.96
N ASP B 613 -9.05 8.29 -28.65
CA ASP B 613 -8.40 9.45 -28.04
C ASP B 613 -9.44 10.52 -27.72
N TYR B 614 -10.29 10.83 -28.70
CA TYR B 614 -11.26 11.90 -28.53
C TYR B 614 -12.25 11.59 -27.42
N LYS B 615 -12.75 10.35 -27.36
CA LYS B 615 -13.69 9.97 -26.33
C LYS B 615 -13.06 10.06 -24.94
N ASN B 616 -11.84 9.58 -24.81
CA ASN B 616 -11.14 9.62 -23.53
C ASN B 616 -10.63 11.01 -23.18
N LEU B 617 -10.24 11.81 -24.16
CA LEU B 617 -9.68 13.15 -23.90
C LEU B 617 -10.70 14.11 -23.32
N THR B 618 -11.93 14.10 -23.82
CA THR B 618 -12.94 15.00 -23.28
C THR B 618 -13.53 14.42 -22.01
N GLU B 619 -14.25 13.31 -22.14
CA GLU B 619 -14.79 12.56 -21.01
C GLU B 619 -15.39 11.24 -21.48
N LEU B 631 -4.78 9.45 -19.98
CA LEU B 631 -3.56 10.18 -19.69
C LEU B 631 -2.98 9.78 -18.33
N ASP B 632 -3.68 8.88 -17.63
CA ASP B 632 -3.20 8.40 -16.34
C ASP B 632 -1.85 7.72 -16.49
N GLU B 633 -1.75 6.79 -17.44
CA GLU B 633 -0.44 6.27 -17.81
C GLU B 633 0.33 7.25 -18.68
N CYS B 634 -0.35 8.30 -19.16
CA CYS B 634 0.24 9.28 -20.08
C CYS B 634 0.76 8.57 -21.32
N LYS B 635 -0.14 7.95 -22.08
CA LYS B 635 0.21 7.25 -23.30
C LYS B 635 0.12 8.23 -24.45
N PHE B 636 1.14 8.24 -25.30
CA PHE B 636 1.18 9.14 -26.45
C PHE B 636 -0.01 8.92 -27.35
N SER B 637 -0.91 9.90 -27.40
CA SER B 637 -2.09 9.84 -28.25
C SER B 637 -1.99 10.90 -29.35
N TYR B 638 -2.98 10.88 -30.25
CA TYR B 638 -2.92 11.76 -31.41
C TYR B 638 -2.98 13.23 -31.03
N PRO B 639 -3.96 13.70 -30.25
CA PRO B 639 -3.97 15.13 -29.91
C PRO B 639 -2.74 15.57 -29.13
N LEU B 640 -2.20 14.71 -28.27
CA LEU B 640 -1.04 15.08 -27.48
C LEU B 640 0.19 15.23 -28.36
N ILE B 641 0.33 14.38 -29.38
CA ILE B 641 1.52 14.42 -30.22
C ILE B 641 1.63 15.77 -30.92
N HIS B 642 0.49 16.36 -31.30
CA HIS B 642 0.50 17.65 -31.96
C HIS B 642 1.14 18.72 -31.08
N ALA B 643 0.65 18.85 -29.84
CA ALA B 643 1.05 19.95 -28.97
C ALA B 643 2.54 19.89 -28.64
N LEU B 644 3.05 18.69 -28.42
CA LEU B 644 4.46 18.51 -28.08
C LEU B 644 5.36 19.02 -29.18
N THR B 645 4.97 18.79 -30.44
CA THR B 645 5.80 19.21 -31.57
C THR B 645 5.43 20.61 -32.05
N SER B 646 4.17 20.99 -31.94
CA SER B 646 3.72 22.29 -32.42
C SER B 646 4.41 23.43 -31.69
N GLN B 647 4.51 23.34 -30.37
CA GLN B 647 5.25 24.32 -29.58
C GLN B 647 6.49 23.65 -29.01
N PRO B 648 7.67 23.90 -29.58
CA PRO B 648 8.88 23.25 -29.07
C PRO B 648 9.18 23.52 -27.61
N LYS B 649 8.90 24.72 -27.12
CA LYS B 649 9.28 25.14 -25.77
C LYS B 649 8.00 25.45 -24.98
N ASN B 650 7.48 24.44 -24.30
CA ASN B 650 6.26 24.57 -23.50
C ASN B 650 6.45 23.89 -22.15
N VAL B 651 7.53 24.23 -21.45
CA VAL B 651 8.03 23.45 -20.32
C VAL B 651 6.95 23.12 -19.30
N GLN B 652 5.84 23.86 -19.29
CA GLN B 652 4.71 23.44 -18.47
C GLN B 652 4.14 22.11 -18.93
N LEU B 653 3.86 21.97 -20.23
CA LEU B 653 3.27 20.74 -20.73
C LEU B 653 4.23 19.57 -20.59
N ARG B 654 5.48 19.77 -20.97
CA ARG B 654 6.47 18.70 -20.84
C ARG B 654 6.72 18.33 -19.39
N GLY B 655 6.45 19.23 -18.46
CA GLY B 655 6.68 18.92 -17.05
C GLY B 655 5.70 17.89 -16.51
N ILE B 656 4.42 18.05 -16.83
CA ILE B 656 3.40 17.18 -16.26
C ILE B 656 3.51 15.77 -16.81
N LEU B 657 3.75 15.64 -18.12
CA LEU B 657 3.84 14.32 -18.72
C LEU B 657 5.00 13.52 -18.15
N GLN B 658 6.05 14.18 -17.70
CA GLN B 658 7.13 13.50 -17.00
C GLN B 658 6.75 13.14 -15.57
N GLN B 659 5.89 13.95 -14.94
CA GLN B 659 5.48 13.66 -13.58
C GLN B 659 4.67 12.37 -13.50
N SER B 660 3.87 12.08 -14.53
CA SER B 660 3.13 10.83 -14.56
C SER B 660 4.07 9.63 -14.50
N ARG B 661 5.28 9.80 -15.02
CA ARG B 661 6.21 8.69 -15.15
C ARG B 661 7.02 8.58 -13.87
N SER B 662 6.71 9.43 -12.90
CA SER B 662 7.37 9.36 -11.61
C SER B 662 6.40 9.09 -10.46
N ALA B 663 5.10 9.12 -10.70
CA ALA B 663 4.12 8.87 -9.65
C ALA B 663 2.98 8.01 -10.16
N GLY B 664 3.26 7.17 -11.14
CA GLY B 664 2.23 6.34 -11.73
C GLY B 664 1.32 7.12 -12.66
N GLY B 665 0.66 8.15 -12.14
CA GLY B 665 -0.22 8.97 -12.95
C GLY B 665 -0.43 10.37 -12.42
N LEU B 666 -1.31 11.12 -13.09
CA LEU B 666 -1.58 12.52 -12.70
C LEU B 666 -2.87 12.60 -11.88
N ASP B 667 -2.92 13.47 -10.88
CA ASP B 667 -4.18 13.67 -10.11
C ASP B 667 -5.12 14.52 -10.95
N VAL B 668 -6.43 14.42 -10.70
CA VAL B 668 -7.42 15.19 -11.51
C VAL B 668 -6.93 16.63 -11.67
N PRO B 669 -6.60 17.42 -10.63
CA PRO B 669 -6.11 18.78 -10.85
C PRO B 669 -5.02 18.90 -11.91
N LEU B 670 -4.03 18.00 -11.90
CA LEU B 670 -3.05 18.01 -12.97
C LEU B 670 -3.67 17.58 -14.30
N LYS B 671 -4.55 16.58 -14.26
CA LYS B 671 -5.16 16.07 -15.48
C LYS B 671 -5.95 17.16 -16.19
N GLU B 672 -6.64 18.01 -15.42
CA GLU B 672 -7.34 19.15 -16.01
C GLU B 672 -6.36 20.12 -16.65
N THR B 673 -5.22 20.35 -16.01
CA THR B 673 -4.26 21.32 -16.52
C THR B 673 -3.73 20.90 -17.88
N VAL B 674 -3.44 19.61 -18.05
CA VAL B 674 -2.92 19.12 -19.33
C VAL B 674 -3.95 19.36 -20.43
N LEU B 675 -5.22 19.11 -20.12
CA LEU B 675 -6.28 19.36 -21.10
C LEU B 675 -6.33 20.84 -21.47
N SER B 676 -6.19 21.72 -20.48
CA SER B 676 -6.25 23.15 -20.74
C SER B 676 -5.15 23.57 -21.69
N HIS B 677 -3.94 23.03 -21.50
CA HIS B 677 -2.86 23.26 -22.44
C HIS B 677 -3.19 22.75 -23.82
N LEU B 678 -4.02 21.71 -23.91
CA LEU B 678 -4.33 21.10 -25.20
C LEU B 678 -5.31 21.95 -26.00
N ARG B 679 -6.32 22.52 -25.34
CA ARG B 679 -7.23 23.42 -26.04
C ARG B 679 -6.65 24.82 -26.10
N GLN B 680 -5.39 24.94 -26.50
CA GLN B 680 -4.77 26.24 -26.67
C GLN B 680 -3.83 26.18 -27.86
N ALA B 681 -3.63 24.97 -28.38
CA ALA B 681 -2.79 24.77 -29.55
C ALA B 681 -3.52 24.04 -30.67
N GLY B 682 -4.81 23.77 -30.53
CA GLY B 682 -5.57 23.18 -31.62
C GLY B 682 -5.69 21.68 -31.54
N SER B 683 -5.32 21.11 -30.40
CA SER B 683 -5.28 19.66 -30.24
C SER B 683 -6.64 19.02 -30.47
N ILE B 684 -7.68 19.51 -29.80
CA ILE B 684 -9.01 18.92 -29.91
C ILE B 684 -9.73 19.44 -31.14
N GLU B 685 -9.08 20.32 -31.90
CA GLU B 685 -9.62 20.74 -33.18
C GLU B 685 -8.92 20.03 -34.34
N TYR B 686 -7.61 19.88 -34.25
CA TYR B 686 -6.86 19.12 -35.25
C TYR B 686 -7.26 17.66 -35.25
N THR B 687 -7.62 17.12 -34.09
CA THR B 687 -8.11 15.74 -34.03
C THR B 687 -9.43 15.60 -34.77
N GLU B 688 -10.30 16.61 -34.67
CA GLU B 688 -11.58 16.57 -35.37
C GLU B 688 -11.39 16.51 -36.88
N ALA B 689 -10.29 17.06 -37.38
CA ALA B 689 -10.01 17.04 -38.80
C ALA B 689 -9.78 15.62 -39.28
N LYS B 690 -8.77 14.95 -38.70
CA LYS B 690 -8.44 13.60 -39.15
C LYS B 690 -9.54 12.61 -38.80
N MET B 691 -10.29 12.86 -37.73
CA MET B 691 -11.39 11.98 -37.38
C MET B 691 -12.46 11.99 -38.47
N GLY B 692 -12.74 13.16 -39.04
CA GLY B 692 -13.69 13.27 -40.13
C GLY B 692 -13.09 12.94 -41.47
N GLU B 693 -11.82 13.28 -41.66
CA GLU B 693 -11.16 13.03 -42.94
C GLU B 693 -11.11 11.55 -43.27
N LEU B 694 -10.84 10.71 -42.27
CA LEU B 694 -10.85 9.27 -42.49
C LEU B 694 -12.23 8.80 -42.89
N MET B 695 -13.27 9.35 -42.27
CA MET B 695 -14.63 8.92 -42.58
C MET B 695 -14.96 9.15 -44.04
N GLU B 696 -14.50 10.26 -44.60
CA GLU B 696 -14.65 10.47 -46.04
C GLU B 696 -13.85 9.43 -46.82
N LYS B 697 -12.65 9.10 -46.35
CA LYS B 697 -11.88 8.03 -46.98
C LYS B 697 -12.52 6.67 -46.75
N ILE B 698 -13.45 6.58 -45.81
CA ILE B 698 -14.16 5.32 -45.58
C ILE B 698 -15.40 5.24 -46.46
N THR B 699 -16.14 6.35 -46.56
CA THR B 699 -17.33 6.40 -47.41
C THR B 699 -16.99 6.15 -48.86
N ASP B 700 -15.92 6.77 -49.36
CA ASP B 700 -15.50 6.58 -50.75
C ASP B 700 -15.15 5.12 -51.02
N SER B 701 -14.67 4.42 -50.00
CA SER B 701 -14.36 3.01 -50.15
C SER B 701 -15.63 2.18 -50.35
N VAL B 702 -16.62 2.37 -49.50
CA VAL B 702 -17.86 1.58 -49.59
C VAL B 702 -18.59 1.89 -50.88
N VAL B 703 -18.67 3.17 -51.26
CA VAL B 703 -19.40 3.55 -52.47
C VAL B 703 -18.74 2.96 -53.70
N SER B 704 -17.41 3.08 -53.79
CA SER B 704 -16.67 2.48 -54.90
C SER B 704 -16.80 0.96 -54.87
N LEU B 705 -16.73 0.38 -53.66
CA LEU B 705 -16.87 -1.06 -53.51
C LEU B 705 -18.24 -1.55 -53.92
N GLU B 706 -19.29 -0.84 -53.50
CA GLU B 706 -20.66 -1.27 -53.75
C GLU B 706 -20.93 -1.46 -55.23
N GLY B 707 -20.32 -0.60 -56.05
CA GLY B 707 -20.53 -0.66 -57.49
C GLY B 707 -20.12 -1.98 -58.10
N GLU B 708 -18.97 -2.51 -57.67
CA GLU B 708 -18.49 -3.75 -58.26
C GLU B 708 -19.31 -4.94 -57.81
N THR B 709 -20.11 -4.77 -56.75
CA THR B 709 -20.97 -5.85 -56.29
C THR B 709 -22.34 -5.80 -56.95
N GLY B 710 -22.79 -4.60 -57.31
CA GLY B 710 -24.13 -4.44 -57.86
C GLY B 710 -25.22 -4.68 -56.85
N SER B 711 -24.92 -4.52 -55.57
CA SER B 711 -25.88 -4.74 -54.50
C SER B 711 -25.46 -3.92 -53.28
N PRO B 712 -26.02 -2.72 -53.11
CA PRO B 712 -25.57 -1.85 -52.01
C PRO B 712 -25.63 -2.53 -50.65
N ASN B 713 -24.52 -2.48 -49.91
CA ASN B 713 -24.48 -3.12 -48.61
C ASN B 713 -25.13 -2.18 -47.60
N TRP B 714 -26.15 -2.69 -46.91
CA TRP B 714 -26.89 -1.90 -45.96
C TRP B 714 -26.61 -2.29 -44.52
N VAL B 715 -25.92 -3.40 -44.28
CA VAL B 715 -25.52 -3.75 -42.93
C VAL B 715 -24.29 -2.95 -42.51
N VAL B 716 -23.47 -2.53 -43.48
CA VAL B 716 -22.33 -1.67 -43.19
C VAL B 716 -22.70 -0.20 -43.32
N ARG B 717 -23.83 0.12 -43.96
CA ARG B 717 -24.26 1.50 -44.05
C ARG B 717 -24.91 1.96 -42.76
N LEU B 718 -25.60 1.05 -42.07
CA LEU B 718 -26.13 1.36 -40.75
C LEU B 718 -25.01 1.51 -39.73
N LEU B 719 -24.06 0.59 -39.74
CA LEU B 719 -23.02 0.53 -38.73
C LEU B 719 -22.17 1.80 -38.74
N ILE B 720 -21.95 2.35 -39.93
CA ILE B 720 -21.23 3.62 -40.02
C ILE B 720 -22.00 4.71 -39.31
N HIS B 721 -23.33 4.71 -39.45
CA HIS B 721 -24.14 5.72 -38.79
C HIS B 721 -24.05 5.62 -37.27
N ARG B 722 -23.94 4.40 -36.74
CA ARG B 722 -23.68 4.22 -35.32
C ARG B 722 -22.36 4.87 -34.95
N LEU B 723 -21.39 4.76 -35.84
CA LEU B 723 -20.06 5.33 -35.64
C LEU B 723 -19.97 6.72 -36.25
N LYS B 724 -20.93 7.59 -35.94
CA LYS B 724 -20.99 8.88 -36.58
C LYS B 724 -19.89 9.81 -36.04
N VAL B 725 -19.52 10.79 -36.86
CA VAL B 725 -18.48 11.74 -36.50
C VAL B 725 -18.84 12.53 -35.24
N ILE C 28 -61.58 8.37 10.43
CA ILE C 28 -62.88 7.74 10.66
C ILE C 28 -63.05 7.39 12.12
N LEU C 29 -63.38 8.40 12.95
CA LEU C 29 -63.61 8.15 14.36
C LEU C 29 -64.84 7.25 14.53
N ASN C 30 -64.72 6.24 15.38
CA ASN C 30 -65.76 5.24 15.56
C ASN C 30 -66.50 5.54 16.85
N SER C 31 -67.60 6.29 16.75
CA SER C 31 -68.50 6.47 17.88
C SER C 31 -69.43 5.28 18.06
N THR C 32 -69.29 4.25 17.22
CA THR C 32 -70.09 3.03 17.32
C THR C 32 -69.97 2.44 18.72
N LEU C 33 -68.76 2.48 19.28
CA LEU C 33 -68.51 2.03 20.63
C LEU C 33 -68.17 3.18 21.57
N SER C 34 -67.87 4.36 21.04
CA SER C 34 -67.62 5.55 21.85
C SER C 34 -68.94 6.28 22.05
N SER C 35 -69.53 6.07 23.22
CA SER C 35 -70.80 6.71 23.55
C SER C 35 -70.62 8.19 23.85
N PRO C 42 -73.09 20.53 29.85
CA PRO C 42 -71.63 20.68 29.80
C PRO C 42 -71.10 21.50 30.96
N ASP C 43 -71.94 22.35 31.53
CA ASP C 43 -71.52 23.16 32.67
C ASP C 43 -71.26 22.28 33.88
N ILE C 44 -69.99 21.98 34.13
CA ILE C 44 -69.59 21.07 35.19
C ILE C 44 -68.95 21.86 36.30
N ALA C 45 -69.59 21.85 37.47
CA ALA C 45 -69.09 22.52 38.67
C ALA C 45 -68.77 23.98 38.39
N GLY C 46 -69.63 24.65 37.62
CA GLY C 46 -69.43 26.04 37.29
C GLY C 46 -68.58 26.31 36.06
N PHE C 47 -68.02 25.27 35.45
CA PHE C 47 -67.10 25.43 34.33
C PHE C 47 -67.38 24.39 33.26
N CYS C 48 -66.43 24.22 32.33
CA CYS C 48 -66.49 23.17 31.31
C CYS C 48 -67.52 23.51 30.22
N SER C 49 -67.65 24.81 29.93
CA SER C 49 -68.43 25.25 28.78
C SER C 49 -67.60 25.08 27.51
N GLY C 50 -67.79 23.94 26.87
CA GLY C 50 -67.10 23.66 25.63
C GLY C 50 -67.32 22.26 25.07
N HIS C 56 -65.88 2.92 25.28
CA HIS C 56 -65.54 1.67 24.61
C HIS C 56 -66.55 0.59 24.96
N HIS C 57 -66.90 -0.24 23.97
CA HIS C 57 -67.87 -1.29 24.16
C HIS C 57 -67.27 -2.66 24.37
N HIS C 58 -65.95 -2.83 24.18
CA HIS C 58 -65.31 -4.11 24.46
C HIS C 58 -65.31 -4.43 25.95
N GLU C 59 -65.50 -3.44 26.82
CA GLU C 59 -65.66 -3.64 28.26
C GLU C 59 -64.62 -4.57 28.83
N HIS C 60 -64.99 -5.83 29.06
CA HIS C 60 -64.13 -6.83 29.68
C HIS C 60 -62.78 -6.89 29.00
N LEU C 61 -62.76 -6.77 27.66
CA LEU C 61 -61.51 -6.73 26.91
C LEU C 61 -60.62 -5.61 27.45
N ALA C 62 -61.23 -4.47 27.78
CA ALA C 62 -60.48 -3.40 28.43
C ALA C 62 -60.53 -3.55 29.94
N ASN C 63 -61.71 -3.82 30.50
CA ASN C 63 -61.88 -3.85 31.95
C ASN C 63 -60.99 -4.91 32.59
N GLU C 64 -61.09 -6.15 32.09
CA GLU C 64 -60.24 -7.23 32.61
C GLU C 64 -58.77 -6.97 32.28
N GLY C 65 -58.51 -6.36 31.13
CA GLY C 65 -57.14 -6.02 30.77
C GLY C 65 -56.49 -5.14 31.82
N SER C 66 -57.26 -4.19 32.35
CA SER C 66 -56.80 -3.42 33.50
C SER C 66 -56.68 -4.32 34.73
N LEU C 67 -57.63 -5.24 34.92
CA LEU C 67 -57.62 -6.09 36.10
C LEU C 67 -56.36 -6.92 36.18
N ARG C 68 -55.90 -7.44 35.05
CA ARG C 68 -54.68 -8.26 35.02
C ARG C 68 -53.50 -7.51 35.62
N CYS C 69 -53.44 -6.20 35.40
CA CYS C 69 -52.35 -5.40 35.93
C CYS C 69 -52.28 -5.48 37.45
N ARG C 70 -53.43 -5.34 38.11
CA ARG C 70 -53.44 -5.35 39.57
C ARG C 70 -53.02 -6.72 40.12
N THR C 71 -53.50 -7.79 39.49
CA THR C 71 -53.09 -9.13 39.93
C THR C 71 -51.60 -9.33 39.70
N ASP C 72 -51.11 -8.89 38.55
CA ASP C 72 -49.68 -9.05 38.24
C ASP C 72 -48.82 -8.19 39.15
N TRP C 73 -49.27 -6.97 39.46
CA TRP C 73 -48.43 -6.07 40.23
C TRP C 73 -48.35 -6.50 41.68
N GLU C 74 -49.46 -7.00 42.24
CA GLU C 74 -49.42 -7.56 43.58
C GLU C 74 -48.52 -8.77 43.64
N GLN C 75 -48.46 -9.55 42.56
CA GLN C 75 -47.58 -10.70 42.50
C GLN C 75 -46.13 -10.29 42.75
N PHE C 76 -45.68 -9.24 42.06
CA PHE C 76 -44.28 -8.85 42.08
C PHE C 76 -44.09 -7.74 43.11
N ILE C 77 -44.75 -6.61 42.99
CA ILE C 77 -44.36 -5.43 43.77
C ILE C 77 -44.95 -5.45 45.18
N GLY C 78 -46.28 -5.39 45.28
CA GLY C 78 -46.91 -5.28 46.58
C GLY C 78 -48.42 -5.24 46.56
N PRO C 79 -49.04 -5.28 47.75
CA PRO C 79 -50.50 -5.42 47.84
C PRO C 79 -51.29 -4.33 47.12
N ILE C 80 -52.43 -4.73 46.55
CA ILE C 80 -53.30 -3.85 45.80
C ILE C 80 -53.83 -2.75 46.72
N GLU C 81 -54.12 -1.58 46.16
CA GLU C 81 -54.49 -0.40 46.91
C GLU C 81 -55.47 0.46 46.13
N ARG C 82 -55.49 1.76 46.45
CA ARG C 82 -56.47 2.75 45.99
C ARG C 82 -57.00 2.49 44.58
N TRP C 83 -58.33 2.53 44.47
CA TRP C 83 -59.07 2.23 43.23
C TRP C 83 -58.38 2.83 42.02
N GLY C 84 -58.12 1.98 41.02
CA GLY C 84 -57.36 2.38 39.87
C GLY C 84 -58.12 3.23 38.87
N SER C 85 -57.82 3.06 37.59
CA SER C 85 -58.42 3.85 36.53
C SER C 85 -59.90 3.49 36.32
N CYS C 86 -60.37 2.47 37.05
CA CYS C 86 -61.76 2.06 36.95
C CYS C 86 -62.69 3.14 37.50
N ASN C 87 -63.88 3.22 36.91
CA ASN C 87 -64.95 4.11 37.32
C ASN C 87 -66.25 3.55 36.75
N PRO C 88 -66.93 2.68 37.50
CA PRO C 88 -68.03 1.89 36.94
C PRO C 88 -69.15 2.71 36.30
N TRP C 89 -69.49 3.86 36.88
CA TRP C 89 -70.65 4.63 36.44
C TRP C 89 -70.25 5.68 35.41
N GLU C 90 -69.26 6.50 35.71
CA GLU C 90 -68.85 7.57 34.79
C GLU C 90 -67.64 7.21 33.93
N GLY C 91 -67.17 5.96 33.95
CA GLY C 91 -66.19 5.53 32.97
C GLY C 91 -64.81 5.10 33.46
N HIS C 92 -64.48 3.83 33.24
CA HIS C 92 -63.18 3.27 33.60
C HIS C 92 -62.10 3.82 32.67
N PHE C 93 -61.61 5.03 33.00
CA PHE C 93 -60.68 5.77 32.17
C PHE C 93 -61.05 5.65 30.70
N GLY C 94 -60.34 4.77 29.99
CA GLY C 94 -60.60 4.47 28.60
C GLY C 94 -62.06 4.32 28.23
N ALA C 95 -62.90 3.93 29.19
CA ALA C 95 -64.33 3.84 28.94
C ALA C 95 -64.90 5.18 28.48
N VAL C 96 -64.50 6.27 29.13
CA VAL C 96 -64.93 7.60 28.71
C VAL C 96 -63.75 8.44 28.27
N VAL C 97 -62.60 8.29 28.94
CA VAL C 97 -61.45 9.14 28.65
C VAL C 97 -60.95 8.90 27.23
N LEU C 98 -60.75 7.64 26.86
CA LEU C 98 -60.32 7.27 25.52
C LEU C 98 -61.12 6.08 25.01
N PRO C 99 -62.40 6.27 24.69
CA PRO C 99 -63.16 5.21 24.03
C PRO C 99 -62.82 5.05 22.56
N PHE C 100 -62.03 5.97 22.00
CA PHE C 100 -61.70 5.96 20.58
C PHE C 100 -60.41 5.21 20.28
N CYS C 101 -59.72 4.71 21.29
CA CYS C 101 -58.55 3.87 21.05
C CYS C 101 -58.97 2.59 20.36
N LYS C 102 -58.17 2.14 19.39
CA LYS C 102 -58.46 0.93 18.63
C LYS C 102 -58.55 -0.26 19.57
N PRO C 103 -59.65 -1.04 19.51
CA PRO C 103 -59.90 -2.07 20.52
C PRO C 103 -58.77 -3.06 20.73
N GLU C 104 -58.12 -3.48 19.65
CA GLU C 104 -57.06 -4.46 19.73
C GLU C 104 -55.92 -3.95 20.60
N ARG C 105 -55.41 -2.76 20.30
CA ARG C 105 -54.38 -2.17 21.14
C ARG C 105 -54.96 -1.61 22.42
N LEU C 106 -56.27 -1.34 22.45
CA LEU C 106 -56.87 -0.72 23.62
C LEU C 106 -56.71 -1.60 24.85
N ALA C 107 -56.92 -2.91 24.70
CA ALA C 107 -56.73 -3.81 25.84
C ALA C 107 -55.33 -3.66 26.41
N VAL C 108 -54.32 -3.66 25.54
CA VAL C 108 -52.97 -3.36 25.99
C VAL C 108 -52.87 -1.90 26.41
N ILE C 109 -53.53 -1.00 25.68
CA ILE C 109 -53.56 0.39 26.10
C ILE C 109 -54.26 0.51 27.45
N CYS C 110 -55.33 -0.28 27.65
CA CYS C 110 -55.94 -0.36 28.98
C CYS C 110 -54.99 -1.01 29.97
N TYR C 111 -54.21 -2.00 29.53
CA TYR C 111 -53.10 -2.47 30.35
C TYR C 111 -52.16 -1.31 30.65
N ILE C 112 -51.79 -0.54 29.62
CA ILE C 112 -51.00 0.66 29.84
C ILE C 112 -51.77 1.66 30.70
N PHE C 113 -53.04 1.88 30.35
CA PHE C 113 -53.90 2.79 31.10
C PHE C 113 -53.90 2.43 32.57
N GLU C 114 -54.14 1.15 32.87
CA GLU C 114 -54.02 0.69 34.25
C GLU C 114 -52.58 0.81 34.73
N TYR C 115 -51.63 0.34 33.92
CA TYR C 115 -50.23 0.36 34.33
C TYR C 115 -49.77 1.78 34.59
N ALA C 116 -49.97 2.67 33.62
CA ALA C 116 -49.59 4.06 33.81
C ALA C 116 -50.20 4.61 35.09
N PHE C 117 -51.48 4.29 35.32
CA PHE C 117 -52.09 4.56 36.61
C PHE C 117 -51.34 3.80 37.70
N LEU C 118 -51.23 2.48 37.55
CA LEU C 118 -50.62 1.66 38.59
C LEU C 118 -49.17 2.04 38.82
N TYR C 119 -48.44 2.32 37.73
CA TYR C 119 -47.07 2.82 37.86
C TYR C 119 -47.05 4.08 38.70
N ASP C 120 -47.91 5.05 38.36
CA ASP C 120 -48.02 6.24 39.18
C ASP C 120 -48.68 5.94 40.52
N ASN C 121 -49.55 4.92 40.56
CA ASN C 121 -50.34 4.67 41.77
C ASN C 121 -49.45 4.41 42.97
N VAL C 122 -48.26 3.82 42.74
CA VAL C 122 -47.31 3.66 43.82
C VAL C 122 -46.33 4.83 43.85
N VAL C 123 -46.06 5.44 42.68
CA VAL C 123 -45.32 6.69 42.66
C VAL C 123 -46.07 7.77 43.43
N GLU C 124 -47.40 7.74 43.40
CA GLU C 124 -48.22 8.62 44.23
C GLU C 124 -47.90 8.41 45.70
N TYR C 145 -33.92 -8.73 51.35
CA TYR C 145 -34.20 -9.51 50.16
C TYR C 145 -35.39 -8.92 49.41
N ARG C 146 -36.43 -8.53 50.15
CA ARG C 146 -37.61 -7.96 49.51
C ARG C 146 -37.31 -6.63 48.85
N THR C 147 -36.42 -5.82 49.45
CA THR C 147 -36.10 -4.52 48.89
C THR C 147 -35.48 -4.65 47.50
N VAL C 148 -34.47 -5.51 47.36
CA VAL C 148 -33.93 -5.78 46.04
C VAL C 148 -34.98 -6.51 45.19
N ARG C 149 -35.77 -7.38 45.81
CA ARG C 149 -36.86 -8.01 45.08
C ARG C 149 -37.87 -6.97 44.62
N SER C 150 -38.08 -5.91 45.40
CA SER C 150 -38.90 -4.80 44.93
C SER C 150 -38.30 -4.15 43.70
N ILE C 151 -36.97 -3.96 43.70
CA ILE C 151 -36.29 -3.53 42.49
C ILE C 151 -36.47 -4.56 41.38
N LEU C 152 -36.30 -5.84 41.73
CA LEU C 152 -36.57 -6.91 40.78
C LEU C 152 -38.03 -6.92 40.37
N GLY C 153 -38.92 -6.71 41.34
CA GLY C 153 -40.35 -6.62 41.07
C GLY C 153 -40.65 -5.48 40.13
N THR C 154 -39.88 -4.40 40.27
CA THR C 154 -39.98 -3.28 39.33
C THR C 154 -39.53 -3.76 37.96
N LYS C 155 -38.26 -4.18 37.86
CA LYS C 155 -37.61 -4.53 36.60
C LYS C 155 -38.47 -5.37 35.68
N GLN C 156 -39.02 -6.47 36.20
CA GLN C 156 -39.73 -7.42 35.35
C GLN C 156 -40.99 -6.82 34.75
N ILE C 157 -41.90 -6.36 35.60
CA ILE C 157 -43.18 -5.82 35.14
C ILE C 157 -42.91 -4.53 34.39
N GLN C 158 -41.75 -3.93 34.63
CA GLN C 158 -41.29 -2.82 33.81
C GLN C 158 -41.09 -3.27 32.37
N SER C 159 -40.49 -4.45 32.20
CA SER C 159 -40.25 -5.01 30.88
C SER C 159 -41.48 -5.66 30.27
N LYS C 160 -42.52 -5.88 31.06
CA LYS C 160 -43.73 -6.50 30.53
C LYS C 160 -44.41 -5.60 29.51
N MET C 161 -44.44 -4.29 29.78
CA MET C 161 -45.07 -3.38 28.83
C MET C 161 -44.34 -3.38 27.51
N LEU C 162 -43.02 -3.17 27.54
CA LEU C 162 -42.23 -3.06 26.31
C LEU C 162 -42.38 -4.30 25.44
N LEU C 163 -42.33 -5.48 26.07
CA LEU C 163 -42.53 -6.72 25.33
C LEU C 163 -43.90 -6.73 24.66
N GLU C 164 -44.93 -6.34 25.41
CA GLU C 164 -46.26 -6.26 24.82
C GLU C 164 -46.39 -5.05 23.90
N LEU C 165 -45.84 -3.90 24.32
CA LEU C 165 -45.99 -2.68 23.55
C LEU C 165 -45.25 -2.74 22.22
N LEU C 166 -44.05 -3.31 22.20
CA LEU C 166 -43.31 -3.49 20.97
C LEU C 166 -43.84 -4.66 20.14
N SER C 167 -44.77 -5.43 20.69
CA SER C 167 -45.38 -6.53 19.96
C SER C 167 -46.38 -6.05 18.91
N ILE C 168 -47.01 -4.89 19.11
CA ILE C 168 -48.02 -4.42 18.18
C ILE C 168 -47.37 -3.67 17.01
N ASP C 169 -46.50 -2.69 17.31
CA ASP C 169 -45.82 -1.92 16.28
C ASP C 169 -44.71 -1.08 16.87
N ALA C 170 -43.69 -0.78 16.07
CA ALA C 170 -42.57 0.05 16.51
C ALA C 170 -42.89 1.54 16.49
N PRO C 171 -43.33 2.14 15.35
CA PRO C 171 -43.30 3.60 15.20
C PRO C 171 -43.97 4.37 16.33
N ARG C 172 -45.23 4.04 16.63
CA ARG C 172 -45.97 4.79 17.64
C ARG C 172 -45.32 4.65 19.01
N ALA C 173 -44.78 3.47 19.30
CA ALA C 173 -44.09 3.24 20.57
C ALA C 173 -42.90 4.18 20.73
N GLU C 174 -42.12 4.35 19.66
CA GLU C 174 -40.90 5.16 19.70
C GLU C 174 -41.12 6.51 20.37
N VAL C 175 -42.02 7.32 19.81
CA VAL C 175 -42.31 8.62 20.41
C VAL C 175 -42.90 8.45 21.80
N VAL C 176 -43.82 7.50 21.94
CA VAL C 176 -44.47 7.22 23.22
C VAL C 176 -43.43 6.79 24.24
N ILE C 177 -42.50 5.94 23.82
CA ILE C 177 -41.43 5.50 24.72
C ILE C 177 -40.60 6.71 25.12
N ASN C 178 -40.19 7.52 24.15
CA ASN C 178 -39.38 8.69 24.44
C ASN C 178 -40.12 9.68 25.33
N SER C 179 -41.41 9.91 25.04
CA SER C 179 -42.19 10.85 25.82
C SER C 179 -42.34 10.38 27.26
N TRP C 180 -42.54 9.07 27.44
CA TRP C 180 -42.84 8.51 28.75
C TRP C 180 -41.72 8.81 29.77
N LYS C 181 -40.48 8.43 29.43
CA LYS C 181 -39.36 8.71 30.33
C LYS C 181 -39.09 10.20 30.44
N GLU C 182 -39.36 10.95 29.35
CA GLU C 182 -39.22 12.40 29.40
C GLU C 182 -40.17 12.99 30.44
N MET C 183 -41.40 12.50 30.48
CA MET C 183 -42.37 12.99 31.46
C MET C 183 -41.91 12.69 32.88
N ILE C 184 -41.41 11.48 33.12
CA ILE C 184 -40.95 11.10 34.45
C ILE C 184 -39.77 11.99 34.86
N SER C 185 -38.86 12.25 33.93
CA SER C 185 -37.71 13.09 34.22
C SER C 185 -38.15 14.51 34.60
N THR C 186 -39.16 15.04 33.90
CA THR C 186 -39.68 16.35 34.24
C THR C 186 -40.29 16.36 35.64
N THR C 187 -40.91 15.25 36.04
CA THR C 187 -41.51 15.16 37.36
C THR C 187 -40.46 15.31 38.45
N ALA C 188 -39.33 14.63 38.30
CA ALA C 188 -38.27 14.68 39.29
C ALA C 188 -37.41 15.92 39.11
N ALA C 195 -41.69 28.72 44.87
CA ALA C 195 -42.37 30.00 45.02
C ALA C 195 -43.27 30.27 43.82
N PHE C 196 -44.43 29.62 43.79
CA PHE C 196 -45.38 29.80 42.71
C PHE C 196 -45.88 31.23 42.67
N ASN C 197 -45.86 31.84 41.48
CA ASN C 197 -46.23 33.25 41.34
C ASN C 197 -47.50 33.42 40.50
N ASN C 198 -47.48 32.91 39.27
CA ASN C 198 -48.57 33.10 38.34
C ASN C 198 -49.16 31.75 37.92
N LEU C 199 -50.26 31.82 37.17
CA LEU C 199 -50.97 30.61 36.78
C LEU C 199 -50.19 29.84 35.72
N GLU C 200 -49.52 30.56 34.82
CA GLU C 200 -48.94 29.91 33.65
C GLU C 200 -47.75 29.04 34.01
N GLU C 201 -46.94 29.47 34.98
CA GLU C 201 -45.72 28.73 35.30
C GLU C 201 -46.05 27.38 35.94
N TYR C 202 -47.16 27.30 36.68
CA TYR C 202 -47.59 26.01 37.19
C TYR C 202 -48.16 25.15 36.07
N VAL C 203 -48.77 25.80 35.06
CA VAL C 203 -49.19 25.06 33.88
C VAL C 203 -47.99 24.41 33.21
N ASP C 204 -46.89 25.17 33.07
CA ASP C 204 -45.65 24.59 32.57
C ASP C 204 -45.17 23.46 33.47
N TYR C 205 -45.44 23.57 34.78
CA TYR C 205 -45.16 22.47 35.68
C TYR C 205 -46.07 21.28 35.38
N ARG C 206 -47.37 21.53 35.24
CA ARG C 206 -48.32 20.43 35.17
C ARG C 206 -48.72 20.06 33.75
N ILE C 207 -48.18 20.71 32.72
CA ILE C 207 -48.43 20.19 31.37
C ILE C 207 -47.85 18.79 31.25
N ILE C 208 -46.60 18.60 31.71
CA ILE C 208 -45.96 17.30 31.67
C ILE C 208 -46.09 16.55 32.99
N ASP C 209 -46.55 17.21 34.06
CA ASP C 209 -46.78 16.54 35.33
C ASP C 209 -48.10 15.77 35.34
N THR C 210 -48.99 16.06 34.41
CA THR C 210 -50.16 15.22 34.16
C THR C 210 -49.85 14.04 33.26
N GLY C 211 -48.66 14.00 32.66
CA GLY C 211 -48.38 13.03 31.61
C GLY C 211 -49.17 13.25 30.35
N ALA C 212 -49.87 14.38 30.23
CA ALA C 212 -50.77 14.62 29.10
C ALA C 212 -50.10 14.53 27.73
N PRO C 213 -48.94 15.18 27.47
CA PRO C 213 -48.26 14.95 26.19
C PRO C 213 -48.06 13.48 25.93
N PHE C 214 -47.47 12.78 26.90
CA PHE C 214 -47.40 11.32 26.81
C PHE C 214 -48.79 10.72 26.67
N VAL C 215 -49.77 11.28 27.39
CA VAL C 215 -51.14 10.77 27.30
C VAL C 215 -51.73 11.04 25.93
N ASP C 216 -51.55 12.25 25.39
CA ASP C 216 -52.07 12.47 24.04
C ASP C 216 -51.20 11.79 23.00
N MET C 217 -49.90 11.60 23.27
CA MET C 217 -49.14 10.64 22.47
C MET C 217 -49.64 9.23 22.69
N LEU C 218 -50.01 8.88 23.92
CA LEU C 218 -50.77 7.64 24.13
C LEU C 218 -52.13 7.71 23.46
N MET C 219 -52.76 8.88 23.42
CA MET C 219 -53.93 9.07 22.58
C MET C 219 -53.56 9.08 21.10
N ARG C 220 -52.41 9.64 20.74
CA ARG C 220 -51.90 9.46 19.38
C ARG C 220 -51.63 7.98 19.11
N PHE C 221 -51.17 7.26 20.14
CA PHE C 221 -51.18 5.81 20.12
C PHE C 221 -52.60 5.25 20.12
N GLY C 222 -53.58 6.04 20.57
CA GLY C 222 -54.95 5.56 20.61
C GLY C 222 -55.48 5.16 19.26
N MET C 223 -55.30 6.02 18.26
CA MET C 223 -55.52 5.62 16.88
C MET C 223 -54.22 5.32 16.15
N GLY C 224 -53.10 5.25 16.88
CA GLY C 224 -51.83 4.88 16.28
C GLY C 224 -51.35 5.84 15.20
N ILE C 225 -51.28 7.13 15.53
CA ILE C 225 -50.89 8.17 14.59
C ILE C 225 -49.77 8.99 15.20
N MET C 226 -49.02 9.68 14.34
CA MET C 226 -47.92 10.53 14.75
C MET C 226 -48.29 11.99 14.51
N LEU C 227 -47.65 12.87 15.27
CA LEU C 227 -47.79 14.32 15.12
C LEU C 227 -46.40 14.88 14.84
N THR C 228 -46.11 15.11 13.56
CA THR C 228 -44.79 15.58 13.15
C THR C 228 -44.44 16.91 13.81
N GLN C 229 -43.16 17.06 14.17
CA GLN C 229 -42.74 18.18 15.00
C GLN C 229 -43.03 19.53 14.34
N GLU C 230 -43.00 19.60 13.02
CA GLU C 230 -43.39 20.83 12.33
C GLU C 230 -44.85 21.14 12.62
N GLU C 231 -45.72 20.15 12.47
CA GLU C 231 -47.12 20.33 12.83
C GLU C 231 -47.29 20.50 14.33
N GLN C 232 -46.42 19.88 15.13
CA GLN C 232 -46.48 20.01 16.57
C GLN C 232 -46.33 21.46 17.00
N LYS C 233 -45.30 22.14 16.49
CA LYS C 233 -45.12 23.56 16.75
C LYS C 233 -46.31 24.35 16.21
N ARG C 234 -46.89 23.87 15.11
CA ARG C 234 -48.09 24.50 14.58
C ARG C 234 -49.27 24.31 15.52
N ILE C 235 -49.40 23.11 16.10
CA ILE C 235 -50.54 22.81 16.95
C ILE C 235 -50.21 23.09 18.40
N GLU C 236 -48.94 23.40 18.69
CA GLU C 236 -48.55 23.71 20.06
C GLU C 236 -49.38 24.87 20.63
N PRO C 237 -49.56 25.98 19.92
CA PRO C 237 -50.55 26.95 20.42
C PRO C 237 -51.98 26.51 20.17
N ILE C 238 -52.20 25.67 19.16
CA ILE C 238 -53.55 25.20 18.86
C ILE C 238 -54.03 24.24 19.95
N VAL C 239 -53.15 23.38 20.43
CA VAL C 239 -53.50 22.49 21.53
C VAL C 239 -53.10 23.06 22.89
N LYS C 240 -52.44 24.23 22.92
CA LYS C 240 -52.13 24.89 24.19
C LYS C 240 -53.34 25.09 25.08
N PRO C 241 -54.53 25.49 24.58
CA PRO C 241 -55.72 25.49 25.44
C PRO C 241 -55.92 24.15 26.14
N CYS C 242 -55.87 23.07 25.37
CA CYS C 242 -56.06 21.73 25.94
C CYS C 242 -54.83 21.30 26.72
N TYR C 243 -53.64 21.61 26.20
CA TYR C 243 -52.40 21.25 26.89
C TYR C 243 -52.36 21.92 28.25
N ALA C 244 -52.76 23.20 28.31
CA ALA C 244 -52.85 23.89 29.58
C ALA C 244 -54.10 23.47 30.34
N ALA C 245 -55.13 23.00 29.63
CA ALA C 245 -56.35 22.57 30.31
C ALA C 245 -56.07 21.39 31.24
N LEU C 246 -55.37 20.38 30.73
CA LEU C 246 -55.08 19.17 31.50
C LEU C 246 -54.40 19.52 32.81
N GLY C 247 -53.59 20.58 32.81
CA GLY C 247 -53.09 21.11 34.06
C GLY C 247 -54.22 21.54 34.97
N LEU C 248 -54.90 22.63 34.61
CA LEU C 248 -55.94 23.22 35.46
C LEU C 248 -57.15 22.31 35.66
N ALA C 249 -57.60 21.64 34.59
CA ALA C 249 -58.79 20.81 34.68
C ALA C 249 -58.59 19.68 35.67
N ASN C 250 -57.40 19.07 35.64
CA ASN C 250 -57.15 17.91 36.50
C ASN C 250 -57.17 18.29 37.98
N ASP C 251 -56.56 19.43 38.34
CA ASP C 251 -56.48 19.79 39.75
C ASP C 251 -57.87 19.88 40.35
N TYR C 252 -58.78 20.61 39.70
CA TYR C 252 -60.08 20.95 40.24
C TYR C 252 -60.71 19.78 40.99
N PHE C 253 -60.84 18.64 40.33
CA PHE C 253 -61.39 17.46 40.99
C PHE C 253 -60.34 16.76 41.84
N SER C 254 -59.10 16.71 41.36
CA SER C 254 -58.03 16.10 42.14
C SER C 254 -57.79 16.89 43.43
N PHE C 255 -57.78 18.22 43.31
CA PHE C 255 -57.59 19.11 44.45
C PHE C 255 -58.54 18.77 45.57
N ASP C 256 -59.80 18.49 45.23
CA ASP C 256 -60.83 18.18 46.23
C ASP C 256 -60.38 17.03 47.11
N ILE C 257 -59.55 16.15 46.56
CA ILE C 257 -59.01 15.03 47.33
C ILE C 257 -57.53 15.23 47.57
N GLU C 258 -56.82 15.82 46.61
CA GLU C 258 -55.41 16.10 46.80
C GLU C 258 -55.21 17.07 47.96
N TRP C 259 -56.10 18.05 48.12
CA TRP C 259 -56.00 18.92 49.28
C TRP C 259 -56.44 18.21 50.55
N GLU C 260 -57.33 17.23 50.43
CA GLU C 260 -57.61 16.35 51.57
C GLU C 260 -56.36 15.56 51.94
N GLU C 261 -55.63 15.08 50.93
CA GLU C 261 -54.33 14.49 51.18
C GLU C 261 -53.30 15.55 51.52
N PHE C 262 -53.41 16.74 50.91
CA PHE C 262 -52.54 17.85 51.28
C PHE C 262 -52.75 18.24 52.74
N GLN C 263 -54.01 18.30 53.18
CA GLN C 263 -54.27 18.61 54.59
C GLN C 263 -53.71 17.51 55.49
N ALA C 264 -53.42 16.33 54.92
CA ALA C 264 -52.74 15.29 55.66
C ALA C 264 -51.27 15.17 55.29
N GLU C 265 -50.77 16.03 54.39
CA GLU C 265 -49.40 15.94 53.91
C GLU C 265 -48.40 16.66 54.79
N SER C 266 -48.86 17.39 55.82
CA SER C 266 -48.04 18.00 56.86
C SER C 266 -46.75 18.65 56.37
N ASP C 267 -45.75 17.84 56.02
CA ASP C 267 -44.41 18.36 55.72
C ASP C 267 -44.40 19.17 54.43
N LYS C 268 -45.50 19.14 53.68
CA LYS C 268 -45.70 19.83 52.42
C LYS C 268 -45.10 21.23 52.34
N THR C 269 -44.39 21.52 51.25
CA THR C 269 -44.05 22.89 50.89
C THR C 269 -45.27 23.53 50.25
N THR C 270 -45.10 24.67 49.58
CA THR C 270 -46.20 25.22 48.79
C THR C 270 -46.78 24.14 47.88
N MET C 271 -48.04 23.77 48.14
CA MET C 271 -48.65 22.58 47.56
C MET C 271 -48.78 22.80 46.06
N THR C 272 -48.22 21.86 45.29
CA THR C 272 -48.24 21.98 43.84
C THR C 272 -49.64 21.65 43.32
N ASN C 273 -50.47 22.69 43.20
CA ASN C 273 -51.83 22.54 42.71
C ASN C 273 -52.42 23.90 42.40
N ALA C 274 -53.12 24.01 41.27
CA ALA C 274 -53.70 25.29 40.87
C ALA C 274 -54.72 25.78 41.90
N VAL C 275 -55.64 24.90 42.28
CA VAL C 275 -56.81 25.31 43.04
C VAL C 275 -56.43 25.76 44.44
N TRP C 276 -55.65 24.95 45.17
CA TRP C 276 -55.34 25.30 46.55
C TRP C 276 -54.57 26.61 46.65
N LEU C 277 -53.75 26.90 45.63
CA LEU C 277 -53.08 28.18 45.59
C LEU C 277 -54.11 29.30 45.47
N PHE C 278 -55.24 29.00 44.82
CA PHE C 278 -56.25 30.03 44.55
C PHE C 278 -57.00 30.44 45.82
N MET C 279 -57.16 29.53 46.78
CA MET C 279 -57.79 29.90 48.04
C MET C 279 -57.07 31.09 48.69
N GLN C 280 -55.74 31.10 48.62
CA GLN C 280 -54.95 32.06 49.38
C GLN C 280 -54.09 32.99 48.54
N TRP C 281 -53.98 32.76 47.22
CA TRP C 281 -53.20 33.65 46.38
C TRP C 281 -53.78 35.06 46.40
N GLU C 282 -55.08 35.18 46.11
CA GLU C 282 -55.78 36.45 46.19
C GLU C 282 -57.05 36.33 47.03
N ASN C 283 -57.08 35.35 47.94
CA ASN C 283 -58.18 35.15 48.88
C ASN C 283 -59.52 34.97 48.16
N LEU C 284 -59.46 34.26 47.02
CA LEU C 284 -60.68 33.82 46.34
C LEU C 284 -60.98 32.36 46.71
N ASN C 285 -61.74 32.22 47.80
CA ASN C 285 -62.01 30.92 48.38
C ASN C 285 -62.95 30.07 47.53
N ALA C 286 -62.72 28.76 47.54
CA ALA C 286 -63.51 27.72 46.87
C ALA C 286 -64.26 28.20 45.64
N GLU C 287 -65.50 28.65 45.84
CA GLU C 287 -66.38 29.03 44.74
C GLU C 287 -65.73 30.06 43.83
N GLN C 288 -64.90 30.93 44.40
CA GLN C 288 -64.12 31.87 43.59
C GLN C 288 -62.82 31.24 43.12
N ALA C 289 -62.22 30.37 43.95
CA ALA C 289 -61.10 29.57 43.48
C ALA C 289 -61.54 28.68 42.31
N LYS C 290 -62.75 28.16 42.38
CA LYS C 290 -63.35 27.51 41.21
C LYS C 290 -63.50 28.51 40.08
N ARG C 291 -63.93 29.74 40.40
CA ARG C 291 -64.29 30.71 39.37
C ARG C 291 -63.11 31.08 38.49
N ARG C 292 -61.92 31.26 39.07
CA ARG C 292 -60.74 31.48 38.23
C ARG C 292 -60.42 30.24 37.41
N VAL C 293 -60.56 29.05 38.01
CA VAL C 293 -60.51 27.82 37.21
C VAL C 293 -61.63 27.83 36.19
N GLN C 294 -62.84 28.23 36.62
CA GLN C 294 -63.94 28.44 35.70
C GLN C 294 -63.54 29.51 34.68
N GLU C 295 -62.94 30.60 35.16
CA GLU C 295 -62.46 31.64 34.25
C GLU C 295 -61.43 31.03 33.32
N VAL C 296 -60.65 30.07 33.83
CA VAL C 296 -59.72 29.36 32.97
C VAL C 296 -60.50 28.33 32.16
N THR C 297 -61.08 27.32 32.83
CA THR C 297 -61.56 26.12 32.15
C THR C 297 -62.81 26.37 31.30
N LYS C 298 -63.81 27.07 31.85
CA LYS C 298 -64.97 27.42 31.02
C LYS C 298 -64.52 28.18 29.79
N GLN C 299 -63.53 29.07 29.96
CA GLN C 299 -62.94 29.72 28.82
C GLN C 299 -62.05 28.74 28.07
N TYR C 300 -61.05 28.16 28.77
CA TYR C 300 -60.10 27.24 28.15
C TYR C 300 -60.80 26.17 27.32
N GLU C 301 -62.05 25.83 27.66
CA GLU C 301 -62.81 24.92 26.83
C GLU C 301 -63.48 25.67 25.69
N GLN C 302 -64.15 26.78 26.00
CA GLN C 302 -64.62 27.67 24.95
C GLN C 302 -63.45 28.19 24.12
N GLN C 303 -62.38 28.63 24.79
CA GLN C 303 -61.17 29.05 24.10
C GLN C 303 -60.58 27.92 23.28
N TYR C 304 -60.69 26.69 23.78
CA TYR C 304 -60.28 25.52 23.01
C TYR C 304 -61.04 25.50 21.70
N LEU C 305 -62.37 25.42 21.76
CA LEU C 305 -63.17 25.51 20.56
C LEU C 305 -62.95 26.83 19.83
N ARG C 306 -62.79 27.92 20.57
CA ARG C 306 -62.48 29.20 19.93
C ARG C 306 -61.17 29.11 19.16
N ASN C 307 -60.13 28.56 19.80
CA ASN C 307 -58.89 28.28 19.09
C ASN C 307 -59.05 27.12 18.11
N ILE C 308 -59.91 26.14 18.42
CA ILE C 308 -60.25 25.14 17.43
C ILE C 308 -61.00 25.79 16.28
N ALA C 309 -61.86 26.76 16.56
CA ALA C 309 -62.42 27.58 15.49
C ALA C 309 -61.34 28.37 14.78
N ASP C 310 -60.39 28.94 15.54
CA ASP C 310 -59.21 29.52 14.93
C ASP C 310 -58.41 28.46 14.18
N PHE C 311 -58.29 27.27 14.79
CA PHE C 311 -57.74 26.12 14.08
C PHE C 311 -58.62 25.77 12.87
N ALA C 312 -59.94 25.75 13.07
CA ALA C 312 -60.85 25.52 11.94
C ALA C 312 -60.74 26.64 10.91
N ALA C 313 -60.63 27.89 11.36
CA ALA C 313 -60.46 29.00 10.44
C ALA C 313 -59.06 29.00 9.83
N GLY C 314 -58.08 28.48 10.57
CA GLY C 314 -56.70 28.49 10.12
C GLY C 314 -56.16 27.13 9.72
N GLU C 315 -55.40 26.50 10.63
CA GLU C 315 -54.70 25.28 10.29
C GLU C 315 -55.64 24.14 9.90
N GLY C 316 -56.74 23.99 10.62
CA GLY C 316 -57.61 22.85 10.44
C GLY C 316 -58.90 23.10 9.69
N LYS C 317 -58.82 23.89 8.61
CA LYS C 317 -59.99 24.10 7.77
C LYS C 317 -60.49 22.77 7.20
N GLU C 318 -59.61 22.00 6.59
CA GLU C 318 -59.93 20.64 6.15
C GLU C 318 -58.76 19.71 6.41
N ASN C 319 -58.08 19.88 7.55
CA ASN C 319 -56.77 19.29 7.74
C ASN C 319 -56.84 17.81 8.15
N ILE C 320 -57.99 17.17 7.92
CA ILE C 320 -58.19 15.73 8.05
C ILE C 320 -57.69 15.20 9.40
N LYS C 321 -56.42 14.80 9.46
CA LYS C 321 -55.88 14.06 10.61
C LYS C 321 -56.02 14.87 11.89
N LEU C 322 -55.31 15.99 11.96
CA LEU C 322 -55.33 16.85 13.14
C LEU C 322 -56.73 17.35 13.48
N GLN C 323 -57.58 17.59 12.46
CA GLN C 323 -59.02 17.78 12.66
C GLN C 323 -59.69 16.58 13.31
N THR C 324 -59.48 15.35 12.81
CA THR C 324 -60.03 14.21 13.55
C THR C 324 -59.22 13.95 14.81
N TYR C 325 -57.95 14.33 14.83
CA TYR C 325 -57.14 14.12 16.02
C TYR C 325 -57.46 15.16 17.09
N LEU C 326 -57.65 16.43 16.70
CA LEU C 326 -58.21 17.38 17.66
C LEU C 326 -59.63 17.02 18.03
N LYS C 327 -60.36 16.31 17.16
CA LYS C 327 -61.68 15.81 17.56
C LYS C 327 -61.54 14.86 18.74
N ALA C 328 -60.64 13.88 18.63
CA ALA C 328 -60.33 13.03 19.77
C ALA C 328 -59.70 13.82 20.90
N GLN C 329 -58.80 14.74 20.57
CA GLN C 329 -58.20 15.67 21.53
C GLN C 329 -59.20 16.71 22.03
N GLY C 330 -60.35 16.78 21.36
CA GLY C 330 -61.46 17.60 21.81
C GLY C 330 -62.35 16.87 22.79
N TYR C 331 -62.39 15.54 22.69
CA TYR C 331 -63.07 14.76 23.72
C TYR C 331 -62.19 14.51 24.93
N GLN C 332 -60.91 14.90 24.88
CA GLN C 332 -60.00 14.72 26.00
C GLN C 332 -60.47 15.48 27.23
N VAL C 333 -60.72 16.78 27.08
CA VAL C 333 -61.10 17.62 28.20
C VAL C 333 -62.40 17.07 28.79
N PRO C 334 -63.50 16.84 27.98
CA PRO C 334 -64.70 16.22 28.54
C PRO C 334 -64.49 14.80 29.04
N GLY C 335 -63.62 14.03 28.41
CA GLY C 335 -63.26 12.72 28.90
C GLY C 335 -62.67 12.67 30.29
N ASN C 336 -61.76 13.59 30.61
CA ASN C 336 -61.33 13.70 32.00
C ASN C 336 -62.42 14.38 32.82
N VAL C 337 -63.23 15.24 32.21
CA VAL C 337 -64.21 15.90 33.07
C VAL C 337 -65.27 14.89 33.46
N ALA C 338 -65.81 14.16 32.46
CA ALA C 338 -66.75 13.06 32.73
C ALA C 338 -66.15 12.03 33.67
N TRP C 339 -64.86 11.74 33.53
CA TRP C 339 -64.21 10.77 34.40
C TRP C 339 -64.18 11.24 35.86
N SER C 340 -63.83 12.52 36.07
CA SER C 340 -63.56 13.06 37.40
C SER C 340 -64.81 13.38 38.20
N LEU C 341 -65.99 13.32 37.60
CA LEU C 341 -67.19 13.78 38.29
C LEU C 341 -67.58 12.89 39.46
N ARG C 342 -67.54 11.56 39.26
CA ARG C 342 -68.06 10.63 40.25
C ARG C 342 -67.28 9.31 40.34
N CYS C 343 -65.97 9.33 40.11
CA CYS C 343 -65.20 8.08 40.08
C CYS C 343 -64.92 7.59 41.50
N PRO C 344 -64.99 6.28 41.78
CA PRO C 344 -64.56 5.80 43.10
C PRO C 344 -63.10 6.10 43.41
N ARG C 345 -62.26 6.17 42.39
CA ARG C 345 -60.87 6.59 42.52
C ARG C 345 -60.82 7.95 43.22
N TYR C 346 -61.79 8.80 42.94
CA TYR C 346 -61.87 10.11 43.56
C TYR C 346 -62.84 10.16 44.72
N HIS C 347 -63.80 9.25 44.77
CA HIS C 347 -64.79 9.18 45.85
C HIS C 347 -64.87 7.76 46.39
N PRO C 348 -64.01 7.42 47.37
CA PRO C 348 -63.81 6.03 47.78
C PRO C 348 -65.06 5.30 48.22
N TRP C 349 -66.03 6.02 48.79
CA TRP C 349 -67.23 5.41 49.34
C TRP C 349 -67.96 4.55 48.31
N LEU C 350 -67.81 4.90 47.02
CA LEU C 350 -68.48 4.13 45.98
C LEU C 350 -67.85 2.77 45.78
N CYS C 351 -66.67 2.54 46.36
CA CYS C 351 -65.83 1.38 46.07
C CYS C 351 -66.58 0.06 46.28
N LYS C 352 -67.31 -0.05 47.38
CA LYS C 352 -67.93 -1.32 47.73
C LYS C 352 -68.91 -1.81 46.67
N GLU C 353 -69.88 -0.98 46.30
CA GLU C 353 -70.76 -1.35 45.19
C GLU C 353 -70.00 -1.34 43.87
N ALA C 354 -68.99 -0.47 43.75
CA ALA C 354 -68.09 -0.55 42.61
C ALA C 354 -67.40 -1.91 42.57
N ALA C 355 -66.88 -2.35 43.72
CA ALA C 355 -66.33 -3.71 43.80
C ALA C 355 -67.43 -4.74 43.63
N SER C 356 -68.62 -4.47 44.17
CA SER C 356 -69.76 -5.35 43.94
C SER C 356 -70.10 -5.41 42.45
N LEU C 357 -70.04 -4.26 41.77
CA LEU C 357 -70.18 -4.27 40.32
C LEU C 357 -69.06 -5.07 39.68
N LEU C 358 -67.82 -4.85 40.14
CA LEU C 358 -66.69 -5.64 39.64
C LEU C 358 -66.88 -7.11 39.96
N HIS C 359 -67.52 -7.40 41.10
CA HIS C 359 -67.88 -8.78 41.41
C HIS C 359 -68.83 -9.34 40.37
N GLN C 360 -69.66 -8.47 39.79
CA GLN C 360 -70.52 -8.88 38.69
C GLN C 360 -69.81 -8.71 37.36
N ASP C 361 -69.13 -7.58 37.17
CA ASP C 361 -68.39 -7.32 35.95
C ASP C 361 -67.23 -8.29 35.78
N LEU C 426 -9.97 -25.10 20.52
CA LEU C 426 -10.08 -26.47 20.04
C LEU C 426 -8.69 -27.09 19.88
N GLY C 427 -7.90 -27.02 20.95
CA GLY C 427 -6.56 -27.54 20.93
C GLY C 427 -5.71 -26.94 22.02
N ASP C 428 -4.39 -27.13 21.96
CA ASP C 428 -3.50 -26.56 22.94
C ASP C 428 -2.37 -25.79 22.26
N GLU C 429 -1.93 -26.26 21.11
CA GLU C 429 -0.90 -25.55 20.37
C GLU C 429 -1.47 -24.24 19.82
N HIS C 430 -0.60 -23.49 19.14
CA HIS C 430 -0.93 -22.21 18.49
C HIS C 430 -1.08 -21.14 19.55
N LEU C 431 -1.08 -21.55 20.82
CA LEU C 431 -1.08 -20.64 21.96
C LEU C 431 0.20 -20.82 22.76
N LEU C 432 0.54 -22.06 23.08
CA LEU C 432 1.83 -22.34 23.68
C LEU C 432 2.97 -22.27 22.67
N GLY C 433 2.67 -22.28 21.38
CA GLY C 433 3.67 -22.34 20.33
C GLY C 433 4.75 -21.29 20.42
N PRO C 434 4.38 -20.02 20.36
CA PRO C 434 5.39 -18.96 20.49
C PRO C 434 6.17 -19.03 21.80
N ALA C 435 5.55 -19.53 22.86
CA ALA C 435 6.26 -19.66 24.13
C ALA C 435 7.32 -20.74 24.08
N GLU C 436 7.13 -21.77 23.26
CA GLU C 436 8.16 -22.81 23.13
C GLU C 436 9.43 -22.25 22.51
N TYR C 437 9.29 -21.41 21.49
CA TYR C 437 10.46 -20.91 20.78
C TYR C 437 11.32 -20.03 21.68
N ILE C 438 10.68 -19.06 22.37
CA ILE C 438 11.45 -18.14 23.20
C ILE C 438 11.94 -18.78 24.48
N SER C 439 11.37 -19.93 24.86
CA SER C 439 11.86 -20.71 25.98
C SER C 439 12.82 -21.81 25.54
N SER C 440 13.24 -21.77 24.28
CA SER C 440 14.23 -22.73 23.79
C SER C 440 15.36 -22.03 23.04
N LEU C 441 15.66 -20.82 23.41
CA LEU C 441 16.79 -20.06 22.89
C LEU C 441 17.94 -20.05 23.89
N PRO C 442 19.17 -19.89 23.44
CA PRO C 442 20.29 -19.80 24.36
C PRO C 442 20.15 -18.64 25.32
N SER C 443 20.01 -18.93 26.61
CA SER C 443 19.81 -17.91 27.62
C SER C 443 21.10 -17.63 28.39
N LYS C 444 21.18 -16.42 28.95
CA LYS C 444 22.34 -16.04 29.75
C LYS C 444 22.23 -16.65 31.15
N GLY C 445 21.09 -16.45 31.81
CA GLY C 445 20.85 -17.11 33.07
C GLY C 445 21.12 -16.27 34.29
N VAL C 446 20.74 -14.99 34.25
CA VAL C 446 21.03 -14.08 35.35
C VAL C 446 19.90 -14.10 36.37
N ARG C 447 18.67 -13.85 35.92
CA ARG C 447 17.51 -13.84 36.81
C ARG C 447 17.33 -15.18 37.49
N GLU C 448 17.69 -16.25 36.78
CA GLU C 448 17.59 -17.59 37.34
C GLU C 448 18.64 -17.84 38.40
N ALA C 449 19.78 -17.14 38.33
CA ALA C 449 20.88 -17.35 39.27
C ALA C 449 20.80 -16.44 40.48
N PHE C 450 20.08 -15.32 40.38
CA PHE C 450 19.90 -14.44 41.54
C PHE C 450 19.16 -15.17 42.66
N ILE C 451 18.13 -15.93 42.30
CA ILE C 451 17.42 -16.75 43.28
C ILE C 451 18.35 -17.80 43.85
N ASP C 452 19.24 -18.34 43.03
CA ASP C 452 20.16 -19.37 43.49
C ASP C 452 21.06 -18.85 44.59
N GLY C 453 21.39 -17.57 44.54
CA GLY C 453 22.26 -16.95 45.54
C GLY C 453 21.57 -16.60 46.84
N LEU C 454 20.45 -15.87 46.75
CA LEU C 454 19.73 -15.44 47.94
C LEU C 454 19.27 -16.58 48.81
N ASN C 455 19.06 -17.77 48.22
CA ASN C 455 18.53 -18.89 48.98
C ASN C 455 19.49 -19.30 50.09
N VAL C 456 20.79 -19.03 49.92
CA VAL C 456 21.78 -19.38 50.92
C VAL C 456 21.61 -18.50 52.15
N TRP C 457 21.21 -17.25 51.93
CA TRP C 457 20.90 -16.35 53.04
C TRP C 457 19.55 -16.68 53.64
N LEU C 458 18.66 -17.24 52.83
CA LEU C 458 17.25 -17.30 53.19
C LEU C 458 16.77 -18.69 53.58
N VAL C 459 17.28 -19.73 52.94
CA VAL C 459 17.03 -21.12 53.34
C VAL C 459 15.56 -21.49 53.16
N LEU C 460 15.23 -22.11 52.02
CA LEU C 460 13.86 -22.56 51.78
C LEU C 460 13.86 -23.89 51.05
N PRO C 461 12.81 -24.70 51.22
CA PRO C 461 12.82 -26.07 50.66
C PRO C 461 12.98 -26.10 49.15
N ASP C 462 13.67 -27.14 48.67
CA ASP C 462 14.05 -27.25 47.26
C ASP C 462 12.84 -27.32 46.34
N HIS C 463 11.75 -27.90 46.83
CA HIS C 463 10.53 -28.00 46.05
C HIS C 463 9.98 -26.60 45.77
N ARG C 464 10.05 -25.71 46.75
CA ARG C 464 9.59 -24.35 46.56
C ARG C 464 10.64 -23.45 45.94
N VAL C 465 11.86 -23.92 45.74
CA VAL C 465 12.88 -23.09 45.12
C VAL C 465 12.81 -23.20 43.60
N ASN C 466 12.58 -24.41 43.07
CA ASN C 466 12.43 -24.57 41.63
C ASN C 466 11.14 -23.93 41.14
N GLN C 467 10.13 -23.84 42.00
CA GLN C 467 8.86 -23.25 41.62
C GLN C 467 9.03 -21.78 41.24
N LEU C 468 9.77 -21.02 42.06
CA LEU C 468 9.97 -19.61 41.78
C LEU C 468 10.85 -19.41 40.55
N LYS C 469 11.84 -20.27 40.34
CA LYS C 469 12.67 -20.17 39.15
C LYS C 469 11.88 -20.43 37.89
N SER C 470 10.86 -21.29 37.95
CA SER C 470 9.95 -21.43 36.82
C SER C 470 9.13 -20.17 36.60
N ILE C 471 8.69 -19.52 37.68
CA ILE C 471 7.94 -18.29 37.56
C ILE C 471 8.80 -17.19 36.95
N ALA C 472 10.03 -17.05 37.42
CA ALA C 472 10.95 -16.04 36.90
C ALA C 472 11.29 -16.27 35.43
N GLN C 473 11.50 -17.52 35.04
CA GLN C 473 11.82 -17.81 33.65
C GLN C 473 10.64 -17.49 32.74
N THR C 474 9.42 -17.79 33.16
CA THR C 474 8.23 -17.53 32.36
C THR C 474 7.97 -16.04 32.21
N LEU C 475 7.97 -15.31 33.33
CA LEU C 475 7.70 -13.88 33.30
C LEU C 475 8.74 -13.14 32.48
N HIS C 476 10.01 -13.53 32.62
CA HIS C 476 11.05 -12.88 31.85
C HIS C 476 10.85 -13.11 30.36
N ASN C 477 10.40 -14.31 29.98
CA ASN C 477 10.11 -14.58 28.58
C ASN C 477 8.93 -13.75 28.07
N ALA C 478 8.02 -13.37 28.97
CA ALA C 478 6.92 -12.50 28.56
C ALA C 478 7.42 -11.11 28.21
N SER C 479 8.37 -10.59 28.98
CA SER C 479 8.90 -9.25 28.75
C SER C 479 9.67 -9.18 27.43
N LEU C 480 10.54 -10.16 27.20
CA LEU C 480 11.34 -10.16 25.98
C LEU C 480 10.46 -10.34 24.75
N MET C 481 9.44 -11.19 24.85
CA MET C 481 8.57 -11.49 23.72
C MET C 481 7.84 -10.24 23.26
N LEU C 482 7.41 -9.40 24.21
CA LEU C 482 6.76 -8.16 23.85
C LEU C 482 7.76 -7.08 23.46
N ASP C 483 9.03 -7.27 23.78
CA ASP C 483 10.04 -6.27 23.46
C ASP C 483 10.27 -6.17 21.97
N ASP C 484 10.68 -7.28 21.33
CA ASP C 484 11.08 -7.25 19.93
C ASP C 484 9.99 -6.66 19.06
N ILE C 485 8.72 -6.87 19.45
CA ILE C 485 7.60 -6.22 18.77
C ILE C 485 7.55 -4.72 19.01
N GLU C 486 7.99 -4.26 20.18
CA GLU C 486 7.86 -2.86 20.57
C GLU C 486 9.15 -2.09 20.32
N ASP C 487 10.16 -2.75 19.75
CA ASP C 487 11.37 -2.06 19.33
C ASP C 487 11.86 -2.54 17.97
N HIS C 488 10.99 -3.16 17.19
CA HIS C 488 11.27 -3.52 15.80
C HIS C 488 12.45 -4.48 15.66
N SER C 489 12.95 -4.99 16.78
CA SER C 489 14.10 -5.87 16.80
C SER C 489 13.86 -7.11 15.95
N PRO C 490 14.57 -7.25 14.82
CA PRO C 490 14.31 -8.39 13.94
C PRO C 490 15.01 -9.66 14.36
N LEU C 491 15.84 -9.63 15.40
CA LEU C 491 16.53 -10.82 15.86
C LEU C 491 16.93 -10.64 17.31
N ARG C 492 17.18 -11.77 17.98
CA ARG C 492 17.70 -11.79 19.35
C ARG C 492 18.60 -13.00 19.52
N ARG C 493 19.68 -12.80 20.28
CA ARG C 493 20.65 -13.86 20.57
C ARG C 493 21.35 -14.36 19.32
N GLY C 494 21.10 -13.74 18.18
CA GLY C 494 21.70 -14.17 16.94
C GLY C 494 20.78 -15.03 16.11
N ARG C 495 19.66 -15.42 16.70
CA ARG C 495 18.67 -16.25 16.03
C ARG C 495 17.47 -15.41 15.63
N PRO C 496 16.61 -15.91 14.76
CA PRO C 496 15.40 -15.17 14.40
C PRO C 496 14.52 -14.90 15.61
N SER C 497 13.91 -13.71 15.61
CA SER C 497 13.05 -13.28 16.69
C SER C 497 11.73 -14.05 16.67
N THR C 498 11.00 -13.97 17.79
CA THR C 498 9.77 -14.72 17.96
C THR C 498 8.58 -14.10 17.26
N HIS C 499 8.70 -12.89 16.75
CA HIS C 499 7.61 -12.25 16.01
C HIS C 499 7.87 -12.31 14.51
N MET C 500 8.76 -13.20 14.10
CA MET C 500 9.01 -13.47 12.69
C MET C 500 8.71 -14.89 12.27
N ILE C 501 8.41 -15.79 13.19
CA ILE C 501 8.03 -17.16 12.87
C ILE C 501 6.58 -17.44 13.16
N PHE C 502 5.97 -16.75 14.12
CA PHE C 502 4.59 -16.99 14.47
C PHE C 502 3.67 -15.81 14.21
N GLY C 503 4.19 -14.65 13.83
CA GLY C 503 3.40 -13.49 13.52
C GLY C 503 3.42 -12.48 14.64
N THR C 504 3.08 -11.24 14.29
CA THR C 504 3.01 -10.15 15.24
C THR C 504 1.87 -10.30 16.22
N GLU C 505 0.70 -10.76 15.78
CA GLU C 505 -0.44 -10.83 16.68
C GLU C 505 -0.51 -12.14 17.44
N GLN C 506 -0.16 -13.26 16.81
CA GLN C 506 -0.12 -14.51 17.54
C GLN C 506 0.90 -14.48 18.67
N THR C 507 1.89 -13.59 18.57
CA THR C 507 2.85 -13.42 19.66
C THR C 507 2.24 -12.63 20.81
N ILE C 508 1.40 -11.64 20.50
CA ILE C 508 0.78 -10.83 21.54
C ILE C 508 -0.16 -11.67 22.38
N ASN C 509 -0.86 -12.61 21.75
CA ASN C 509 -1.73 -13.52 22.48
C ASN C 509 -0.94 -14.38 23.45
N SER C 510 0.20 -14.91 23.01
CA SER C 510 1.00 -15.78 23.88
C SER C 510 1.53 -15.01 25.08
N ALA C 511 1.91 -13.74 24.87
CA ALA C 511 2.36 -12.92 25.98
C ALA C 511 1.22 -12.64 26.95
N ASN C 512 0.04 -12.30 26.42
CA ASN C 512 -1.08 -11.96 27.30
C ASN C 512 -1.62 -13.19 28.01
N PHE C 513 -1.19 -14.38 27.61
CA PHE C 513 -1.61 -15.59 28.31
C PHE C 513 -0.55 -16.09 29.27
N LEU C 514 0.73 -15.90 28.96
CA LEU C 514 1.78 -16.22 29.92
C LEU C 514 1.65 -15.39 31.18
N LEU C 515 1.09 -14.18 31.07
CA LEU C 515 0.79 -13.39 32.25
C LEU C 515 -0.30 -14.05 33.10
N ILE C 516 -1.10 -14.94 32.51
CA ILE C 516 -2.09 -15.69 33.27
C ILE C 516 -1.48 -16.99 33.78
N ASP C 517 -0.60 -17.62 33.01
CA ASP C 517 0.05 -18.84 33.45
C ASP C 517 0.92 -18.61 34.68
N VAL C 518 1.48 -17.41 34.82
CA VAL C 518 2.24 -17.10 36.04
C VAL C 518 1.32 -17.05 37.24
N MET C 519 0.10 -16.54 37.07
CA MET C 519 -0.81 -16.43 38.20
C MET C 519 -1.27 -17.78 38.71
N GLU C 520 -1.35 -18.77 37.83
CA GLU C 520 -1.72 -20.11 38.29
C GLU C 520 -0.63 -20.66 39.19
N LYS C 521 0.64 -20.35 38.89
CA LYS C 521 1.73 -20.82 39.72
C LYS C 521 1.86 -20.04 41.01
N VAL C 522 1.49 -18.76 41.00
CA VAL C 522 1.56 -17.97 42.22
C VAL C 522 0.64 -18.53 43.28
N ARG C 523 -0.57 -18.92 42.88
CA ARG C 523 -1.50 -19.56 43.81
C ARG C 523 -0.93 -20.87 44.33
N GLN C 524 -0.26 -21.63 43.46
CA GLN C 524 0.17 -22.98 43.81
C GLN C 524 1.08 -23.00 45.02
N LEU C 525 2.05 -22.09 45.07
CA LEU C 525 2.89 -21.98 46.25
C LEU C 525 2.06 -21.39 47.39
N ASP C 526 1.87 -22.19 48.44
CA ASP C 526 0.86 -21.93 49.45
C ASP C 526 1.11 -20.63 50.19
N ASP C 527 0.27 -19.63 49.93
CA ASP C 527 0.27 -18.36 50.63
C ASP C 527 -0.94 -17.54 50.21
N PRO C 528 -1.59 -16.84 51.14
CA PRO C 528 -2.75 -16.03 50.75
C PRO C 528 -2.35 -14.64 50.27
N ARG C 529 -1.22 -14.13 50.76
CA ARG C 529 -0.81 -12.77 50.45
C ARG C 529 0.36 -12.72 49.46
N CYS C 530 0.91 -13.87 49.07
CA CYS C 530 1.93 -13.87 48.04
C CYS C 530 1.39 -13.37 46.71
N MET C 531 0.10 -13.53 46.45
CA MET C 531 -0.49 -13.03 45.21
C MET C 531 -0.63 -11.52 45.22
N ASP C 532 -0.99 -10.93 46.36
CA ASP C 532 -1.09 -9.48 46.42
C ASP C 532 0.25 -8.81 46.16
N ILE C 533 1.34 -9.45 46.56
CA ILE C 533 2.67 -8.95 46.23
C ILE C 533 2.89 -8.98 44.73
N TYR C 534 2.49 -10.08 44.08
CA TYR C 534 2.60 -10.17 42.64
C TYR C 534 1.72 -9.13 41.95
N LEU C 535 0.53 -8.90 42.48
CA LEU C 535 -0.37 -7.92 41.86
C LEU C 535 0.07 -6.49 42.06
N GLU C 536 1.07 -6.25 42.91
CA GLU C 536 1.60 -4.92 43.17
C GLU C 536 2.89 -4.64 42.43
N GLU C 537 3.83 -5.59 42.42
CA GLU C 537 5.05 -5.43 41.66
C GLU C 537 4.84 -5.63 40.17
N MET C 538 3.64 -6.00 39.74
CA MET C 538 3.30 -5.98 38.33
C MET C 538 2.63 -4.68 37.91
N ARG C 539 1.88 -4.03 38.80
CA ARG C 539 1.40 -2.69 38.51
C ARG C 539 2.57 -1.71 38.43
N ASN C 540 3.52 -1.83 39.37
CA ASN C 540 4.70 -0.99 39.32
C ASN C 540 5.56 -1.32 38.11
N LEU C 541 5.59 -2.58 37.71
CA LEU C 541 6.35 -2.96 36.52
C LEU C 541 5.77 -2.31 35.27
N PHE C 542 4.44 -2.33 35.14
CA PHE C 542 3.81 -1.76 33.97
C PHE C 542 3.77 -0.24 34.03
N ILE C 543 3.84 0.33 35.23
CA ILE C 543 3.78 1.79 35.37
C ILE C 543 5.04 2.42 34.80
N GLY C 544 6.17 1.72 34.88
CA GLY C 544 7.42 2.30 34.39
C GLY C 544 7.59 2.12 32.91
N GLN C 545 7.23 0.95 32.39
CA GLN C 545 7.33 0.68 30.97
C GLN C 545 6.40 1.55 30.14
N SER C 546 5.32 2.05 30.72
CA SER C 546 4.50 3.03 30.03
C SER C 546 5.28 4.32 29.80
N PHE C 547 6.08 4.73 30.78
CA PHE C 547 6.84 5.97 30.65
C PHE C 547 7.94 5.85 29.61
N ASP C 548 8.59 4.68 29.53
CA ASP C 548 9.63 4.50 28.53
C ASP C 548 9.06 4.57 27.12
N LEU C 549 7.89 3.97 26.91
CA LEU C 549 7.28 3.98 25.59
C LEU C 549 6.83 5.37 25.18
N TYR C 550 6.45 6.20 26.14
CA TYR C 550 6.12 7.59 25.84
C TYR C 550 7.34 8.32 25.33
N TRP C 551 8.47 8.18 26.03
CA TRP C 551 9.66 8.94 25.69
C TRP C 551 10.30 8.52 24.38
N THR C 552 9.86 7.41 23.79
CA THR C 552 10.43 6.94 22.53
C THR C 552 9.54 7.18 21.33
N ARG C 553 8.22 7.27 21.50
CA ARG C 553 7.35 7.61 20.39
C ARG C 553 7.19 9.12 20.29
N ASN C 554 6.67 9.74 21.36
CA ASN C 554 6.67 11.19 21.44
C ASN C 554 8.02 11.63 21.97
N GLY C 555 9.00 11.74 21.08
CA GLY C 555 10.37 12.04 21.46
C GLY C 555 10.50 13.18 22.44
N GLU C 556 10.95 12.89 23.64
CA GLU C 556 11.08 13.88 24.69
C GLU C 556 12.17 13.42 25.65
N CYS C 557 13.11 14.28 25.94
CA CYS C 557 14.25 13.88 26.74
C CYS C 557 13.89 13.90 28.21
N PRO C 558 13.96 12.76 28.90
CA PRO C 558 13.73 12.75 30.35
C PRO C 558 14.95 13.28 31.09
N SER C 559 14.70 13.77 32.29
CA SER C 559 15.78 14.21 33.15
C SER C 559 16.53 13.00 33.70
N GLU C 560 17.70 13.26 34.29
CA GLU C 560 18.50 12.18 34.85
C GLU C 560 17.76 11.49 36.00
N GLU C 561 17.07 12.26 36.84
CA GLU C 561 16.30 11.67 37.92
C GLU C 561 15.10 10.91 37.39
N GLN C 562 14.43 11.44 36.37
CA GLN C 562 13.27 10.75 35.81
C GLN C 562 13.67 9.51 35.03
N TYR C 563 14.87 9.48 34.45
CA TYR C 563 15.35 8.27 33.81
C TYR C 563 15.75 7.21 34.83
N LEU C 564 16.28 7.64 35.97
CA LEU C 564 16.70 6.67 36.98
C LEU C 564 15.52 6.01 37.69
N ASP C 565 14.39 6.70 37.79
CA ASP C 565 13.21 6.09 38.38
C ASP C 565 12.50 5.14 37.41
N MET C 566 12.62 5.38 36.10
CA MET C 566 11.99 4.50 35.14
C MET C 566 12.69 3.14 35.11
N ILE C 567 14.02 3.14 35.00
CA ILE C 567 14.75 1.88 35.04
C ILE C 567 14.71 1.27 36.42
N ARG C 568 14.27 2.05 37.42
CA ARG C 568 14.15 1.52 38.77
C ARG C 568 12.93 0.60 38.89
N GLN C 569 11.83 0.95 38.23
CA GLN C 569 10.56 0.25 38.41
C GLN C 569 10.20 -0.58 37.17
N LYS C 570 11.20 -0.83 36.33
CA LYS C 570 10.94 -1.58 35.11
C LYS C 570 11.92 -2.73 34.95
N THR C 571 13.15 -2.56 35.43
CA THR C 571 14.09 -3.66 35.50
C THR C 571 14.20 -4.25 36.89
N GLY C 572 14.26 -3.42 37.93
CA GLY C 572 14.29 -3.90 39.29
C GLY C 572 12.95 -4.36 39.82
N GLY C 573 11.88 -4.14 39.08
CA GLY C 573 10.56 -4.61 39.49
C GLY C 573 10.49 -6.12 39.51
N LEU C 574 11.06 -6.76 38.50
CA LEU C 574 11.12 -8.22 38.49
C LEU C 574 12.01 -8.74 39.60
N PHE C 575 13.12 -8.07 39.88
CA PHE C 575 13.99 -8.50 40.97
C PHE C 575 13.31 -8.30 42.32
N ARG C 576 12.53 -7.24 42.47
CA ARG C 576 11.75 -7.06 43.69
C ARG C 576 10.75 -8.18 43.87
N LEU C 577 10.07 -8.55 42.79
CA LEU C 577 9.03 -9.57 42.89
C LEU C 577 9.60 -10.90 43.34
N LEU C 578 10.77 -11.27 42.81
CA LEU C 578 11.42 -12.49 43.26
C LEU C 578 11.91 -12.37 44.70
N THR C 579 12.20 -11.15 45.15
CA THR C 579 12.71 -10.96 46.49
C THR C 579 11.59 -10.96 47.53
N ARG C 580 10.55 -10.18 47.29
CA ARG C 580 9.45 -10.07 48.24
C ARG C 580 8.55 -11.31 48.25
N MET C 581 8.70 -12.22 47.30
CA MET C 581 8.02 -13.51 47.41
C MET C 581 8.84 -14.50 48.21
N MET C 582 10.17 -14.50 48.04
CA MET C 582 11.01 -15.42 48.78
C MET C 582 11.05 -15.05 50.26
N VAL C 583 11.07 -13.75 50.56
CA VAL C 583 11.25 -13.26 51.91
C VAL C 583 9.92 -13.31 52.65
N GLN C 584 8.90 -13.85 51.99
CA GLN C 584 7.57 -13.98 52.56
C GLN C 584 7.14 -15.43 52.72
N ILE C 585 7.63 -16.36 51.91
CA ILE C 585 7.24 -17.76 52.02
C ILE C 585 8.40 -18.59 52.53
N ALA C 586 9.43 -17.92 53.04
CA ALA C 586 10.58 -18.60 53.62
C ALA C 586 10.20 -19.06 55.03
N PRO C 587 10.87 -20.07 55.57
CA PRO C 587 10.48 -20.58 56.89
C PRO C 587 10.77 -19.59 58.01
N VAL C 588 10.04 -18.48 58.00
CA VAL C 588 10.00 -17.45 59.05
C VAL C 588 11.40 -16.91 59.36
N GLN C 589 11.47 -15.94 60.27
CA GLN C 589 12.68 -15.31 60.79
C GLN C 589 13.41 -14.50 59.72
N GLN C 590 12.96 -14.61 58.47
CA GLN C 590 13.45 -13.75 57.41
C GLN C 590 12.39 -12.72 57.05
N LYS C 591 12.00 -11.87 57.99
CA LYS C 591 11.02 -10.84 57.71
C LYS C 591 11.52 -9.48 58.20
N GLY C 592 12.34 -9.49 59.24
CA GLY C 592 12.93 -8.25 59.72
C GLY C 592 13.90 -7.63 58.73
N LEU C 593 14.60 -8.47 57.96
CA LEU C 593 15.61 -7.97 57.03
C LEU C 593 15.04 -7.72 55.64
N GLU C 594 13.71 -7.80 55.50
CA GLU C 594 13.04 -7.64 54.22
C GLU C 594 13.44 -6.36 53.49
N THR C 595 13.54 -5.25 54.23
CA THR C 595 13.83 -3.97 53.59
C THR C 595 15.21 -3.98 52.92
N GLN C 596 16.20 -4.60 53.56
CA GLN C 596 17.56 -4.54 53.05
C GLN C 596 17.66 -5.24 51.70
N LEU C 597 17.02 -6.40 51.55
CA LEU C 597 17.06 -7.09 50.27
C LEU C 597 16.32 -6.31 49.19
N ALA C 598 15.28 -5.56 49.57
CA ALA C 598 14.61 -4.70 48.60
C ALA C 598 15.52 -3.55 48.17
N SER C 599 16.49 -3.18 49.00
CA SER C 599 17.46 -2.16 48.60
C SER C 599 18.47 -2.72 47.60
N LEU C 600 18.91 -3.96 47.82
CA LEU C 600 19.81 -4.61 46.87
C LEU C 600 19.16 -4.77 45.51
N SER C 601 17.90 -5.22 45.49
CA SER C 601 17.21 -5.40 44.22
C SER C 601 17.04 -4.07 43.51
N ASP C 602 16.84 -3.00 44.27
CA ASP C 602 16.66 -1.69 43.65
C ASP C 602 17.98 -1.12 43.15
N VAL C 603 19.06 -1.33 43.91
CA VAL C 603 20.37 -0.81 43.51
C VAL C 603 21.00 -1.67 42.43
N LEU C 604 20.52 -2.90 42.27
CA LEU C 604 21.05 -3.77 41.24
C LEU C 604 20.24 -3.72 39.96
N GLY C 605 18.94 -3.46 40.05
CA GLY C 605 18.16 -3.24 38.83
C GLY C 605 18.69 -2.09 38.01
N GLU C 606 19.14 -1.03 38.70
CA GLU C 606 19.78 0.08 38.01
C GLU C 606 21.03 -0.38 37.28
N PHE C 607 21.84 -1.21 37.92
CA PHE C 607 23.15 -1.60 37.42
C PHE C 607 23.06 -2.21 36.02
N PHE C 608 22.09 -3.09 35.82
CA PHE C 608 21.97 -3.81 34.55
C PHE C 608 21.68 -2.85 33.42
N GLN C 609 20.82 -1.87 33.67
CA GLN C 609 20.42 -0.91 32.66
C GLN C 609 21.52 0.09 32.34
N VAL C 610 22.30 0.50 33.34
CA VAL C 610 23.42 1.41 33.09
C VAL C 610 24.67 0.68 32.64
N ARG C 611 24.68 -0.65 32.71
CA ARG C 611 25.77 -1.45 32.18
C ARG C 611 25.47 -1.96 30.79
N ASP C 612 24.20 -2.16 30.46
CA ASP C 612 23.82 -2.52 29.11
C ASP C 612 24.05 -1.38 28.13
N ASP C 613 23.87 -0.14 28.55
CA ASP C 613 24.05 1.01 27.67
C ASP C 613 25.48 1.19 27.21
N TYR C 614 26.47 0.80 28.01
CA TYR C 614 27.86 0.77 27.54
C TYR C 614 28.17 -0.46 26.72
N LYS C 615 27.64 -1.62 27.09
CA LYS C 615 27.80 -2.80 26.25
C LYS C 615 27.15 -2.62 24.89
N ASN C 616 26.13 -1.76 24.82
CA ASN C 616 25.47 -1.44 23.56
C ASN C 616 26.10 -0.25 22.85
N LEU C 617 27.18 0.30 23.40
CA LEU C 617 27.85 1.45 22.78
C LEU C 617 29.35 1.26 22.98
N THR C 618 30.00 0.61 22.03
CA THR C 618 31.44 0.40 22.09
C THR C 618 32.00 0.11 20.71
N LEU C 631 21.07 1.64 19.58
CA LEU C 631 20.61 2.94 19.12
C LEU C 631 19.85 2.75 17.81
N ASP C 632 19.79 1.50 17.34
CA ASP C 632 19.07 1.20 16.11
C ASP C 632 17.60 1.59 16.22
N GLU C 633 17.07 1.70 17.43
CA GLU C 633 15.77 2.29 17.66
C GLU C 633 15.88 3.74 18.14
N CYS C 634 17.11 4.26 18.28
CA CYS C 634 17.36 5.58 18.86
C CYS C 634 16.66 5.69 20.21
N LYS C 635 16.98 4.79 21.12
CA LYS C 635 16.38 4.73 22.44
C LYS C 635 17.17 5.68 23.34
N PHE C 636 16.47 6.59 24.01
CA PHE C 636 17.15 7.47 24.95
C PHE C 636 17.79 6.65 26.05
N SER C 637 19.06 6.93 26.33
CA SER C 637 19.87 6.11 27.21
C SER C 637 20.70 7.01 28.11
N TYR C 638 21.31 6.40 29.12
CA TYR C 638 21.99 7.17 30.15
C TYR C 638 23.11 8.06 29.62
N PRO C 639 24.01 7.57 28.77
CA PRO C 639 24.97 8.50 28.14
C PRO C 639 24.31 9.58 27.30
N LEU C 640 23.20 9.26 26.64
CA LEU C 640 22.56 10.22 25.76
C LEU C 640 21.82 11.31 26.52
N ILE C 641 21.35 11.03 27.73
CA ILE C 641 20.76 12.09 28.54
C ILE C 641 21.82 13.10 28.93
N HIS C 642 23.03 12.64 29.27
CA HIS C 642 24.10 13.55 29.63
C HIS C 642 24.49 14.44 28.45
N ALA C 643 24.52 13.88 27.25
CA ALA C 643 24.84 14.67 26.07
C ALA C 643 23.84 15.80 25.87
N LEU C 644 22.55 15.48 25.87
CA LEU C 644 21.54 16.52 25.75
C LEU C 644 21.06 17.01 27.11
N THR C 645 21.99 17.27 28.03
CA THR C 645 21.69 18.05 29.21
C THR C 645 22.87 18.95 29.54
N SER C 646 24.02 18.64 28.95
CA SER C 646 25.25 19.40 29.20
C SER C 646 25.53 20.39 28.10
N GLN C 647 25.08 20.11 26.87
CA GLN C 647 25.23 21.01 25.74
C GLN C 647 23.86 21.28 25.15
N PRO C 648 23.12 22.28 25.66
CA PRO C 648 21.88 22.68 24.98
C PRO C 648 22.17 23.62 23.83
N LYS C 649 23.23 23.34 23.09
CA LYS C 649 23.52 24.03 21.84
C LYS C 649 24.13 23.06 20.85
N ASN C 650 24.01 21.76 21.16
CA ASN C 650 24.51 20.71 20.27
C ASN C 650 23.43 20.39 19.26
N VAL C 651 23.36 21.25 18.23
CA VAL C 651 22.32 21.11 17.22
C VAL C 651 22.52 19.86 16.39
N GLN C 652 23.77 19.43 16.23
CA GLN C 652 24.05 18.29 15.36
C GLN C 652 23.44 17.00 15.91
N LEU C 653 23.57 16.77 17.22
CA LEU C 653 23.06 15.54 17.80
C LEU C 653 21.56 15.41 17.61
N ARG C 654 20.81 16.47 17.88
CA ARG C 654 19.39 16.51 17.54
C ARG C 654 19.28 16.77 16.05
N GLY C 655 19.20 15.67 15.30
CA GLY C 655 19.34 15.72 13.87
C GLY C 655 20.02 14.48 13.38
N ILE C 656 20.85 13.87 14.23
CA ILE C 656 21.19 12.47 14.05
C ILE C 656 20.23 11.58 14.83
N LEU C 657 19.53 12.15 15.81
CA LEU C 657 18.47 11.41 16.49
C LEU C 657 17.16 11.48 15.74
N GLN C 658 16.76 12.68 15.33
CA GLN C 658 15.49 12.86 14.62
C GLN C 658 15.49 12.20 13.25
N GLN C 659 16.65 12.14 12.60
CA GLN C 659 16.78 11.34 11.39
C GLN C 659 16.66 9.86 11.66
N SER C 660 16.87 9.43 12.90
CA SER C 660 16.70 8.03 13.29
C SER C 660 15.26 7.69 13.62
N ARG C 661 14.52 8.63 14.22
CA ARG C 661 13.12 8.44 14.55
C ARG C 661 12.20 8.59 13.34
N SER C 662 12.71 9.05 12.21
CA SER C 662 11.85 9.36 11.08
C SER C 662 12.07 8.38 9.94
N ALA C 663 13.31 8.27 9.47
CA ALA C 663 13.65 7.28 8.46
C ALA C 663 13.45 5.89 9.04
N GLY C 664 13.81 5.71 10.30
CA GLY C 664 13.69 4.44 10.96
C GLY C 664 15.04 3.77 11.08
N GLY C 665 15.64 3.86 12.27
CA GLY C 665 16.95 3.30 12.48
C GLY C 665 18.07 4.14 11.91
N LEU C 666 19.09 4.42 12.71
CA LEU C 666 20.28 5.09 12.19
C LEU C 666 21.04 4.18 11.24
N ASP C 667 21.52 4.77 10.15
CA ASP C 667 22.27 4.02 9.15
C ASP C 667 23.73 3.91 9.63
N VAL C 668 24.48 3.01 8.99
CA VAL C 668 25.66 2.44 9.64
C VAL C 668 26.69 3.48 10.07
N PRO C 669 27.20 4.36 9.19
CA PRO C 669 28.25 5.28 9.66
C PRO C 669 27.70 6.53 10.33
N LEU C 670 26.41 6.83 10.16
CA LEU C 670 25.83 7.91 10.95
C LEU C 670 25.92 7.61 12.43
N LYS C 671 25.93 6.32 12.79
CA LYS C 671 26.18 5.94 14.17
C LYS C 671 27.61 6.25 14.58
N GLU C 672 28.54 6.27 13.63
CA GLU C 672 29.91 6.62 13.98
C GLU C 672 29.99 8.05 14.50
N THR C 673 29.24 8.96 13.89
CA THR C 673 29.22 10.34 14.35
C THR C 673 28.65 10.45 15.75
N VAL C 674 27.58 9.69 16.04
CA VAL C 674 26.91 9.83 17.33
C VAL C 674 27.82 9.42 18.47
N LEU C 675 28.69 8.44 18.21
CA LEU C 675 29.69 8.06 19.21
C LEU C 675 30.67 9.20 19.45
N SER C 676 31.03 9.91 18.38
CA SER C 676 32.04 10.95 18.47
C SER C 676 31.61 12.08 19.39
N HIS C 677 30.36 12.53 19.24
CA HIS C 677 29.88 13.63 20.07
C HIS C 677 29.83 13.22 21.54
N LEU C 678 29.38 12.00 21.82
CA LEU C 678 29.37 11.50 23.19
C LEU C 678 30.77 11.36 23.76
N ARG C 679 31.79 11.22 22.92
CA ARG C 679 33.17 11.18 23.38
C ARG C 679 33.75 12.56 23.60
N GLN C 680 33.19 13.58 22.96
CA GLN C 680 33.65 14.96 23.09
C GLN C 680 32.97 15.70 24.23
N ALA C 681 32.02 15.08 24.91
CA ALA C 681 31.29 15.74 25.98
C ALA C 681 31.28 14.98 27.30
N GLY C 682 32.11 13.95 27.44
CA GLY C 682 32.05 13.11 28.63
C GLY C 682 31.27 11.85 28.38
N SER C 683 30.07 11.75 28.96
CA SER C 683 29.14 10.67 28.68
C SER C 683 29.77 9.32 28.94
N ILE C 684 30.68 8.90 28.06
CA ILE C 684 31.38 7.64 28.27
C ILE C 684 32.14 7.67 29.59
N GLU C 685 32.79 8.80 29.88
CA GLU C 685 33.44 8.96 31.17
C GLU C 685 32.42 8.96 32.30
N TYR C 686 31.28 9.61 32.09
CA TYR C 686 30.28 9.75 33.15
C TYR C 686 29.62 8.43 33.50
N THR C 687 29.39 7.56 32.51
CA THR C 687 28.75 6.28 32.76
C THR C 687 29.60 5.35 33.61
N GLU C 688 30.93 5.51 33.58
CA GLU C 688 31.79 4.80 34.51
C GLU C 688 31.96 5.53 35.84
N ALA C 689 31.35 6.70 35.99
CA ALA C 689 31.22 7.28 37.31
C ALA C 689 29.99 6.78 38.05
N LYS C 690 29.05 6.15 37.33
CA LYS C 690 27.88 5.57 37.95
C LYS C 690 27.93 4.05 37.99
N MET C 691 28.60 3.43 37.02
CA MET C 691 28.88 2.01 37.11
C MET C 691 29.79 1.69 38.28
N GLY C 692 30.57 2.67 38.75
CA GLY C 692 31.40 2.50 39.92
C GLY C 692 30.65 2.82 41.20
N GLU C 693 29.93 3.93 41.20
CA GLU C 693 29.14 4.32 42.37
C GLU C 693 28.13 3.25 42.70
N LEU C 694 27.52 2.65 41.67
CA LEU C 694 26.61 1.54 41.90
C LEU C 694 27.37 0.31 42.38
N MET C 695 28.57 0.09 41.83
CA MET C 695 29.34 -1.09 42.20
C MET C 695 29.92 -0.96 43.61
N GLU C 696 29.89 0.23 44.20
CA GLU C 696 30.32 0.37 45.58
C GLU C 696 29.14 0.23 46.54
N LYS C 697 27.94 0.63 46.12
CA LYS C 697 26.77 0.46 46.96
C LYS C 697 26.26 -0.97 47.00
N ILE C 698 26.48 -1.75 45.94
CA ILE C 698 26.14 -3.17 45.99
C ILE C 698 27.02 -3.89 47.01
N THR C 699 28.33 -3.63 46.97
CA THR C 699 29.25 -4.25 47.91
C THR C 699 29.09 -3.72 49.32
N ASP C 700 28.56 -2.49 49.46
CA ASP C 700 28.29 -1.98 50.80
C ASP C 700 27.08 -2.67 51.41
N SER C 701 26.01 -2.84 50.64
CA SER C 701 24.82 -3.50 51.14
C SER C 701 25.02 -5.00 51.34
N VAL C 702 25.89 -5.63 50.55
CA VAL C 702 26.20 -7.03 50.76
C VAL C 702 26.89 -7.22 52.11
N VAL C 703 27.82 -6.33 52.45
CA VAL C 703 28.58 -6.46 53.68
C VAL C 703 27.67 -6.41 54.89
N SER C 704 26.69 -5.49 54.87
CA SER C 704 25.77 -5.34 55.99
C SER C 704 25.00 -6.62 56.27
N LEU C 705 24.47 -7.26 55.22
CA LEU C 705 23.72 -8.50 55.38
C LEU C 705 24.59 -9.59 55.99
N GLU C 706 25.82 -9.71 55.50
CA GLU C 706 26.73 -10.77 55.95
C GLU C 706 26.98 -10.64 57.44
N GLY C 707 27.36 -9.44 57.88
CA GLY C 707 27.65 -9.19 59.28
C GLY C 707 26.42 -9.25 60.17
N GLU C 708 25.30 -8.71 59.70
CA GLU C 708 24.09 -8.66 60.52
C GLU C 708 23.52 -10.06 60.68
N THR C 709 23.77 -10.93 59.68
CA THR C 709 23.21 -12.29 59.79
C THR C 709 24.30 -13.35 59.87
N GLY C 710 25.55 -12.98 60.14
CA GLY C 710 26.58 -13.96 60.42
C GLY C 710 27.12 -14.71 59.22
N SER C 711 26.27 -15.50 58.58
CA SER C 711 26.65 -16.36 57.47
C SER C 711 27.26 -15.57 56.31
N PRO C 712 28.55 -15.76 56.01
CA PRO C 712 29.14 -15.08 54.85
C PRO C 712 28.83 -15.80 53.55
N ASN C 713 28.04 -15.18 52.69
CA ASN C 713 27.60 -15.81 51.46
C ASN C 713 28.62 -15.54 50.37
N TRP C 714 28.95 -16.58 49.62
CA TRP C 714 29.96 -16.51 48.58
C TRP C 714 29.42 -16.77 47.18
N VAL C 715 28.18 -17.22 47.04
CA VAL C 715 27.59 -17.27 45.71
C VAL C 715 27.39 -15.86 45.17
N VAL C 716 26.90 -14.96 46.02
CA VAL C 716 26.66 -13.59 45.58
C VAL C 716 27.98 -12.87 45.33
N ARG C 717 29.05 -13.24 46.03
CA ARG C 717 30.35 -12.63 45.76
C ARG C 717 30.94 -13.07 44.44
N LEU C 718 30.77 -14.34 44.07
CA LEU C 718 31.20 -14.79 42.75
C LEU C 718 30.37 -14.14 41.65
N LEU C 719 29.05 -14.04 41.87
CA LEU C 719 28.19 -13.42 40.86
C LEU C 719 28.54 -11.95 40.69
N ILE C 720 28.85 -11.26 41.78
CA ILE C 720 29.25 -9.86 41.69
C ILE C 720 30.56 -9.69 40.94
N HIS C 721 31.52 -10.60 41.14
CA HIS C 721 32.79 -10.50 40.44
C HIS C 721 32.62 -10.71 38.94
N ARG C 722 31.89 -11.75 38.55
CA ARG C 722 31.66 -12.01 37.13
C ARG C 722 30.88 -10.88 36.48
N LEU C 723 30.13 -10.10 37.26
CA LEU C 723 29.38 -8.99 36.72
C LEU C 723 30.27 -7.79 36.40
N LYS C 724 31.38 -7.64 37.11
CA LYS C 724 32.28 -6.51 36.91
C LYS C 724 32.85 -6.50 35.49
N PHE D 27 63.38 -17.47 32.13
CA PHE D 27 62.71 -18.74 32.32
C PHE D 27 63.37 -19.51 33.45
N ILE D 28 63.93 -18.77 34.41
CA ILE D 28 64.67 -19.37 35.52
C ILE D 28 63.70 -20.10 36.44
N LEU D 29 63.72 -21.43 36.40
CA LEU D 29 62.98 -22.24 37.36
C LEU D 29 63.72 -22.20 38.70
N ASN D 30 63.50 -21.10 39.43
CA ASN D 30 64.32 -20.69 40.56
C ASN D 30 64.58 -21.83 41.54
N SER D 31 65.84 -22.26 41.63
CA SER D 31 66.18 -23.36 42.52
C SER D 31 66.16 -22.94 43.98
N THR D 32 66.24 -21.63 44.25
CA THR D 32 66.19 -21.16 45.64
C THR D 32 64.80 -21.30 46.23
N LEU D 33 63.79 -21.52 45.38
CA LEU D 33 62.43 -21.76 45.85
C LEU D 33 62.32 -23.10 46.55
N SER D 34 63.28 -23.98 46.30
CA SER D 34 63.25 -25.34 46.82
C SER D 34 64.67 -25.83 47.04
N SER D 35 64.84 -27.14 47.15
CA SER D 35 66.16 -27.76 47.26
C SER D 35 66.04 -29.20 46.78
N VAL D 36 66.73 -29.53 45.70
CA VAL D 36 66.67 -30.88 45.13
C VAL D 36 67.18 -31.89 46.15
N VAL D 37 66.30 -32.78 46.59
CA VAL D 37 66.67 -33.84 47.52
C VAL D 37 66.91 -35.13 46.75
N PRO D 42 67.49 -43.92 45.90
CA PRO D 42 66.34 -43.28 45.25
C PRO D 42 65.13 -44.20 45.22
N ASP D 43 65.35 -45.51 45.10
CA ASP D 43 64.25 -46.45 45.18
C ASP D 43 63.69 -46.42 46.59
N ILE D 44 62.38 -46.30 46.69
CA ILE D 44 61.69 -46.17 47.97
C ILE D 44 60.49 -47.11 47.97
N ALA D 45 60.61 -48.17 48.78
CA ALA D 45 59.78 -49.35 48.60
C ALA D 45 59.91 -49.78 47.15
N GLY D 46 61.15 -49.83 46.66
CA GLY D 46 61.46 -50.31 45.32
C GLY D 46 60.99 -49.41 44.20
N PHE D 47 61.45 -48.16 44.19
CA PHE D 47 60.85 -47.11 43.35
C PHE D 47 61.86 -46.30 42.54
N CYS D 48 61.41 -45.11 42.13
CA CYS D 48 62.02 -44.28 41.10
C CYS D 48 63.53 -44.37 41.00
N SER D 49 64.01 -44.54 39.77
CA SER D 49 65.45 -44.61 39.51
C SER D 49 66.04 -43.21 39.47
N GLY D 50 66.06 -42.55 40.63
CA GLY D 50 66.75 -41.27 40.73
C GLY D 50 66.17 -40.13 39.93
N TYR D 51 64.86 -39.92 39.99
CA TYR D 51 64.27 -38.74 39.37
C TYR D 51 64.75 -37.49 40.10
N GLU D 52 64.66 -36.35 39.42
CA GLU D 52 64.88 -35.08 40.08
C GLU D 52 63.69 -34.75 40.98
N LEU D 53 63.97 -34.40 42.22
CA LEU D 53 62.92 -34.14 43.21
C LEU D 53 63.44 -33.13 44.22
N ARG D 54 62.62 -32.15 44.58
CA ARG D 54 63.04 -31.12 45.52
C ARG D 54 62.04 -31.00 46.67
N ARG D 55 62.33 -30.08 47.58
CA ARG D 55 61.51 -29.84 48.76
C ARG D 55 61.32 -28.32 48.89
N HIS D 56 60.06 -27.88 48.89
CA HIS D 56 59.76 -26.46 48.91
C HIS D 56 60.17 -25.82 50.23
N HIS D 57 60.81 -24.66 50.17
CA HIS D 57 61.29 -23.97 51.37
C HIS D 57 60.13 -23.41 52.17
N HIS D 58 59.31 -22.57 51.56
CA HIS D 58 58.21 -21.92 52.25
C HIS D 58 57.13 -22.94 52.65
N GLU D 59 57.03 -23.20 53.95
CA GLU D 59 56.14 -24.25 54.44
C GLU D 59 55.09 -23.77 55.42
N HIS D 60 55.26 -22.62 56.08
CA HIS D 60 54.27 -22.15 57.06
C HIS D 60 52.93 -21.92 56.38
N LEU D 61 52.95 -21.32 55.19
CA LEU D 61 51.72 -21.05 54.47
C LEU D 61 51.12 -22.32 53.87
N ALA D 62 51.96 -23.32 53.60
CA ALA D 62 51.47 -24.55 52.99
C ALA D 62 50.49 -25.26 53.93
N ASN D 63 50.88 -25.49 55.17
CA ASN D 63 49.94 -25.99 56.16
C ASN D 63 48.83 -24.98 56.40
N GLU D 64 49.18 -23.69 56.43
CA GLU D 64 48.20 -22.64 56.61
C GLU D 64 47.12 -22.71 55.54
N GLY D 65 47.52 -23.00 54.30
CA GLY D 65 46.56 -23.19 53.23
C GLY D 65 45.60 -24.32 53.52
N SER D 66 46.11 -25.41 54.08
CA SER D 66 45.26 -26.55 54.42
C SER D 66 44.50 -26.34 55.71
N LEU D 67 44.90 -25.37 56.54
CA LEU D 67 44.29 -25.19 57.85
C LEU D 67 42.81 -24.82 57.73
N ARG D 68 42.53 -23.65 57.16
CA ARG D 68 41.15 -23.18 57.10
C ARG D 68 40.29 -24.11 56.25
N CYS D 69 40.89 -24.80 55.29
CA CYS D 69 40.13 -25.68 54.41
C CYS D 69 39.47 -26.80 55.20
N ARG D 70 40.22 -27.42 56.11
CA ARG D 70 39.64 -28.44 56.97
C ARG D 70 38.51 -27.85 57.81
N THR D 71 38.77 -26.70 58.43
CA THR D 71 37.75 -26.08 59.27
C THR D 71 36.61 -25.50 58.46
N ASP D 72 36.84 -25.11 57.21
CA ASP D 72 35.75 -24.60 56.40
C ASP D 72 34.66 -25.65 56.21
N TRP D 73 35.03 -26.83 55.71
CA TRP D 73 34.13 -27.97 55.61
C TRP D 73 33.82 -28.56 56.98
N GLU D 74 34.53 -28.16 58.04
CA GLU D 74 34.00 -28.29 59.39
C GLU D 74 33.07 -27.15 59.77
N GLN D 75 33.18 -25.99 59.12
CA GLN D 75 32.36 -24.85 59.49
C GLN D 75 31.00 -24.90 58.81
N PHE D 76 30.97 -25.00 57.48
CA PHE D 76 29.74 -24.87 56.70
C PHE D 76 28.97 -26.17 56.56
N ILE D 77 29.63 -27.27 56.22
CA ILE D 77 28.93 -28.54 56.08
C ILE D 77 29.05 -29.37 57.37
N GLY D 78 30.27 -29.66 57.80
CA GLY D 78 30.45 -30.28 59.10
C GLY D 78 31.50 -31.37 59.20
N PRO D 79 31.07 -32.57 59.60
CA PRO D 79 32.01 -33.61 60.05
C PRO D 79 33.11 -33.97 59.06
N ILE D 80 34.32 -34.19 59.58
CA ILE D 80 35.44 -34.72 58.81
C ILE D 80 36.05 -35.88 59.58
N GLU D 81 36.48 -36.90 58.85
CA GLU D 81 36.95 -38.13 59.48
C GLU D 81 38.20 -38.71 58.79
N ARG D 82 39.14 -37.86 58.42
CA ARG D 82 40.33 -38.32 57.71
C ARG D 82 41.41 -37.24 57.86
N TRP D 83 42.64 -37.59 57.49
CA TRP D 83 43.76 -36.65 57.53
C TRP D 83 44.70 -36.95 56.38
N GLY D 84 45.32 -35.90 55.86
CA GLY D 84 46.30 -36.04 54.81
C GLY D 84 47.18 -34.82 54.71
N SER D 85 47.56 -34.49 53.47
CA SER D 85 48.38 -33.31 53.18
C SER D 85 49.65 -33.25 54.02
N CYS D 86 49.62 -32.44 55.08
CA CYS D 86 50.78 -32.26 55.95
C CYS D 86 51.14 -33.55 56.67
N ASN D 87 52.29 -34.13 56.30
CA ASN D 87 52.80 -35.35 56.92
C ASN D 87 54.29 -35.20 57.17
N PRO D 88 54.72 -35.00 58.41
CA PRO D 88 56.15 -34.79 58.67
C PRO D 88 57.03 -35.95 58.24
N TRP D 89 56.46 -37.14 58.08
CA TRP D 89 57.23 -38.26 57.55
C TRP D 89 57.61 -38.07 56.10
N GLU D 90 56.83 -37.29 55.33
CA GLU D 90 57.19 -36.96 53.97
C GLU D 90 57.08 -35.47 53.64
N GLY D 91 56.27 -34.71 54.38
CA GLY D 91 56.02 -33.32 54.08
C GLY D 91 54.56 -33.10 53.67
N HIS D 92 54.20 -31.82 53.59
CA HIS D 92 52.86 -31.45 53.12
C HIS D 92 52.73 -31.80 51.65
N PHE D 93 51.57 -32.33 51.27
CA PHE D 93 51.36 -32.86 49.93
C PHE D 93 51.75 -31.87 48.84
N GLY D 94 51.33 -30.63 48.97
CA GLY D 94 51.73 -29.62 48.01
C GLY D 94 53.25 -29.53 47.91
N ALA D 95 53.91 -29.37 49.06
CA ALA D 95 55.36 -29.18 49.07
C ALA D 95 56.07 -30.37 48.44
N VAL D 96 55.64 -31.59 48.78
CA VAL D 96 56.29 -32.77 48.22
C VAL D 96 55.99 -32.91 46.74
N VAL D 97 54.82 -32.45 46.30
CA VAL D 97 54.43 -32.59 44.89
C VAL D 97 54.82 -31.33 44.12
N LEU D 98 54.48 -30.16 44.65
CA LEU D 98 54.81 -28.92 43.96
C LEU D 98 56.31 -28.66 44.06
N PRO D 99 57.02 -28.63 42.94
CA PRO D 99 58.45 -28.26 42.99
C PRO D 99 58.65 -26.76 43.05
N PHE D 100 57.75 -26.01 42.41
CA PHE D 100 57.82 -24.56 42.35
C PHE D 100 56.42 -23.99 42.48
N CYS D 101 56.30 -22.93 43.27
CA CYS D 101 54.98 -22.34 43.57
C CYS D 101 55.21 -20.93 44.09
N LYS D 102 54.71 -19.93 43.37
CA LYS D 102 55.07 -18.56 43.67
C LYS D 102 54.43 -18.11 44.98
N PRO D 103 55.00 -17.13 45.68
CA PRO D 103 54.32 -16.57 46.86
C PRO D 103 52.93 -16.02 46.58
N GLU D 104 52.69 -15.50 45.38
CA GLU D 104 51.41 -14.88 45.06
C GLU D 104 50.30 -15.92 45.03
N ARG D 105 50.66 -17.19 44.91
CA ARG D 105 49.67 -18.26 44.97
C ARG D 105 50.26 -19.54 45.52
N LEU D 106 50.13 -19.78 46.82
CA LEU D 106 50.43 -21.11 47.36
C LEU D 106 49.21 -21.71 48.05
N ALA D 107 48.65 -20.97 49.01
CA ALA D 107 47.55 -21.50 49.81
C ALA D 107 46.36 -21.81 48.93
N VAL D 108 46.06 -20.92 47.98
CA VAL D 108 44.94 -21.13 47.07
C VAL D 108 45.12 -22.45 46.33
N ILE D 109 46.31 -22.67 45.76
CA ILE D 109 46.55 -23.93 45.06
C ILE D 109 46.50 -25.09 46.05
N CYS D 110 47.14 -24.92 47.21
CA CYS D 110 47.09 -25.95 48.23
C CYS D 110 45.65 -26.24 48.64
N TYR D 111 44.87 -25.17 48.84
CA TYR D 111 43.44 -25.29 49.11
C TYR D 111 42.78 -26.17 48.06
N ILE D 112 43.17 -26.01 46.79
CA ILE D 112 42.57 -26.81 45.73
C ILE D 112 42.88 -28.28 45.94
N PHE D 113 44.15 -28.62 46.19
CA PHE D 113 44.46 -30.00 46.57
C PHE D 113 43.84 -30.34 47.92
N GLU D 114 43.92 -29.41 48.87
CA GLU D 114 43.35 -29.68 50.19
C GLU D 114 41.87 -29.95 50.08
N TYR D 115 41.16 -29.15 49.28
CA TYR D 115 39.80 -29.51 48.94
C TYR D 115 39.77 -30.85 48.22
N ALA D 116 40.57 -31.01 47.17
CA ALA D 116 40.61 -32.23 46.38
C ALA D 116 40.84 -33.44 47.28
N PHE D 117 41.66 -33.27 48.31
CA PHE D 117 41.72 -34.26 49.37
C PHE D 117 40.39 -34.36 50.11
N LEU D 118 39.97 -33.25 50.74
CA LEU D 118 38.71 -33.24 51.47
C LEU D 118 37.60 -33.71 50.55
N TYR D 119 37.69 -33.35 49.27
CA TYR D 119 36.74 -33.79 48.25
C TYR D 119 36.69 -35.31 48.29
N ASP D 120 37.81 -35.96 48.00
CA ASP D 120 37.83 -37.42 47.99
C ASP D 120 37.57 -37.99 49.37
N ASN D 121 38.00 -37.29 50.42
CA ASN D 121 37.79 -37.78 51.79
C ASN D 121 36.33 -38.10 52.04
N VAL D 122 35.42 -37.29 51.51
CA VAL D 122 34.00 -37.47 51.79
C VAL D 122 33.30 -38.19 50.64
N VAL D 123 33.66 -37.85 49.40
CA VAL D 123 32.93 -38.43 48.26
C VAL D 123 33.22 -39.92 48.15
N GLU D 124 34.33 -40.37 48.75
CA GLU D 124 34.61 -41.80 48.79
C GLU D 124 33.61 -42.49 49.71
N GLU D 144 16.00 -33.13 57.15
CA GLU D 144 16.00 -32.30 55.94
C GLU D 144 17.03 -31.19 56.06
N TYR D 145 17.53 -30.98 57.28
CA TYR D 145 18.45 -29.87 57.55
C TYR D 145 19.73 -30.02 56.74
N ARG D 146 20.25 -31.25 56.68
CA ARG D 146 21.45 -31.51 55.89
C ARG D 146 21.19 -31.18 54.42
N THR D 147 20.10 -31.73 53.87
CA THR D 147 19.72 -31.41 52.50
C THR D 147 19.56 -29.90 52.33
N VAL D 148 19.03 -29.24 53.37
CA VAL D 148 18.97 -27.78 53.40
C VAL D 148 20.38 -27.21 53.46
N ARG D 149 21.21 -27.75 54.35
CA ARG D 149 22.52 -27.15 54.61
C ARG D 149 23.57 -27.64 53.62
N SER D 150 23.67 -28.97 53.46
CA SER D 150 24.76 -29.54 52.68
C SER D 150 24.68 -29.11 51.22
N ILE D 151 23.49 -29.16 50.63
CA ILE D 151 23.32 -28.70 49.25
C ILE D 151 23.69 -27.23 49.19
N LEU D 152 23.24 -26.47 50.19
CA LEU D 152 23.66 -25.09 50.35
C LEU D 152 25.16 -25.03 50.57
N GLY D 153 25.68 -25.93 51.40
CA GLY D 153 27.10 -26.02 51.66
C GLY D 153 27.90 -26.35 50.42
N THR D 154 27.39 -27.25 49.59
CA THR D 154 28.02 -27.51 48.30
C THR D 154 27.95 -26.29 47.41
N LYS D 155 26.82 -25.59 47.40
CA LYS D 155 26.67 -24.40 46.57
C LYS D 155 27.55 -23.29 47.14
N GLN D 156 27.91 -23.47 48.40
CA GLN D 156 28.94 -22.73 49.13
C GLN D 156 30.29 -23.28 48.72
N ILE D 157 31.25 -23.33 49.65
CA ILE D 157 32.69 -23.30 49.45
C ILE D 157 33.21 -23.83 48.12
N GLN D 158 32.47 -24.73 47.47
CA GLN D 158 32.72 -24.95 46.04
C GLN D 158 32.89 -23.61 45.33
N SER D 159 32.16 -22.58 45.79
CA SER D 159 32.32 -21.21 45.31
C SER D 159 33.36 -20.41 46.06
N LYS D 160 33.90 -20.93 47.16
CA LYS D 160 35.05 -20.31 47.82
C LYS D 160 36.25 -20.25 46.89
N MET D 161 36.44 -21.32 46.10
CA MET D 161 37.62 -21.39 45.23
C MET D 161 37.62 -20.24 44.23
N LEU D 162 36.50 -20.08 43.52
CA LEU D 162 36.45 -19.19 42.36
C LEU D 162 36.75 -17.76 42.75
N LEU D 163 36.15 -17.29 43.84
CA LEU D 163 36.33 -15.91 44.28
C LEU D 163 37.80 -15.61 44.51
N GLU D 164 38.49 -16.51 45.21
CA GLU D 164 39.91 -16.36 45.42
C GLU D 164 40.70 -16.57 44.13
N LEU D 165 40.40 -17.66 43.43
CA LEU D 165 41.22 -18.11 42.31
C LEU D 165 41.19 -17.15 41.14
N LEU D 166 39.99 -16.76 40.69
CA LEU D 166 39.90 -15.84 39.55
C LEU D 166 40.46 -14.47 39.91
N SER D 167 40.47 -14.14 41.20
CA SER D 167 41.01 -12.86 41.64
C SER D 167 42.49 -12.77 41.34
N ILE D 168 43.21 -13.88 41.49
CA ILE D 168 44.66 -13.90 41.32
C ILE D 168 45.02 -13.62 39.87
N ASP D 169 44.63 -14.53 38.97
CA ASP D 169 44.98 -14.42 37.56
C ASP D 169 44.06 -15.35 36.78
N ALA D 170 43.26 -14.78 35.89
CA ALA D 170 42.15 -15.49 35.27
C ALA D 170 42.52 -16.44 34.13
N PRO D 171 43.24 -15.99 33.08
CA PRO D 171 43.33 -16.80 31.85
C PRO D 171 43.84 -18.22 32.07
N ARG D 172 44.97 -18.37 32.76
CA ARG D 172 45.53 -19.70 32.95
C ARG D 172 44.61 -20.57 33.80
N ALA D 173 43.67 -19.95 34.51
CA ALA D 173 42.77 -20.69 35.38
C ALA D 173 41.64 -21.40 34.64
N GLU D 174 41.17 -20.83 33.53
CA GLU D 174 40.02 -21.44 32.85
C GLU D 174 40.36 -22.83 32.35
N VAL D 175 41.60 -23.04 31.93
CA VAL D 175 42.06 -24.34 31.48
C VAL D 175 41.99 -25.30 32.66
N VAL D 176 42.27 -24.78 33.86
CA VAL D 176 42.06 -25.57 35.08
C VAL D 176 40.57 -25.78 35.33
N ILE D 177 39.77 -24.76 35.03
CA ILE D 177 38.34 -24.82 35.35
C ILE D 177 37.68 -25.98 34.63
N ASN D 178 37.89 -26.09 33.31
CA ASN D 178 37.31 -27.21 32.58
C ASN D 178 38.08 -28.50 32.87
N SER D 179 39.32 -28.39 33.33
CA SER D 179 40.04 -29.57 33.79
C SER D 179 39.33 -30.17 35.00
N TRP D 180 38.90 -29.33 35.94
CA TRP D 180 38.10 -29.81 37.06
C TRP D 180 36.80 -30.41 36.55
N LYS D 181 36.21 -29.81 35.51
CA LYS D 181 35.02 -30.38 34.90
C LYS D 181 35.30 -31.74 34.29
N GLU D 182 36.51 -31.92 33.75
CA GLU D 182 36.88 -33.21 33.17
C GLU D 182 36.85 -34.32 34.22
N MET D 183 37.34 -34.01 35.42
CA MET D 183 37.27 -34.97 36.52
C MET D 183 35.83 -35.38 36.81
N ILE D 184 34.94 -34.39 36.85
CA ILE D 184 33.54 -34.59 37.22
C ILE D 184 32.92 -35.64 36.30
N SER D 185 33.24 -35.56 35.01
CA SER D 185 32.74 -36.56 34.07
C SER D 185 33.21 -37.95 34.47
N THR D 186 34.52 -38.16 34.51
CA THR D 186 35.05 -39.48 34.85
C THR D 186 34.72 -39.83 36.31
N THR D 187 34.51 -38.81 37.15
CA THR D 187 34.03 -39.08 38.50
C THR D 187 32.65 -39.73 38.46
N ALA D 188 31.78 -39.23 37.58
CA ALA D 188 30.48 -39.86 37.39
C ALA D 188 30.62 -41.22 36.71
N LYS D 189 31.40 -41.27 35.63
CA LYS D 189 31.60 -42.52 34.90
C LYS D 189 32.94 -43.14 35.26
N ASN D 197 41.26 -56.33 31.76
CA ASN D 197 42.08 -57.41 31.21
C ASN D 197 43.55 -57.17 31.52
N ASN D 198 44.03 -55.98 31.20
CA ASN D 198 45.41 -55.59 31.45
C ASN D 198 45.43 -54.08 31.69
N LEU D 199 46.62 -53.49 31.60
CA LEU D 199 46.81 -52.08 31.95
C LEU D 199 45.94 -51.17 31.10
N GLU D 200 45.68 -51.57 29.85
CA GLU D 200 45.13 -50.70 28.81
C GLU D 200 43.98 -49.81 29.28
N GLU D 201 42.87 -50.40 29.72
CA GLU D 201 41.73 -49.59 30.13
C GLU D 201 42.02 -48.86 31.43
N TYR D 202 42.73 -49.52 32.35
CA TYR D 202 42.98 -48.96 33.67
C TYR D 202 43.82 -47.69 33.60
N VAL D 203 44.62 -47.55 32.55
CA VAL D 203 45.49 -46.39 32.40
C VAL D 203 44.67 -45.11 32.37
N ASP D 204 43.85 -44.96 31.32
CA ASP D 204 43.09 -43.72 31.16
C ASP D 204 42.06 -43.56 32.27
N TYR D 205 41.48 -44.67 32.72
CA TYR D 205 40.49 -44.64 33.80
C TYR D 205 41.04 -43.93 35.03
N ARG D 206 42.29 -44.22 35.37
CA ARG D 206 42.93 -43.58 36.52
C ARG D 206 43.28 -42.12 36.25
N ILE D 207 43.80 -41.84 35.05
CA ILE D 207 44.41 -40.56 34.73
C ILE D 207 43.53 -39.40 35.16
N ILE D 208 42.33 -39.31 34.61
CA ILE D 208 41.42 -38.23 34.99
C ILE D 208 40.94 -38.44 36.42
N ASP D 209 40.70 -39.70 36.81
CA ASP D 209 40.24 -39.99 38.16
C ASP D 209 41.30 -39.78 39.22
N THR D 210 42.58 -39.75 38.85
CA THR D 210 43.65 -39.41 39.78
C THR D 210 44.00 -37.93 39.70
N GLY D 211 43.30 -37.16 38.88
CA GLY D 211 43.62 -35.76 38.70
C GLY D 211 44.96 -35.59 38.03
N ALA D 212 45.45 -36.65 37.41
CA ALA D 212 46.78 -36.70 36.82
C ALA D 212 47.01 -35.56 35.81
N PRO D 213 46.09 -35.30 34.88
CA PRO D 213 46.25 -34.08 34.08
C PRO D 213 46.02 -32.84 34.90
N PHE D 214 45.04 -32.86 35.80
CA PHE D 214 44.73 -31.71 36.63
C PHE D 214 45.87 -31.36 37.58
N VAL D 215 46.52 -32.37 38.15
CA VAL D 215 47.73 -32.10 38.94
C VAL D 215 48.75 -31.41 38.06
N ASP D 216 48.96 -31.94 36.85
CA ASP D 216 49.78 -31.25 35.87
C ASP D 216 49.16 -29.92 35.46
N MET D 217 47.83 -29.89 35.31
CA MET D 217 47.16 -28.65 34.96
C MET D 217 47.35 -27.61 36.04
N LEU D 218 47.25 -28.03 37.30
CA LEU D 218 47.60 -27.14 38.39
C LEU D 218 49.09 -26.84 38.39
N MET D 219 49.91 -27.83 38.00
CA MET D 219 51.34 -27.58 37.88
C MET D 219 51.62 -26.56 36.79
N ARG D 220 50.81 -26.56 35.73
CA ARG D 220 50.87 -25.53 34.70
C ARG D 220 50.64 -24.18 35.37
N PHE D 221 49.59 -24.10 36.17
CA PHE D 221 49.22 -22.91 36.90
C PHE D 221 50.25 -22.61 37.99
N GLY D 222 50.95 -23.66 38.44
CA GLY D 222 51.90 -23.49 39.52
C GLY D 222 53.06 -22.58 39.16
N MET D 223 53.65 -22.80 37.99
CA MET D 223 54.67 -21.90 37.46
C MET D 223 54.11 -20.90 36.46
N GLY D 224 52.80 -20.89 36.25
CA GLY D 224 52.22 -20.04 35.24
C GLY D 224 52.31 -20.60 33.85
N ILE D 225 52.75 -21.85 33.72
CA ILE D 225 52.85 -22.55 32.44
C ILE D 225 51.47 -22.58 31.80
N MET D 226 51.39 -22.17 30.55
CA MET D 226 50.13 -21.91 29.89
C MET D 226 50.13 -22.70 28.58
N LEU D 227 50.38 -24.01 28.68
CA LEU D 227 50.53 -24.88 27.51
C LEU D 227 49.46 -24.61 26.46
N THR D 228 49.87 -24.15 25.28
CA THR D 228 48.91 -23.80 24.25
C THR D 228 48.52 -25.05 23.48
N GLN D 229 47.22 -25.21 23.22
CA GLN D 229 46.67 -26.36 22.52
C GLN D 229 47.52 -26.76 21.32
N GLU D 230 47.99 -25.79 20.55
CA GLU D 230 48.93 -26.04 19.47
C GLU D 230 50.09 -26.90 19.93
N GLU D 231 50.88 -26.40 20.89
CA GLU D 231 51.97 -27.20 21.43
C GLU D 231 51.46 -28.28 22.38
N GLN D 232 50.34 -28.02 23.07
CA GLN D 232 49.80 -29.01 24.01
C GLN D 232 49.42 -30.29 23.28
N LYS D 233 48.75 -30.16 22.13
CA LYS D 233 48.52 -31.34 21.30
C LYS D 233 49.84 -31.87 20.74
N ARG D 234 50.79 -30.97 20.47
CA ARG D 234 52.10 -31.42 20.01
C ARG D 234 52.80 -32.27 21.07
N ILE D 235 52.68 -31.90 22.34
CA ILE D 235 53.26 -32.68 23.42
C ILE D 235 52.24 -33.54 24.14
N GLU D 236 51.03 -33.66 23.60
CA GLU D 236 50.02 -34.54 24.17
C GLU D 236 50.48 -35.99 24.30
N PRO D 237 51.12 -36.60 23.26
CA PRO D 237 51.50 -38.01 23.38
C PRO D 237 52.43 -38.32 24.54
N ILE D 238 53.36 -37.42 24.86
CA ILE D 238 54.42 -37.74 25.82
C ILE D 238 53.96 -37.53 27.26
N VAL D 239 52.91 -36.74 27.46
CA VAL D 239 52.40 -36.52 28.81
C VAL D 239 51.55 -37.72 29.23
N LYS D 240 51.15 -38.53 28.26
CA LYS D 240 50.39 -39.74 28.55
C LYS D 240 51.21 -40.72 29.38
N PRO D 241 52.46 -41.03 29.01
CA PRO D 241 53.28 -41.88 29.89
C PRO D 241 53.58 -41.25 31.23
N CYS D 242 53.51 -39.93 31.34
CA CYS D 242 53.77 -39.26 32.61
C CYS D 242 52.75 -39.65 33.66
N TYR D 243 51.48 -39.54 33.30
CA TYR D 243 50.40 -39.67 34.29
C TYR D 243 50.32 -41.08 34.84
N ALA D 244 50.28 -42.09 33.96
CA ALA D 244 50.11 -43.46 34.43
C ALA D 244 51.32 -43.91 35.26
N ALA D 245 52.50 -43.39 34.92
CA ALA D 245 53.70 -43.71 35.69
C ALA D 245 53.51 -43.32 37.15
N LEU D 246 53.12 -42.06 37.38
CA LEU D 246 52.73 -41.67 38.73
C LEU D 246 51.36 -42.24 39.07
N GLY D 247 50.52 -42.47 38.05
CA GLY D 247 49.22 -43.06 38.30
C GLY D 247 49.32 -44.48 38.83
N LEU D 248 50.15 -45.30 38.18
CA LEU D 248 50.45 -46.62 38.73
C LEU D 248 51.12 -46.48 40.09
N ALA D 249 51.95 -45.45 40.25
CA ALA D 249 52.47 -45.11 41.57
C ALA D 249 51.36 -44.65 42.51
N ASN D 250 50.45 -43.81 42.01
CA ASN D 250 49.26 -43.49 42.80
C ASN D 250 48.43 -44.74 43.02
N ASP D 251 48.35 -45.59 41.98
CA ASP D 251 47.74 -46.91 42.14
C ASP D 251 48.45 -47.70 43.24
N TYR D 252 49.77 -47.68 43.23
CA TYR D 252 50.58 -48.43 44.19
C TYR D 252 50.19 -48.08 45.63
N PHE D 253 50.35 -46.82 46.02
CA PHE D 253 50.14 -46.48 47.42
C PHE D 253 48.69 -46.24 47.78
N SER D 254 47.80 -46.06 46.81
CA SER D 254 46.39 -46.07 47.15
C SER D 254 45.94 -47.47 47.57
N PHE D 255 46.69 -48.49 47.17
CA PHE D 255 46.36 -49.88 47.48
C PHE D 255 46.50 -50.17 48.96
N ASP D 256 47.20 -49.29 49.69
CA ASP D 256 47.50 -49.53 51.10
C ASP D 256 46.27 -49.83 51.94
N ILE D 257 45.24 -48.98 51.87
CA ILE D 257 44.00 -49.37 52.55
C ILE D 257 43.03 -49.98 51.55
N GLU D 258 43.17 -49.64 50.27
CA GLU D 258 42.26 -50.18 49.25
C GLU D 258 42.26 -51.70 49.28
N TRP D 259 43.37 -52.28 49.71
CA TRP D 259 43.37 -53.70 50.09
C TRP D 259 42.63 -53.90 51.41
N GLU D 260 43.06 -53.19 52.45
CA GLU D 260 42.48 -53.34 53.78
C GLU D 260 41.05 -52.86 53.84
N GLU D 261 40.80 -51.65 53.32
CA GLU D 261 39.47 -51.04 53.44
C GLU D 261 38.45 -51.87 52.67
N PHE D 262 38.92 -52.61 51.66
CA PHE D 262 38.07 -53.55 50.93
C PHE D 262 37.49 -54.60 51.87
N GLN D 263 38.33 -55.15 52.74
CA GLN D 263 37.84 -56.16 53.67
C GLN D 263 36.93 -55.55 54.73
N ALA D 264 37.23 -54.31 55.13
CA ALA D 264 36.42 -53.62 56.12
C ALA D 264 35.01 -53.35 55.60
N GLU D 265 34.88 -52.54 54.55
CA GLU D 265 33.56 -52.33 53.96
C GLU D 265 33.11 -53.56 53.20
N SER D 266 31.88 -54.00 53.47
CA SER D 266 31.32 -55.18 52.85
C SER D 266 31.20 -55.02 51.34
N ASP D 267 30.56 -53.92 50.91
CA ASP D 267 30.27 -53.71 49.50
C ASP D 267 31.54 -53.50 48.68
N LYS D 268 32.61 -53.00 49.32
CA LYS D 268 33.87 -52.79 48.61
C LYS D 268 34.35 -54.13 48.06
N THR D 269 34.30 -54.28 46.74
CA THR D 269 34.65 -55.54 46.10
C THR D 269 35.47 -55.36 44.83
N THR D 270 35.83 -54.13 44.45
CA THR D 270 36.54 -53.92 43.20
C THR D 270 38.05 -53.94 43.41
N MET D 271 38.54 -53.24 44.44
CA MET D 271 39.96 -52.96 44.55
C MET D 271 40.49 -52.46 43.23
N THR D 272 40.02 -51.30 42.77
CA THR D 272 40.47 -50.81 41.48
C THR D 272 41.92 -50.38 41.60
N ASN D 273 42.82 -51.35 41.45
CA ASN D 273 44.23 -51.14 41.76
C ASN D 273 45.05 -52.22 41.08
N ALA D 274 46.12 -51.82 40.39
CA ALA D 274 46.94 -52.76 39.64
C ALA D 274 47.61 -53.80 40.54
N VAL D 275 47.81 -53.47 41.81
CA VAL D 275 48.41 -54.41 42.76
C VAL D 275 47.51 -55.63 42.88
N TRP D 276 46.22 -55.41 43.10
CA TRP D 276 45.29 -56.53 43.13
C TRP D 276 44.87 -56.96 41.73
N LEU D 277 44.92 -56.03 40.77
CA LEU D 277 44.60 -56.40 39.39
C LEU D 277 45.68 -57.29 38.79
N PHE D 278 46.95 -57.10 39.16
CA PHE D 278 47.97 -58.05 38.75
C PHE D 278 47.83 -59.38 39.47
N MET D 279 47.20 -59.37 40.65
CA MET D 279 46.77 -60.60 41.28
C MET D 279 45.61 -61.26 40.53
N GLN D 280 45.03 -60.56 39.56
CA GLN D 280 43.95 -61.10 38.74
C GLN D 280 44.39 -61.23 37.30
N TRP D 281 44.95 -60.16 36.73
CA TRP D 281 45.47 -60.22 35.37
C TRP D 281 46.64 -61.20 35.25
N GLU D 282 47.55 -61.16 36.23
CA GLU D 282 48.76 -61.97 36.20
C GLU D 282 48.86 -62.93 37.39
N ASN D 283 48.07 -62.73 38.44
CA ASN D 283 47.88 -63.69 39.52
C ASN D 283 49.20 -64.05 40.22
N LEU D 284 49.77 -63.04 40.89
CA LEU D 284 50.98 -63.25 41.66
C LEU D 284 50.90 -62.47 42.98
N ASN D 285 51.72 -62.87 43.95
CA ASN D 285 51.53 -62.48 45.34
C ASN D 285 51.81 -61.00 45.58
N ALA D 286 51.41 -60.54 46.77
CA ALA D 286 51.30 -59.11 47.10
C ALA D 286 52.55 -58.30 46.84
N GLU D 287 53.65 -58.65 47.54
CA GLU D 287 54.91 -57.88 47.45
C GLU D 287 55.44 -57.92 46.01
N GLN D 288 55.27 -59.03 45.29
CA GLN D 288 55.65 -59.08 43.89
C GLN D 288 54.60 -58.39 43.02
N ALA D 289 53.32 -58.50 43.40
CA ALA D 289 52.34 -57.60 42.81
C ALA D 289 52.71 -56.16 43.08
N LYS D 290 53.19 -55.87 44.29
CA LYS D 290 53.84 -54.59 44.53
C LYS D 290 55.10 -54.46 43.70
N ARG D 291 55.84 -55.57 43.54
CA ARG D 291 57.12 -55.55 42.76
C ARG D 291 56.81 -55.31 41.28
N ARG D 292 55.75 -55.90 40.75
CA ARG D 292 55.39 -55.57 39.37
C ARG D 292 54.80 -54.16 39.33
N VAL D 293 53.88 -53.84 40.23
CA VAL D 293 53.36 -52.48 40.27
C VAL D 293 54.53 -51.56 40.58
N GLN D 294 55.55 -52.08 41.27
CA GLN D 294 56.80 -51.35 41.33
C GLN D 294 57.28 -51.28 39.89
N GLU D 295 57.60 -52.45 39.33
CA GLU D 295 58.21 -52.49 37.99
C GLU D 295 57.29 -51.91 36.94
N VAL D 296 56.03 -52.39 36.86
CA VAL D 296 55.09 -51.94 35.84
C VAL D 296 54.92 -50.43 35.98
N THR D 297 55.26 -49.89 37.16
CA THR D 297 55.60 -48.47 37.21
C THR D 297 57.02 -48.26 36.69
N LYS D 298 58.02 -48.84 37.37
CA LYS D 298 59.42 -48.55 37.04
C LYS D 298 59.79 -48.94 35.62
N GLN D 299 59.40 -50.14 35.17
CA GLN D 299 59.71 -50.49 33.78
C GLN D 299 59.00 -49.53 32.84
N TYR D 300 57.78 -49.13 33.20
CA TYR D 300 57.07 -48.09 32.44
C TYR D 300 57.59 -46.70 32.81
N GLU D 301 58.03 -46.53 34.07
CA GLU D 301 58.83 -45.36 34.42
C GLU D 301 60.15 -45.36 33.66
N GLN D 302 60.80 -46.52 33.56
CA GLN D 302 61.90 -46.62 32.61
C GLN D 302 61.40 -46.32 31.21
N GLN D 303 60.25 -46.91 30.83
CA GLN D 303 59.64 -46.57 29.56
C GLN D 303 59.28 -45.10 29.51
N TYR D 304 58.87 -44.53 30.65
CA TYR D 304 58.68 -43.08 30.69
C TYR D 304 60.02 -42.37 30.58
N LEU D 305 61.00 -42.75 31.38
CA LEU D 305 62.35 -42.19 31.20
C LEU D 305 62.87 -42.50 29.81
N ARG D 306 62.65 -43.73 29.31
CA ARG D 306 62.97 -43.97 27.91
C ARG D 306 62.25 -42.91 27.09
N ASN D 307 60.93 -42.83 27.22
CA ASN D 307 60.17 -41.82 26.50
C ASN D 307 60.64 -40.42 26.90
N ILE D 308 61.27 -40.29 28.08
CA ILE D 308 61.81 -38.98 28.48
C ILE D 308 63.23 -38.82 27.95
N ALA D 309 64.08 -39.82 28.17
CA ALA D 309 65.44 -39.76 27.64
C ALA D 309 65.42 -39.74 26.12
N ASP D 310 64.60 -40.60 25.51
CA ASP D 310 64.46 -40.56 24.06
C ASP D 310 63.80 -39.25 23.62
N PHE D 311 63.02 -38.63 24.51
CA PHE D 311 62.57 -37.26 24.27
C PHE D 311 63.76 -36.31 24.41
N ALA D 312 64.38 -36.30 25.58
CA ALA D 312 65.47 -35.38 25.86
C ALA D 312 66.59 -35.50 24.83
N ALA D 313 66.96 -36.73 24.48
CA ALA D 313 67.96 -36.95 23.43
C ALA D 313 67.36 -36.72 22.05
N GLY D 314 66.08 -37.06 21.88
CA GLY D 314 65.41 -36.97 20.60
C GLY D 314 64.45 -35.82 20.48
N GLU D 315 63.15 -36.08 20.72
CA GLU D 315 62.13 -35.05 20.57
C GLU D 315 62.48 -33.79 21.37
N GLY D 316 62.86 -33.95 22.63
CA GLY D 316 63.22 -32.83 23.47
C GLY D 316 64.45 -32.09 23.01
N LYS D 317 65.44 -32.83 22.49
CA LYS D 317 66.73 -32.28 22.04
C LYS D 317 67.26 -31.14 22.90
N LYS D 321 61.66 -23.08 27.66
CA LYS D 321 60.61 -23.20 28.66
C LYS D 321 60.09 -24.63 28.74
N LEU D 322 59.80 -25.21 27.57
CA LEU D 322 59.18 -26.52 27.51
C LEU D 322 60.03 -27.57 28.20
N GLN D 323 61.24 -27.80 27.71
CA GLN D 323 62.09 -28.85 28.26
C GLN D 323 62.30 -28.67 29.75
N THR D 324 62.41 -27.42 30.20
CA THR D 324 62.40 -27.14 31.63
C THR D 324 61.08 -27.56 32.25
N TYR D 325 59.97 -27.20 31.58
CA TYR D 325 58.62 -27.45 32.16
C TYR D 325 58.38 -28.94 32.36
N LEU D 326 58.78 -29.79 31.39
CA LEU D 326 58.49 -31.22 31.66
C LEU D 326 59.65 -31.79 32.49
N LYS D 327 60.75 -31.05 32.60
CA LYS D 327 61.79 -31.48 33.57
C LYS D 327 61.07 -31.23 34.89
N ALA D 328 60.21 -30.20 34.92
CA ALA D 328 59.38 -29.96 36.09
C ALA D 328 58.21 -30.93 36.14
N GLN D 329 57.68 -31.34 34.98
CA GLN D 329 56.72 -32.44 34.97
C GLN D 329 57.39 -33.72 35.44
N GLY D 330 58.69 -33.83 35.19
CA GLY D 330 59.49 -34.92 35.70
C GLY D 330 59.53 -34.92 37.21
N TYR D 331 59.45 -33.73 37.82
CA TYR D 331 59.44 -33.62 39.28
C TYR D 331 58.25 -34.36 39.88
N GLN D 332 57.15 -34.46 39.15
CA GLN D 332 55.92 -35.02 39.70
C GLN D 332 56.00 -36.51 39.95
N VAL D 333 56.71 -37.26 39.11
CA VAL D 333 56.80 -38.71 39.27
C VAL D 333 57.40 -39.04 40.63
N PRO D 334 58.53 -38.44 41.04
CA PRO D 334 58.95 -38.64 42.43
C PRO D 334 58.06 -37.90 43.42
N GLY D 335 57.61 -36.70 43.06
CA GLY D 335 56.72 -35.93 43.91
C GLY D 335 55.47 -36.71 44.25
N ASN D 336 55.04 -37.57 43.32
CA ASN D 336 53.87 -38.41 43.58
C ASN D 336 54.20 -39.51 44.59
N VAL D 337 55.39 -40.11 44.49
CA VAL D 337 55.73 -41.22 45.38
C VAL D 337 56.35 -40.71 46.68
N ALA D 338 57.11 -39.61 46.63
CA ALA D 338 57.77 -39.11 47.82
C ALA D 338 56.76 -38.78 48.89
N TRP D 339 55.63 -38.21 48.50
CA TRP D 339 54.51 -38.06 49.41
C TRP D 339 53.74 -39.34 49.64
N SER D 340 53.59 -40.18 48.61
CA SER D 340 52.81 -41.40 48.76
C SER D 340 53.52 -42.41 49.64
N LEU D 341 54.82 -42.22 49.86
CA LEU D 341 55.64 -43.14 50.64
C LEU D 341 55.00 -43.54 51.97
N ARG D 342 54.76 -42.56 52.84
CA ARG D 342 54.26 -42.87 54.18
C ARG D 342 53.51 -41.65 54.71
N CYS D 343 52.19 -41.72 54.65
CA CYS D 343 51.29 -40.63 55.00
C CYS D 343 50.18 -41.14 55.91
N PRO D 344 49.62 -40.30 56.78
CA PRO D 344 48.50 -40.76 57.63
C PRO D 344 47.27 -41.12 56.81
N ARG D 345 47.27 -40.74 55.54
CA ARG D 345 46.24 -41.19 54.61
C ARG D 345 46.21 -42.70 54.56
N TYR D 346 47.40 -43.31 54.47
CA TYR D 346 47.54 -44.74 54.31
C TYR D 346 48.19 -45.41 55.50
N HIS D 347 48.85 -44.64 56.36
CA HIS D 347 49.48 -45.13 57.59
C HIS D 347 49.12 -44.16 58.71
N PRO D 348 47.90 -44.25 59.24
CA PRO D 348 47.44 -43.29 60.24
C PRO D 348 47.90 -43.63 61.64
N TRP D 349 48.84 -44.57 61.76
CA TRP D 349 49.45 -44.82 63.07
C TRP D 349 50.22 -43.60 63.57
N LEU D 350 50.60 -42.69 62.67
CA LEU D 350 51.27 -41.46 63.03
C LEU D 350 50.31 -40.40 63.53
N CYS D 351 49.00 -40.58 63.32
CA CYS D 351 47.99 -39.54 63.56
C CYS D 351 48.11 -38.90 64.93
N LYS D 352 47.95 -39.69 65.99
CA LYS D 352 48.03 -39.12 67.34
C LYS D 352 49.44 -38.61 67.63
N GLU D 353 50.46 -39.31 67.11
CA GLU D 353 51.81 -38.77 67.17
C GLU D 353 51.90 -37.47 66.37
N ALA D 354 51.32 -37.47 65.16
CA ALA D 354 51.19 -36.22 64.42
C ALA D 354 50.31 -35.24 65.15
N ALA D 355 49.25 -35.71 65.82
CA ALA D 355 48.42 -34.84 66.63
C ALA D 355 49.25 -34.19 67.74
N SER D 356 50.40 -34.78 68.03
CA SER D 356 51.41 -34.08 68.81
C SER D 356 52.48 -33.46 67.94
N LEU D 357 52.69 -33.98 66.72
CA LEU D 357 53.79 -33.54 65.89
C LEU D 357 53.34 -32.45 64.90
N LEU D 358 52.12 -32.57 64.38
CA LEU D 358 51.53 -31.44 63.69
C LEU D 358 51.37 -30.26 64.64
N HIS D 359 50.92 -30.54 65.86
CA HIS D 359 50.88 -29.50 66.89
C HIS D 359 52.27 -29.20 67.42
N GLN D 360 53.23 -30.11 67.22
CA GLN D 360 54.62 -29.69 67.35
C GLN D 360 54.89 -28.68 66.25
N ASP D 361 54.55 -29.04 65.00
CA ASP D 361 54.73 -28.13 63.88
C ASP D 361 53.92 -26.85 64.06
N THR D 362 52.74 -26.97 64.67
CA THR D 362 51.87 -25.81 64.87
C THR D 362 52.41 -24.86 65.94
N ILE D 363 52.87 -25.42 67.06
CA ILE D 363 53.28 -24.59 68.19
C ILE D 363 54.80 -24.36 68.13
N GLN D 364 55.43 -24.79 67.05
CA GLN D 364 56.83 -24.44 66.81
C GLN D 364 56.93 -23.47 65.64
N LEU D 426 7.26 7.29 36.87
CA LEU D 426 7.00 7.91 38.16
C LEU D 426 5.51 8.08 38.43
N GLY D 427 4.79 8.63 37.45
CA GLY D 427 3.35 8.82 37.58
C GLY D 427 2.53 7.64 37.11
N ASP D 428 1.21 7.82 37.00
CA ASP D 428 0.31 6.73 36.63
C ASP D 428 -0.70 7.22 35.59
N GLU D 429 -0.23 7.89 34.55
CA GLU D 429 -1.15 8.53 33.62
C GLU D 429 -1.07 7.92 32.23
N HIS D 430 0.13 7.59 31.78
CA HIS D 430 0.27 7.06 30.43
C HIS D 430 -0.15 5.60 30.35
N LEU D 431 -0.33 4.94 31.49
CA LEU D 431 -0.86 3.58 31.52
C LEU D 431 -2.38 3.58 31.41
N LEU D 432 -3.05 4.32 32.29
CA LEU D 432 -4.50 4.36 32.29
C LEU D 432 -5.08 5.18 31.15
N GLY D 433 -4.25 5.91 30.41
CA GLY D 433 -4.69 6.73 29.32
C GLY D 433 -5.46 5.98 28.25
N PRO D 434 -4.87 4.91 27.71
CA PRO D 434 -5.60 4.11 26.71
C PRO D 434 -6.89 3.51 27.24
N ALA D 435 -6.94 3.19 28.53
CA ALA D 435 -8.14 2.61 29.11
C ALA D 435 -9.29 3.61 29.12
N GLU D 436 -9.00 4.86 29.46
CA GLU D 436 -10.02 5.89 29.54
C GLU D 436 -10.64 6.16 28.18
N TYR D 437 -9.82 6.12 27.13
CA TYR D 437 -10.33 6.44 25.81
C TYR D 437 -11.29 5.37 25.30
N ILE D 438 -10.93 4.10 25.48
CA ILE D 438 -11.80 3.02 25.01
C ILE D 438 -13.08 2.97 25.82
N SER D 439 -13.02 3.40 27.08
CA SER D 439 -14.22 3.44 27.91
C SER D 439 -15.17 4.53 27.45
N SER D 440 -14.62 5.65 26.98
CA SER D 440 -15.42 6.84 26.69
C SER D 440 -16.44 6.60 25.60
N LEU D 441 -16.02 6.05 24.47
CA LEU D 441 -16.87 5.90 23.30
C LEU D 441 -18.12 5.12 23.64
N PRO D 442 -19.26 5.49 23.05
CA PRO D 442 -20.53 4.83 23.40
C PRO D 442 -20.47 3.34 23.09
N SER D 443 -21.40 2.61 23.69
CA SER D 443 -21.42 1.16 23.59
C SER D 443 -22.85 0.69 23.40
N LYS D 444 -23.09 -0.60 23.57
CA LYS D 444 -24.39 -1.21 23.37
C LYS D 444 -25.03 -1.63 24.69
N GLY D 445 -24.24 -2.18 25.61
CA GLY D 445 -24.77 -2.72 26.84
C GLY D 445 -25.11 -4.20 26.79
N VAL D 446 -24.64 -4.92 25.78
CA VAL D 446 -24.96 -6.35 25.68
C VAL D 446 -24.44 -7.10 26.90
N ARG D 447 -23.19 -6.84 27.28
CA ARG D 447 -22.64 -7.50 28.46
C ARG D 447 -23.38 -7.07 29.72
N GLU D 448 -23.78 -5.80 29.79
CA GLU D 448 -24.43 -5.30 31.00
C GLU D 448 -25.85 -5.83 31.13
N ALA D 449 -26.62 -5.83 30.05
CA ALA D 449 -28.02 -6.22 30.13
C ALA D 449 -28.18 -7.70 30.44
N PHE D 450 -27.26 -8.52 29.94
CA PHE D 450 -27.37 -9.96 30.16
C PHE D 450 -27.28 -10.31 31.64
N ILE D 451 -26.45 -9.55 32.37
CA ILE D 451 -26.31 -9.80 33.81
C ILE D 451 -27.60 -9.50 34.54
N ASP D 452 -28.30 -8.44 34.14
CA ASP D 452 -29.61 -8.15 34.72
C ASP D 452 -30.61 -9.24 34.36
N GLY D 453 -30.51 -9.80 33.15
CA GLY D 453 -31.37 -10.91 32.78
C GLY D 453 -31.17 -12.15 33.61
N LEU D 454 -29.92 -12.50 33.93
CA LEU D 454 -29.66 -13.61 34.83
C LEU D 454 -29.81 -13.22 36.29
N ASN D 455 -29.98 -11.93 36.58
CA ASN D 455 -30.13 -11.51 37.96
C ASN D 455 -31.42 -12.08 38.55
N VAL D 456 -32.54 -11.96 37.85
CA VAL D 456 -33.75 -12.55 38.39
C VAL D 456 -33.87 -13.99 37.93
N TRP D 457 -32.95 -14.82 38.40
CA TRP D 457 -33.14 -16.25 38.54
C TRP D 457 -32.30 -16.68 39.72
N LEU D 458 -31.59 -15.70 40.29
CA LEU D 458 -30.50 -15.96 41.23
C LEU D 458 -30.53 -15.08 42.47
N VAL D 459 -31.27 -13.97 42.47
CA VAL D 459 -31.40 -13.07 43.61
C VAL D 459 -30.04 -12.71 44.18
N LEU D 460 -29.24 -11.99 43.41
CA LEU D 460 -27.98 -11.44 43.91
C LEU D 460 -28.23 -10.15 44.66
N PRO D 461 -27.34 -9.79 45.59
CA PRO D 461 -27.44 -8.47 46.20
C PRO D 461 -27.11 -7.39 45.18
N ASP D 462 -27.23 -6.13 45.57
CA ASP D 462 -26.90 -5.05 44.64
C ASP D 462 -25.47 -4.58 44.77
N HIS D 463 -24.84 -4.81 45.93
CA HIS D 463 -23.44 -4.46 46.10
C HIS D 463 -22.55 -5.34 45.24
N ARG D 464 -22.88 -6.62 45.12
CA ARG D 464 -22.03 -7.55 44.38
C ARG D 464 -22.21 -7.40 42.87
N VAL D 465 -23.42 -7.08 42.41
CA VAL D 465 -23.67 -7.05 40.98
C VAL D 465 -22.86 -5.96 40.30
N ASN D 466 -22.81 -4.78 40.91
CA ASN D 466 -22.01 -3.71 40.33
C ASN D 466 -20.54 -4.09 40.27
N GLN D 467 -20.03 -4.72 41.33
CA GLN D 467 -18.68 -5.25 41.30
C GLN D 467 -18.52 -6.29 40.21
N LEU D 468 -19.56 -7.09 39.96
CA LEU D 468 -19.54 -8.04 38.87
C LEU D 468 -19.66 -7.38 37.51
N LYS D 469 -20.25 -6.19 37.45
CA LYS D 469 -20.44 -5.50 36.18
C LYS D 469 -19.22 -4.71 35.75
N SER D 470 -18.29 -4.43 36.66
CA SER D 470 -17.05 -3.76 36.27
C SER D 470 -16.10 -4.73 35.58
N ILE D 471 -16.14 -6.00 35.95
CA ILE D 471 -15.30 -6.99 35.29
C ILE D 471 -15.72 -7.16 33.83
N ALA D 472 -17.01 -7.08 33.55
CA ALA D 472 -17.50 -7.22 32.18
C ALA D 472 -17.06 -6.05 31.32
N GLN D 473 -17.24 -4.82 31.82
CA GLN D 473 -16.78 -3.65 31.09
C GLN D 473 -15.28 -3.64 30.89
N THR D 474 -14.51 -4.00 31.93
CA THR D 474 -13.06 -3.94 31.82
C THR D 474 -12.53 -4.99 30.86
N LEU D 475 -12.96 -6.24 31.01
CA LEU D 475 -12.45 -7.31 30.17
C LEU D 475 -12.86 -7.17 28.72
N HIS D 476 -14.08 -6.71 28.45
CA HIS D 476 -14.50 -6.47 27.07
C HIS D 476 -13.73 -5.31 26.46
N ASN D 477 -13.29 -4.36 27.28
CA ASN D 477 -12.46 -3.27 26.78
C ASN D 477 -11.06 -3.75 26.41
N ALA D 478 -10.49 -4.68 27.19
CA ALA D 478 -9.20 -5.26 26.82
C ALA D 478 -9.30 -6.03 25.52
N SER D 479 -10.45 -6.65 25.27
CA SER D 479 -10.66 -7.36 24.02
C SER D 479 -10.60 -6.41 22.83
N LEU D 480 -11.28 -5.27 22.95
CA LEU D 480 -11.40 -4.35 21.82
C LEU D 480 -10.04 -3.78 21.42
N MET D 481 -9.28 -3.30 22.41
CA MET D 481 -8.00 -2.65 22.12
C MET D 481 -7.09 -3.58 21.35
N LEU D 482 -7.11 -4.87 21.68
CA LEU D 482 -6.28 -5.85 20.98
C LEU D 482 -6.84 -6.16 19.59
N ASP D 483 -8.15 -6.30 19.49
CA ASP D 483 -8.77 -6.70 18.22
C ASP D 483 -8.52 -5.67 17.13
N ASP D 484 -8.57 -4.38 17.47
CA ASP D 484 -8.30 -3.34 16.49
C ASP D 484 -6.85 -3.38 16.03
N ILE D 485 -5.94 -3.86 16.89
CA ILE D 485 -4.53 -3.95 16.51
C ILE D 485 -4.36 -4.92 15.34
N GLU D 486 -5.20 -5.94 15.28
CA GLU D 486 -5.02 -7.06 14.37
C GLU D 486 -5.90 -6.86 13.13
N ASP D 487 -6.61 -5.74 13.13
CA ASP D 487 -7.47 -5.40 12.00
C ASP D 487 -6.92 -4.20 11.25
N HIS D 488 -6.14 -3.37 11.93
CA HIS D 488 -5.69 -2.06 11.43
C HIS D 488 -6.86 -1.14 11.12
N SER D 489 -8.03 -1.39 11.70
CA SER D 489 -9.20 -0.54 11.51
C SER D 489 -8.98 0.79 12.21
N PRO D 490 -8.84 1.89 11.46
CA PRO D 490 -8.51 3.16 12.10
C PRO D 490 -9.59 3.68 13.04
N LEU D 491 -10.86 3.38 12.79
CA LEU D 491 -11.96 3.95 13.54
C LEU D 491 -12.87 2.86 14.07
N ARG D 492 -13.40 3.06 15.28
CA ARG D 492 -14.41 2.20 15.86
C ARG D 492 -15.69 3.01 16.08
N ARG D 493 -16.76 2.63 15.40
CA ARG D 493 -18.10 3.20 15.45
C ARG D 493 -18.18 4.62 14.91
N GLY D 494 -17.09 5.35 14.95
CA GLY D 494 -17.01 6.65 14.32
C GLY D 494 -15.70 7.29 14.72
N ARG D 495 -15.62 7.52 16.02
CA ARG D 495 -14.52 8.15 16.73
C ARG D 495 -13.31 7.24 16.62
N PRO D 496 -12.10 7.80 16.53
CA PRO D 496 -10.92 6.99 16.17
C PRO D 496 -10.60 5.89 17.16
N SER D 497 -9.80 4.92 16.72
CA SER D 497 -9.38 3.80 17.55
C SER D 497 -8.27 4.24 18.50
N THR D 498 -8.02 3.39 19.50
CA THR D 498 -6.96 3.67 20.45
C THR D 498 -5.57 3.48 19.86
N HIS D 499 -5.40 2.53 18.96
CA HIS D 499 -4.10 2.26 18.37
C HIS D 499 -3.68 3.29 17.34
N MET D 500 -4.50 4.31 17.11
CA MET D 500 -4.12 5.39 16.22
C MET D 500 -3.96 6.72 16.95
N ILE D 501 -4.46 6.83 18.17
CA ILE D 501 -4.22 8.01 18.99
C ILE D 501 -3.09 7.82 19.98
N PHE D 502 -2.92 6.62 20.53
CA PHE D 502 -1.94 6.39 21.59
C PHE D 502 -0.81 5.46 21.18
N GLY D 503 -0.84 4.89 19.99
CA GLY D 503 0.25 4.05 19.55
C GLY D 503 0.02 2.59 19.85
N THR D 504 0.49 1.71 18.96
CA THR D 504 0.33 0.28 19.16
C THR D 504 1.08 -0.19 20.40
N GLU D 505 2.28 0.32 20.62
CA GLU D 505 3.09 -0.14 21.74
C GLU D 505 2.46 0.24 23.08
N GLN D 506 1.95 1.47 23.19
CA GLN D 506 1.33 1.91 24.44
C GLN D 506 -0.03 1.29 24.67
N THR D 507 -0.75 0.91 23.61
CA THR D 507 -2.08 0.33 23.78
C THR D 507 -2.00 -1.16 24.09
N ILE D 508 -0.95 -1.84 23.63
CA ILE D 508 -0.74 -3.22 24.03
C ILE D 508 -0.39 -3.30 25.51
N ASN D 509 0.45 -2.38 25.97
CA ASN D 509 0.91 -2.41 27.36
C ASN D 509 -0.24 -2.21 28.32
N SER D 510 -1.06 -1.18 28.09
CA SER D 510 -2.20 -0.93 28.97
C SER D 510 -3.25 -2.02 28.85
N ALA D 511 -3.30 -2.74 27.74
CA ALA D 511 -4.22 -3.86 27.63
C ALA D 511 -3.85 -4.96 28.61
N ASN D 512 -2.57 -5.30 28.69
CA ASN D 512 -2.13 -6.32 29.64
C ASN D 512 -2.29 -5.87 31.08
N PHE D 513 -2.32 -4.56 31.33
CA PHE D 513 -2.52 -4.09 32.69
C PHE D 513 -3.97 -4.27 33.13
N LEU D 514 -4.91 -4.10 32.20
CA LEU D 514 -6.32 -4.29 32.53
C LEU D 514 -6.61 -5.74 32.88
N LEU D 515 -5.88 -6.69 32.30
CA LEU D 515 -6.05 -8.08 32.71
C LEU D 515 -5.65 -8.27 34.16
N ILE D 516 -4.45 -7.79 34.53
CA ILE D 516 -4.00 -7.88 35.92
C ILE D 516 -4.94 -7.10 36.83
N ASP D 517 -5.45 -5.97 36.36
CA ASP D 517 -6.40 -5.20 37.16
C ASP D 517 -7.66 -6.01 37.44
N VAL D 518 -8.13 -6.77 36.46
CA VAL D 518 -9.34 -7.57 36.65
C VAL D 518 -9.13 -8.60 37.74
N MET D 519 -7.97 -9.29 37.73
CA MET D 519 -7.72 -10.28 38.76
C MET D 519 -7.51 -9.66 40.14
N GLU D 520 -7.69 -8.34 40.27
CA GLU D 520 -7.79 -7.72 41.58
C GLU D 520 -9.24 -7.62 42.03
N LYS D 521 -10.13 -7.30 41.09
CA LYS D 521 -11.55 -7.28 41.39
C LYS D 521 -12.06 -8.67 41.73
N VAL D 522 -11.51 -9.69 41.08
CA VAL D 522 -12.01 -11.05 41.25
C VAL D 522 -11.83 -11.50 42.69
N ARG D 523 -10.66 -11.23 43.29
CA ARG D 523 -10.44 -11.60 44.68
C ARG D 523 -11.07 -10.61 45.65
N GLN D 524 -11.62 -9.51 45.16
CA GLN D 524 -12.44 -8.64 45.98
C GLN D 524 -13.87 -9.14 46.07
N LEU D 525 -14.21 -10.21 45.37
CA LEU D 525 -15.54 -10.80 45.44
C LEU D 525 -15.70 -11.75 46.62
N ASP D 526 -14.66 -11.95 47.41
CA ASP D 526 -14.71 -12.77 48.61
C ASP D 526 -15.11 -14.20 48.31
N ASP D 527 -14.29 -14.92 47.55
CA ASP D 527 -14.51 -16.33 47.27
C ASP D 527 -13.22 -16.94 46.76
N PRO D 528 -12.85 -18.15 47.20
CA PRO D 528 -11.60 -18.74 46.75
C PRO D 528 -11.68 -19.35 45.36
N ARG D 529 -12.79 -20.01 45.02
CA ARG D 529 -12.84 -20.70 43.73
C ARG D 529 -13.35 -19.79 42.63
N CYS D 530 -13.73 -18.55 42.94
CA CYS D 530 -14.02 -17.58 41.89
C CYS D 530 -12.79 -17.32 41.04
N MET D 531 -11.62 -17.22 41.68
CA MET D 531 -10.39 -17.03 40.94
C MET D 531 -10.09 -18.21 40.04
N ASP D 532 -10.35 -19.43 40.54
CA ASP D 532 -10.12 -20.64 39.76
C ASP D 532 -10.98 -20.62 38.51
N ILE D 533 -12.22 -20.17 38.64
CA ILE D 533 -13.14 -20.06 37.50
C ILE D 533 -12.59 -19.08 36.50
N TYR D 534 -12.11 -17.93 36.99
CA TYR D 534 -11.60 -16.89 36.11
C TYR D 534 -10.39 -17.36 35.31
N LEU D 535 -9.41 -17.97 35.98
CA LEU D 535 -8.28 -18.55 35.26
C LEU D 535 -8.54 -19.99 34.83
N GLU D 536 -9.72 -20.26 34.29
CA GLU D 536 -10.02 -21.52 33.65
C GLU D 536 -10.83 -21.24 32.39
N GLU D 537 -11.51 -20.10 32.39
CA GLU D 537 -12.29 -19.65 31.25
C GLU D 537 -11.67 -18.45 30.57
N MET D 538 -10.53 -17.97 31.07
CA MET D 538 -9.68 -17.04 30.32
C MET D 538 -8.54 -17.76 29.64
N ARG D 539 -8.46 -19.09 29.76
CA ARG D 539 -7.56 -19.87 28.94
C ARG D 539 -8.24 -20.43 27.71
N ASN D 540 -9.50 -20.84 27.82
CA ASN D 540 -10.32 -21.18 26.67
C ASN D 540 -10.68 -19.96 25.84
N LEU D 541 -10.73 -18.78 26.45
CA LEU D 541 -10.94 -17.53 25.74
C LEU D 541 -9.74 -17.16 24.90
N PHE D 542 -8.60 -17.81 25.13
CA PHE D 542 -7.38 -17.48 24.43
C PHE D 542 -6.92 -18.56 23.46
N ILE D 543 -7.34 -19.82 23.65
CA ILE D 543 -7.18 -20.82 22.62
C ILE D 543 -8.02 -20.49 21.39
N GLY D 544 -9.23 -19.97 21.58
CA GLY D 544 -10.08 -19.62 20.47
C GLY D 544 -9.51 -18.50 19.64
N GLN D 545 -8.96 -17.48 20.31
CA GLN D 545 -8.33 -16.39 19.58
C GLN D 545 -7.09 -16.85 18.84
N SER D 546 -6.31 -17.76 19.41
CA SER D 546 -5.10 -18.24 18.73
C SER D 546 -5.45 -18.91 17.41
N PHE D 547 -6.51 -19.71 17.41
CA PHE D 547 -6.94 -20.37 16.18
C PHE D 547 -7.46 -19.36 15.17
N ASP D 548 -8.21 -18.36 15.63
CA ASP D 548 -8.77 -17.36 14.74
C ASP D 548 -7.66 -16.55 14.08
N LEU D 549 -6.55 -16.36 14.77
CA LEU D 549 -5.42 -15.64 14.17
C LEU D 549 -4.55 -16.52 13.28
N TYR D 550 -4.63 -17.85 13.40
CA TYR D 550 -4.08 -18.71 12.36
C TYR D 550 -4.83 -18.55 11.05
N TRP D 551 -6.14 -18.69 11.08
CA TRP D 551 -6.89 -18.88 9.85
C TRP D 551 -7.00 -17.57 9.06
N THR D 552 -6.36 -16.52 9.54
CA THR D 552 -6.41 -15.27 8.81
C THR D 552 -5.02 -14.89 8.30
N ARG D 553 -3.98 -15.22 9.07
CA ARG D 553 -2.62 -14.92 8.66
C ARG D 553 -2.10 -15.87 7.61
N ASN D 554 -2.42 -17.17 7.73
CA ASN D 554 -1.93 -18.17 6.80
C ASN D 554 -2.90 -18.45 5.65
N GLY D 555 -4.16 -18.04 5.78
CA GLY D 555 -5.15 -18.27 4.76
C GLY D 555 -5.51 -19.74 4.59
N GLU D 556 -6.09 -20.34 5.62
CA GLU D 556 -6.52 -21.73 5.54
C GLU D 556 -8.02 -21.74 5.83
N CYS D 557 -8.78 -22.19 4.84
CA CYS D 557 -10.22 -22.27 5.01
C CYS D 557 -10.52 -23.34 6.05
N PRO D 558 -11.17 -22.99 7.14
CA PRO D 558 -11.43 -23.95 8.21
C PRO D 558 -12.57 -24.88 7.82
N SER D 559 -12.84 -25.83 8.70
CA SER D 559 -13.99 -26.69 8.57
C SER D 559 -15.19 -26.06 9.26
N GLU D 560 -16.38 -26.41 8.78
CA GLU D 560 -17.60 -25.86 9.34
C GLU D 560 -17.78 -26.16 10.81
N GLU D 561 -17.27 -27.30 11.29
CA GLU D 561 -17.41 -27.68 12.69
C GLU D 561 -16.27 -27.14 13.55
N GLN D 562 -15.06 -27.03 13.02
CA GLN D 562 -14.00 -26.37 13.76
C GLN D 562 -14.34 -24.90 13.98
N TYR D 563 -14.93 -24.25 12.98
CA TYR D 563 -15.33 -22.86 13.14
C TYR D 563 -16.41 -22.71 14.20
N LEU D 564 -17.38 -23.63 14.20
CA LEU D 564 -18.47 -23.54 15.16
C LEU D 564 -17.99 -23.90 16.56
N ASP D 565 -16.78 -24.44 16.65
CA ASP D 565 -16.12 -24.63 17.94
C ASP D 565 -15.22 -23.49 18.32
N MET D 566 -14.74 -22.70 17.37
CA MET D 566 -13.90 -21.55 17.67
C MET D 566 -14.69 -20.39 18.24
N ILE D 567 -15.97 -20.25 17.90
CA ILE D 567 -16.75 -19.12 18.33
C ILE D 567 -17.40 -19.35 19.69
N ARG D 568 -17.79 -20.58 20.00
CA ARG D 568 -18.30 -20.88 21.33
C ARG D 568 -17.29 -20.59 22.42
N GLN D 569 -16.00 -20.57 22.10
CA GLN D 569 -14.95 -20.26 23.06
C GLN D 569 -14.49 -18.80 23.02
N LYS D 570 -14.41 -18.20 21.85
CA LYS D 570 -13.90 -16.84 21.74
C LYS D 570 -14.93 -15.83 22.23
N THR D 571 -16.10 -15.81 21.63
CA THR D 571 -17.12 -14.84 22.01
C THR D 571 -18.12 -15.41 22.99
N GLY D 572 -18.19 -16.73 23.10
CA GLY D 572 -19.05 -17.35 24.09
C GLY D 572 -18.29 -17.72 25.35
N GLY D 573 -17.13 -17.11 25.53
CA GLY D 573 -16.29 -17.42 26.67
C GLY D 573 -16.37 -16.33 27.72
N LEU D 574 -16.55 -15.09 27.28
CA LEU D 574 -16.83 -14.02 28.22
C LEU D 574 -18.20 -14.18 28.87
N PHE D 575 -19.10 -14.93 28.25
CA PHE D 575 -20.42 -15.16 28.81
C PHE D 575 -20.43 -16.27 29.83
N ARG D 576 -19.75 -17.37 29.56
CA ARG D 576 -19.65 -18.44 30.54
C ARG D 576 -18.91 -17.97 31.78
N LEU D 577 -17.84 -17.20 31.60
CA LEU D 577 -17.08 -16.66 32.73
C LEU D 577 -17.94 -15.81 33.65
N LEU D 578 -18.81 -14.97 33.09
CA LEU D 578 -19.70 -14.18 33.93
C LEU D 578 -20.77 -15.04 34.58
N THR D 579 -21.25 -16.05 33.88
CA THR D 579 -22.34 -16.88 34.38
C THR D 579 -21.89 -17.70 35.59
N ARG D 580 -20.88 -18.54 35.41
CA ARG D 580 -20.44 -19.43 36.48
C ARG D 580 -19.99 -18.64 37.70
N MET D 581 -19.40 -17.47 37.47
CA MET D 581 -19.06 -16.61 38.60
C MET D 581 -20.30 -16.08 39.28
N MET D 582 -21.34 -15.77 38.51
CA MET D 582 -22.56 -15.19 39.05
C MET D 582 -23.39 -16.20 39.83
N VAL D 583 -23.24 -17.49 39.54
CA VAL D 583 -23.93 -18.53 40.29
C VAL D 583 -23.15 -19.00 41.51
N GLN D 584 -21.86 -18.69 41.58
CA GLN D 584 -21.04 -19.03 42.74
C GLN D 584 -21.07 -17.95 43.81
N ILE D 585 -21.36 -16.71 43.43
CA ILE D 585 -21.40 -15.59 44.36
C ILE D 585 -22.80 -15.50 44.96
N ALA D 586 -23.79 -15.92 44.21
CA ALA D 586 -25.19 -15.75 44.58
C ALA D 586 -25.53 -16.68 45.72
N PRO D 587 -26.58 -16.36 46.50
CA PRO D 587 -27.04 -17.28 47.55
C PRO D 587 -27.30 -18.68 46.99
N VAL D 588 -26.72 -19.69 47.63
CA VAL D 588 -26.59 -21.01 47.04
C VAL D 588 -27.94 -21.62 46.70
N GLN D 589 -28.74 -21.93 47.72
CA GLN D 589 -30.04 -22.57 47.59
C GLN D 589 -30.18 -23.41 46.33
N GLN D 590 -30.42 -22.73 45.20
CA GLN D 590 -30.66 -23.35 43.90
C GLN D 590 -29.69 -24.47 43.57
N LYS D 591 -30.21 -25.54 42.98
CA LYS D 591 -29.45 -26.73 42.64
C LYS D 591 -28.64 -26.49 41.37
N GLY D 592 -28.19 -27.58 40.73
CA GLY D 592 -27.23 -27.45 39.65
C GLY D 592 -27.79 -26.75 38.43
N LEU D 593 -28.22 -25.51 38.61
CA LEU D 593 -28.68 -24.68 37.51
C LEU D 593 -27.57 -24.38 36.53
N GLU D 594 -26.31 -24.57 36.95
CA GLU D 594 -25.17 -24.26 36.09
C GLU D 594 -25.23 -25.08 34.79
N THR D 595 -25.76 -26.29 34.87
CA THR D 595 -25.81 -27.18 33.71
C THR D 595 -26.59 -26.56 32.56
N GLN D 596 -27.81 -26.10 32.84
CA GLN D 596 -28.62 -25.49 31.80
C GLN D 596 -28.16 -24.06 31.52
N LEU D 597 -27.78 -23.32 32.57
CA LEU D 597 -27.43 -21.91 32.38
C LEU D 597 -26.17 -21.74 31.55
N ALA D 598 -25.17 -22.60 31.77
CA ALA D 598 -23.98 -22.52 30.95
C ALA D 598 -24.29 -22.82 29.49
N SER D 599 -25.13 -23.82 29.23
CA SER D 599 -25.48 -24.18 27.87
C SER D 599 -26.12 -23.01 27.15
N LEU D 600 -26.83 -22.16 27.88
CA LEU D 600 -27.39 -20.95 27.28
C LEU D 600 -26.29 -20.02 26.78
N SER D 601 -25.20 -19.92 27.53
CA SER D 601 -24.12 -19.01 27.16
C SER D 601 -23.44 -19.46 25.86
N ASP D 602 -23.22 -20.77 25.70
CA ASP D 602 -22.61 -21.27 24.48
C ASP D 602 -23.47 -20.99 23.25
N VAL D 603 -24.78 -21.17 23.35
CA VAL D 603 -25.65 -20.90 22.22
C VAL D 603 -25.85 -19.41 21.98
N LEU D 604 -25.86 -18.59 23.02
CA LEU D 604 -25.98 -17.15 22.82
C LEU D 604 -24.74 -16.56 22.15
N GLY D 605 -23.59 -17.17 22.31
CA GLY D 605 -22.42 -16.70 21.61
C GLY D 605 -22.43 -17.00 20.14
N GLU D 606 -23.16 -18.02 19.71
CA GLU D 606 -23.33 -18.30 18.29
C GLU D 606 -24.29 -17.35 17.61
N PHE D 607 -25.40 -17.02 18.25
CA PHE D 607 -26.36 -16.07 17.70
C PHE D 607 -25.79 -14.68 17.56
N PHE D 608 -24.73 -14.36 18.29
CA PHE D 608 -24.10 -13.04 18.20
C PHE D 608 -23.04 -12.96 17.12
N GLN D 609 -22.21 -13.99 16.98
CA GLN D 609 -21.18 -13.96 15.95
C GLN D 609 -21.78 -14.18 14.57
N VAL D 610 -22.71 -15.13 14.46
CA VAL D 610 -23.33 -15.40 13.17
C VAL D 610 -24.15 -14.19 12.71
N ARG D 611 -24.79 -13.50 13.65
CA ARG D 611 -25.49 -12.26 13.32
C ARG D 611 -24.53 -11.22 12.79
N ASP D 612 -23.38 -11.07 13.45
CA ASP D 612 -22.41 -10.06 13.02
C ASP D 612 -21.88 -10.36 11.64
N ASP D 613 -21.79 -11.65 11.27
CA ASP D 613 -21.33 -12.01 9.94
C ASP D 613 -22.42 -11.71 8.91
N TYR D 614 -23.67 -12.07 9.20
CA TYR D 614 -24.75 -11.82 8.26
C TYR D 614 -24.96 -10.32 8.07
N LYS D 615 -24.92 -9.55 9.15
CA LYS D 615 -25.06 -8.10 9.01
C LYS D 615 -23.71 -7.48 8.68
N ASN D 616 -23.01 -8.05 7.72
CA ASN D 616 -21.84 -7.41 7.13
C ASN D 616 -21.90 -7.52 5.61
N LEU D 617 -22.42 -8.65 5.14
CA LEU D 617 -22.49 -8.93 3.70
C LEU D 617 -23.93 -8.70 3.25
N THR D 618 -24.59 -7.75 3.92
CA THR D 618 -25.93 -7.36 3.54
C THR D 618 -26.06 -5.84 3.70
N GLU D 619 -24.96 -5.19 4.07
CA GLU D 619 -24.90 -3.74 4.25
C GLU D 619 -25.93 -3.26 5.26
N CYS D 628 -18.10 -2.75 3.39
CA CYS D 628 -17.92 -3.29 4.73
C CYS D 628 -16.49 -3.78 4.94
N GLU D 629 -16.16 -4.13 6.19
CA GLU D 629 -14.84 -4.60 6.55
C GLU D 629 -14.81 -6.10 6.86
N ASP D 630 -15.86 -6.83 6.49
CA ASP D 630 -15.92 -8.26 6.77
C ASP D 630 -14.78 -8.99 6.08
N LEU D 631 -14.46 -8.61 4.85
CA LEU D 631 -13.44 -9.27 4.05
C LEU D 631 -12.15 -8.46 3.94
N ASP D 632 -12.12 -7.26 4.49
CA ASP D 632 -10.92 -6.43 4.42
C ASP D 632 -9.77 -7.02 5.24
N GLU D 633 -10.09 -7.88 6.21
CA GLU D 633 -9.08 -8.61 6.97
C GLU D 633 -8.85 -10.01 6.41
N CYS D 634 -9.52 -10.34 5.31
CA CYS D 634 -9.63 -11.72 4.84
C CYS D 634 -10.21 -12.60 5.93
N LYS D 635 -11.20 -12.05 6.65
CA LYS D 635 -11.84 -12.74 7.75
C LYS D 635 -12.81 -13.78 7.22
N PHE D 636 -12.68 -15.00 7.72
CA PHE D 636 -13.60 -16.06 7.35
C PHE D 636 -14.86 -15.99 8.22
N SER D 637 -16.01 -15.86 7.56
CA SER D 637 -17.29 -15.78 8.23
C SER D 637 -18.12 -16.98 7.80
N TYR D 638 -19.29 -17.13 8.43
CA TYR D 638 -20.15 -18.28 8.13
C TYR D 638 -20.52 -18.40 6.67
N PRO D 639 -20.91 -17.34 5.96
CA PRO D 639 -21.20 -17.49 4.53
C PRO D 639 -19.99 -17.96 3.74
N LEU D 640 -18.79 -17.58 4.18
CA LEU D 640 -17.59 -17.81 3.40
C LEU D 640 -16.99 -19.19 3.63
N ILE D 641 -17.57 -19.98 4.52
CA ILE D 641 -17.08 -21.33 4.75
C ILE D 641 -18.09 -22.33 4.20
N HIS D 642 -19.26 -21.82 3.82
CA HIS D 642 -20.23 -22.64 3.10
C HIS D 642 -20.10 -22.50 1.59
N ALA D 643 -19.72 -21.33 1.09
CA ALA D 643 -19.47 -21.14 -0.33
C ALA D 643 -18.11 -21.64 -0.76
N LEU D 644 -17.24 -21.98 0.18
CA LEU D 644 -15.89 -22.42 -0.13
C LEU D 644 -15.74 -23.93 -0.06
N THR D 645 -16.63 -24.62 0.68
CA THR D 645 -16.55 -26.07 0.80
C THR D 645 -17.44 -26.65 -0.29
N SER D 646 -18.73 -26.39 -0.28
CA SER D 646 -19.56 -26.67 -1.44
C SER D 646 -19.10 -25.74 -2.55
N GLN D 647 -19.22 -26.16 -3.81
CA GLN D 647 -18.65 -25.43 -4.93
C GLN D 647 -17.14 -25.33 -4.75
N PRO D 648 -16.41 -26.44 -4.82
CA PRO D 648 -14.99 -26.43 -4.48
C PRO D 648 -14.07 -26.15 -5.66
N LYS D 649 -14.65 -25.72 -6.78
CA LYS D 649 -13.85 -25.41 -7.97
C LYS D 649 -14.03 -23.95 -8.38
N ASN D 650 -14.60 -23.12 -7.50
CA ASN D 650 -14.83 -21.71 -7.79
C ASN D 650 -13.50 -20.99 -7.72
N VAL D 651 -12.73 -21.08 -8.81
CA VAL D 651 -11.42 -20.47 -8.87
C VAL D 651 -11.49 -18.96 -8.85
N GLN D 652 -12.65 -18.37 -9.15
CA GLN D 652 -12.81 -16.93 -9.06
C GLN D 652 -12.77 -16.45 -7.62
N LEU D 653 -13.54 -17.07 -6.74
CA LEU D 653 -13.62 -16.61 -5.36
C LEU D 653 -12.28 -16.77 -4.65
N ARG D 654 -11.59 -17.88 -4.88
CA ARG D 654 -10.29 -18.08 -4.25
C ARG D 654 -9.20 -17.24 -4.90
N GLY D 655 -9.56 -16.35 -5.81
CA GLY D 655 -8.61 -15.41 -6.37
C GLY D 655 -8.83 -14.03 -5.82
N ILE D 656 -10.10 -13.69 -5.53
CA ILE D 656 -10.37 -12.40 -4.88
C ILE D 656 -10.23 -12.48 -3.37
N LEU D 657 -10.12 -13.67 -2.81
CA LEU D 657 -9.76 -13.85 -1.42
C LEU D 657 -8.26 -13.88 -1.20
N GLN D 658 -7.48 -13.89 -2.27
CA GLN D 658 -6.03 -13.76 -2.17
C GLN D 658 -5.55 -12.35 -2.41
N GLN D 659 -6.29 -11.57 -3.19
CA GLN D 659 -5.96 -10.15 -3.36
C GLN D 659 -6.09 -9.40 -2.04
N SER D 660 -6.98 -9.87 -1.16
CA SER D 660 -7.13 -9.23 0.14
C SER D 660 -5.84 -9.32 0.94
N ARG D 661 -5.16 -10.46 0.90
CA ARG D 661 -3.96 -10.66 1.66
C ARG D 661 -2.75 -9.94 1.06
N SER D 662 -2.88 -9.40 -0.15
CA SER D 662 -1.77 -8.71 -0.80
C SER D 662 -1.97 -7.21 -0.88
N ALA D 663 -3.19 -6.72 -0.68
CA ALA D 663 -3.49 -5.29 -0.72
C ALA D 663 -4.07 -4.82 0.61
N GLY D 664 -4.07 -5.69 1.61
CA GLY D 664 -4.62 -5.36 2.91
C GLY D 664 -6.08 -4.96 2.87
N GLY D 665 -6.86 -5.62 2.02
CA GLY D 665 -8.27 -5.33 1.92
C GLY D 665 -8.75 -5.01 0.51
N LEU D 666 -9.90 -5.53 0.14
CA LEU D 666 -10.44 -5.31 -1.19
C LEU D 666 -11.01 -3.91 -1.34
N ASP D 667 -11.19 -3.49 -2.59
CA ASP D 667 -11.83 -2.23 -2.92
C ASP D 667 -13.32 -2.46 -3.14
N VAL D 668 -14.06 -1.36 -3.26
CA VAL D 668 -15.53 -1.40 -3.30
C VAL D 668 -16.05 -2.23 -4.46
N PRO D 669 -15.62 -2.01 -5.71
CA PRO D 669 -16.15 -2.86 -6.80
C PRO D 669 -15.83 -4.33 -6.65
N LEU D 670 -14.68 -4.67 -6.05
CA LEU D 670 -14.31 -6.07 -5.90
C LEU D 670 -15.30 -6.82 -5.01
N LYS D 671 -15.75 -6.17 -3.93
CA LYS D 671 -16.64 -6.83 -2.99
C LYS D 671 -18.01 -7.08 -3.57
N GLU D 672 -18.48 -6.19 -4.46
CA GLU D 672 -19.74 -6.46 -5.14
C GLU D 672 -19.64 -7.71 -5.99
N THR D 673 -18.44 -8.07 -6.43
CA THR D 673 -18.25 -9.36 -7.09
C THR D 673 -18.34 -10.49 -6.09
N VAL D 674 -17.68 -10.34 -4.93
CA VAL D 674 -17.73 -11.37 -3.91
C VAL D 674 -19.15 -11.54 -3.38
N LEU D 675 -19.82 -10.41 -3.11
CA LEU D 675 -21.17 -10.47 -2.57
C LEU D 675 -22.13 -11.14 -3.54
N SER D 676 -22.00 -10.84 -4.84
CA SER D 676 -22.80 -11.53 -5.84
C SER D 676 -22.38 -12.98 -5.97
N HIS D 677 -21.11 -13.28 -5.68
CA HIS D 677 -20.63 -14.66 -5.75
C HIS D 677 -21.29 -15.52 -4.69
N LEU D 678 -21.46 -14.98 -3.48
CA LEU D 678 -22.01 -15.78 -2.40
C LEU D 678 -23.51 -15.99 -2.55
N ARG D 679 -24.19 -15.14 -3.32
CA ARG D 679 -25.61 -15.35 -3.59
C ARG D 679 -25.83 -16.62 -4.40
N GLN D 680 -25.03 -16.80 -5.45
CA GLN D 680 -25.17 -17.98 -6.30
C GLN D 680 -24.92 -19.25 -5.50
N ALA D 681 -23.95 -19.22 -4.59
CA ALA D 681 -23.72 -20.37 -3.73
C ALA D 681 -24.86 -20.57 -2.75
N GLY D 682 -25.66 -19.53 -2.51
CA GLY D 682 -26.74 -19.61 -1.55
C GLY D 682 -26.30 -19.47 -0.11
N SER D 683 -25.08 -19.01 0.14
CA SER D 683 -24.59 -18.93 1.51
C SER D 683 -25.37 -17.91 2.33
N ILE D 684 -25.90 -16.88 1.68
CA ILE D 684 -26.66 -15.85 2.37
C ILE D 684 -27.96 -16.48 2.83
N GLU D 685 -28.40 -17.54 2.14
CA GLU D 685 -29.61 -18.26 2.51
C GLU D 685 -29.33 -19.33 3.54
N TYR D 686 -28.13 -19.91 3.55
CA TYR D 686 -27.77 -20.90 4.55
C TYR D 686 -27.30 -20.29 5.86
N THR D 687 -26.93 -19.01 5.86
CA THR D 687 -26.65 -18.32 7.12
C THR D 687 -27.92 -18.00 7.87
N GLU D 688 -28.95 -17.56 7.17
CA GLU D 688 -30.22 -17.25 7.81
C GLU D 688 -30.97 -18.49 8.23
N ALA D 689 -30.52 -19.67 7.83
CA ALA D 689 -31.11 -20.92 8.28
C ALA D 689 -30.59 -21.39 9.62
N LYS D 690 -29.30 -21.20 9.90
CA LYS D 690 -28.77 -21.51 11.22
C LYS D 690 -29.11 -20.45 12.25
N MET D 691 -29.29 -19.19 11.83
CA MET D 691 -29.72 -18.15 12.75
C MET D 691 -31.08 -18.49 13.36
N GLY D 692 -32.01 -18.99 12.54
CA GLY D 692 -33.30 -19.39 13.06
C GLY D 692 -33.20 -20.54 14.04
N GLU D 693 -32.34 -21.51 13.74
CA GLU D 693 -32.14 -22.62 14.66
C GLU D 693 -31.56 -22.14 15.99
N LEU D 694 -30.61 -21.21 15.93
CA LEU D 694 -30.02 -20.68 17.15
C LEU D 694 -31.05 -19.97 18.00
N MET D 695 -31.95 -19.22 17.36
CA MET D 695 -33.01 -18.55 18.10
C MET D 695 -34.07 -19.52 18.60
N GLU D 696 -34.16 -20.71 18.02
CA GLU D 696 -35.09 -21.70 18.51
C GLU D 696 -34.52 -22.44 19.72
N LYS D 697 -33.23 -22.77 19.67
CA LYS D 697 -32.61 -23.44 20.81
C LYS D 697 -32.45 -22.48 21.99
N ILE D 698 -32.27 -21.19 21.71
CA ILE D 698 -32.22 -20.20 22.78
C ILE D 698 -33.58 -20.05 23.43
N THR D 699 -34.64 -19.99 22.62
CA THR D 699 -35.99 -19.86 23.15
C THR D 699 -36.36 -21.06 24.01
N ASP D 700 -36.05 -22.26 23.53
CA ASP D 700 -36.39 -23.47 24.26
C ASP D 700 -35.71 -23.53 25.62
N SER D 701 -34.43 -23.16 25.67
CA SER D 701 -33.67 -23.22 26.91
C SER D 701 -34.28 -22.29 27.96
N VAL D 702 -34.70 -21.10 27.53
CA VAL D 702 -35.31 -20.15 28.45
C VAL D 702 -36.62 -20.72 29.01
N VAL D 703 -37.42 -21.34 28.14
CA VAL D 703 -38.70 -21.91 28.56
C VAL D 703 -38.49 -23.06 29.52
N SER D 704 -37.60 -23.98 29.17
CA SER D 704 -37.38 -25.16 30.00
C SER D 704 -36.84 -24.77 31.37
N LEU D 705 -35.89 -23.83 31.39
CA LEU D 705 -35.34 -23.39 32.66
C LEU D 705 -36.32 -22.55 33.47
N GLU D 706 -37.28 -21.92 32.81
CA GLU D 706 -38.38 -21.23 33.49
C GLU D 706 -39.35 -22.19 34.15
N GLY D 707 -39.65 -23.32 33.53
CA GLY D 707 -40.54 -24.28 34.12
C GLY D 707 -39.94 -24.88 35.38
N GLU D 708 -38.62 -24.76 35.51
CA GLU D 708 -37.92 -25.19 36.71
C GLU D 708 -38.05 -24.13 37.79
N THR D 709 -37.55 -22.94 37.54
CA THR D 709 -37.59 -21.85 38.52
C THR D 709 -39.01 -21.41 38.80
N GLY D 710 -39.78 -21.17 37.75
CA GLY D 710 -41.14 -20.69 37.91
C GLY D 710 -41.20 -19.23 38.31
N SER D 711 -40.59 -18.37 37.50
CA SER D 711 -40.62 -16.92 37.69
C SER D 711 -40.31 -16.25 36.36
N PRO D 712 -41.34 -15.99 35.53
CA PRO D 712 -41.08 -15.55 34.16
C PRO D 712 -40.19 -14.32 34.06
N ASN D 713 -39.00 -14.52 33.49
CA ASN D 713 -38.01 -13.45 33.39
C ASN D 713 -38.31 -12.70 32.10
N TRP D 714 -39.15 -11.67 32.18
CA TRP D 714 -39.50 -10.89 31.00
C TRP D 714 -38.29 -10.16 30.47
N VAL D 715 -37.29 -9.90 31.33
CA VAL D 715 -36.12 -9.16 30.90
C VAL D 715 -35.39 -9.92 29.80
N VAL D 716 -35.22 -11.24 29.95
CA VAL D 716 -34.60 -12.04 28.90
C VAL D 716 -35.42 -12.06 27.63
N ARG D 717 -36.74 -11.87 27.71
CA ARG D 717 -37.56 -11.75 26.52
C ARG D 717 -37.58 -10.36 25.93
N LEU D 718 -37.30 -9.33 26.73
CA LEU D 718 -37.06 -8.02 26.15
C LEU D 718 -35.81 -8.03 25.29
N LEU D 719 -34.78 -8.76 25.73
CA LEU D 719 -33.59 -8.94 24.91
C LEU D 719 -33.92 -9.73 23.65
N ILE D 720 -34.56 -10.88 23.79
CA ILE D 720 -34.73 -11.85 22.71
C ILE D 720 -35.40 -11.19 21.50
N HIS D 721 -36.45 -10.41 21.73
CA HIS D 721 -37.09 -9.73 20.62
C HIS D 721 -36.19 -8.64 20.04
N ARG D 722 -35.38 -8.01 20.88
CA ARG D 722 -34.51 -6.94 20.41
C ARG D 722 -33.41 -7.42 19.48
N LEU D 723 -33.13 -8.72 19.44
CA LEU D 723 -32.20 -9.29 18.47
C LEU D 723 -32.98 -10.34 17.69
N LYS D 724 -33.52 -9.95 16.54
CA LYS D 724 -34.29 -10.85 15.71
C LYS D 724 -33.96 -10.67 14.24
N ILE E 28 -42.21 44.76 0.04
CA ILE E 28 -43.21 45.59 -0.61
C ILE E 28 -42.59 46.83 -1.24
N LEU E 29 -42.55 46.87 -2.56
CA LEU E 29 -42.14 48.07 -3.30
C LEU E 29 -43.33 49.03 -3.32
N ASN E 30 -43.59 49.62 -2.16
CA ASN E 30 -44.77 50.45 -1.96
C ASN E 30 -44.72 51.69 -2.86
N SER E 31 -45.82 52.43 -2.90
CA SER E 31 -45.83 53.71 -3.60
C SER E 31 -45.17 54.78 -2.74
N THR E 32 -44.83 54.42 -1.49
CA THR E 32 -44.29 55.41 -0.57
C THR E 32 -42.84 55.75 -0.87
N LEU E 33 -42.21 55.04 -1.80
CA LEU E 33 -40.90 55.43 -2.31
C LEU E 33 -40.92 55.64 -3.81
N SER E 34 -42.12 55.62 -4.41
CA SER E 34 -42.31 55.81 -5.85
C SER E 34 -43.29 56.97 -6.05
N SER E 35 -42.80 58.07 -6.62
CA SER E 35 -43.65 59.24 -6.82
C SER E 35 -44.72 59.04 -7.88
N VAL E 36 -44.52 58.11 -8.80
CA VAL E 36 -45.47 57.84 -9.89
C VAL E 36 -45.75 59.12 -10.69
N THR E 41 -46.37 63.86 -18.64
CA THR E 41 -46.13 63.44 -20.02
C THR E 41 -45.61 62.00 -20.08
N PRO E 42 -46.44 61.08 -20.57
CA PRO E 42 -45.97 59.70 -20.73
C PRO E 42 -44.90 59.60 -21.79
N ASP E 43 -45.20 60.12 -22.99
CA ASP E 43 -44.28 60.14 -24.10
C ASP E 43 -43.91 61.59 -24.41
N ILE E 44 -42.61 61.86 -24.47
CA ILE E 44 -42.09 63.20 -24.75
C ILE E 44 -40.97 63.07 -25.77
N ALA E 45 -41.01 63.94 -26.78
CA ALA E 45 -40.02 63.97 -27.85
C ALA E 45 -39.80 62.59 -28.47
N GLY E 46 -40.88 61.82 -28.53
CA GLY E 46 -40.80 60.46 -29.02
C GLY E 46 -40.26 59.50 -27.98
N PHE E 47 -39.40 60.02 -27.10
CA PHE E 47 -38.81 59.21 -26.04
C PHE E 47 -39.85 58.89 -24.98
N CYS E 48 -39.57 57.83 -24.22
CA CYS E 48 -40.48 57.32 -23.19
C CYS E 48 -41.84 56.95 -23.76
N SER E 49 -41.86 56.30 -24.93
CA SER E 49 -43.12 55.94 -25.57
C SER E 49 -44.01 55.14 -24.65
N GLY E 50 -45.16 55.70 -24.29
CA GLY E 50 -46.14 55.03 -23.45
C GLY E 50 -45.64 54.62 -22.08
N TYR E 51 -44.92 55.51 -21.41
CA TYR E 51 -44.35 55.21 -20.10
C TYR E 51 -45.04 56.01 -19.00
N GLU E 52 -44.57 55.81 -17.78
CA GLU E 52 -45.10 56.50 -16.60
C GLU E 52 -43.90 56.85 -15.72
N LEU E 53 -43.65 58.13 -15.56
CA LEU E 53 -42.51 58.60 -14.77
C LEU E 53 -42.68 58.19 -13.32
N ARG E 54 -41.60 57.67 -12.73
CA ARG E 54 -41.62 57.25 -11.33
C ARG E 54 -40.42 57.84 -10.61
N ARG E 55 -40.67 58.82 -9.76
CA ARG E 55 -39.67 59.42 -8.88
C ARG E 55 -39.85 58.86 -7.47
N HIS E 56 -39.15 59.47 -6.52
CA HIS E 56 -39.12 58.98 -5.14
C HIS E 56 -39.89 59.94 -4.23
N HIS E 57 -40.80 59.41 -3.40
CA HIS E 57 -41.27 60.20 -2.26
C HIS E 57 -40.12 60.55 -1.33
N HIS E 58 -39.31 59.55 -0.97
CA HIS E 58 -38.08 59.81 -0.21
C HIS E 58 -37.06 60.37 -1.20
N GLU E 59 -37.38 61.56 -1.70
CA GLU E 59 -36.53 62.31 -2.62
C GLU E 59 -35.50 63.17 -1.88
N HIS E 60 -35.65 63.33 -0.58
CA HIS E 60 -34.73 64.15 0.21
C HIS E 60 -33.31 63.59 0.24
N LEU E 61 -33.18 62.28 0.02
CA LEU E 61 -31.87 61.65 0.18
C LEU E 61 -30.96 61.91 -1.02
N ALA E 62 -31.50 62.54 -2.07
CA ALA E 62 -30.76 62.69 -3.32
C ALA E 62 -29.61 63.70 -3.19
N ASN E 63 -29.85 64.79 -2.46
CA ASN E 63 -28.98 65.96 -2.58
C ASN E 63 -27.68 65.80 -1.82
N GLU E 64 -27.73 65.25 -0.60
CA GLU E 64 -26.62 65.40 0.34
C GLU E 64 -25.33 64.77 -0.17
N GLY E 65 -25.44 63.59 -0.79
CA GLY E 65 -24.27 62.85 -1.18
C GLY E 65 -23.36 63.57 -2.15
N SER E 66 -23.96 64.36 -3.05
CA SER E 66 -23.17 65.11 -4.01
C SER E 66 -22.29 66.11 -3.26
N LEU E 67 -22.84 66.78 -2.25
CA LEU E 67 -22.15 67.88 -1.60
C LEU E 67 -20.79 67.44 -1.04
N ARG E 68 -20.74 66.28 -0.40
CA ARG E 68 -19.51 65.74 0.15
C ARG E 68 -18.46 65.53 -0.93
N CYS E 69 -18.87 65.03 -2.09
CA CYS E 69 -17.93 64.78 -3.17
C CYS E 69 -17.38 66.09 -3.73
N ARG E 70 -18.21 67.14 -3.80
CA ARG E 70 -17.67 68.42 -4.26
C ARG E 70 -16.52 68.85 -3.37
N THR E 71 -16.71 68.77 -2.06
CA THR E 71 -15.65 69.17 -1.14
C THR E 71 -14.44 68.29 -1.30
N ASP E 72 -14.66 66.98 -1.49
CA ASP E 72 -13.54 66.08 -1.73
C ASP E 72 -12.93 66.30 -3.11
N TRP E 73 -13.74 66.69 -4.10
CA TRP E 73 -13.22 66.93 -5.44
C TRP E 73 -12.18 68.05 -5.42
N GLU E 74 -12.53 69.18 -4.80
CA GLU E 74 -11.56 70.25 -4.64
C GLU E 74 -10.43 69.82 -3.71
N GLN E 75 -10.72 68.92 -2.77
CA GLN E 75 -9.69 68.44 -1.86
C GLN E 75 -8.58 67.70 -2.60
N PHE E 76 -8.95 66.86 -3.56
CA PHE E 76 -7.96 66.04 -4.25
C PHE E 76 -7.88 66.34 -5.74
N ILE E 77 -9.01 66.27 -6.45
CA ILE E 77 -8.97 66.46 -7.90
C ILE E 77 -8.96 67.94 -8.25
N GLY E 78 -10.00 68.68 -7.82
CA GLY E 78 -10.04 70.11 -8.00
C GLY E 78 -11.01 70.56 -9.09
N PRO E 79 -10.46 70.99 -10.23
CA PRO E 79 -11.29 71.63 -11.26
C PRO E 79 -12.49 70.81 -11.73
N ILE E 80 -13.63 71.47 -11.87
CA ILE E 80 -14.84 70.88 -12.43
C ILE E 80 -15.46 71.91 -13.37
N GLU E 81 -15.23 71.73 -14.67
CA GLU E 81 -15.75 72.66 -15.66
C GLU E 81 -16.89 72.05 -16.47
N ARG E 82 -16.71 70.81 -16.92
CA ARG E 82 -17.78 70.09 -17.60
C ARG E 82 -18.80 69.60 -16.59
N TRP E 83 -20.08 69.73 -16.94
CA TRP E 83 -21.14 69.56 -15.95
C TRP E 83 -21.26 68.11 -15.49
N GLY E 84 -21.77 67.94 -14.27
CA GLY E 84 -21.97 66.62 -13.70
C GLY E 84 -23.40 66.13 -13.82
N SER E 85 -24.01 65.73 -12.71
CA SER E 85 -25.34 65.15 -12.69
C SER E 85 -26.33 65.96 -11.85
N CYS E 86 -26.30 67.28 -11.95
CA CYS E 86 -27.18 68.14 -11.18
C CYS E 86 -28.30 68.70 -12.06
N ASN E 87 -29.49 68.82 -11.46
CA ASN E 87 -30.63 69.42 -12.14
C ASN E 87 -31.64 69.91 -11.10
N PRO E 88 -32.00 71.19 -11.12
CA PRO E 88 -32.96 71.71 -10.14
C PRO E 88 -34.39 71.26 -10.38
N TRP E 89 -34.86 71.45 -11.61
CA TRP E 89 -36.29 71.34 -11.91
C TRP E 89 -36.76 69.89 -11.96
N GLU E 90 -36.25 69.12 -12.92
CA GLU E 90 -36.64 67.72 -13.03
C GLU E 90 -35.93 66.89 -11.96
N GLY E 91 -34.74 67.29 -11.57
CA GLY E 91 -34.09 66.65 -10.43
C GLY E 91 -32.74 66.04 -10.71
N HIS E 92 -31.96 65.83 -9.65
CA HIS E 92 -30.67 65.16 -9.74
C HIS E 92 -30.82 63.82 -10.44
N PHE E 93 -29.88 63.50 -11.33
CA PHE E 93 -29.91 62.30 -12.15
C PHE E 93 -30.37 61.07 -11.37
N GLY E 94 -29.74 60.81 -10.24
CA GLY E 94 -30.04 59.65 -9.43
C GLY E 94 -31.45 59.61 -8.88
N ALA E 95 -31.94 60.76 -8.43
CA ALA E 95 -33.26 60.82 -7.79
C ALA E 95 -34.36 60.29 -8.69
N VAL E 96 -34.36 60.73 -9.95
CA VAL E 96 -35.45 60.34 -10.86
C VAL E 96 -35.20 58.95 -11.41
N VAL E 97 -33.97 58.65 -11.84
CA VAL E 97 -33.65 57.39 -12.48
C VAL E 97 -33.87 56.25 -11.49
N LEU E 98 -33.80 56.55 -10.21
CA LEU E 98 -33.94 55.53 -9.18
C LEU E 98 -35.28 55.72 -8.47
N PRO E 99 -36.28 54.87 -8.72
CA PRO E 99 -37.57 55.03 -8.06
C PRO E 99 -37.72 54.16 -6.82
N PHE E 100 -36.65 53.46 -6.44
CA PHE E 100 -36.65 52.62 -5.25
C PHE E 100 -35.26 52.68 -4.63
N CYS E 101 -35.14 52.20 -3.38
CA CYS E 101 -33.83 51.99 -2.75
C CYS E 101 -33.98 51.41 -1.35
N LYS E 102 -32.89 50.85 -0.82
CA LYS E 102 -32.72 50.76 0.63
C LYS E 102 -32.26 52.12 1.14
N PRO E 103 -32.92 52.69 2.14
CA PRO E 103 -32.60 54.07 2.57
C PRO E 103 -31.14 54.26 2.99
N GLU E 104 -30.44 53.16 3.25
CA GLU E 104 -29.06 53.21 3.69
C GLU E 104 -28.14 53.65 2.55
N ARG E 105 -28.17 52.93 1.44
CA ARG E 105 -27.24 53.15 0.34
C ARG E 105 -27.46 54.49 -0.35
N LEU E 106 -28.71 54.93 -0.44
CA LEU E 106 -29.06 56.11 -1.22
C LEU E 106 -28.22 57.33 -0.82
N ALA E 107 -27.93 57.46 0.47
CA ALA E 107 -27.08 58.55 0.94
C ALA E 107 -25.69 58.47 0.32
N VAL E 108 -25.10 57.27 0.32
CA VAL E 108 -23.79 57.13 -0.31
C VAL E 108 -23.93 56.88 -1.81
N ILE E 109 -25.10 56.42 -2.26
CA ILE E 109 -25.30 56.24 -3.69
C ILE E 109 -25.19 57.57 -4.41
N CYS E 110 -25.83 58.61 -3.87
CA CYS E 110 -25.71 59.93 -4.46
C CYS E 110 -24.33 60.52 -4.21
N TYR E 111 -23.61 60.00 -3.22
CA TYR E 111 -22.19 60.30 -3.12
C TYR E 111 -21.44 59.69 -4.29
N ILE E 112 -21.79 58.46 -4.65
CA ILE E 112 -21.24 57.85 -5.87
C ILE E 112 -21.81 58.58 -7.08
N PHE E 113 -23.14 58.63 -7.19
CA PHE E 113 -23.82 59.02 -8.42
C PHE E 113 -23.33 60.36 -8.97
N GLU E 114 -23.09 61.34 -8.10
CA GLU E 114 -22.49 62.58 -8.55
C GLU E 114 -20.99 62.40 -8.79
N TYR E 115 -20.30 61.69 -7.88
CA TYR E 115 -18.90 61.36 -8.14
C TYR E 115 -18.78 60.37 -9.31
N ALA E 116 -19.81 59.56 -9.55
CA ALA E 116 -19.84 58.75 -10.76
C ALA E 116 -19.87 59.63 -12.00
N PHE E 117 -20.60 60.74 -11.95
CA PHE E 117 -20.51 61.72 -13.02
C PHE E 117 -19.23 62.55 -12.91
N LEU E 118 -18.63 62.59 -11.72
CA LEU E 118 -17.26 63.05 -11.60
C LEU E 118 -16.26 61.94 -11.94
N TYR E 119 -16.65 60.68 -11.77
CA TYR E 119 -15.92 59.59 -12.40
C TYR E 119 -16.07 59.65 -13.92
N ASP E 120 -17.24 60.12 -14.38
CA ASP E 120 -17.35 60.52 -15.78
C ASP E 120 -16.45 61.70 -16.08
N ASN E 121 -16.29 62.62 -15.12
CA ASN E 121 -15.27 63.65 -15.24
C ASN E 121 -13.87 63.07 -15.11
N VAL E 122 -13.72 61.99 -14.32
CA VAL E 122 -12.47 61.25 -14.34
C VAL E 122 -12.23 60.67 -15.73
N VAL E 123 -13.29 60.14 -16.34
CA VAL E 123 -13.22 59.74 -17.75
C VAL E 123 -12.98 60.97 -18.62
N GLU E 124 -13.68 62.05 -18.33
CA GLU E 124 -13.53 63.30 -19.08
C GLU E 124 -12.18 63.96 -18.82
N THR E 147 1.32 65.56 -10.15
CA THR E 147 0.08 64.81 -10.20
C THR E 147 0.20 63.48 -9.46
N VAL E 148 1.39 63.23 -8.89
CA VAL E 148 1.60 62.00 -8.14
C VAL E 148 0.65 61.93 -6.95
N ARG E 149 0.51 63.03 -6.22
CA ARG E 149 -0.48 63.08 -5.15
C ARG E 149 -1.89 62.98 -5.73
N SER E 150 -2.12 63.59 -6.90
CA SER E 150 -3.39 63.44 -7.58
C SER E 150 -3.61 62.00 -8.00
N ILE E 151 -2.56 61.34 -8.49
CA ILE E 151 -2.63 59.90 -8.76
C ILE E 151 -2.93 59.16 -7.47
N LEU E 152 -2.22 59.51 -6.40
CA LEU E 152 -2.59 59.02 -5.07
C LEU E 152 -3.99 59.47 -4.72
N GLY E 153 -4.32 60.74 -5.00
CA GLY E 153 -5.66 61.22 -4.76
C GLY E 153 -6.71 60.46 -5.54
N THR E 154 -6.44 60.16 -6.80
CA THR E 154 -7.35 59.34 -7.58
C THR E 154 -7.58 58.00 -6.91
N LYS E 155 -6.49 57.33 -6.52
CA LYS E 155 -6.59 56.12 -5.72
C LYS E 155 -7.19 56.43 -4.35
N GLN E 156 -6.90 57.61 -3.81
CA GLN E 156 -7.49 58.02 -2.54
C GLN E 156 -8.99 58.15 -2.65
N ILE E 157 -9.45 58.83 -3.71
CA ILE E 157 -10.89 58.97 -3.90
C ILE E 157 -11.52 57.65 -4.28
N GLN E 158 -10.80 56.85 -5.08
CA GLN E 158 -11.30 55.54 -5.48
C GLN E 158 -11.65 54.70 -4.27
N SER E 159 -10.75 54.68 -3.27
CA SER E 159 -11.05 54.01 -2.02
C SER E 159 -12.08 54.79 -1.21
N LYS E 160 -12.04 56.13 -1.32
CA LYS E 160 -12.90 56.98 -0.50
C LYS E 160 -14.37 56.61 -0.60
N MET E 161 -14.82 56.26 -1.80
CA MET E 161 -16.21 55.83 -1.96
C MET E 161 -16.35 54.35 -1.70
N LEU E 162 -15.36 53.56 -2.10
CA LEU E 162 -15.38 52.11 -1.92
C LEU E 162 -15.46 51.76 -0.44
N LEU E 163 -14.71 52.49 0.39
CA LEU E 163 -14.77 52.26 1.82
C LEU E 163 -16.17 52.53 2.35
N GLU E 164 -16.79 53.62 1.89
CA GLU E 164 -18.17 53.88 2.25
C GLU E 164 -19.11 52.90 1.55
N LEU E 165 -18.76 52.48 0.34
CA LEU E 165 -19.55 51.49 -0.37
C LEU E 165 -19.54 50.16 0.37
N LEU E 166 -18.43 49.82 1.00
CA LEU E 166 -18.35 48.60 1.79
C LEU E 166 -18.95 48.73 3.18
N SER E 167 -19.32 49.95 3.58
CA SER E 167 -20.02 50.14 4.86
C SER E 167 -21.47 49.69 4.79
N ILE E 168 -21.90 49.17 3.64
CA ILE E 168 -23.25 48.66 3.43
C ILE E 168 -23.14 47.18 3.08
N ASP E 169 -24.25 46.58 2.62
CA ASP E 169 -24.33 45.13 2.37
C ASP E 169 -23.12 44.65 1.56
N ALA E 170 -22.00 44.49 2.27
CA ALA E 170 -20.69 44.22 1.70
C ALA E 170 -20.69 43.06 0.71
N PRO E 171 -21.26 41.89 1.03
CA PRO E 171 -21.33 40.84 0.00
C PRO E 171 -22.10 41.29 -1.22
N ARG E 172 -23.27 41.90 -1.02
CA ARG E 172 -24.00 42.50 -2.12
C ARG E 172 -23.21 43.65 -2.74
N ALA E 173 -22.60 44.48 -1.89
CA ALA E 173 -21.77 45.56 -2.40
C ALA E 173 -20.59 45.02 -3.20
N GLU E 174 -19.91 44.00 -2.65
CA GLU E 174 -18.78 43.39 -3.36
C GLU E 174 -19.25 42.78 -4.68
N VAL E 175 -20.41 42.12 -4.66
CA VAL E 175 -21.00 41.63 -5.91
C VAL E 175 -21.28 42.81 -6.83
N VAL E 176 -21.84 43.89 -6.29
CA VAL E 176 -22.02 45.10 -7.09
C VAL E 176 -20.66 45.70 -7.43
N ILE E 177 -19.71 45.65 -6.49
CA ILE E 177 -18.35 46.04 -6.81
C ILE E 177 -17.75 45.09 -7.84
N ASN E 178 -18.05 43.80 -7.77
CA ASN E 178 -17.72 42.90 -8.86
C ASN E 178 -18.44 43.32 -10.14
N SER E 179 -19.72 43.66 -10.03
CA SER E 179 -20.41 44.30 -11.14
C SER E 179 -19.79 45.64 -11.48
N TRP E 180 -19.36 46.39 -10.46
CA TRP E 180 -18.53 47.57 -10.71
C TRP E 180 -17.19 47.17 -11.32
N LYS E 181 -16.59 46.09 -10.85
CA LYS E 181 -15.42 45.54 -11.54
C LYS E 181 -15.77 45.14 -12.95
N GLU E 182 -16.94 44.52 -13.14
CA GLU E 182 -17.46 44.29 -14.48
C GLU E 182 -17.54 45.60 -15.25
N MET E 183 -17.92 46.67 -14.55
CA MET E 183 -17.99 47.98 -15.20
C MET E 183 -16.60 48.56 -15.45
N ILE E 184 -15.68 48.39 -14.51
CA ILE E 184 -14.29 48.75 -14.79
C ILE E 184 -13.80 47.98 -16.00
N SER E 185 -14.12 46.69 -16.05
CA SER E 185 -13.73 45.87 -17.20
C SER E 185 -14.36 46.38 -18.49
N THR E 186 -15.69 46.57 -18.47
CA THR E 186 -16.38 46.99 -19.69
C THR E 186 -16.00 48.41 -20.08
N THR E 187 -15.88 49.31 -19.10
CA THR E 187 -15.52 50.68 -19.43
C THR E 187 -14.03 50.85 -19.71
N ALA E 188 -13.19 49.89 -19.33
CA ALA E 188 -11.80 49.91 -19.77
C ALA E 188 -11.59 49.06 -21.01
N LYS E 189 -12.61 48.34 -21.48
CA LYS E 189 -12.53 47.62 -22.74
C LYS E 189 -13.46 48.24 -23.77
N ASP E 209 -21.65 51.53 -22.64
CA ASP E 209 -20.89 52.76 -22.48
C ASP E 209 -20.96 53.26 -21.04
N THR E 210 -22.14 53.74 -20.64
CA THR E 210 -22.36 54.25 -19.30
C THR E 210 -22.63 53.16 -18.28
N GLY E 211 -22.70 51.91 -18.70
CA GLY E 211 -23.04 50.84 -17.78
C GLY E 211 -24.48 50.88 -17.32
N ALA E 212 -25.43 50.84 -18.25
CA ALA E 212 -26.83 50.81 -17.90
C ALA E 212 -27.12 49.63 -16.97
N PRO E 213 -26.50 48.44 -17.19
CA PRO E 213 -26.55 47.41 -16.14
C PRO E 213 -26.05 47.91 -14.79
N PHE E 214 -24.98 48.70 -14.75
CA PHE E 214 -24.39 49.09 -13.47
C PHE E 214 -25.38 49.87 -12.62
N VAL E 215 -25.98 50.90 -13.19
CA VAL E 215 -26.95 51.71 -12.47
C VAL E 215 -28.10 50.81 -12.05
N ASP E 216 -28.30 49.71 -12.80
CA ASP E 216 -29.27 48.70 -12.40
C ASP E 216 -28.66 47.73 -11.40
N MET E 217 -27.42 47.28 -11.65
CA MET E 217 -26.72 46.46 -10.67
C MET E 217 -26.55 47.20 -9.35
N LEU E 218 -26.08 48.45 -9.41
CA LEU E 218 -25.96 49.24 -8.19
C LEU E 218 -27.33 49.48 -7.57
N MET E 219 -28.36 49.60 -8.42
CA MET E 219 -29.72 49.64 -7.90
C MET E 219 -30.13 48.31 -7.29
N ARG E 220 -29.80 47.20 -7.96
CA ARG E 220 -30.30 45.90 -7.55
C ARG E 220 -30.00 45.64 -6.07
N PHE E 221 -28.73 45.87 -5.68
CA PHE E 221 -28.38 45.75 -4.24
C PHE E 221 -28.87 47.02 -3.53
N GLY E 222 -28.88 48.13 -4.25
CA GLY E 222 -29.31 49.42 -3.65
C GLY E 222 -30.69 49.36 -3.03
N MET E 223 -31.55 48.42 -3.45
CA MET E 223 -32.88 48.27 -2.79
C MET E 223 -32.94 46.91 -2.07
N GLY E 224 -31.94 46.05 -2.30
CA GLY E 224 -31.91 44.76 -1.59
C GLY E 224 -32.34 43.60 -2.47
N ILE E 225 -32.23 43.75 -3.79
CA ILE E 225 -32.53 42.61 -4.70
C ILE E 225 -31.27 41.74 -4.79
N MET E 226 -31.44 40.42 -4.82
CA MET E 226 -30.31 39.51 -4.91
C MET E 226 -30.56 38.47 -6.00
N LEU E 227 -30.92 38.95 -7.20
CA LEU E 227 -31.08 38.07 -8.37
C LEU E 227 -29.96 37.05 -8.47
N THR E 228 -30.33 35.81 -8.76
CA THR E 228 -29.34 34.78 -9.07
C THR E 228 -28.72 35.06 -10.43
N GLN E 229 -27.57 34.44 -10.67
CA GLN E 229 -26.88 34.62 -11.95
C GLN E 229 -27.75 34.12 -13.09
N GLU E 230 -28.45 33.00 -12.88
CA GLU E 230 -29.41 32.53 -13.87
C GLU E 230 -30.57 33.51 -14.04
N GLU E 231 -31.04 34.11 -12.94
CA GLU E 231 -32.08 35.13 -13.05
C GLU E 231 -31.58 36.33 -13.85
N GLN E 232 -30.33 36.74 -13.62
CA GLN E 232 -29.70 37.75 -14.46
C GLN E 232 -29.59 37.27 -15.91
N LYS E 233 -29.26 36.00 -16.12
CA LYS E 233 -29.15 35.48 -17.48
C LYS E 233 -30.49 35.45 -18.21
N ARG E 234 -31.60 35.61 -17.49
CA ARG E 234 -32.93 35.54 -18.07
C ARG E 234 -33.47 36.90 -18.49
N ILE E 235 -32.71 37.97 -18.32
CA ILE E 235 -33.23 39.31 -18.59
C ILE E 235 -32.30 40.09 -19.50
N GLU E 236 -31.08 39.59 -19.72
CA GLU E 236 -30.04 40.33 -20.42
C GLU E 236 -30.51 40.87 -21.77
N PRO E 237 -31.12 40.08 -22.66
CA PRO E 237 -31.58 40.66 -23.93
C PRO E 237 -32.81 41.52 -23.76
N ILE E 238 -33.69 41.18 -22.83
CA ILE E 238 -34.90 41.96 -22.58
C ILE E 238 -34.52 43.34 -22.09
N VAL E 239 -33.61 43.40 -21.11
CA VAL E 239 -33.20 44.68 -20.55
C VAL E 239 -32.25 45.39 -21.50
N ALA E 245 -33.40 54.90 -23.58
CA ALA E 245 -33.43 56.31 -23.96
C ALA E 245 -32.47 57.13 -23.11
N LEU E 246 -31.69 56.45 -22.26
CA LEU E 246 -30.65 57.15 -21.51
C LEU E 246 -29.60 57.74 -22.44
N GLY E 247 -28.92 56.87 -23.19
CA GLY E 247 -27.94 57.36 -24.15
C GLY E 247 -28.57 58.10 -25.30
N LEU E 248 -29.74 57.66 -25.76
CA LEU E 248 -30.37 58.28 -26.92
C LEU E 248 -30.79 59.71 -26.62
N ALA E 249 -31.26 59.99 -25.40
CA ALA E 249 -31.47 61.37 -25.00
C ALA E 249 -30.15 62.13 -24.99
N ASN E 250 -29.10 61.49 -24.47
CA ASN E 250 -27.75 62.05 -24.58
C ASN E 250 -27.35 62.17 -26.05
N ASP E 251 -27.66 61.15 -26.84
CA ASP E 251 -27.38 61.19 -28.27
C ASP E 251 -28.12 62.35 -28.94
N TYR E 252 -29.33 62.64 -28.46
CA TYR E 252 -30.14 63.72 -29.00
C TYR E 252 -29.72 65.07 -28.40
N PHE E 253 -29.86 65.21 -27.09
CA PHE E 253 -29.62 66.49 -26.45
C PHE E 253 -28.15 66.87 -26.44
N SER E 254 -27.28 65.93 -26.08
CA SER E 254 -25.86 66.22 -25.98
C SER E 254 -25.19 66.06 -27.35
N PHE E 255 -25.98 65.92 -28.41
CA PHE E 255 -25.44 65.90 -29.76
C PHE E 255 -24.56 67.13 -29.99
N ASP E 256 -25.04 68.29 -29.55
CA ASP E 256 -24.31 69.54 -29.73
C ASP E 256 -22.99 69.53 -28.98
N ILE E 257 -23.02 69.13 -27.71
CA ILE E 257 -21.82 69.22 -26.87
C ILE E 257 -20.74 68.28 -27.40
N GLU E 258 -21.16 67.20 -28.06
CA GLU E 258 -20.21 66.37 -28.80
C GLU E 258 -19.99 66.90 -30.21
N TRP E 259 -20.95 67.65 -30.76
CA TRP E 259 -20.75 68.23 -32.09
C TRP E 259 -19.70 69.35 -32.03
N GLU E 260 -19.76 70.20 -31.00
CA GLU E 260 -18.70 71.19 -30.86
C GLU E 260 -17.38 70.53 -30.49
N GLU E 261 -17.42 69.43 -29.75
CA GLU E 261 -16.20 68.68 -29.49
C GLU E 261 -15.60 68.20 -30.81
N PHE E 262 -16.45 67.75 -31.73
CA PHE E 262 -16.01 67.46 -33.09
C PHE E 262 -15.57 68.74 -33.78
N GLN E 263 -16.26 69.85 -33.54
CA GLN E 263 -15.84 71.14 -34.07
C GLN E 263 -14.49 71.56 -33.51
N ALA E 264 -14.30 71.34 -32.21
CA ALA E 264 -13.05 71.73 -31.55
C ALA E 264 -11.96 70.69 -31.78
N GLU E 265 -12.18 69.47 -31.31
CA GLU E 265 -11.19 68.40 -31.46
C GLU E 265 -11.16 67.91 -32.91
N MET E 271 -17.88 58.45 -33.41
CA MET E 271 -18.69 59.07 -32.37
C MET E 271 -19.74 58.10 -31.84
N THR E 272 -19.90 58.06 -30.52
CA THR E 272 -20.93 57.25 -29.89
C THR E 272 -22.18 58.09 -29.68
N ASN E 273 -22.86 58.44 -30.77
CA ASN E 273 -23.98 59.36 -30.70
C ASN E 273 -24.90 59.13 -31.89
N ALA E 274 -26.21 58.99 -31.62
CA ALA E 274 -27.17 58.75 -32.69
C ALA E 274 -27.38 60.01 -33.53
N ASN E 285 -29.34 65.55 -43.08
CA ASN E 285 -28.67 66.59 -42.32
C ASN E 285 -28.99 66.49 -40.82
N ALA E 286 -28.56 67.50 -40.07
CA ALA E 286 -28.62 67.49 -38.61
C ALA E 286 -30.02 67.20 -38.07
N GLU E 287 -30.98 68.05 -38.39
CA GLU E 287 -32.32 67.91 -37.83
C GLU E 287 -33.02 66.65 -38.37
N GLN E 288 -32.62 66.19 -39.56
CA GLN E 288 -33.19 64.97 -40.10
C GLN E 288 -32.83 63.77 -39.22
N ALA E 289 -31.60 63.73 -38.73
CA ALA E 289 -31.19 62.65 -37.84
C ALA E 289 -31.98 62.65 -36.54
N LYS E 290 -32.51 63.81 -36.12
CA LYS E 290 -33.26 63.90 -34.88
C LYS E 290 -34.52 63.03 -34.93
N ARG E 291 -35.27 63.10 -36.03
CA ARG E 291 -36.51 62.34 -36.13
C ARG E 291 -36.26 60.84 -36.13
N ARG E 292 -35.11 60.41 -36.67
CA ARG E 292 -34.74 59.01 -36.57
C ARG E 292 -34.63 58.60 -35.11
N VAL E 293 -33.94 59.42 -34.30
CA VAL E 293 -33.78 59.12 -32.89
C VAL E 293 -35.14 59.07 -32.19
N GLN E 294 -36.06 59.94 -32.61
CA GLN E 294 -37.40 59.99 -32.03
C GLN E 294 -38.09 58.63 -32.10
N GLU E 295 -37.99 57.94 -33.24
CA GLU E 295 -38.76 56.73 -33.42
C GLU E 295 -37.99 55.47 -33.04
N VAL E 296 -36.67 55.44 -33.29
CA VAL E 296 -35.90 54.24 -32.94
C VAL E 296 -35.97 54.09 -31.44
N THR E 297 -35.88 55.21 -30.72
CA THR E 297 -36.14 55.21 -29.29
C THR E 297 -37.58 54.82 -29.00
N LYS E 298 -38.53 55.34 -29.76
CA LYS E 298 -39.91 54.91 -29.64
C LYS E 298 -40.04 53.43 -29.98
N GLN E 299 -39.34 52.98 -31.02
CA GLN E 299 -39.27 51.55 -31.29
C GLN E 299 -38.64 50.80 -30.13
N TYR E 300 -37.46 51.27 -29.67
CA TYR E 300 -36.78 50.61 -28.56
C TYR E 300 -37.65 50.60 -27.31
N GLU E 301 -38.39 51.69 -27.05
CA GLU E 301 -39.36 51.67 -25.98
C GLU E 301 -40.45 50.64 -26.24
N GLN E 302 -40.97 50.62 -27.46
CA GLN E 302 -42.02 49.64 -27.80
C GLN E 302 -41.44 48.25 -27.95
N GLN E 303 -40.22 48.12 -28.48
CA GLN E 303 -39.57 46.81 -28.53
C GLN E 303 -39.38 46.26 -27.13
N TYR E 304 -38.94 47.12 -26.20
CA TYR E 304 -38.80 46.69 -24.82
C TYR E 304 -40.14 46.36 -24.19
N LEU E 305 -41.17 47.17 -24.46
CA LEU E 305 -42.51 46.85 -23.98
C LEU E 305 -43.02 45.57 -24.62
N ARG E 306 -42.73 45.36 -25.90
CA ARG E 306 -43.06 44.09 -26.54
C ARG E 306 -42.38 42.93 -25.82
N ASN E 307 -41.17 43.18 -25.30
CA ASN E 307 -40.50 42.18 -24.48
C ASN E 307 -41.18 42.03 -23.12
N ILE E 308 -41.68 43.14 -22.56
CA ILE E 308 -42.45 43.06 -21.32
C ILE E 308 -43.73 42.26 -21.54
N ALA E 309 -44.40 42.51 -22.66
CA ALA E 309 -45.63 41.81 -23.00
C ALA E 309 -45.35 40.34 -23.33
N ILE E 320 -42.51 37.18 -8.70
CA ILE E 320 -42.59 38.63 -8.71
C ILE E 320 -41.21 39.23 -8.44
N LYS E 321 -40.33 38.41 -7.87
CA LYS E 321 -38.97 38.87 -7.55
C LYS E 321 -38.26 39.38 -8.79
N LEU E 322 -38.33 38.59 -9.88
CA LEU E 322 -37.83 39.09 -11.17
C LEU E 322 -38.77 40.12 -11.78
N GLN E 323 -40.09 39.95 -11.62
CA GLN E 323 -41.04 40.91 -12.17
C GLN E 323 -40.88 42.28 -11.51
N THR E 324 -40.68 42.31 -10.19
CA THR E 324 -40.33 43.57 -9.54
C THR E 324 -39.01 44.11 -10.06
N TYR E 325 -38.04 43.23 -10.31
CA TYR E 325 -36.83 43.64 -11.02
C TYR E 325 -37.17 44.11 -12.43
N LEU E 326 -38.04 43.38 -13.12
CA LEU E 326 -38.52 43.84 -14.42
C LEU E 326 -39.33 45.12 -14.28
N LYS E 327 -40.02 45.29 -13.14
CA LYS E 327 -40.69 46.55 -12.88
C LYS E 327 -39.68 47.68 -12.78
N ALA E 328 -38.65 47.50 -11.94
CA ALA E 328 -37.59 48.49 -11.87
C ALA E 328 -36.86 48.63 -13.20
N GLN E 329 -36.60 47.50 -13.87
CA GLN E 329 -36.03 47.55 -15.21
C GLN E 329 -37.00 48.21 -16.18
N GLY E 330 -38.30 48.18 -15.86
CA GLY E 330 -39.25 48.97 -16.60
C GLY E 330 -39.35 50.41 -16.17
N TYR E 331 -38.75 50.77 -15.03
CA TYR E 331 -38.77 52.13 -14.52
C TYR E 331 -37.41 52.83 -14.64
N GLN E 332 -36.49 52.26 -15.41
CA GLN E 332 -35.16 52.87 -15.54
C GLN E 332 -35.24 54.18 -16.31
N VAL E 333 -35.75 54.12 -17.54
CA VAL E 333 -35.82 55.26 -18.45
C VAL E 333 -36.74 56.37 -17.95
N PRO E 334 -37.99 56.09 -17.50
CA PRO E 334 -38.94 57.19 -17.25
C PRO E 334 -38.41 58.23 -16.29
N GLY E 335 -37.71 57.79 -15.25
CA GLY E 335 -37.07 58.74 -14.35
C GLY E 335 -35.95 59.51 -15.04
N ASN E 336 -35.02 58.80 -15.65
CA ASN E 336 -33.84 59.41 -16.26
C ASN E 336 -34.20 60.42 -17.34
N VAL E 337 -35.18 60.09 -18.17
CA VAL E 337 -35.53 60.96 -19.29
C VAL E 337 -36.00 62.32 -18.79
N ALA E 338 -36.73 62.34 -17.67
CA ALA E 338 -37.18 63.60 -17.08
C ALA E 338 -36.01 64.54 -16.85
N TRP E 339 -34.99 64.06 -16.15
CA TRP E 339 -33.78 64.84 -15.95
C TRP E 339 -33.08 65.08 -17.28
N SER E 340 -33.35 64.23 -18.27
CA SER E 340 -32.64 64.27 -19.56
C SER E 340 -33.09 65.41 -20.47
N LEU E 341 -34.40 65.70 -20.52
CA LEU E 341 -34.90 66.72 -21.45
C LEU E 341 -34.15 68.04 -21.28
N ARG E 342 -34.24 68.61 -20.08
CA ARG E 342 -33.57 69.87 -19.77
C ARG E 342 -32.30 69.66 -18.97
N CYS E 343 -31.53 68.62 -19.32
CA CYS E 343 -30.31 68.24 -18.63
C CYS E 343 -29.19 69.26 -18.82
N PRO E 344 -28.64 69.81 -17.73
CA PRO E 344 -27.43 70.62 -17.87
C PRO E 344 -26.25 69.84 -18.42
N ARG E 345 -26.16 68.54 -18.09
CA ARG E 345 -25.06 67.73 -18.62
C ARG E 345 -25.18 67.58 -20.14
N TYR E 346 -26.40 67.72 -20.66
CA TYR E 346 -26.60 67.64 -22.10
C TYR E 346 -26.76 69.02 -22.75
N HIS E 347 -27.20 70.03 -22.00
CA HIS E 347 -27.49 71.36 -22.54
C HIS E 347 -26.40 72.33 -22.10
N PRO E 348 -25.52 72.75 -23.02
CA PRO E 348 -24.47 73.72 -22.65
C PRO E 348 -25.02 75.06 -22.15
N TRP E 349 -25.85 75.72 -22.96
CA TRP E 349 -26.33 77.04 -22.59
C TRP E 349 -27.22 77.01 -21.37
N LEU E 350 -27.90 75.89 -21.14
CA LEU E 350 -28.83 75.79 -20.01
C LEU E 350 -28.11 75.59 -18.67
N CYS E 351 -26.79 75.35 -18.69
CA CYS E 351 -26.05 75.23 -17.44
C CYS E 351 -26.12 76.51 -16.64
N LYS E 352 -26.01 77.66 -17.31
CA LYS E 352 -26.07 78.95 -16.61
C LYS E 352 -27.42 79.13 -15.94
N GLU E 353 -28.51 78.78 -16.63
CA GLU E 353 -29.84 78.83 -16.04
C GLU E 353 -29.95 77.81 -14.90
N ALA E 354 -29.43 76.61 -15.11
CA ALA E 354 -29.51 75.55 -14.11
C ALA E 354 -28.77 75.94 -12.85
N ALA E 355 -27.52 76.39 -12.99
CA ALA E 355 -26.69 76.73 -11.84
C ALA E 355 -27.34 77.80 -10.97
N SER E 356 -27.93 78.81 -11.61
CA SER E 356 -28.67 79.83 -10.88
C SER E 356 -29.89 79.21 -10.18
N LEU E 357 -30.57 78.30 -10.88
CA LEU E 357 -31.78 77.71 -10.32
C LEU E 357 -31.46 76.69 -9.23
N LEU E 358 -30.31 76.03 -9.33
CA LEU E 358 -29.88 75.15 -8.25
C LEU E 358 -29.51 75.96 -7.02
N LEU E 426 14.94 33.69 18.01
CA LEU E 426 16.26 34.06 18.48
C LEU E 426 17.18 34.36 17.30
N GLY E 427 18.22 33.53 17.13
CA GLY E 427 19.13 33.74 16.03
C GLY E 427 20.28 32.75 16.06
N ASP E 428 21.27 33.04 15.21
CA ASP E 428 22.53 32.30 15.15
C ASP E 428 22.33 30.87 14.65
N GLU E 429 21.81 29.99 15.50
CA GLU E 429 21.73 28.59 15.16
C GLU E 429 20.51 28.32 14.28
N HIS E 430 20.41 27.07 13.81
CA HIS E 430 19.33 26.57 12.97
C HIS E 430 19.42 27.15 11.57
N LEU E 431 20.31 28.13 11.39
CA LEU E 431 20.61 28.72 10.09
C LEU E 431 22.08 28.58 9.73
N LEU E 432 22.95 28.68 10.73
CA LEU E 432 24.38 28.56 10.53
C LEU E 432 24.88 27.15 10.77
N GLY E 433 24.02 26.25 11.26
CA GLY E 433 24.40 24.89 11.55
C GLY E 433 24.83 24.08 10.35
N PRO E 434 23.99 23.99 9.31
CA PRO E 434 24.38 23.25 8.11
C PRO E 434 25.58 23.85 7.39
N ALA E 435 25.88 25.13 7.62
CA ALA E 435 27.06 25.75 7.01
C ALA E 435 28.34 25.28 7.70
N GLU E 436 28.32 25.18 9.03
CA GLU E 436 29.46 24.70 9.78
C GLU E 436 29.80 23.27 9.41
N TYR E 437 28.78 22.42 9.27
CA TYR E 437 29.04 21.01 8.98
C TYR E 437 29.74 20.84 7.65
N ILE E 438 29.17 21.40 6.57
CA ILE E 438 29.72 21.18 5.25
C ILE E 438 31.08 21.83 5.08
N SER E 439 31.44 22.77 5.94
CA SER E 439 32.78 23.35 5.92
C SER E 439 33.76 22.49 6.69
N SER E 440 33.35 21.97 7.84
CA SER E 440 34.21 21.13 8.67
C SER E 440 34.18 19.67 8.25
N LEU E 441 34.42 19.41 6.97
CA LEU E 441 34.60 18.08 6.43
C LEU E 441 35.94 18.05 5.69
N PRO E 442 36.42 16.87 5.27
CA PRO E 442 37.70 16.82 4.55
C PRO E 442 37.82 17.83 3.43
N SER E 443 39.02 18.39 3.28
CA SER E 443 39.27 19.47 2.35
C SER E 443 39.65 18.93 0.98
N LYS E 444 38.93 19.36 -0.04
CA LYS E 444 39.30 19.08 -1.42
C LYS E 444 40.50 19.92 -1.86
N GLY E 445 40.57 21.17 -1.42
CA GLY E 445 41.72 22.02 -1.62
C GLY E 445 42.09 22.31 -3.06
N VAL E 446 41.17 22.89 -3.83
CA VAL E 446 41.52 23.34 -5.18
C VAL E 446 41.15 24.81 -5.31
N ARG E 447 40.17 25.26 -4.54
CA ARG E 447 39.78 26.67 -4.58
C ARG E 447 40.88 27.54 -3.97
N GLU E 448 41.48 27.09 -2.87
CA GLU E 448 42.53 27.85 -2.22
C GLU E 448 43.81 27.85 -3.05
N ALA E 449 44.10 26.76 -3.76
CA ALA E 449 45.33 26.67 -4.53
C ALA E 449 45.29 27.57 -5.76
N PHE E 450 44.13 27.71 -6.37
CA PHE E 450 44.01 28.49 -7.60
C PHE E 450 44.31 29.95 -7.33
N ILE E 451 43.80 30.49 -6.22
CA ILE E 451 43.96 31.91 -5.93
C ILE E 451 45.42 32.29 -5.83
N ASP E 452 46.22 31.46 -5.16
CA ASP E 452 47.66 31.69 -5.06
C ASP E 452 48.31 31.68 -6.43
N GLY E 453 48.03 30.63 -7.22
CA GLY E 453 48.67 30.45 -8.49
C GLY E 453 48.45 31.58 -9.47
N LEU E 454 47.21 32.05 -9.58
CA LEU E 454 46.90 33.14 -10.49
C LEU E 454 47.22 34.50 -9.90
N ASN E 455 47.71 34.54 -8.65
CA ASN E 455 48.15 35.78 -8.03
C ASN E 455 49.62 36.07 -8.32
N VAL E 456 50.42 35.03 -8.53
CA VAL E 456 51.84 35.17 -8.80
C VAL E 456 52.02 36.05 -10.02
N TRP E 457 51.19 35.85 -11.03
CA TRP E 457 51.23 36.67 -12.22
C TRP E 457 50.66 38.06 -12.01
N LEU E 458 49.95 38.36 -10.92
CA LEU E 458 49.30 39.67 -10.77
C LEU E 458 49.75 40.38 -9.50
N VAL E 459 49.96 39.62 -8.42
CA VAL E 459 50.47 40.13 -7.15
C VAL E 459 49.47 41.07 -6.49
N LEU E 460 48.82 40.59 -5.43
CA LEU E 460 47.91 41.41 -4.63
C LEU E 460 48.25 41.22 -3.16
N PRO E 461 47.90 42.17 -2.28
CA PRO E 461 48.25 42.02 -0.86
C PRO E 461 47.57 40.85 -0.20
N ASP E 462 47.94 40.57 1.06
CA ASP E 462 47.47 39.41 1.78
C ASP E 462 46.01 39.47 2.19
N HIS E 463 45.55 40.59 2.74
CA HIS E 463 44.17 40.68 3.20
C HIS E 463 43.20 40.63 2.03
N ARG E 464 43.56 41.28 0.92
CA ARG E 464 42.75 41.18 -0.29
C ARG E 464 42.70 39.75 -0.80
N VAL E 465 43.83 39.05 -0.74
CA VAL E 465 43.85 37.64 -1.09
C VAL E 465 43.02 36.83 -0.10
N ASN E 466 43.15 37.14 1.19
CA ASN E 466 42.43 36.43 2.23
C ASN E 466 40.93 36.57 2.06
N GLN E 467 40.46 37.78 1.77
CA GLN E 467 39.02 37.98 1.58
C GLN E 467 38.52 37.18 0.39
N LEU E 468 39.23 37.23 -0.73
CA LEU E 468 38.84 36.43 -1.89
C LEU E 468 39.03 34.95 -1.65
N LYS E 469 39.85 34.57 -0.66
CA LYS E 469 40.00 33.17 -0.29
C LYS E 469 38.80 32.66 0.51
N SER E 470 37.96 33.56 1.02
CA SER E 470 36.79 33.18 1.80
C SER E 470 35.57 33.05 0.89
N ILE E 471 35.45 33.98 -0.05
CA ILE E 471 34.32 34.08 -0.96
C ILE E 471 34.16 32.80 -1.79
N ALA E 472 35.28 32.19 -2.17
CA ALA E 472 35.21 30.97 -2.98
C ALA E 472 34.80 29.77 -2.14
N GLN E 473 35.32 29.68 -0.92
CA GLN E 473 34.99 28.56 -0.06
C GLN E 473 33.51 28.55 0.29
N THR E 474 32.93 29.72 0.52
CA THR E 474 31.52 29.79 0.85
C THR E 474 30.65 29.40 -0.34
N LEU E 475 30.97 29.91 -1.52
CA LEU E 475 30.19 29.58 -2.71
C LEU E 475 30.33 28.12 -3.11
N HIS E 476 31.52 27.54 -2.96
CA HIS E 476 31.69 26.12 -3.24
C HIS E 476 30.91 25.27 -2.25
N ASN E 477 30.89 25.67 -0.98
CA ASN E 477 30.12 24.95 0.02
C ASN E 477 28.63 25.03 -0.26
N ALA E 478 28.15 26.21 -0.66
CA ALA E 478 26.74 26.37 -0.95
C ALA E 478 26.31 25.50 -2.12
N SER E 479 27.16 25.39 -3.14
CA SER E 479 26.82 24.57 -4.30
C SER E 479 26.74 23.10 -3.93
N LEU E 480 27.68 22.60 -3.13
CA LEU E 480 27.67 21.21 -2.74
C LEU E 480 26.43 20.88 -1.92
N MET E 481 26.09 21.75 -0.97
CA MET E 481 24.95 21.51 -0.10
C MET E 481 23.66 21.34 -0.90
N LEU E 482 23.49 22.15 -1.93
CA LEU E 482 22.33 22.07 -2.81
C LEU E 482 22.53 21.08 -3.95
N ASP E 483 23.56 20.25 -3.88
CA ASP E 483 23.82 19.25 -4.90
C ASP E 483 23.53 17.82 -4.46
N ASP E 484 23.81 17.47 -3.21
CA ASP E 484 23.45 16.14 -2.74
C ASP E 484 21.95 15.99 -2.51
N ILE E 485 21.25 17.08 -2.25
CA ILE E 485 19.80 17.02 -2.12
C ILE E 485 19.18 16.64 -3.45
N GLU E 486 19.76 17.14 -4.53
CA GLU E 486 19.27 16.77 -5.89
C GLU E 486 19.92 15.45 -6.32
N ASP E 487 20.97 15.01 -5.61
CA ASP E 487 21.66 13.74 -5.95
C ASP E 487 21.21 12.64 -4.98
N HIS E 488 20.47 13.01 -3.94
CA HIS E 488 19.99 12.03 -2.92
C HIS E 488 21.18 11.23 -2.40
N SER E 489 22.40 11.71 -2.64
CA SER E 489 23.60 11.05 -2.15
C SER E 489 23.68 11.23 -0.64
N PRO E 490 23.70 10.15 0.13
CA PRO E 490 23.58 10.29 1.58
C PRO E 490 24.91 10.48 2.31
N LEU E 491 26.03 10.20 1.64
CA LEU E 491 27.34 10.31 2.28
C LEU E 491 28.27 11.07 1.34
N ARG E 492 28.98 12.05 1.89
CA ARG E 492 29.96 12.83 1.14
C ARG E 492 31.34 12.60 1.74
N ARG E 493 32.28 12.17 0.91
CA ARG E 493 33.64 11.83 1.32
C ARG E 493 33.57 10.83 2.47
N GLY E 494 32.71 9.83 2.29
CA GLY E 494 32.54 8.80 3.29
C GLY E 494 31.67 9.20 4.46
N ARG E 495 31.93 10.37 5.04
CA ARG E 495 31.18 10.81 6.20
C ARG E 495 29.75 11.18 5.79
N PRO E 496 28.82 11.21 6.76
CA PRO E 496 27.42 11.53 6.42
C PRO E 496 27.28 12.88 5.77
N SER E 497 26.33 12.97 4.84
CA SER E 497 26.09 14.20 4.10
C SER E 497 25.36 15.21 4.97
N THR E 498 25.06 16.36 4.38
CA THR E 498 24.51 17.49 5.12
C THR E 498 23.00 17.49 5.20
N HIS E 499 22.33 16.62 4.46
CA HIS E 499 20.88 16.55 4.54
C HIS E 499 20.39 15.33 5.31
N MET E 500 21.29 14.48 5.77
CA MET E 500 20.93 13.37 6.64
C MET E 500 21.04 13.74 8.10
N ILE E 501 21.40 14.97 8.42
CA ILE E 501 21.45 15.47 9.78
C ILE E 501 20.45 16.59 10.00
N PHE E 502 20.63 17.72 9.31
CA PHE E 502 19.72 18.85 9.47
C PHE E 502 18.61 18.81 8.42
N GLY E 503 17.97 17.66 8.26
CA GLY E 503 16.91 17.51 7.29
C GLY E 503 17.31 17.90 5.88
N THR E 504 16.36 17.85 4.95
CA THR E 504 16.52 18.51 3.66
C THR E 504 15.78 19.82 3.59
N GLU E 505 14.93 20.11 4.57
CA GLU E 505 14.13 21.32 4.59
C GLU E 505 14.85 22.48 5.25
N GLN E 506 15.89 22.19 6.02
CA GLN E 506 16.70 23.21 6.68
C GLN E 506 17.96 23.56 5.91
N THR E 507 18.44 22.63 5.08
CA THR E 507 19.63 22.92 4.28
C THR E 507 19.33 23.86 3.13
N ILE E 508 18.11 23.81 2.59
CA ILE E 508 17.75 24.72 1.52
C ILE E 508 17.79 26.15 2.02
N ASN E 509 17.24 26.40 3.20
CA ASN E 509 17.23 27.74 3.75
C ASN E 509 18.62 28.17 4.21
N SER E 510 19.50 27.22 4.51
CA SER E 510 20.86 27.56 4.88
C SER E 510 21.75 27.82 3.66
N ALA E 511 21.51 27.10 2.57
CA ALA E 511 22.22 27.38 1.33
C ALA E 511 21.85 28.75 0.78
N ASN E 512 20.57 29.11 0.86
CA ASN E 512 20.14 30.40 0.33
C ASN E 512 20.74 31.56 1.11
N PHE E 513 20.85 31.41 2.42
CA PHE E 513 21.39 32.50 3.22
C PHE E 513 22.87 32.74 2.92
N LEU E 514 23.63 31.66 2.70
CA LEU E 514 25.03 31.82 2.34
C LEU E 514 25.18 32.60 1.04
N LEU E 515 24.21 32.48 0.15
CA LEU E 515 24.20 33.28 -1.07
C LEU E 515 24.17 34.77 -0.74
N ILE E 516 23.32 35.16 0.22
CA ILE E 516 23.26 36.55 0.62
C ILE E 516 24.45 36.89 1.50
N ASP E 517 24.99 35.91 2.23
CA ASP E 517 26.17 36.16 3.04
C ASP E 517 27.40 36.37 2.18
N VAL E 518 27.43 35.75 1.00
CA VAL E 518 28.54 35.97 0.08
C VAL E 518 28.59 37.43 -0.35
N MET E 519 27.42 38.04 -0.59
CA MET E 519 27.40 39.42 -1.08
C MET E 519 27.96 40.38 -0.04
N GLU E 520 27.69 40.14 1.24
CA GLU E 520 28.31 40.97 2.26
C GLU E 520 29.81 40.96 2.11
N LYS E 521 30.37 39.87 1.59
CA LYS E 521 31.79 39.77 1.34
C LYS E 521 32.20 40.26 -0.04
N VAL E 522 31.24 40.64 -0.89
CA VAL E 522 31.57 41.21 -2.19
C VAL E 522 31.53 42.73 -2.08
N ARG E 523 31.43 43.24 -0.86
CA ARG E 523 31.33 44.67 -0.66
C ARG E 523 32.44 45.28 0.18
N GLN E 524 33.06 44.52 1.08
CA GLN E 524 34.24 45.05 1.75
C GLN E 524 35.45 45.03 0.83
N LEU E 525 35.33 44.43 -0.35
CA LEU E 525 36.42 44.42 -1.32
C LEU E 525 36.67 45.79 -1.93
N ASP E 526 35.78 46.76 -1.68
CA ASP E 526 35.95 48.13 -2.13
C ASP E 526 36.05 48.25 -3.64
N ASP E 527 34.99 47.89 -4.35
CA ASP E 527 34.95 48.07 -5.80
C ASP E 527 33.48 48.12 -6.22
N PRO E 528 33.05 49.16 -6.94
CA PRO E 528 31.64 49.27 -7.31
C PRO E 528 31.20 48.20 -8.30
N ARG E 529 31.94 48.05 -9.39
CA ARG E 529 31.54 47.10 -10.44
C ARG E 529 31.63 45.67 -9.93
N CYS E 530 32.37 45.46 -8.83
CA CYS E 530 32.51 44.14 -8.23
C CYS E 530 31.16 43.48 -8.01
N MET E 531 30.18 44.28 -7.55
CA MET E 531 28.85 43.74 -7.37
C MET E 531 28.22 43.33 -8.69
N ASP E 532 28.50 44.09 -9.75
CA ASP E 532 27.97 43.73 -11.07
C ASP E 532 28.61 42.46 -11.60
N ILE E 533 29.89 42.24 -11.32
CA ILE E 533 30.53 40.99 -11.70
C ILE E 533 29.85 39.82 -11.01
N TYR E 534 29.61 39.94 -9.70
CA TYR E 534 28.87 38.92 -8.98
C TYR E 534 27.37 39.16 -9.06
N LEU E 535 26.87 39.47 -10.26
CA LEU E 535 25.45 39.53 -10.54
C LEU E 535 25.24 39.06 -11.96
N GLU E 536 26.34 38.67 -12.60
CA GLU E 536 26.34 38.15 -13.96
C GLU E 536 27.05 36.82 -14.07
N GLU E 537 28.10 36.60 -13.27
CA GLU E 537 28.71 35.28 -13.21
C GLU E 537 27.75 34.25 -12.63
N MET E 538 26.88 34.66 -11.72
CA MET E 538 25.85 33.77 -11.21
C MET E 538 24.60 33.78 -12.08
N ARG E 539 24.42 34.82 -12.90
CA ARG E 539 23.48 34.69 -14.00
C ARG E 539 23.87 33.53 -14.90
N ASN E 540 25.16 33.34 -15.11
CA ASN E 540 25.66 32.24 -15.94
C ASN E 540 25.57 30.91 -15.21
N LEU E 541 25.92 30.90 -13.93
CA LEU E 541 26.03 29.63 -13.20
C LEU E 541 24.68 28.99 -12.93
N PHE E 542 23.61 29.76 -12.81
CA PHE E 542 22.29 29.18 -12.66
C PHE E 542 21.69 28.73 -13.99
N ILE E 543 22.21 29.26 -15.10
CA ILE E 543 21.79 28.77 -16.42
C ILE E 543 22.29 27.36 -16.65
N GLY E 544 23.57 27.13 -16.37
CA GLY E 544 24.19 25.85 -16.63
C GLY E 544 23.59 24.74 -15.79
N GLN E 545 23.38 25.01 -14.51
CA GLN E 545 22.75 24.03 -13.64
C GLN E 545 21.27 23.85 -13.96
N SER E 546 20.66 24.81 -14.65
CA SER E 546 19.27 24.66 -15.05
C SER E 546 19.11 23.58 -16.09
N PHE E 547 20.04 23.51 -17.05
CA PHE E 547 19.98 22.46 -18.06
C PHE E 547 20.41 21.13 -17.48
N ASP E 548 21.43 21.13 -16.64
CA ASP E 548 21.89 19.88 -16.03
C ASP E 548 20.84 19.25 -15.14
N LEU E 549 19.82 20.00 -14.73
CA LEU E 549 18.70 19.46 -13.99
C LEU E 549 17.55 19.03 -14.89
N TYR E 550 17.47 19.54 -16.11
CA TYR E 550 16.38 19.20 -17.02
C TYR E 550 16.67 17.93 -17.81
N TRP E 551 17.94 17.64 -18.07
CA TRP E 551 18.32 16.44 -18.79
C TRP E 551 18.35 15.24 -17.86
N THR E 552 17.99 15.45 -16.60
CA THR E 552 18.04 14.38 -15.60
C THR E 552 16.64 13.96 -15.19
N ARG E 553 15.77 14.94 -14.93
CA ARG E 553 14.38 14.61 -14.68
C ARG E 553 13.73 13.99 -15.89
N ASN E 554 14.04 14.48 -17.09
CA ASN E 554 13.63 13.82 -18.31
C ASN E 554 14.70 12.82 -18.69
N GLY E 555 14.63 12.26 -19.89
CA GLY E 555 15.66 11.35 -20.35
C GLY E 555 16.41 11.87 -21.55
N GLU E 556 16.20 13.14 -21.90
CA GLU E 556 16.75 13.67 -23.13
C GLU E 556 18.27 13.73 -23.07
N CYS E 557 18.89 13.40 -24.19
CA CYS E 557 20.33 13.29 -24.37
C CYS E 557 20.88 14.52 -25.07
N PRO E 558 21.70 15.33 -24.42
CA PRO E 558 22.27 16.49 -25.10
C PRO E 558 23.39 16.07 -26.05
N SER E 559 23.44 16.72 -27.21
CA SER E 559 24.51 16.49 -28.16
C SER E 559 25.82 17.01 -27.59
N GLU E 560 26.93 16.71 -28.29
CA GLU E 560 28.26 17.06 -27.81
C GLU E 560 28.36 18.54 -27.50
N GLU E 561 27.85 19.37 -28.42
CA GLU E 561 28.00 20.81 -28.32
C GLU E 561 27.17 21.39 -27.19
N GLN E 562 26.03 20.78 -26.88
CA GLN E 562 25.23 21.29 -25.77
C GLN E 562 25.84 20.94 -24.42
N TYR E 563 26.35 19.71 -24.28
CA TYR E 563 26.98 19.34 -23.02
C TYR E 563 28.27 20.09 -22.80
N LEU E 564 29.10 20.22 -23.84
CA LEU E 564 30.38 20.88 -23.69
C LEU E 564 30.26 22.34 -23.32
N ASP E 565 29.09 22.94 -23.54
CA ASP E 565 28.83 24.31 -23.13
C ASP E 565 28.27 24.40 -21.73
N MET E 566 27.45 23.43 -21.32
CA MET E 566 26.91 23.41 -19.97
C MET E 566 27.99 23.29 -18.91
N ILE E 567 29.03 22.51 -19.17
CA ILE E 567 30.12 22.39 -18.20
C ILE E 567 31.06 23.57 -18.23
N ARG E 568 30.98 24.41 -19.25
CA ARG E 568 31.73 25.66 -19.23
C ARG E 568 31.26 26.56 -18.09
N GLN E 569 29.96 26.61 -17.88
CA GLN E 569 29.37 27.56 -16.94
C GLN E 569 29.26 26.99 -15.54
N LYS E 570 28.78 25.75 -15.43
CA LYS E 570 28.58 25.15 -14.10
C LYS E 570 29.87 25.10 -13.31
N THR E 571 30.94 24.56 -13.93
CA THR E 571 32.20 24.44 -13.22
C THR E 571 33.06 25.68 -13.37
N GLY E 572 33.08 26.26 -14.57
CA GLY E 572 33.87 27.44 -14.81
C GLY E 572 33.27 28.73 -14.33
N GLY E 573 31.99 28.71 -13.91
CA GLY E 573 31.40 29.90 -13.37
C GLY E 573 32.06 30.34 -12.07
N LEU E 574 32.42 29.38 -11.23
CA LEU E 574 33.10 29.72 -9.99
C LEU E 574 34.53 30.18 -10.24
N PHE E 575 35.13 29.73 -11.35
CA PHE E 575 36.47 30.18 -11.70
C PHE E 575 36.43 31.51 -12.43
N ARG E 576 35.54 31.64 -13.41
CA ARG E 576 35.43 32.90 -14.15
C ARG E 576 35.08 34.04 -13.22
N LEU E 577 34.34 33.76 -12.16
CA LEU E 577 34.05 34.77 -11.15
C LEU E 577 35.32 35.22 -10.44
N LEU E 578 36.21 34.28 -10.14
CA LEU E 578 37.42 34.63 -9.41
C LEU E 578 38.41 35.41 -10.27
N THR E 579 38.63 34.97 -11.51
CA THR E 579 39.60 35.66 -12.36
C THR E 579 39.13 37.05 -12.72
N ARG E 580 37.82 37.20 -12.93
CA ARG E 580 37.27 38.52 -13.21
C ARG E 580 37.25 39.41 -11.98
N MET E 581 37.37 38.83 -10.78
CA MET E 581 37.41 39.59 -9.55
C MET E 581 38.84 39.77 -9.02
N MET E 582 39.84 39.43 -9.80
CA MET E 582 41.23 39.61 -9.40
C MET E 582 42.00 40.42 -10.43
N VAL E 583 41.29 41.15 -11.28
CA VAL E 583 41.92 42.04 -12.24
C VAL E 583 41.53 43.45 -11.87
N GLN E 584 40.27 43.63 -11.48
CA GLN E 584 39.79 44.94 -11.06
C GLN E 584 40.12 45.27 -9.62
N ILE E 585 40.69 44.33 -8.88
CA ILE E 585 41.20 44.64 -7.55
C ILE E 585 42.72 44.62 -7.61
N ALA E 586 43.24 44.15 -8.73
CA ALA E 586 44.65 44.06 -9.01
C ALA E 586 45.22 45.44 -9.37
N PRO E 587 46.53 45.62 -9.22
CA PRO E 587 47.16 46.87 -9.71
C PRO E 587 46.90 47.10 -11.19
N VAL E 588 46.75 48.37 -11.57
CA VAL E 588 46.29 48.76 -12.91
C VAL E 588 47.23 48.25 -13.99
N GLN E 589 48.46 47.90 -13.61
CA GLN E 589 49.47 47.55 -14.60
C GLN E 589 49.10 46.31 -15.41
N GLN E 590 48.51 45.29 -14.76
CA GLN E 590 48.05 44.11 -15.48
C GLN E 590 46.53 44.08 -15.65
N LYS E 591 45.87 45.24 -15.59
CA LYS E 591 44.42 45.25 -15.80
C LYS E 591 44.04 44.94 -17.24
N GLY E 592 45.00 44.89 -18.16
CA GLY E 592 44.69 44.64 -19.55
C GLY E 592 44.91 43.23 -20.05
N LEU E 593 45.16 42.28 -19.15
CA LEU E 593 45.33 40.89 -19.58
C LEU E 593 43.99 40.27 -19.96
N GLU E 594 43.07 40.17 -19.00
CA GLU E 594 41.73 39.64 -19.23
C GLU E 594 41.76 38.31 -19.97
N THR E 595 41.52 38.37 -21.28
CA THR E 595 41.36 37.21 -22.16
C THR E 595 42.35 36.09 -21.89
N GLN E 596 43.63 36.42 -21.72
CA GLN E 596 44.64 35.39 -21.54
C GLN E 596 44.42 34.60 -20.25
N LEU E 597 43.62 35.15 -19.34
CA LEU E 597 43.18 34.41 -18.17
C LEU E 597 41.71 34.00 -18.25
N ALA E 598 40.93 34.58 -19.16
CA ALA E 598 39.57 34.10 -19.37
C ALA E 598 39.57 32.70 -19.97
N SER E 599 40.47 32.44 -20.91
CA SER E 599 40.60 31.10 -21.48
C SER E 599 41.04 30.11 -20.41
N LEU E 600 42.06 30.48 -19.63
CA LEU E 600 42.60 29.62 -18.58
C LEU E 600 41.56 29.33 -17.51
N SER E 601 40.49 30.13 -17.46
CA SER E 601 39.42 29.92 -16.50
C SER E 601 38.32 29.04 -17.07
N ASP E 602 38.18 29.01 -18.39
CA ASP E 602 37.13 28.22 -19.01
C ASP E 602 37.63 26.83 -19.39
N VAL E 603 38.72 26.76 -20.15
CA VAL E 603 39.21 25.48 -20.63
C VAL E 603 39.67 24.61 -19.47
N LEU E 604 40.08 25.25 -18.36
CA LEU E 604 40.47 24.49 -17.19
C LEU E 604 39.29 23.73 -16.61
N GLY E 605 38.12 24.37 -16.56
CA GLY E 605 36.95 23.77 -15.97
C GLY E 605 36.51 22.51 -16.67
N GLU E 606 36.57 22.50 -18.00
CA GLU E 606 36.18 21.33 -18.77
C GLU E 606 37.05 20.14 -18.41
N PHE E 607 38.36 20.36 -18.29
CA PHE E 607 39.25 19.28 -17.88
C PHE E 607 38.87 18.76 -16.50
N PHE E 608 38.46 19.66 -15.60
CA PHE E 608 38.06 19.23 -14.27
C PHE E 608 36.71 18.55 -14.24
N GLN E 609 35.91 18.71 -15.29
CA GLN E 609 34.67 17.95 -15.42
C GLN E 609 34.88 16.64 -16.17
N VAL E 610 35.70 16.66 -17.22
CA VAL E 610 35.99 15.43 -17.95
C VAL E 610 36.77 14.46 -17.07
N ARG E 611 37.66 14.98 -16.22
CA ARG E 611 38.37 14.12 -15.29
C ARG E 611 37.39 13.41 -14.36
N ASP E 612 36.45 14.15 -13.79
CA ASP E 612 35.42 13.54 -12.95
C ASP E 612 34.57 12.58 -13.76
N ASP E 613 34.23 12.98 -14.99
CA ASP E 613 33.41 12.15 -15.87
C ASP E 613 34.11 10.83 -16.17
N TYR E 614 35.39 10.90 -16.53
CA TYR E 614 36.17 9.71 -16.86
C TYR E 614 36.43 8.85 -15.63
N LYS E 615 36.81 9.48 -14.52
CA LYS E 615 37.16 8.72 -13.33
C LYS E 615 35.99 7.92 -12.78
N ASN E 616 34.80 8.53 -12.73
CA ASN E 616 33.63 7.85 -12.19
C ASN E 616 33.26 6.63 -13.02
N LEU E 617 33.25 6.79 -14.35
CA LEU E 617 32.87 5.68 -15.22
C LEU E 617 33.99 4.70 -15.47
N THR E 618 35.22 5.03 -15.08
CA THR E 618 36.29 4.04 -15.14
C THR E 618 36.47 3.38 -13.78
N GLU E 619 36.83 4.19 -12.78
CA GLU E 619 36.96 3.74 -11.39
C GLU E 619 37.39 4.88 -10.48
N GLU E 629 28.38 6.44 -10.06
CA GLU E 629 27.17 7.08 -9.54
C GLU E 629 26.47 7.87 -10.64
N ASP E 630 27.14 8.01 -11.78
CA ASP E 630 26.55 8.69 -12.93
C ASP E 630 25.31 7.94 -13.41
N LEU E 631 25.38 6.61 -13.42
CA LEU E 631 24.21 5.81 -13.79
C LEU E 631 23.14 5.90 -12.70
N ASP E 632 23.57 5.99 -11.44
CA ASP E 632 22.61 6.02 -10.33
C ASP E 632 21.71 7.24 -10.37
N GLU E 633 22.10 8.29 -11.10
CA GLU E 633 21.25 9.45 -11.30
C GLU E 633 21.03 9.76 -12.78
N CYS E 634 21.44 8.86 -13.67
CA CYS E 634 21.37 9.07 -15.12
C CYS E 634 22.10 10.34 -15.51
N LYS E 635 23.22 10.59 -14.82
CA LYS E 635 24.03 11.79 -15.05
C LYS E 635 24.79 11.59 -16.36
N PHE E 636 24.19 12.08 -17.43
CA PHE E 636 24.78 11.92 -18.76
C PHE E 636 26.16 12.54 -18.77
N SER E 637 27.17 11.69 -18.90
CA SER E 637 28.57 12.07 -18.84
C SER E 637 29.17 12.02 -20.23
N TYR E 638 30.33 12.65 -20.38
CA TYR E 638 31.04 12.66 -21.66
C TYR E 638 31.27 11.26 -22.21
N PRO E 639 31.69 10.28 -21.40
CA PRO E 639 31.74 8.91 -21.91
C PRO E 639 30.39 8.42 -22.42
N LEU E 640 29.35 8.55 -21.59
CA LEU E 640 28.07 7.93 -21.91
C LEU E 640 27.45 8.55 -23.15
N ILE E 641 27.65 9.85 -23.35
CA ILE E 641 26.92 10.57 -24.37
C ILE E 641 27.35 10.10 -25.77
N HIS E 642 28.63 9.79 -25.94
CA HIS E 642 29.12 9.34 -27.23
C HIS E 642 28.49 8.01 -27.63
N ALA E 643 28.37 7.08 -26.70
CA ALA E 643 27.85 5.76 -27.01
C ALA E 643 26.45 5.83 -27.60
N LEU E 644 25.58 6.65 -27.00
CA LEU E 644 24.22 6.76 -27.49
C LEU E 644 24.17 7.47 -28.84
N THR E 645 24.98 8.53 -29.01
CA THR E 645 24.91 9.32 -30.22
C THR E 645 25.63 8.68 -31.41
N SER E 646 26.43 7.63 -31.18
CA SER E 646 27.16 6.97 -32.25
C SER E 646 26.42 5.74 -32.77
N GLN E 647 25.84 4.95 -31.87
CA GLN E 647 25.13 3.75 -32.28
C GLN E 647 23.64 3.91 -31.98
N PRO E 648 22.84 4.34 -32.95
CA PRO E 648 21.40 4.44 -32.71
C PRO E 648 20.67 3.14 -32.96
N LYS E 649 21.23 2.04 -32.45
CA LYS E 649 20.60 0.73 -32.55
C LYS E 649 20.74 -0.01 -31.24
N ASN E 650 21.56 0.53 -30.34
CA ASN E 650 21.88 -0.12 -29.07
C ASN E 650 20.72 0.09 -28.09
N VAL E 651 19.75 -0.81 -28.16
CA VAL E 651 18.58 -0.73 -27.30
C VAL E 651 18.84 -1.45 -25.99
N GLN E 652 20.09 -1.84 -25.77
CA GLN E 652 20.51 -2.41 -24.49
C GLN E 652 20.98 -1.29 -23.56
N LEU E 653 21.92 -0.47 -24.04
CA LEU E 653 22.39 0.67 -23.25
C LEU E 653 21.26 1.66 -22.98
N ARG E 654 20.46 1.95 -24.00
CA ARG E 654 19.32 2.82 -23.80
C ARG E 654 18.30 2.18 -22.88
N GLY E 655 18.09 0.86 -23.02
CA GLY E 655 17.18 0.17 -22.14
C GLY E 655 17.67 0.10 -20.71
N ILE E 656 18.98 -0.07 -20.53
CA ILE E 656 19.50 -0.22 -19.17
C ILE E 656 19.61 1.13 -18.49
N LEU E 657 19.74 2.22 -19.25
CA LEU E 657 19.69 3.55 -18.65
C LEU E 657 18.26 3.92 -18.27
N GLN E 658 17.27 3.46 -19.03
CA GLN E 658 15.90 3.74 -18.68
C GLN E 658 15.51 3.11 -17.35
N GLN E 659 16.05 1.93 -17.05
CA GLN E 659 15.77 1.25 -15.80
C GLN E 659 16.55 1.82 -14.63
N SER E 660 17.50 2.70 -14.89
CA SER E 660 18.27 3.38 -13.85
C SER E 660 17.53 4.58 -13.27
N ARG E 661 16.36 4.88 -13.81
CA ARG E 661 15.57 6.02 -13.39
C ARG E 661 14.25 5.62 -12.74
N SER E 662 13.63 4.54 -13.24
CA SER E 662 12.40 4.05 -12.64
C SER E 662 12.60 3.55 -11.22
N ALA E 663 13.84 3.32 -10.80
CA ALA E 663 14.10 2.95 -9.42
C ALA E 663 15.26 3.74 -8.81
N GLY E 664 16.04 4.45 -9.63
CA GLY E 664 17.25 5.08 -9.16
C GLY E 664 18.17 4.04 -8.55
N GLY E 665 18.22 2.88 -9.18
CA GLY E 665 18.77 1.70 -8.57
C GLY E 665 19.66 0.87 -9.47
N LEU E 666 20.45 1.51 -10.32
CA LEU E 666 21.28 0.76 -11.25
C LEU E 666 22.37 0.03 -10.48
N ASP E 667 22.10 -1.22 -10.13
CA ASP E 667 22.94 -1.96 -9.20
C ASP E 667 24.25 -2.37 -9.86
N VAL E 668 25.11 -3.01 -9.06
CA VAL E 668 26.43 -3.46 -9.49
C VAL E 668 26.35 -4.44 -10.65
N PRO E 669 25.48 -5.46 -10.64
CA PRO E 669 25.38 -6.34 -11.82
C PRO E 669 25.01 -5.58 -13.09
N LEU E 670 24.11 -4.61 -12.98
CA LEU E 670 23.75 -3.82 -14.15
C LEU E 670 24.81 -2.78 -14.45
N LYS E 671 25.49 -2.26 -13.42
CA LYS E 671 26.52 -1.25 -13.64
C LYS E 671 27.66 -1.80 -14.49
N GLU E 672 28.07 -3.05 -14.24
CA GLU E 672 29.14 -3.63 -15.03
C GLU E 672 28.73 -3.80 -16.48
N THR E 673 27.46 -4.15 -16.71
CA THR E 673 26.93 -4.26 -18.07
C THR E 673 27.05 -2.94 -18.80
N VAL E 674 26.81 -1.83 -18.10
CA VAL E 674 27.02 -0.52 -18.70
C VAL E 674 28.51 -0.28 -18.94
N LEU E 675 29.34 -0.65 -17.97
CA LEU E 675 30.78 -0.50 -18.07
C LEU E 675 31.36 -1.20 -19.28
N SER E 676 30.79 -2.33 -19.69
CA SER E 676 31.25 -3.04 -20.87
C SER E 676 30.74 -2.39 -22.14
N HIS E 677 29.52 -1.84 -22.09
CA HIS E 677 28.93 -1.26 -23.29
C HIS E 677 29.70 -0.01 -23.73
N LEU E 678 30.23 0.75 -22.78
CA LEU E 678 30.99 1.94 -23.10
C LEU E 678 32.38 1.60 -23.62
N ARG E 679 33.04 0.61 -23.02
CA ARG E 679 34.38 0.21 -23.42
C ARG E 679 34.37 -0.72 -24.62
N GLN E 680 33.27 -0.74 -25.37
CA GLN E 680 33.16 -1.57 -26.57
C GLN E 680 32.84 -0.71 -27.78
N ALA E 681 32.40 0.53 -27.54
CA ALA E 681 32.04 1.43 -28.64
C ALA E 681 33.02 2.55 -28.87
N GLY E 682 34.15 2.60 -28.17
CA GLY E 682 35.10 3.68 -28.31
C GLY E 682 34.86 4.84 -27.39
N SER E 683 33.91 4.72 -26.46
CA SER E 683 33.58 5.79 -25.55
C SER E 683 34.75 6.18 -24.66
N ILE E 684 35.35 5.20 -23.98
CA ILE E 684 36.46 5.51 -23.08
C ILE E 684 37.65 6.03 -23.87
N GLU E 685 37.89 5.50 -25.06
CA GLU E 685 39.00 5.95 -25.89
C GLU E 685 38.84 7.41 -26.28
N TYR E 686 37.61 7.85 -26.54
CA TYR E 686 37.39 9.25 -26.90
C TYR E 686 37.72 10.18 -25.75
N THR E 687 37.47 9.74 -24.51
CA THR E 687 37.81 10.56 -23.35
C THR E 687 39.31 10.81 -23.30
N GLU E 688 40.11 9.78 -23.58
CA GLU E 688 41.56 9.92 -23.57
C GLU E 688 42.02 10.97 -24.58
N ALA E 689 41.42 10.95 -25.77
CA ALA E 689 41.79 11.93 -26.79
C ALA E 689 41.36 13.33 -26.37
N LYS E 690 40.14 13.47 -25.85
CA LYS E 690 39.67 14.78 -25.43
C LYS E 690 40.45 15.28 -24.23
N MET E 691 40.75 14.39 -23.30
CA MET E 691 41.60 14.76 -22.16
C MET E 691 42.97 15.19 -22.63
N GLY E 692 43.54 14.47 -23.59
CA GLY E 692 44.82 14.81 -24.14
C GLY E 692 44.83 16.17 -24.82
N GLU E 693 43.76 16.46 -25.56
CA GLU E 693 43.65 17.75 -26.22
C GLU E 693 43.59 18.89 -25.22
N LEU E 694 42.90 18.67 -24.11
CA LEU E 694 42.67 19.73 -23.13
C LEU E 694 43.95 20.12 -22.40
N MET E 695 44.70 19.13 -21.94
CA MET E 695 45.94 19.42 -21.20
C MET E 695 46.93 20.17 -22.07
N GLU E 696 47.05 19.78 -23.34
CA GLU E 696 47.96 20.46 -24.25
C GLU E 696 47.60 21.94 -24.38
N LYS E 697 46.31 22.22 -24.61
CA LYS E 697 45.88 23.61 -24.76
C LYS E 697 46.04 24.39 -23.47
N ILE E 698 45.90 23.72 -22.32
CA ILE E 698 46.20 24.37 -21.05
C ILE E 698 47.66 24.78 -21.02
N THR E 699 48.56 23.87 -21.42
CA THR E 699 49.99 24.17 -21.37
C THR E 699 50.37 25.27 -22.34
N ASP E 700 49.63 25.40 -23.45
CA ASP E 700 49.90 26.47 -24.40
C ASP E 700 49.75 27.84 -23.76
N SER E 701 48.69 28.03 -22.98
CA SER E 701 48.40 29.34 -22.41
C SER E 701 49.22 29.65 -21.16
N VAL E 702 49.59 28.63 -20.38
CA VAL E 702 50.39 28.88 -19.18
C VAL E 702 51.78 29.38 -19.56
N VAL E 703 52.43 28.68 -20.50
CA VAL E 703 53.75 29.12 -20.94
C VAL E 703 53.66 30.44 -21.68
N SER E 704 52.58 30.64 -22.43
CA SER E 704 52.34 31.92 -23.10
C SER E 704 52.25 33.04 -22.08
N LEU E 705 51.50 32.80 -21.00
CA LEU E 705 51.39 33.79 -19.94
C LEU E 705 52.72 33.94 -19.21
N GLU E 706 53.50 32.86 -19.13
CA GLU E 706 54.79 32.91 -18.47
C GLU E 706 55.70 33.93 -19.12
N GLY E 707 55.77 33.91 -20.45
CA GLY E 707 56.61 34.83 -21.19
C GLY E 707 56.17 36.27 -21.06
N GLU E 708 54.87 36.51 -21.15
CA GLU E 708 54.36 37.88 -21.04
C GLU E 708 54.58 38.42 -19.65
N THR E 709 54.41 37.58 -18.63
CA THR E 709 54.70 37.97 -17.25
C THR E 709 56.18 37.85 -16.92
N GLY E 710 56.97 37.18 -17.77
CA GLY E 710 58.39 37.00 -17.53
C GLY E 710 58.68 36.26 -16.25
N SER E 711 57.85 35.28 -15.91
CA SER E 711 58.00 34.55 -14.66
C SER E 711 57.40 33.16 -14.77
N PRO E 712 58.21 32.12 -14.95
CA PRO E 712 57.67 30.76 -14.97
C PRO E 712 56.96 30.42 -13.67
N ASN E 713 55.65 30.20 -13.75
CA ASN E 713 54.85 29.97 -12.55
C ASN E 713 55.06 28.56 -12.03
N TRP E 714 56.19 28.32 -11.36
CA TRP E 714 56.43 27.03 -10.75
C TRP E 714 55.38 26.71 -9.70
N VAL E 715 54.83 27.75 -9.06
CA VAL E 715 53.71 27.54 -8.13
C VAL E 715 52.53 26.94 -8.87
N VAL E 716 52.20 27.50 -10.02
CA VAL E 716 51.17 26.91 -10.87
C VAL E 716 51.67 25.59 -11.47
N ARG E 717 52.88 25.59 -12.01
CA ARG E 717 53.36 24.43 -12.75
C ARG E 717 53.48 23.20 -11.86
N LEU E 718 53.69 23.42 -10.55
CA LEU E 718 53.63 22.31 -9.61
C LEU E 718 52.25 21.68 -9.61
N LEU E 719 51.21 22.52 -9.62
CA LEU E 719 49.84 22.01 -9.61
C LEU E 719 49.52 21.22 -10.87
N ILE E 720 49.93 21.74 -12.03
CA ILE E 720 49.50 21.20 -13.31
C ILE E 720 49.91 19.74 -13.46
N HIS E 721 51.17 19.44 -13.13
CA HIS E 721 51.63 18.05 -13.24
C HIS E 721 51.11 17.21 -12.09
N ARG E 722 50.82 17.82 -10.93
CA ARG E 722 50.28 17.06 -9.81
C ARG E 722 48.90 16.50 -10.14
N LEU E 723 48.06 17.31 -10.80
CA LEU E 723 46.71 16.86 -11.12
C LEU E 723 46.72 15.75 -12.16
N LYS E 724 47.83 15.60 -12.88
CA LYS E 724 47.95 14.57 -13.91
C LYS E 724 47.86 13.18 -13.30
N LEU F 426 23.36 27.81 -24.85
CA LEU F 426 22.23 27.74 -23.94
C LEU F 426 21.70 29.13 -23.58
N GLY F 427 20.42 29.20 -23.24
CA GLY F 427 19.78 30.43 -22.83
C GLY F 427 18.67 30.17 -21.85
N ASP F 428 18.25 31.20 -21.13
CA ASP F 428 17.23 31.03 -20.10
C ASP F 428 15.89 30.66 -20.71
N GLU F 429 15.53 29.38 -20.58
CA GLU F 429 14.20 28.95 -20.98
C GLU F 429 13.66 27.99 -19.93
N HIS F 430 14.54 27.45 -19.09
CA HIS F 430 14.16 26.56 -18.01
C HIS F 430 14.36 27.17 -16.65
N LEU F 431 15.17 28.22 -16.54
CA LEU F 431 15.45 28.84 -15.25
C LEU F 431 14.31 29.78 -14.87
N LEU F 432 13.97 30.72 -15.76
CA LEU F 432 12.87 31.63 -15.52
C LEU F 432 11.54 30.91 -15.55
N GLY F 433 11.52 29.70 -16.07
CA GLY F 433 10.31 28.94 -16.25
C GLY F 433 9.45 28.84 -14.99
N PRO F 434 9.98 28.23 -13.94
CA PRO F 434 9.21 28.09 -12.70
C PRO F 434 8.80 29.41 -12.09
N ALA F 435 9.60 30.46 -12.31
CA ALA F 435 9.24 31.78 -11.81
C ALA F 435 8.00 32.32 -12.53
N GLU F 436 7.88 32.02 -13.83
CA GLU F 436 6.71 32.49 -14.57
C GLU F 436 5.44 31.83 -14.07
N TYR F 437 5.51 30.55 -13.73
CA TYR F 437 4.31 29.83 -13.33
C TYR F 437 3.72 30.37 -12.04
N ILE F 438 4.56 30.66 -11.04
CA ILE F 438 4.07 31.12 -9.75
C ILE F 438 3.71 32.60 -9.88
N SER F 439 4.11 33.22 -10.98
CA SER F 439 3.69 34.56 -11.31
C SER F 439 2.43 34.60 -12.14
N SER F 440 1.95 33.45 -12.61
CA SER F 440 0.74 33.38 -13.42
C SER F 440 -0.48 32.87 -12.65
N LEU F 441 -0.30 32.45 -11.40
CA LEU F 441 -1.41 32.01 -10.58
C LEU F 441 -2.22 33.22 -10.13
N PRO F 442 -3.48 33.02 -9.72
CA PRO F 442 -4.24 34.14 -9.14
C PRO F 442 -3.59 34.63 -7.86
N SER F 443 -3.66 35.93 -7.63
CA SER F 443 -3.07 36.55 -6.43
C SER F 443 -4.06 37.51 -5.80
N LYS F 444 -4.03 37.60 -4.48
CA LYS F 444 -4.87 38.53 -3.74
C LYS F 444 -4.35 39.95 -3.93
N GLY F 445 -3.11 40.18 -3.53
CA GLY F 445 -2.43 41.42 -3.83
C GLY F 445 -1.80 42.08 -2.61
N VAL F 446 -2.49 42.02 -1.47
CA VAL F 446 -2.06 42.54 -0.17
C VAL F 446 -0.81 43.38 -0.25
N ARG F 447 0.33 42.73 -0.51
CA ARG F 447 1.64 43.36 -0.56
C ARG F 447 1.64 44.56 -1.48
N GLU F 448 0.97 44.44 -2.63
CA GLU F 448 0.89 45.57 -3.55
C GLU F 448 0.15 46.75 -2.92
N ALA F 449 -0.94 46.48 -2.21
CA ALA F 449 -1.76 47.56 -1.66
C ALA F 449 -1.03 48.29 -0.55
N PHE F 450 -0.35 47.55 0.32
CA PHE F 450 0.37 48.16 1.42
C PHE F 450 1.47 49.09 0.92
N ILE F 451 2.13 48.71 -0.17
CA ILE F 451 3.21 49.53 -0.74
C ILE F 451 2.59 50.81 -1.26
N ASP F 452 1.39 50.71 -1.79
CA ASP F 452 0.66 51.87 -2.26
C ASP F 452 -0.09 52.58 -1.15
N GLY F 453 -0.60 51.84 -0.17
CA GLY F 453 -1.25 52.46 0.96
C GLY F 453 -0.30 53.29 1.79
N LEU F 454 0.99 52.97 1.74
CA LEU F 454 2.02 53.72 2.44
C LEU F 454 2.58 54.85 1.59
N ASN F 455 2.06 55.03 0.37
CA ASN F 455 2.57 56.08 -0.49
C ASN F 455 2.00 57.45 -0.17
N VAL F 456 0.83 57.50 0.47
CA VAL F 456 0.20 58.79 0.73
C VAL F 456 1.01 59.59 1.75
N TRP F 457 1.44 58.94 2.82
CA TRP F 457 2.24 59.62 3.83
C TRP F 457 3.65 59.93 3.35
N LEU F 458 4.07 59.40 2.22
CA LEU F 458 5.48 59.55 1.85
C LEU F 458 5.66 60.18 0.47
N VAL F 459 4.65 60.08 -0.41
CA VAL F 459 4.63 60.65 -1.76
C VAL F 459 5.97 60.53 -2.46
N LEU F 460 6.32 59.32 -2.89
CA LEU F 460 7.50 59.23 -3.74
C LEU F 460 7.09 59.02 -5.19
N PRO F 461 7.94 59.40 -6.15
CA PRO F 461 7.48 59.48 -7.55
C PRO F 461 6.95 58.15 -8.07
N ASP F 462 6.03 58.25 -9.04
CA ASP F 462 5.40 57.06 -9.60
C ASP F 462 6.42 56.15 -10.29
N HIS F 463 7.61 56.67 -10.59
CA HIS F 463 8.64 55.83 -11.19
C HIS F 463 9.22 54.86 -10.18
N ARG F 464 9.45 55.34 -8.95
CA ARG F 464 10.12 54.53 -7.93
C ARG F 464 9.17 53.62 -7.16
N VAL F 465 7.92 53.53 -7.58
CA VAL F 465 6.94 52.69 -6.91
C VAL F 465 6.81 51.33 -7.59
N ASN F 466 7.01 51.29 -8.91
CA ASN F 466 6.94 50.01 -9.61
C ASN F 466 8.11 49.11 -9.22
N GLN F 467 9.31 49.67 -9.15
CA GLN F 467 10.47 48.87 -8.76
C GLN F 467 10.33 48.35 -7.34
N LEU F 468 9.84 49.19 -6.42
CA LEU F 468 9.57 48.71 -5.08
C LEU F 468 8.46 47.67 -5.06
N LYS F 469 7.49 47.81 -5.95
CA LYS F 469 6.45 46.78 -6.05
C LYS F 469 7.00 45.52 -6.67
N SER F 470 7.77 45.66 -7.76
CA SER F 470 8.34 44.50 -8.43
C SER F 470 9.32 43.76 -7.53
N ILE F 471 10.13 44.51 -6.78
CA ILE F 471 11.03 43.89 -5.82
C ILE F 471 10.24 43.12 -4.78
N ALA F 472 9.14 43.69 -4.30
CA ALA F 472 8.27 43.02 -3.34
C ALA F 472 7.63 41.79 -3.95
N GLN F 473 7.09 41.92 -5.16
CA GLN F 473 6.39 40.81 -5.79
C GLN F 473 7.33 39.64 -6.09
N THR F 474 8.52 39.94 -6.61
CA THR F 474 9.47 38.86 -6.92
C THR F 474 9.99 38.20 -5.67
N LEU F 475 10.18 38.95 -4.59
CA LEU F 475 10.58 38.35 -3.32
C LEU F 475 9.44 37.57 -2.70
N HIS F 476 8.21 38.03 -2.87
CA HIS F 476 7.06 37.30 -2.34
C HIS F 476 6.92 35.95 -3.01
N ASN F 477 7.05 35.91 -4.33
CA ASN F 477 6.93 34.64 -5.06
C ASN F 477 8.08 33.71 -4.70
N ALA F 478 9.28 34.24 -4.51
CA ALA F 478 10.42 33.40 -4.17
C ALA F 478 10.18 32.64 -2.88
N SER F 479 9.58 33.31 -1.90
CA SER F 479 9.26 32.65 -0.64
C SER F 479 8.20 31.57 -0.85
N LEU F 480 7.24 31.84 -1.73
CA LEU F 480 6.12 30.93 -1.92
C LEU F 480 6.55 29.59 -2.51
N MET F 481 7.46 29.59 -3.49
CA MET F 481 7.92 28.36 -4.10
C MET F 481 8.63 27.48 -3.09
N LEU F 482 9.51 28.09 -2.27
CA LEU F 482 10.23 27.34 -1.25
C LEU F 482 9.36 26.98 -0.06
N ASP F 483 8.22 27.65 0.12
CA ASP F 483 7.31 27.32 1.20
C ASP F 483 6.54 26.03 0.96
N ASP F 484 6.03 25.82 -0.26
CA ASP F 484 5.35 24.58 -0.58
C ASP F 484 6.28 23.39 -0.68
N ILE F 485 7.55 23.62 -1.05
CA ILE F 485 8.53 22.56 -0.98
C ILE F 485 8.69 22.10 0.46
N GLU F 486 8.81 23.04 1.39
CA GLU F 486 8.92 22.68 2.79
C GLU F 486 7.56 22.62 3.47
N ASP F 487 6.56 22.04 2.80
CA ASP F 487 5.32 21.67 3.46
C ASP F 487 4.70 20.43 2.84
N HIS F 488 5.40 19.85 1.86
CA HIS F 488 4.84 18.81 1.01
C HIS F 488 3.45 19.19 0.51
N SER F 489 3.23 20.47 0.26
CA SER F 489 1.93 20.97 -0.16
C SER F 489 1.77 20.76 -1.66
N PRO F 490 0.80 19.97 -2.09
CA PRO F 490 0.70 19.64 -3.52
C PRO F 490 0.00 20.70 -4.33
N LEU F 491 -0.99 21.38 -3.74
CA LEU F 491 -1.79 22.36 -4.46
C LEU F 491 -1.92 23.63 -3.63
N ARG F 492 -1.87 24.77 -4.31
CA ARG F 492 -2.22 26.04 -3.71
C ARG F 492 -3.07 26.83 -4.70
N ARG F 493 -3.99 27.64 -4.17
CA ARG F 493 -4.88 28.47 -5.00
C ARG F 493 -5.55 27.62 -6.08
N GLY F 494 -5.88 26.38 -5.74
CA GLY F 494 -6.49 25.47 -6.69
C GLY F 494 -5.50 24.82 -7.62
N ARG F 495 -4.85 25.61 -8.46
CA ARG F 495 -4.00 25.07 -9.50
C ARG F 495 -2.74 24.45 -8.88
N PRO F 496 -2.12 23.45 -9.52
CA PRO F 496 -1.05 22.70 -8.85
C PRO F 496 0.17 23.56 -8.53
N SER F 497 0.95 23.16 -7.54
CA SER F 497 2.10 23.95 -7.15
C SER F 497 3.20 23.86 -8.19
N THR F 498 4.27 24.62 -7.96
CA THR F 498 5.34 24.70 -8.94
C THR F 498 6.12 23.40 -9.03
N HIS F 499 6.32 22.72 -7.89
CA HIS F 499 7.20 21.56 -7.89
C HIS F 499 6.56 20.37 -8.60
N MET F 500 5.23 20.31 -8.60
CA MET F 500 4.56 19.20 -9.25
C MET F 500 4.43 19.44 -10.75
N ILE F 501 5.11 20.46 -11.26
CA ILE F 501 5.14 20.70 -12.70
C ILE F 501 6.59 20.74 -13.17
N PHE F 502 7.36 21.72 -12.69
CA PHE F 502 8.75 21.82 -13.11
C PHE F 502 9.66 21.06 -12.15
N GLY F 503 9.31 19.82 -11.82
CA GLY F 503 10.10 19.03 -10.90
C GLY F 503 10.28 19.64 -9.53
N THR F 504 10.96 18.93 -8.63
CA THR F 504 11.25 19.46 -7.30
C THR F 504 12.73 19.82 -7.15
N GLU F 505 13.47 19.83 -8.23
CA GLU F 505 14.86 20.28 -8.22
C GLU F 505 15.10 21.57 -8.94
N GLN F 506 14.37 21.85 -10.03
CA GLN F 506 14.49 23.12 -10.72
C GLN F 506 13.72 24.23 -10.02
N THR F 507 12.83 23.88 -9.09
CA THR F 507 12.12 24.87 -8.31
C THR F 507 13.01 25.48 -7.22
N ILE F 508 13.83 24.66 -6.57
CA ILE F 508 14.71 25.14 -5.51
C ILE F 508 15.98 25.67 -6.13
N ASN F 509 15.99 25.80 -7.43
CA ASN F 509 17.06 26.45 -8.17
C ASN F 509 16.62 27.76 -8.79
N SER F 510 15.41 27.80 -9.35
CA SER F 510 14.87 29.08 -9.80
C SER F 510 14.57 30.02 -8.65
N ALA F 511 14.39 29.48 -7.45
CA ALA F 511 14.20 30.32 -6.28
C ALA F 511 15.46 31.12 -5.96
N ASN F 512 16.62 30.47 -6.03
CA ASN F 512 17.88 31.17 -5.75
C ASN F 512 18.14 32.24 -6.79
N PHE F 513 17.70 32.01 -8.02
CA PHE F 513 17.82 33.05 -9.04
C PHE F 513 17.02 34.29 -8.65
N LEU F 514 15.77 34.10 -8.20
CA LEU F 514 14.92 35.25 -7.90
C LEU F 514 15.52 36.11 -6.81
N LEU F 515 16.25 35.52 -5.86
CA LEU F 515 17.02 36.35 -4.94
C LEU F 515 18.10 37.13 -5.70
N ILE F 516 18.92 36.43 -6.48
CA ILE F 516 20.03 37.09 -7.19
C ILE F 516 19.51 38.18 -8.10
N ASP F 517 18.36 37.95 -8.75
CA ASP F 517 17.80 38.97 -9.65
C ASP F 517 17.37 40.20 -8.87
N VAL F 518 16.99 40.04 -7.60
CA VAL F 518 16.46 41.16 -6.83
C VAL F 518 17.52 42.24 -6.65
N MET F 519 18.74 41.85 -6.33
CA MET F 519 19.82 42.82 -6.13
C MET F 519 20.11 43.61 -7.39
N GLU F 520 19.86 43.03 -8.55
CA GLU F 520 19.95 43.82 -9.78
C GLU F 520 18.89 44.92 -9.80
N LYS F 521 17.69 44.62 -9.31
CA LYS F 521 16.65 45.65 -9.24
C LYS F 521 16.81 46.56 -8.04
N VAL F 522 17.57 46.14 -7.03
CA VAL F 522 17.80 46.99 -5.86
C VAL F 522 18.66 48.17 -6.24
N ARG F 523 19.75 47.93 -6.98
CA ARG F 523 20.67 49.00 -7.30
C ARG F 523 20.08 49.95 -8.34
N GLN F 524 19.11 49.48 -9.12
CA GLN F 524 18.46 50.36 -10.08
C GLN F 524 17.80 51.54 -9.40
N LEU F 525 17.48 51.40 -8.11
CA LEU F 525 16.98 52.52 -7.33
C LEU F 525 18.02 53.63 -7.23
N ASP F 526 19.29 53.29 -7.41
CA ASP F 526 20.41 54.23 -7.32
C ASP F 526 20.49 54.85 -5.93
N ASP F 527 20.67 54.01 -4.91
CA ASP F 527 20.89 54.50 -3.56
C ASP F 527 21.84 53.55 -2.84
N PRO F 528 22.95 54.05 -2.30
CA PRO F 528 23.94 53.15 -1.69
C PRO F 528 23.41 52.34 -0.52
N ARG F 529 22.51 52.91 0.28
CA ARG F 529 22.03 52.21 1.46
C ARG F 529 20.95 51.19 1.16
N CYS F 530 20.26 51.30 0.02
CA CYS F 530 19.18 50.39 -0.30
C CYS F 530 19.63 48.95 -0.40
N MET F 531 20.93 48.71 -0.56
CA MET F 531 21.46 47.36 -0.57
C MET F 531 21.79 46.85 0.83
N ASP F 532 22.30 47.73 1.71
CA ASP F 532 22.64 47.30 3.05
C ASP F 532 21.41 47.04 3.92
N ILE F 533 20.30 47.73 3.67
CA ILE F 533 19.05 47.38 4.35
C ILE F 533 18.56 46.02 3.88
N TYR F 534 18.64 45.77 2.57
CA TYR F 534 18.13 44.52 2.03
C TYR F 534 18.89 43.32 2.58
N LEU F 535 20.16 43.49 2.93
CA LEU F 535 20.98 42.38 3.39
C LEU F 535 20.67 42.00 4.83
N GLU F 536 20.56 42.98 5.73
CA GLU F 536 20.27 42.66 7.12
C GLU F 536 18.83 42.23 7.30
N GLU F 537 17.92 42.79 6.49
CA GLU F 537 16.51 42.44 6.62
C GLU F 537 16.23 41.05 6.06
N MET F 538 16.83 40.72 4.91
CA MET F 538 16.64 39.38 4.38
C MET F 538 17.36 38.32 5.19
N ARG F 539 18.31 38.71 6.03
CA ARG F 539 18.88 37.75 6.97
C ARG F 539 17.86 37.40 8.05
N ASN F 540 17.07 38.38 8.49
CA ASN F 540 16.08 38.13 9.52
C ASN F 540 14.96 37.22 9.03
N LEU F 541 14.64 37.28 7.73
CA LEU F 541 13.69 36.33 7.18
C LEU F 541 14.22 34.91 7.29
N PHE F 542 15.51 34.72 7.05
CA PHE F 542 16.12 33.40 7.10
C PHE F 542 16.42 32.93 8.51
N ILE F 543 16.42 33.84 9.49
CA ILE F 543 16.57 33.45 10.88
C ILE F 543 15.25 33.01 11.50
N GLY F 544 14.16 33.72 11.22
CA GLY F 544 12.87 33.31 11.74
C GLY F 544 12.33 32.08 11.04
N GLN F 545 12.64 31.93 9.76
CA GLN F 545 12.21 30.76 9.02
C GLN F 545 13.01 29.51 9.41
N SER F 546 14.25 29.69 9.86
CA SER F 546 15.05 28.57 10.33
C SER F 546 14.48 28.01 11.62
N PHE F 547 14.15 28.89 12.57
CA PHE F 547 13.57 28.45 13.83
C PHE F 547 12.23 27.77 13.62
N ASP F 548 11.49 28.15 12.58
CA ASP F 548 10.22 27.50 12.28
C ASP F 548 10.42 26.06 11.82
N LEU F 549 11.40 25.84 10.95
CA LEU F 549 11.62 24.50 10.43
C LEU F 549 12.18 23.56 11.49
N TYR F 550 12.89 24.10 12.48
CA TYR F 550 13.34 23.26 13.59
C TYR F 550 12.15 22.74 14.38
N TRP F 551 11.18 23.61 14.66
CA TRP F 551 10.06 23.21 15.49
C TRP F 551 9.23 22.13 14.82
N THR F 552 8.96 22.28 13.52
CA THR F 552 8.17 21.29 12.81
C THR F 552 8.87 19.93 12.76
N ARG F 553 10.17 19.91 12.54
CA ARG F 553 10.89 18.66 12.38
C ARG F 553 11.10 17.92 13.68
N ASN F 554 11.41 18.62 14.77
CA ASN F 554 11.59 17.97 16.06
C ASN F 554 10.36 17.96 16.92
N GLY F 555 9.33 18.75 16.59
CA GLY F 555 8.11 18.73 17.34
C GLY F 555 8.14 19.45 18.66
N GLU F 556 9.21 20.18 18.96
CA GLU F 556 9.30 20.90 20.22
C GLU F 556 8.27 22.02 20.22
N CYS F 557 7.45 22.08 21.26
CA CYS F 557 6.47 23.15 21.35
C CYS F 557 7.18 24.47 21.63
N PRO F 558 6.93 25.51 20.84
CA PRO F 558 7.53 26.81 21.13
C PRO F 558 6.80 27.51 22.25
N SER F 559 7.54 28.33 22.99
CA SER F 559 6.91 29.17 23.98
C SER F 559 6.05 30.22 23.28
N GLU F 560 5.10 30.78 24.04
CA GLU F 560 4.24 31.80 23.46
C GLU F 560 5.04 33.03 23.06
N GLU F 561 5.97 33.45 23.90
CA GLU F 561 6.80 34.61 23.58
C GLU F 561 7.65 34.34 22.35
N GLN F 562 8.19 33.13 22.25
CA GLN F 562 9.04 32.77 21.13
C GLN F 562 8.25 32.73 19.83
N TYR F 563 7.09 32.08 19.84
CA TYR F 563 6.32 31.91 18.62
C TYR F 563 5.91 33.26 18.05
N LEU F 564 5.48 34.17 18.92
CA LEU F 564 5.13 35.50 18.47
C LEU F 564 6.34 36.21 17.85
N ASP F 565 7.50 36.06 18.48
CA ASP F 565 8.71 36.67 17.94
C ASP F 565 9.12 36.02 16.63
N MET F 566 8.86 34.72 16.49
CA MET F 566 9.13 34.02 15.24
C MET F 566 8.34 34.61 14.08
N ILE F 567 7.03 34.80 14.26
CA ILE F 567 6.20 35.39 13.22
C ILE F 567 6.36 36.90 13.12
N ARG F 568 7.08 37.51 14.05
CA ARG F 568 7.43 38.91 13.97
C ARG F 568 8.63 39.16 13.07
N GLN F 569 9.20 38.09 12.53
CA GLN F 569 10.45 38.19 11.79
C GLN F 569 10.43 37.39 10.49
N LYS F 570 9.34 36.68 10.19
CA LYS F 570 9.22 35.95 8.93
C LYS F 570 8.13 36.55 8.05
N THR F 571 6.90 36.68 8.55
CA THR F 571 5.82 37.26 7.77
C THR F 571 5.68 38.76 7.99
N GLY F 572 6.42 39.32 8.92
CA GLY F 572 6.42 40.75 9.13
C GLY F 572 7.78 41.34 8.83
N GLY F 573 8.55 40.61 8.03
CA GLY F 573 9.86 41.08 7.63
C GLY F 573 9.86 41.56 6.20
N LEU F 574 9.07 40.91 5.36
CA LEU F 574 8.81 41.45 4.03
C LEU F 574 7.95 42.70 4.11
N PHE F 575 7.03 42.74 5.06
CA PHE F 575 6.21 43.90 5.37
C PHE F 575 6.98 45.00 6.01
N ARG F 576 8.23 44.73 6.39
CA ARG F 576 9.06 45.70 7.08
C ARG F 576 10.22 46.16 6.22
N LEU F 577 10.82 45.22 5.47
CA LEU F 577 11.92 45.56 4.58
C LEU F 577 11.50 46.62 3.56
N LEU F 578 10.29 46.48 3.02
CA LEU F 578 9.80 47.47 2.07
C LEU F 578 9.61 48.82 2.74
N THR F 579 9.13 48.83 3.97
CA THR F 579 8.87 50.09 4.67
C THR F 579 10.14 50.90 4.83
N ARG F 580 11.23 50.26 5.25
CA ARG F 580 12.48 50.98 5.40
C ARG F 580 12.98 51.49 4.06
N MET F 581 12.82 50.70 3.00
CA MET F 581 13.22 51.15 1.67
C MET F 581 12.34 52.29 1.20
N MET F 582 11.05 52.28 1.57
CA MET F 582 10.17 53.38 1.22
C MET F 582 10.64 54.68 1.87
N VAL F 583 11.06 54.61 3.13
CA VAL F 583 11.47 55.81 3.84
C VAL F 583 12.71 56.42 3.21
N GLN F 584 13.69 55.58 2.86
CA GLN F 584 15.01 56.09 2.53
C GLN F 584 15.02 56.86 1.22
N ILE F 585 14.30 56.35 0.21
CA ILE F 585 14.40 56.92 -1.13
C ILE F 585 13.37 58.02 -1.33
N ALA F 586 12.75 58.46 -0.25
CA ALA F 586 11.78 59.54 -0.28
C ALA F 586 12.50 60.85 -0.02
N PRO F 587 11.91 61.99 -0.42
CA PRO F 587 12.51 63.28 -0.06
C PRO F 587 12.72 63.37 1.44
N VAL F 588 13.88 63.89 1.85
CA VAL F 588 14.39 63.67 3.20
C VAL F 588 13.40 64.13 4.25
N GLN F 589 13.14 65.45 4.30
CA GLN F 589 12.22 66.11 5.23
C GLN F 589 11.72 65.21 6.37
N GLN F 590 10.69 64.41 6.08
CA GLN F 590 10.13 63.51 7.08
C GLN F 590 10.98 62.25 7.23
N LYS F 591 11.73 62.16 8.33
CA LYS F 591 12.55 60.97 8.58
C LYS F 591 12.23 60.39 9.94
N GLY F 592 11.57 61.16 10.81
CA GLY F 592 11.16 60.67 12.10
C GLY F 592 9.88 59.85 12.03
N LEU F 593 9.86 58.87 11.13
CA LEU F 593 8.67 58.07 10.89
C LEU F 593 8.98 56.59 10.95
N GLU F 594 10.24 56.22 10.68
CA GLU F 594 10.60 54.80 10.63
C GLU F 594 10.38 54.13 11.98
N THR F 595 10.45 54.88 13.07
CA THR F 595 10.13 54.31 14.38
C THR F 595 8.66 53.93 14.45
N GLN F 596 7.78 54.85 14.07
CA GLN F 596 6.36 54.56 14.13
C GLN F 596 5.86 53.76 12.93
N LEU F 597 6.67 53.64 11.87
CA LEU F 597 6.28 52.81 10.74
C LEU F 597 6.64 51.35 10.98
N ALA F 598 7.83 51.11 11.51
CA ALA F 598 8.20 49.74 11.88
C ALA F 598 7.27 49.19 12.95
N SER F 599 6.72 50.07 13.80
CA SER F 599 5.71 49.64 14.76
C SER F 599 4.45 49.19 14.04
N LEU F 600 4.02 49.94 13.04
CA LEU F 600 2.85 49.53 12.26
C LEU F 600 3.16 48.31 11.40
N SER F 601 4.33 48.28 10.78
CA SER F 601 4.65 47.18 9.89
C SER F 601 4.73 45.87 10.64
N ASP F 602 5.31 45.88 11.85
CA ASP F 602 5.50 44.63 12.59
C ASP F 602 4.18 44.14 13.17
N VAL F 603 3.35 45.05 13.70
CA VAL F 603 2.08 44.67 14.29
C VAL F 603 1.18 44.10 13.20
N LEU F 604 1.28 44.66 12.00
CA LEU F 604 0.58 44.13 10.83
C LEU F 604 0.91 42.69 10.54
N GLY F 605 2.15 42.27 10.77
CA GLY F 605 2.51 40.89 10.48
C GLY F 605 1.82 39.90 11.40
N GLU F 606 1.77 40.21 12.70
CA GLU F 606 1.17 39.28 13.65
C GLU F 606 -0.30 39.06 13.35
N PHE F 607 -1.03 40.13 13.01
CA PHE F 607 -2.44 39.98 12.68
C PHE F 607 -2.62 39.03 11.50
N PHE F 608 -1.71 39.09 10.53
CA PHE F 608 -1.87 38.28 9.33
C PHE F 608 -1.66 36.81 9.62
N GLN F 609 -0.63 36.48 10.40
CA GLN F 609 -0.33 35.08 10.67
C GLN F 609 -1.41 34.45 11.54
N VAL F 610 -1.82 35.15 12.61
CA VAL F 610 -2.92 34.66 13.44
C VAL F 610 -4.21 34.56 12.65
N ARG F 611 -4.40 35.39 11.63
CA ARG F 611 -5.56 35.25 10.77
C ARG F 611 -5.52 33.92 10.03
N ASP F 612 -4.36 33.55 9.50
CA ASP F 612 -4.19 32.24 8.89
C ASP F 612 -4.31 31.15 9.94
N ASP F 613 -3.81 31.41 11.13
CA ASP F 613 -3.90 30.45 12.23
C ASP F 613 -5.35 30.17 12.59
N TYR F 614 -6.17 31.20 12.65
CA TYR F 614 -7.57 31.01 12.97
C TYR F 614 -8.35 30.45 11.80
N LYS F 615 -7.99 30.85 10.57
CA LYS F 615 -8.76 30.47 9.39
C LYS F 615 -8.76 28.97 9.18
N ASN F 616 -7.61 28.32 9.34
CA ASN F 616 -7.51 26.90 9.05
C ASN F 616 -8.41 26.07 9.95
N LEU F 617 -8.38 26.35 11.25
CA LEU F 617 -9.16 25.57 12.21
C LEU F 617 -10.51 26.25 12.46
N THR F 618 -11.16 26.63 11.37
CA THR F 618 -12.48 27.23 11.50
C THR F 618 -13.33 26.73 10.32
N GLU F 619 -12.97 25.54 9.83
CA GLU F 619 -13.65 24.92 8.70
C GLU F 619 -13.69 25.84 7.47
N GLU F 629 -4.68 21.88 6.62
CA GLU F 629 -3.35 21.46 6.18
C GLU F 629 -2.31 21.85 7.22
N ASP F 630 -2.70 22.75 8.13
CA ASP F 630 -1.81 23.17 9.20
C ASP F 630 -1.43 21.98 10.09
N LEU F 631 -2.41 21.14 10.40
CA LEU F 631 -2.17 19.93 11.18
C LEU F 631 -1.64 18.78 10.33
N ASP F 632 -1.70 18.90 8.99
CA ASP F 632 -1.17 17.85 8.13
C ASP F 632 0.32 17.68 8.32
N GLU F 633 1.05 18.77 8.60
CA GLU F 633 2.42 18.71 9.06
C GLU F 633 2.57 19.15 10.51
N CYS F 634 1.46 19.37 11.21
CA CYS F 634 1.46 19.83 12.61
C CYS F 634 2.24 21.13 12.77
N LYS F 635 1.96 22.08 11.88
CA LYS F 635 2.56 23.40 12.01
C LYS F 635 1.97 24.12 13.22
N PHE F 636 2.74 24.20 14.29
CA PHE F 636 2.30 24.79 15.54
C PHE F 636 1.73 26.18 15.35
N SER F 637 0.44 26.35 15.61
CA SER F 637 -0.25 27.61 15.45
C SER F 637 -0.60 28.15 16.83
N TYR F 638 -1.23 29.32 16.86
CA TYR F 638 -1.55 29.94 18.14
C TYR F 638 -2.50 29.12 18.99
N PRO F 639 -3.64 28.63 18.51
CA PRO F 639 -4.53 27.86 19.38
C PRO F 639 -3.89 26.60 19.92
N LEU F 640 -3.18 25.86 19.08
CA LEU F 640 -2.57 24.60 19.48
C LEU F 640 -1.53 24.83 20.57
N ILE F 641 -0.77 25.92 20.47
CA ILE F 641 0.24 26.21 21.48
C ILE F 641 -0.40 26.46 22.84
N HIS F 642 -1.48 27.26 22.86
CA HIS F 642 -2.14 27.56 24.12
C HIS F 642 -2.76 26.31 24.73
N ALA F 643 -3.32 25.44 23.89
CA ALA F 643 -3.94 24.22 24.41
C ALA F 643 -2.92 23.34 25.11
N LEU F 644 -1.74 23.20 24.51
CA LEU F 644 -0.71 22.39 25.14
C LEU F 644 -0.07 23.14 26.31
N THR F 645 0.01 24.46 26.23
CA THR F 645 0.57 25.24 27.32
C THR F 645 -0.32 25.18 28.56
N SER F 646 -1.64 25.18 28.36
CA SER F 646 -2.57 25.19 29.48
C SER F 646 -2.63 23.85 30.19
N GLN F 647 -3.03 22.80 29.48
CA GLN F 647 -3.15 21.49 30.09
C GLN F 647 -1.86 20.70 29.89
N PRO F 648 -1.14 20.37 30.96
CA PRO F 648 0.07 19.55 30.81
C PRO F 648 -0.26 18.07 30.73
N LYS F 649 -1.53 17.71 30.94
CA LYS F 649 -1.91 16.30 31.01
C LYS F 649 -2.96 15.92 29.98
N ASN F 650 -3.09 16.68 28.89
CA ASN F 650 -3.95 16.27 27.77
C ASN F 650 -3.17 15.33 26.85
N VAL F 651 -2.97 14.11 27.35
CA VAL F 651 -2.15 13.11 26.70
C VAL F 651 -2.67 12.85 25.29
N GLN F 652 -3.98 12.95 25.10
CA GLN F 652 -4.57 12.66 23.80
C GLN F 652 -4.08 13.61 22.74
N LEU F 653 -3.99 14.90 23.06
CA LEU F 653 -3.53 15.87 22.06
C LEU F 653 -2.09 15.61 21.65
N ARG F 654 -1.25 15.27 22.62
CA ARG F 654 0.14 14.94 22.32
C ARG F 654 0.20 13.74 21.38
N GLY F 655 -0.65 12.76 21.64
CA GLY F 655 -0.66 11.54 20.85
C GLY F 655 -1.04 11.76 19.40
N ILE F 656 -2.06 12.58 19.15
CA ILE F 656 -2.54 12.76 17.79
C ILE F 656 -1.52 13.52 16.94
N LEU F 657 -0.93 14.57 17.50
CA LEU F 657 0.08 15.33 16.77
C LEU F 657 1.33 14.50 16.50
N GLN F 658 1.50 13.36 17.18
CA GLN F 658 2.55 12.43 16.83
C GLN F 658 2.12 11.48 15.72
N GLN F 659 0.85 11.09 15.71
CA GLN F 659 0.32 10.32 14.60
C GLN F 659 0.48 11.08 13.30
N SER F 660 0.39 12.40 13.37
CA SER F 660 0.58 13.25 12.21
C SER F 660 1.97 13.05 11.62
N ARG F 661 3.00 13.07 12.47
CA ARG F 661 4.37 12.92 11.99
C ARG F 661 4.68 11.49 11.58
N SER F 662 4.30 10.53 12.40
CA SER F 662 4.65 9.13 12.18
C SER F 662 4.10 8.62 10.85
N ALA F 663 2.83 8.94 10.57
CA ALA F 663 2.23 8.52 9.32
C ALA F 663 2.52 9.53 8.22
N GLY F 664 2.12 10.78 8.44
CA GLY F 664 2.35 11.82 7.46
C GLY F 664 1.12 12.66 7.21
N GLY F 665 -0.06 12.06 7.37
CA GLY F 665 -1.29 12.78 7.16
C GLY F 665 -2.35 12.51 8.22
N LEU F 666 -2.80 13.58 8.88
CA LEU F 666 -3.89 13.46 9.83
C LEU F 666 -5.20 13.24 9.09
N ASP F 667 -5.80 12.06 9.25
CA ASP F 667 -7.05 11.76 8.56
C ASP F 667 -8.19 12.62 9.10
N VAL F 668 -9.30 12.65 8.38
CA VAL F 668 -10.46 13.46 8.78
C VAL F 668 -11.01 13.03 10.13
N PRO F 669 -11.21 11.73 10.42
CA PRO F 669 -11.71 11.36 11.75
C PRO F 669 -10.81 11.86 12.87
N LEU F 670 -9.49 11.82 12.68
CA LEU F 670 -8.60 12.35 13.69
C LEU F 670 -8.62 13.87 13.69
N LYS F 671 -8.78 14.49 12.52
CA LYS F 671 -8.76 15.94 12.43
C LYS F 671 -9.95 16.57 13.14
N GLU F 672 -11.10 15.90 13.14
CA GLU F 672 -12.23 16.39 13.91
C GLU F 672 -11.95 16.31 15.41
N THR F 673 -11.23 15.27 15.83
CA THR F 673 -10.95 15.10 17.26
C THR F 673 -10.07 16.23 17.77
N VAL F 674 -9.12 16.68 16.96
CA VAL F 674 -8.21 17.76 17.38
C VAL F 674 -9.00 19.02 17.67
N LEU F 675 -9.94 19.36 16.79
CA LEU F 675 -10.69 20.59 16.97
C LEU F 675 -11.46 20.56 18.29
N SER F 676 -12.04 19.41 18.64
CA SER F 676 -12.81 19.31 19.87
C SER F 676 -11.95 19.58 21.10
N HIS F 677 -10.75 19.02 21.14
CA HIS F 677 -9.90 19.18 22.31
C HIS F 677 -9.53 20.63 22.54
N LEU F 678 -9.45 21.42 21.47
CA LEU F 678 -9.14 22.84 21.61
C LEU F 678 -10.30 23.57 22.28
N ARG F 679 -11.53 23.33 21.77
CA ARG F 679 -12.69 24.02 22.31
C ARG F 679 -12.92 23.68 23.78
N GLN F 680 -12.78 22.41 24.14
CA GLN F 680 -12.92 22.02 25.54
C GLN F 680 -11.86 22.67 26.41
N ALA F 681 -10.71 23.02 25.83
CA ALA F 681 -9.65 23.72 26.53
C ALA F 681 -9.66 25.21 26.24
N GLY F 682 -10.64 25.71 25.50
CA GLY F 682 -10.66 27.10 25.12
C GLY F 682 -9.87 27.34 23.86
N SER F 683 -8.66 27.87 24.00
CA SER F 683 -7.73 28.02 22.88
C SER F 683 -8.30 28.92 21.80
N ILE F 684 -9.37 28.48 21.15
CA ILE F 684 -10.02 29.30 20.14
C ILE F 684 -10.50 30.61 20.74
N GLU F 685 -11.02 30.55 21.96
CA GLU F 685 -11.42 31.76 22.66
C GLU F 685 -10.23 32.68 22.88
N TYR F 686 -9.08 32.11 23.22
CA TYR F 686 -7.87 32.89 23.43
C TYR F 686 -7.44 33.56 22.13
N THR F 687 -7.69 32.91 21.00
CA THR F 687 -7.25 33.46 19.71
C THR F 687 -7.93 34.80 19.43
N GLU F 688 -9.22 34.90 19.73
CA GLU F 688 -9.95 36.12 19.41
C GLU F 688 -9.39 37.31 20.18
N ALA F 689 -8.93 37.07 21.41
CA ALA F 689 -8.35 38.11 22.25
C ALA F 689 -7.18 38.77 21.54
N LYS F 690 -6.15 37.99 21.20
CA LYS F 690 -5.01 38.55 20.49
C LYS F 690 -5.43 39.11 19.14
N MET F 691 -6.24 38.36 18.39
CA MET F 691 -6.68 38.80 17.08
C MET F 691 -7.57 40.04 17.15
N GLY F 692 -8.09 40.37 18.32
CA GLY F 692 -8.82 41.61 18.52
C GLY F 692 -7.98 42.67 19.19
N GLU F 693 -7.10 42.24 20.10
CA GLU F 693 -6.17 43.18 20.73
C GLU F 693 -5.18 43.73 19.72
N LEU F 694 -4.72 42.90 18.78
CA LEU F 694 -3.88 43.39 17.70
C LEU F 694 -4.58 44.47 16.90
N MET F 695 -5.89 44.33 16.70
CA MET F 695 -6.66 45.37 16.03
C MET F 695 -6.66 46.67 16.82
N GLU F 696 -6.51 46.58 18.15
CA GLU F 696 -6.43 47.79 18.95
C GLU F 696 -5.13 48.54 18.71
N LYS F 697 -4.00 47.81 18.66
CA LYS F 697 -2.71 48.47 18.50
C LYS F 697 -2.61 49.16 17.15
N ILE F 698 -3.07 48.52 16.07
CA ILE F 698 -2.95 49.11 14.75
C ILE F 698 -3.88 50.30 14.62
N THR F 699 -5.12 50.17 15.11
CA THR F 699 -6.07 51.25 15.01
C THR F 699 -5.60 52.47 15.79
N ASP F 700 -5.05 52.24 16.99
CA ASP F 700 -4.52 53.35 17.77
C ASP F 700 -3.28 53.95 17.09
N SER F 701 -2.41 53.09 16.57
CA SER F 701 -1.18 53.58 15.95
C SER F 701 -1.46 54.34 14.65
N VAL F 702 -2.47 53.91 13.89
CA VAL F 702 -2.79 54.59 12.65
C VAL F 702 -3.28 55.99 12.91
N VAL F 703 -4.09 56.17 13.95
CA VAL F 703 -4.57 57.50 14.32
C VAL F 703 -3.39 58.41 14.67
N SER F 704 -2.43 57.88 15.40
CA SER F 704 -1.24 58.64 15.76
C SER F 704 -0.48 59.08 14.51
N LEU F 705 -0.31 58.18 13.54
CA LEU F 705 0.30 58.56 12.28
C LEU F 705 -0.58 59.51 11.50
N GLU F 706 -1.90 59.38 11.65
CA GLU F 706 -2.82 60.28 10.96
C GLU F 706 -2.65 61.71 11.46
N GLY F 707 -2.50 61.87 12.77
CA GLY F 707 -2.33 63.19 13.35
C GLY F 707 -1.04 63.88 12.95
N GLU F 708 0.08 63.16 13.06
CA GLU F 708 1.37 63.78 12.81
C GLU F 708 1.54 64.12 11.34
N THR F 709 1.00 63.29 10.45
CA THR F 709 1.17 63.56 9.03
C THR F 709 0.26 64.69 8.56
N GLY F 710 -0.88 64.88 9.21
CA GLY F 710 -1.84 65.87 8.76
C GLY F 710 -2.42 65.57 7.40
N SER F 711 -2.57 64.29 7.08
CA SER F 711 -3.11 63.85 5.80
C SER F 711 -3.89 62.55 6.03
N PRO F 712 -5.21 62.63 6.03
CA PRO F 712 -6.02 61.45 6.38
C PRO F 712 -5.83 60.30 5.40
N ASN F 713 -5.29 59.20 5.88
CA ASN F 713 -5.15 58.02 5.05
C ASN F 713 -6.46 57.23 5.03
N TRP F 714 -7.16 57.30 3.91
CA TRP F 714 -8.38 56.52 3.73
C TRP F 714 -8.15 55.21 3.02
N VAL F 715 -6.98 55.01 2.40
CA VAL F 715 -6.73 53.77 1.69
C VAL F 715 -6.15 52.70 2.62
N VAL F 716 -5.55 53.09 3.74
CA VAL F 716 -5.14 52.09 4.71
C VAL F 716 -6.33 51.60 5.51
N ARG F 717 -7.37 52.43 5.63
CA ARG F 717 -8.60 51.96 6.27
C ARG F 717 -9.35 50.98 5.38
N LEU F 718 -9.26 51.15 4.06
CA LEU F 718 -9.88 50.20 3.14
C LEU F 718 -9.23 48.83 3.27
N LEU F 719 -7.90 48.79 3.24
CA LEU F 719 -7.19 47.53 3.45
C LEU F 719 -7.50 46.97 4.84
N ILE F 720 -7.68 47.85 5.82
CA ILE F 720 -8.06 47.43 7.16
C ILE F 720 -9.47 46.89 7.15
N HIS F 721 -10.40 47.62 6.54
CA HIS F 721 -11.80 47.22 6.56
C HIS F 721 -12.02 45.92 5.79
N ARG F 722 -11.33 45.77 4.66
CA ARG F 722 -11.48 44.60 3.81
C ARG F 722 -10.69 43.42 4.39
N LEU F 723 -10.16 43.59 5.59
CA LEU F 723 -9.39 42.55 6.28
C LEU F 723 -10.12 41.95 7.47
N LYS F 724 -11.06 42.68 8.06
CA LYS F 724 -11.73 42.26 9.27
C LYS F 724 -12.43 40.92 9.10
#